data_8HLD
#
_entry.id   8HLD
#
_cell.length_a   1.00
_cell.length_b   1.00
_cell.length_c   1.00
_cell.angle_alpha   90.00
_cell.angle_beta   90.00
_cell.angle_gamma   90.00
#
_symmetry.space_group_name_H-M   'P 1'
#
loop_
_entity.id
_entity.type
_entity.pdbx_description
1 polymer 'Spike glycoprotein'
2 polymer 'heavy chain of 26434'
3 polymer 'light chain of 26434'
4 branched 2-acetamido-2-deoxy-beta-D-glucopyranose-(1-4)-2-acetamido-2-deoxy-beta-D-glucopyranose
5 non-polymer 2-acetamido-2-deoxy-beta-D-glucopyranose
#
loop_
_entity_poly.entity_id
_entity_poly.type
_entity_poly.pdbx_seq_one_letter_code
_entity_poly.pdbx_strand_id
1 'polypeptide(L)'
;MFVFLVLLPLVSSQCVNLTTRTQLPPAYTNSFTRGVYYPDKVFRSSVLHSTQDLFLPFFSNVTWFHAIHVSGTNGTKRFD
NPVLPFNDGVYFASTEKSNIIRGWIFGTTLDSKTQSLLIVNNATNVVIKVCEFQFCNDPFLGVYYHKNNKSWMESEFRVY
SSANNCTFEYVSQPFLMDLEGKQGNFKNLREFVFKNIDGYFKIYSKHTPINLVRDLPQGFSALEPLVDLPIGINITRFQT
LLALHRSYLTPGDSSSGWTAGAAAYYVGYLQPRTFLLKYNENGTITDAVDCALDPLSETKCTLKSFTVEKGIYQTSNFRV
QPTESIVRFPNITNLCPFGEVFNATRFASVYAWNRKRISNCVADYSVLYNSASFSTFKCYGVSPTKLNDLCFTNVYADSF
VIRGDEVRQIAPGQTGKIADYNYKLPDDFTGCVIAWNSNNLDSKVGGNYNYLYRLFRKSNLKPFERDISTEIYQAGSTPC
NGVEGFNCYFPLQSYGFQPTNGVGYQPYRVVVLSFELLHAPATVCGPKKSTNLVKNKCVNFNFNGLTGTGVLTESNKKFL
PFQQFGRDIADTTDAVRDPQTLEILDITPCSFGGVSVITPGTNTSNQVAVLYQDVNCTEVPVAIHADQLTPTWRVYSTGS
NVFQTRAGCLIGAEHVNNSYECDIPIGAGICASYQTQTNSPRRARSVASQSIIAYTMSLGAENSVAYSNNSIAIPTNFTI
SVTTEILPVSMTKTSVDCTMYICGDSTECSNLLLQYGSFCTQLNRALTGIAVEQDKNTQEVFAQVKQIYKTPPIKDFGGF
NFSQILPDPSKPSKRSPIEDLLFNKVTLADAGFIKQYGDCLGDIAARDLICAQKFNGLTVLPPLLTDEMIAQYTSALLAG
TITSGWTFGAGPALQIPFPMQMAYRFNGIGVTQNVLYENQKLIANQFNSAIGKIQDSLSSTPSALGKLQDVVNQNAQALN
TLVKQLSSNFGAISSVLNDILSRLDPPEAEVQIDRLITGRLQSLQTYVTQQLIRAAEIRASANLAATKMSECVLGQSKRV
DFCGKGYHLMSFPQSAPHGVVFLHVTYVPAQEKNFTTAPAICHDGKAHFPREGVFVSNGTHWFVTQRNFYEPQIITTDNT
FVSGNCDVVIGIVNNTVYDPLQPELDSFKEELDKYFKNHTSPDVDLGDISGINASVVNIQKEIDRLNEVAKNLNESLIDL
QELGKYEQYIKWPWYIWLGFIAGLIAIVMVTIMLCCMTSCCSCLKGCCSCGSCCKFDEDDSEPVLKGVKLHYTLEDYKDD
DDK
;
A,B,C
2 'polypeptide(L)'
;MGWSCIILFLVATATGSQVQLQQSGAEVKKPGASVKVSCKASGYTFSRYGISWVRQAPGQGLEWMGWISAYKGNTNYAQK
FQGRVTMTTDTSTSTAYMELRSLRSDDTAVYYCARSPPDFLGWFDPWGQGTLVTVSSASTKGPSVFPLAPSSKSTSGGTA
ALGCLVKDYFPEPVTVSWNSGALTSGVHTFPAVLQSSGLYSLSSVVTVPSSSLGTQTYICNVNHKPSNTKVDKKVEPKSC
DKTHTCPPCPAPELLGGPSVFLFPQNPRTPS
;
H,I,J
3 'polypeptide(L)'
;MGWSCIILFLVATATGLPVLTQPPSVSVSPGQTASITCSGDKLGDKFTCWYQQKPGQSPVQVIYQDTHRPSGIPERFSGS
NSGNTATLTISGTQAVDEADYYCQAWDSSTVIFGGGTKLTVLGQPKAAPSVTLFPPSSEELQANKATLVCLISDFYPGAV
TVAWKADSSPVKAGVETTTPSKQSNNKYAASSYLSLTPEQWKSHRSYSCQVTHEGSTVEKTVAPT
;
L,M,N
#
# COMPACT_ATOMS: atom_id res chain seq x y z
N GLN A 14 -11.90 -48.93 44.77
CA GLN A 14 -12.87 -49.86 44.24
C GLN A 14 -12.27 -50.47 42.99
N CYS A 15 -11.12 -49.94 42.58
CA CYS A 15 -10.48 -50.37 41.35
C CYS A 15 -9.39 -51.41 41.63
N VAL A 16 -9.11 -52.19 40.58
CA VAL A 16 -8.45 -53.48 40.68
C VAL A 16 -7.08 -53.41 40.03
N ASN A 17 -6.10 -54.08 40.62
CA ASN A 17 -4.86 -54.35 39.89
C ASN A 17 -5.13 -55.44 38.87
N LEU A 18 -5.03 -55.10 37.59
CA LEU A 18 -5.27 -56.08 36.54
C LEU A 18 -4.03 -56.43 35.74
N THR A 19 -3.02 -55.58 35.73
CA THR A 19 -1.94 -55.66 34.77
C THR A 19 -1.01 -56.82 35.08
N THR A 20 -0.96 -57.80 34.19
CA THR A 20 0.00 -58.88 34.22
C THR A 20 1.14 -58.55 33.27
N ARG A 21 2.38 -58.76 33.73
CA ARG A 21 3.55 -58.42 32.94
C ARG A 21 3.74 -59.43 31.81
N THR A 22 3.68 -58.96 30.57
CA THR A 22 3.88 -59.79 29.40
C THR A 22 5.21 -59.42 28.73
N GLN A 23 6.03 -60.42 28.46
CA GLN A 23 7.34 -60.18 27.86
C GLN A 23 7.24 -59.80 26.38
N LEU A 24 6.14 -60.16 25.71
CA LEU A 24 6.05 -59.98 24.28
C LEU A 24 5.86 -58.50 23.93
N PRO A 25 6.56 -58.00 22.92
CA PRO A 25 6.35 -56.63 22.46
C PRO A 25 5.18 -56.55 21.51
N PRO A 26 4.64 -55.36 21.26
CA PRO A 26 3.59 -55.25 20.23
C PRO A 26 4.17 -55.40 18.84
N ALA A 27 3.35 -55.93 17.94
CA ALA A 27 3.76 -56.17 16.57
C ALA A 27 3.62 -54.89 15.75
N TYR A 28 3.93 -54.99 14.46
CA TYR A 28 3.83 -53.87 13.55
C TYR A 28 3.22 -54.35 12.25
N THR A 29 2.24 -53.60 11.76
CA THR A 29 1.61 -53.91 10.49
C THR A 29 1.79 -52.72 9.55
N ASN A 30 1.16 -52.79 8.39
CA ASN A 30 1.34 -51.80 7.34
C ASN A 30 -0.02 -51.20 7.00
N SER A 31 -0.19 -49.92 7.27
CA SER A 31 -1.37 -49.18 6.84
C SER A 31 -1.21 -48.86 5.38
N PHE A 32 -1.82 -49.67 4.51
CA PHE A 32 -1.66 -49.53 3.07
C PHE A 32 -2.21 -48.20 2.57
N THR A 33 -3.52 -48.02 2.62
CA THR A 33 -4.09 -46.70 2.39
C THR A 33 -5.37 -46.58 3.23
N ARG A 34 -5.21 -46.12 4.45
CA ARG A 34 -6.30 -46.00 5.41
C ARG A 34 -6.24 -44.61 6.02
N GLY A 35 -7.33 -44.26 6.72
CA GLY A 35 -7.36 -43.04 7.50
C GLY A 35 -7.35 -41.76 6.71
N VAL A 36 -8.31 -41.61 5.81
CA VAL A 36 -8.51 -40.38 5.05
C VAL A 36 -9.93 -39.89 5.32
N TYR A 37 -10.08 -38.58 5.48
CA TYR A 37 -11.35 -38.03 5.91
C TYR A 37 -11.68 -36.79 5.10
N TYR A 38 -12.89 -36.31 5.26
CA TYR A 38 -13.32 -35.10 4.56
C TYR A 38 -12.92 -33.94 5.45
N PRO A 39 -11.82 -33.20 5.03
CA PRO A 39 -11.43 -32.12 5.93
C PRO A 39 -12.21 -30.81 5.77
N ASP A 40 -13.52 -30.91 5.54
CA ASP A 40 -14.33 -29.70 5.38
C ASP A 40 -15.73 -30.02 4.88
N LYS A 41 -16.66 -29.11 5.11
CA LYS A 41 -18.04 -29.28 4.68
C LYS A 41 -18.27 -28.42 3.46
N VAL A 42 -17.92 -28.94 2.29
CA VAL A 42 -18.07 -28.20 1.04
C VAL A 42 -18.20 -29.15 -0.13
N PHE A 43 -19.42 -29.59 -0.39
CA PHE A 43 -19.70 -30.50 -1.49
C PHE A 43 -18.76 -30.25 -2.66
N ARG A 44 -18.14 -31.31 -3.15
CA ARG A 44 -17.36 -31.29 -4.39
C ARG A 44 -17.90 -32.35 -5.32
N SER A 45 -17.64 -32.16 -6.62
CA SER A 45 -18.12 -33.07 -7.66
C SER A 45 -17.02 -33.26 -8.70
N SER A 46 -16.28 -34.37 -8.57
CA SER A 46 -15.24 -34.79 -9.51
C SER A 46 -14.13 -33.74 -9.67
N VAL A 47 -13.82 -33.03 -8.59
CA VAL A 47 -12.78 -32.02 -8.59
C VAL A 47 -11.58 -32.60 -7.84
N LEU A 48 -10.45 -32.73 -8.54
CA LEU A 48 -9.23 -33.23 -7.92
C LEU A 48 -8.65 -32.16 -7.02
N HIS A 49 -8.71 -32.38 -5.71
CA HIS A 49 -8.41 -31.34 -4.72
C HIS A 49 -7.20 -31.74 -3.88
N SER A 50 -6.22 -30.84 -3.81
CA SER A 50 -5.04 -31.05 -2.98
C SER A 50 -5.19 -30.27 -1.68
N THR A 51 -4.89 -30.92 -0.56
CA THR A 51 -5.09 -30.31 0.76
C THR A 51 -3.91 -30.67 1.66
N GLN A 52 -3.41 -29.66 2.38
CA GLN A 52 -2.36 -29.85 3.38
C GLN A 52 -3.01 -29.85 4.76
N ASP A 53 -2.94 -30.99 5.44
CA ASP A 53 -3.58 -31.15 6.75
C ASP A 53 -2.95 -32.34 7.46
N LEU A 54 -3.44 -32.63 8.66
CA LEU A 54 -2.97 -33.77 9.45
C LEU A 54 -3.60 -35.04 8.89
N PHE A 55 -2.79 -35.90 8.27
CA PHE A 55 -3.27 -37.16 7.74
C PHE A 55 -2.34 -38.28 8.20
N LEU A 56 -2.81 -39.50 8.08
CA LEU A 56 -1.93 -40.64 8.31
C LEU A 56 -1.16 -40.95 7.03
N PRO A 57 0.18 -41.04 7.10
CA PRO A 57 0.96 -41.28 5.88
C PRO A 57 0.73 -42.67 5.33
N PHE A 58 0.84 -42.77 4.00
CA PHE A 58 0.64 -44.05 3.34
C PHE A 58 1.82 -44.98 3.60
N PHE A 59 1.51 -46.27 3.77
CA PHE A 59 2.49 -47.35 4.01
C PHE A 59 3.33 -47.07 5.24
N SER A 60 2.70 -46.50 6.27
CA SER A 60 3.36 -46.15 7.50
C SER A 60 3.36 -47.35 8.44
N ASN A 61 3.76 -47.14 9.68
CA ASN A 61 4.12 -48.24 10.57
C ASN A 61 3.15 -48.17 11.74
N VAL A 62 2.04 -48.89 11.62
CA VAL A 62 0.94 -48.79 12.56
C VAL A 62 1.07 -49.89 13.61
N THR A 63 1.03 -49.50 14.88
CA THR A 63 1.31 -50.44 15.96
C THR A 63 0.07 -51.27 16.27
N TRP A 64 0.25 -52.58 16.36
CA TRP A 64 -0.85 -53.51 16.64
C TRP A 64 -0.76 -53.90 18.11
N PHE A 65 -1.65 -53.32 18.91
CA PHE A 65 -1.65 -53.58 20.35
C PHE A 65 -2.55 -54.76 20.65
N HIS A 66 -1.97 -55.77 21.26
CA HIS A 66 -2.73 -56.86 21.86
C HIS A 66 -3.06 -56.46 23.29
N ALA A 67 -4.33 -56.20 23.54
CA ALA A 67 -4.91 -56.02 24.85
C ALA A 67 -5.13 -57.38 25.47
N ILE A 68 -6.18 -57.52 26.28
CA ILE A 68 -6.63 -58.79 26.85
C ILE A 68 -6.57 -59.92 25.85
N HIS A 69 -5.84 -60.97 26.18
CA HIS A 69 -5.78 -62.13 25.31
C HIS A 69 -5.64 -63.38 26.18
N VAL A 70 -6.26 -64.46 25.72
CA VAL A 70 -6.55 -65.63 26.54
C VAL A 70 -5.75 -66.81 26.00
N SER A 71 -5.03 -67.49 26.88
CA SER A 71 -4.36 -68.74 26.57
C SER A 71 -4.99 -69.84 27.41
N GLY A 72 -5.20 -71.00 26.78
CA GLY A 72 -5.85 -72.10 27.47
C GLY A 72 -4.94 -73.13 28.09
N THR A 73 -4.67 -72.96 29.39
CA THR A 73 -4.09 -74.00 30.24
C THR A 73 -5.00 -74.34 31.39
N ASN A 74 -5.34 -73.34 32.22
CA ASN A 74 -6.56 -73.35 33.02
C ASN A 74 -7.39 -72.11 32.69
N GLY A 75 -6.95 -71.33 31.72
CA GLY A 75 -7.56 -70.06 31.35
C GLY A 75 -6.76 -68.90 31.93
N THR A 76 -5.90 -68.31 31.12
CA THR A 76 -5.07 -67.19 31.58
C THR A 76 -5.24 -66.00 30.65
N LYS A 77 -5.76 -64.90 31.20
CA LYS A 77 -5.83 -63.64 30.49
C LYS A 77 -4.58 -62.83 30.80
N ARG A 78 -4.03 -62.20 29.76
CA ARG A 78 -2.83 -61.41 29.89
C ARG A 78 -3.20 -59.96 29.64
N PHE A 79 -3.58 -59.26 30.70
CA PHE A 79 -4.01 -57.88 30.61
C PHE A 79 -2.80 -56.96 30.45
N ASP A 80 -2.81 -56.16 29.39
CA ASP A 80 -1.81 -55.12 29.20
C ASP A 80 -2.42 -54.03 28.33
N ASN A 81 -2.74 -52.89 28.94
CA ASN A 81 -3.49 -51.83 28.28
C ASN A 81 -2.77 -50.53 28.57
N PRO A 82 -1.82 -50.13 27.74
CA PRO A 82 -0.91 -49.05 28.12
C PRO A 82 -1.46 -47.67 27.81
N VAL A 83 -0.87 -46.68 28.48
CA VAL A 83 -1.16 -45.27 28.23
C VAL A 83 -0.23 -44.81 27.12
N LEU A 84 -0.80 -44.30 26.05
CA LEU A 84 -0.04 -43.98 24.86
C LEU A 84 0.04 -42.48 24.66
N PRO A 85 1.06 -41.98 23.98
CA PRO A 85 1.10 -40.56 23.64
C PRO A 85 0.03 -40.18 22.62
N PHE A 86 -0.23 -38.89 22.55
CA PHE A 86 -1.20 -38.28 21.64
C PHE A 86 -0.44 -37.14 21.00
N ASN A 87 0.24 -37.42 19.90
CA ASN A 87 1.17 -36.44 19.36
C ASN A 87 0.44 -35.32 18.62
N ASP A 88 -0.27 -35.65 17.56
CA ASP A 88 -1.01 -34.63 16.82
C ASP A 88 -2.39 -35.11 16.40
N GLY A 89 -2.88 -36.18 16.99
CA GLY A 89 -4.10 -36.82 16.55
C GLY A 89 -3.72 -38.27 16.36
N VAL A 90 -4.71 -39.15 16.46
CA VAL A 90 -4.44 -40.57 16.30
C VAL A 90 -5.44 -41.19 15.34
N TYR A 91 -4.99 -42.27 14.69
CA TYR A 91 -5.83 -43.15 13.90
C TYR A 91 -5.99 -44.44 14.71
N PHE A 92 -7.24 -44.78 15.02
CA PHE A 92 -7.58 -45.95 15.81
C PHE A 92 -8.38 -46.90 14.94
N ALA A 93 -8.09 -48.19 15.02
CA ALA A 93 -8.82 -49.16 14.22
C ALA A 93 -9.02 -50.44 15.00
N SER A 94 -10.15 -51.11 14.77
CA SER A 94 -10.46 -52.31 15.52
C SER A 94 -11.39 -53.21 14.73
N THR A 95 -11.11 -54.52 14.75
CA THR A 95 -11.98 -55.55 14.19
C THR A 95 -12.46 -56.41 15.34
N GLU A 96 -13.52 -55.97 16.01
CA GLU A 96 -14.00 -56.64 17.20
C GLU A 96 -15.41 -57.12 16.98
N LYS A 97 -15.60 -58.44 17.04
CA LYS A 97 -16.95 -59.00 16.96
C LYS A 97 -17.74 -58.71 18.23
N SER A 98 -17.06 -58.65 19.37
CA SER A 98 -17.71 -58.42 20.65
C SER A 98 -17.98 -56.93 20.85
N ASN A 99 -18.41 -56.57 22.05
CA ASN A 99 -18.60 -55.18 22.47
C ASN A 99 -17.59 -54.81 23.55
N ILE A 100 -16.35 -55.26 23.39
CA ILE A 100 -15.36 -55.10 24.44
C ILE A 100 -14.65 -53.74 24.38
N ILE A 101 -14.71 -53.04 23.26
CA ILE A 101 -14.11 -51.72 23.13
C ILE A 101 -15.20 -50.69 23.37
N ARG A 102 -15.18 -50.07 24.54
CA ARG A 102 -15.99 -48.90 24.82
C ARG A 102 -15.16 -47.67 24.45
N GLY A 103 -15.51 -46.49 24.94
CA GLY A 103 -14.79 -45.29 24.58
C GLY A 103 -13.37 -45.12 25.07
N TRP A 104 -12.94 -43.88 25.24
CA TRP A 104 -11.55 -43.57 25.52
C TRP A 104 -11.45 -42.53 26.62
N ILE A 105 -10.26 -42.36 27.17
CA ILE A 105 -9.95 -41.26 28.08
C ILE A 105 -8.77 -40.49 27.49
N PHE A 106 -8.91 -39.17 27.46
CA PHE A 106 -7.90 -38.27 26.94
C PHE A 106 -7.53 -37.26 28.01
N GLY A 107 -6.25 -36.91 28.10
CA GLY A 107 -5.89 -35.92 29.08
C GLY A 107 -4.40 -35.68 29.12
N THR A 108 -3.97 -35.05 30.20
CA THR A 108 -2.59 -34.65 30.37
C THR A 108 -1.89 -35.38 31.50
N THR A 109 -2.53 -35.45 32.67
CA THR A 109 -1.98 -36.16 33.81
C THR A 109 -2.77 -37.42 34.12
N LEU A 110 -4.03 -37.47 33.70
CA LEU A 110 -5.01 -38.51 34.05
C LEU A 110 -5.09 -38.65 35.57
N ASP A 111 -5.39 -37.53 36.21
CA ASP A 111 -5.32 -37.38 37.65
C ASP A 111 -6.18 -36.19 38.02
N SER A 112 -6.12 -35.78 39.29
CA SER A 112 -6.68 -34.51 39.69
C SER A 112 -5.72 -33.39 39.29
N LYS A 113 -6.14 -32.15 39.56
CA LYS A 113 -5.49 -30.87 39.23
C LYS A 113 -5.39 -30.59 37.74
N THR A 114 -5.91 -31.46 36.88
CA THR A 114 -5.96 -31.23 35.44
C THR A 114 -7.26 -31.80 34.91
N GLN A 115 -7.85 -31.11 33.95
CA GLN A 115 -9.10 -31.60 33.38
C GLN A 115 -8.84 -32.74 32.42
N SER A 116 -9.87 -33.57 32.22
CA SER A 116 -9.77 -34.76 31.38
C SER A 116 -11.08 -34.98 30.65
N LEU A 117 -11.01 -35.75 29.58
CA LEU A 117 -12.13 -36.01 28.69
C LEU A 117 -12.40 -37.51 28.65
N LEU A 118 -13.66 -37.89 28.70
CA LEU A 118 -14.08 -39.28 28.82
C LEU A 118 -15.22 -39.55 27.86
N ILE A 119 -15.04 -40.55 27.00
CA ILE A 119 -16.04 -40.96 26.02
C ILE A 119 -16.46 -42.38 26.34
N VAL A 120 -17.75 -42.60 26.61
CA VAL A 120 -18.26 -43.92 26.99
C VAL A 120 -19.47 -44.24 26.12
N ASN A 121 -19.41 -45.41 25.46
CA ASN A 121 -20.50 -45.93 24.66
C ASN A 121 -21.13 -47.11 25.38
N ASN A 122 -22.39 -46.98 25.77
CA ASN A 122 -23.14 -48.16 26.15
C ASN A 122 -24.13 -48.51 25.04
N ALA A 123 -25.03 -49.45 25.33
CA ALA A 123 -25.84 -50.09 24.29
C ALA A 123 -26.89 -49.19 23.68
N THR A 124 -27.16 -48.01 24.22
CA THR A 124 -28.18 -47.15 23.66
C THR A 124 -27.77 -45.68 23.49
N ASN A 125 -26.68 -45.24 24.10
CA ASN A 125 -26.27 -43.85 24.00
C ASN A 125 -24.74 -43.77 24.02
N VAL A 126 -24.23 -42.59 23.71
CA VAL A 126 -22.85 -42.22 23.99
C VAL A 126 -22.89 -41.01 24.91
N VAL A 127 -21.99 -40.99 25.89
CA VAL A 127 -21.89 -39.89 26.83
C VAL A 127 -20.44 -39.42 26.88
N ILE A 128 -20.25 -38.10 26.79
CA ILE A 128 -18.96 -37.47 26.68
C ILE A 128 -18.88 -36.41 27.76
N LYS A 129 -17.90 -36.54 28.66
CA LYS A 129 -17.77 -35.62 29.77
C LYS A 129 -16.37 -35.03 29.81
N VAL A 130 -16.28 -33.73 29.99
CA VAL A 130 -15.03 -33.06 30.31
C VAL A 130 -15.15 -32.58 31.74
N CYS A 131 -14.21 -33.01 32.58
CA CYS A 131 -14.45 -33.00 34.01
C CYS A 131 -13.09 -33.10 34.68
N GLU A 132 -13.07 -33.34 35.99
CA GLU A 132 -11.80 -33.45 36.72
C GLU A 132 -11.80 -34.79 37.44
N PHE A 133 -11.26 -35.81 36.77
CA PHE A 133 -11.40 -37.18 37.19
C PHE A 133 -10.23 -37.61 38.06
N GLN A 134 -10.35 -38.83 38.61
CA GLN A 134 -9.37 -39.43 39.49
C GLN A 134 -9.16 -40.89 39.05
N PHE A 135 -8.80 -41.07 37.77
CA PHE A 135 -8.64 -42.39 37.16
C PHE A 135 -7.68 -43.28 37.93
N CYS A 136 -7.99 -44.58 37.93
CA CYS A 136 -7.15 -45.54 38.60
C CYS A 136 -6.02 -45.98 37.66
N ASN A 137 -5.17 -46.88 38.16
CA ASN A 137 -4.04 -47.34 37.36
C ASN A 137 -4.46 -48.29 36.25
N ASP A 138 -5.58 -48.98 36.41
CA ASP A 138 -6.12 -49.87 35.37
C ASP A 138 -7.62 -49.66 35.27
N PRO A 139 -8.05 -48.64 34.53
CA PRO A 139 -9.49 -48.38 34.44
C PRO A 139 -10.18 -49.30 33.45
N PHE A 140 -11.40 -49.70 33.81
CA PHE A 140 -12.24 -50.53 32.95
C PHE A 140 -13.69 -50.25 33.30
N LEU A 141 -14.59 -50.79 32.50
CA LEU A 141 -16.02 -50.66 32.73
C LEU A 141 -16.56 -52.00 33.20
N GLY A 142 -17.13 -52.02 34.41
CA GLY A 142 -17.67 -53.25 34.96
C GLY A 142 -19.11 -53.46 34.60
N VAL A 143 -19.42 -54.58 33.95
CA VAL A 143 -20.75 -54.89 33.46
C VAL A 143 -21.31 -56.06 34.26
N TYR A 144 -22.61 -55.99 34.57
CA TYR A 144 -23.29 -57.02 35.35
C TYR A 144 -24.50 -57.53 34.57
N TYR A 145 -24.84 -58.79 34.77
CA TYR A 145 -25.92 -59.44 34.01
C TYR A 145 -26.94 -60.06 34.97
N HIS A 146 -27.96 -60.72 34.39
CA HIS A 146 -29.16 -61.13 35.12
C HIS A 146 -29.49 -62.62 35.04
N LYS A 147 -28.55 -63.48 34.61
CA LYS A 147 -28.67 -64.93 34.40
C LYS A 147 -29.54 -65.28 33.18
N ASN A 148 -30.24 -64.30 32.61
CA ASN A 148 -30.77 -64.43 31.26
C ASN A 148 -29.94 -63.61 30.29
N ASN A 149 -28.75 -63.20 30.73
CA ASN A 149 -27.77 -62.44 29.96
C ASN A 149 -28.29 -61.09 29.49
N LYS A 150 -29.24 -60.51 30.21
CA LYS A 150 -29.65 -59.13 30.00
C LYS A 150 -28.87 -58.23 30.95
N SER A 151 -28.72 -56.97 30.56
CA SER A 151 -27.88 -56.05 31.32
C SER A 151 -28.57 -55.60 32.60
N TRP A 152 -27.80 -55.47 33.67
CA TRP A 152 -28.29 -54.98 34.95
C TRP A 152 -27.74 -53.59 35.24
N MET A 153 -26.42 -53.44 35.32
CA MET A 153 -25.84 -52.12 35.54
C MET A 153 -24.42 -52.11 35.02
N GLU A 154 -23.93 -50.92 34.72
CA GLU A 154 -22.58 -50.70 34.23
C GLU A 154 -21.96 -49.61 35.10
N SER A 155 -21.09 -49.99 36.00
CA SER A 155 -20.53 -49.06 36.98
C SER A 155 -19.33 -48.34 36.35
N GLU A 156 -19.40 -47.00 36.34
CA GLU A 156 -18.26 -46.20 35.92
C GLU A 156 -17.31 -45.89 37.05
N PHE A 157 -17.57 -46.42 38.24
CA PHE A 157 -16.67 -46.22 39.36
C PHE A 157 -15.52 -47.22 39.36
N ARG A 158 -15.46 -48.09 38.37
CA ARG A 158 -14.25 -48.85 38.10
C ARG A 158 -13.29 -48.09 37.19
N VAL A 159 -13.74 -46.97 36.62
CA VAL A 159 -12.89 -46.10 35.83
C VAL A 159 -12.22 -45.09 36.75
N TYR A 160 -13.02 -44.26 37.41
CA TYR A 160 -12.52 -43.24 38.31
C TYR A 160 -13.03 -43.47 39.71
N SER A 161 -12.39 -42.83 40.68
CA SER A 161 -12.84 -42.88 42.06
C SER A 161 -13.65 -41.66 42.47
N SER A 162 -13.44 -40.52 41.82
CA SER A 162 -14.19 -39.31 42.09
C SER A 162 -14.19 -38.44 40.84
N ALA A 163 -15.26 -37.65 40.68
CA ALA A 163 -15.43 -36.85 39.47
C ALA A 163 -16.15 -35.56 39.86
N ASN A 164 -15.37 -34.51 40.09
CA ASN A 164 -15.90 -33.23 40.54
C ASN A 164 -15.54 -32.13 39.57
N ASN A 165 -16.13 -30.95 39.78
CA ASN A 165 -15.85 -29.71 39.04
C ASN A 165 -16.10 -29.89 37.54
N CYS A 166 -17.30 -30.33 37.23
CA CYS A 166 -17.56 -30.98 35.95
C CYS A 166 -18.05 -29.94 34.96
N THR A 167 -17.32 -29.77 33.85
CA THR A 167 -17.52 -28.64 32.96
C THR A 167 -18.47 -28.97 31.80
N PHE A 168 -18.12 -29.96 30.99
CA PHE A 168 -18.83 -30.22 29.74
C PHE A 168 -19.49 -31.59 29.79
N GLU A 169 -20.66 -31.70 29.17
CA GLU A 169 -21.38 -32.96 29.10
C GLU A 169 -22.22 -32.99 27.83
N TYR A 170 -22.18 -34.12 27.13
CA TYR A 170 -22.88 -34.30 25.86
C TYR A 170 -23.36 -35.74 25.80
N VAL A 171 -24.52 -35.97 25.19
CA VAL A 171 -25.10 -37.31 25.14
C VAL A 171 -25.91 -37.44 23.86
N SER A 172 -25.69 -38.53 23.13
CA SER A 172 -26.31 -38.68 21.81
C SER A 172 -26.34 -40.15 21.41
N GLN A 173 -26.58 -40.40 20.12
CA GLN A 173 -26.63 -41.75 19.58
C GLN A 173 -25.23 -42.36 19.56
N PRO A 174 -25.11 -43.69 19.76
CA PRO A 174 -23.79 -44.28 20.04
C PRO A 174 -22.85 -44.26 18.84
N PHE A 175 -21.56 -44.17 19.15
CA PHE A 175 -20.53 -44.12 18.13
C PHE A 175 -20.39 -45.48 17.44
N LEU A 176 -20.15 -46.51 18.24
CA LEU A 176 -19.83 -47.83 17.73
C LEU A 176 -20.95 -48.80 18.06
N MET A 177 -21.39 -49.56 17.06
CA MET A 177 -22.41 -50.57 17.24
C MET A 177 -21.86 -51.93 16.80
N ASP A 178 -22.55 -52.99 17.21
CA ASP A 178 -22.01 -54.35 17.02
C ASP A 178 -22.28 -54.86 15.62
N LEU A 179 -23.56 -54.95 15.23
CA LEU A 179 -24.03 -55.51 13.97
C LEU A 179 -23.54 -56.95 13.78
N GLU A 180 -23.84 -57.79 14.77
CA GLU A 180 -23.47 -59.18 14.69
C GLU A 180 -24.39 -59.92 13.71
N GLY A 181 -24.05 -61.18 13.44
CA GLY A 181 -24.60 -61.83 12.27
C GLY A 181 -23.63 -61.66 11.12
N LYS A 182 -23.83 -60.59 10.34
CA LYS A 182 -22.85 -60.08 9.36
C LYS A 182 -22.65 -61.09 8.22
N GLN A 183 -23.77 -61.46 7.59
CA GLN A 183 -23.83 -62.16 6.30
C GLN A 183 -23.09 -63.50 6.30
N GLY A 184 -23.02 -64.16 7.45
CA GLY A 184 -22.23 -65.36 7.56
C GLY A 184 -20.86 -65.10 8.16
N ASN A 185 -19.83 -65.20 7.33
CA ASN A 185 -18.44 -65.03 7.78
C ASN A 185 -17.88 -63.76 7.17
N PHE A 186 -18.11 -62.63 7.85
CA PHE A 186 -17.50 -61.35 7.52
C PHE A 186 -17.14 -60.67 8.84
N LYS A 187 -16.21 -59.71 8.77
CA LYS A 187 -15.79 -58.95 9.94
C LYS A 187 -16.02 -57.47 9.71
N ASN A 188 -16.29 -56.75 10.79
CA ASN A 188 -16.64 -55.33 10.75
C ASN A 188 -15.46 -54.53 11.28
N LEU A 189 -14.73 -53.87 10.39
CA LEU A 189 -13.65 -52.98 10.78
C LEU A 189 -14.22 -51.62 11.13
N ARG A 190 -13.81 -51.07 12.27
CA ARG A 190 -14.20 -49.74 12.70
C ARG A 190 -12.96 -48.87 12.75
N GLU A 191 -13.03 -47.70 12.12
CA GLU A 191 -11.90 -46.78 12.10
C GLU A 191 -12.34 -45.43 12.62
N PHE A 192 -11.48 -44.81 13.42
CA PHE A 192 -11.71 -43.50 14.01
C PHE A 192 -10.46 -42.66 13.84
N VAL A 193 -10.65 -41.35 13.68
CA VAL A 193 -9.55 -40.39 13.67
C VAL A 193 -9.89 -39.31 14.67
N PHE A 194 -9.01 -39.11 15.64
CA PHE A 194 -9.19 -38.10 16.67
C PHE A 194 -8.17 -36.98 16.48
N LYS A 195 -8.63 -35.73 16.49
CA LYS A 195 -7.66 -34.65 16.53
C LYS A 195 -8.20 -33.47 17.32
N ASN A 196 -7.33 -32.86 18.11
CA ASN A 196 -7.68 -31.78 19.02
C ASN A 196 -6.89 -30.54 18.59
N ILE A 197 -7.56 -29.62 17.90
CA ILE A 197 -6.91 -28.39 17.43
C ILE A 197 -7.81 -27.20 17.71
N ASP A 198 -7.17 -26.05 17.95
CA ASP A 198 -7.73 -24.73 18.30
C ASP A 198 -8.88 -24.78 19.31
N GLY A 199 -8.77 -25.63 20.32
CA GLY A 199 -9.80 -25.74 21.33
C GLY A 199 -10.96 -26.63 20.98
N TYR A 200 -11.00 -27.18 19.77
CA TYR A 200 -12.03 -28.09 19.33
C TYR A 200 -11.49 -29.51 19.29
N PHE A 201 -12.36 -30.46 19.58
CA PHE A 201 -12.03 -31.88 19.53
C PHE A 201 -12.88 -32.52 18.44
N LYS A 202 -12.25 -32.96 17.35
CA LYS A 202 -12.96 -33.48 16.19
C LYS A 202 -12.77 -34.99 16.09
N ILE A 203 -13.87 -35.69 15.84
CA ILE A 203 -13.87 -37.15 15.71
C ILE A 203 -14.42 -37.53 14.35
N TYR A 204 -13.72 -38.41 13.64
CA TYR A 204 -14.15 -38.94 12.35
C TYR A 204 -14.28 -40.45 12.44
N SER A 205 -15.22 -41.03 11.71
CA SER A 205 -15.49 -42.45 11.88
C SER A 205 -15.92 -43.12 10.58
N LYS A 206 -15.76 -44.45 10.54
CA LYS A 206 -16.21 -45.26 9.42
C LYS A 206 -16.33 -46.72 9.86
N HIS A 207 -17.31 -47.41 9.32
CA HIS A 207 -17.53 -48.85 9.55
C HIS A 207 -17.55 -49.55 8.21
N THR A 208 -16.74 -50.59 8.06
CA THR A 208 -16.57 -51.26 6.78
C THR A 208 -16.57 -52.77 6.96
N PRO A 209 -17.34 -53.51 6.14
CA PRO A 209 -17.29 -54.98 6.25
C PRO A 209 -16.16 -55.59 5.44
N ILE A 210 -15.43 -56.52 6.04
CA ILE A 210 -14.33 -57.22 5.37
C ILE A 210 -14.40 -58.70 5.74
N ASN A 211 -13.70 -59.52 4.97
CA ASN A 211 -13.60 -60.94 5.24
C ASN A 211 -12.39 -61.24 6.11
N LEU A 212 -12.01 -62.52 6.19
CA LEU A 212 -10.98 -62.99 7.12
C LEU A 212 -9.61 -62.60 6.59
N VAL A 213 -9.16 -61.41 6.97
CA VAL A 213 -7.80 -60.92 6.69
C VAL A 213 -7.09 -60.78 8.03
N ARG A 214 -5.78 -60.98 8.02
CA ARG A 214 -4.96 -60.84 9.23
C ARG A 214 -4.73 -59.37 9.61
N ASP A 215 -4.92 -58.45 8.66
CA ASP A 215 -4.47 -57.07 8.81
C ASP A 215 -5.56 -56.13 8.32
N LEU A 216 -5.19 -54.89 8.14
CA LEU A 216 -6.01 -53.87 7.52
C LEU A 216 -6.16 -54.16 6.02
N PRO A 217 -7.31 -53.89 5.43
CA PRO A 217 -7.55 -54.28 4.04
C PRO A 217 -6.82 -53.38 3.06
N GLN A 218 -6.96 -53.71 1.78
CA GLN A 218 -6.24 -53.04 0.70
C GLN A 218 -7.04 -51.96 0.01
N GLY A 219 -8.34 -51.85 0.30
CA GLY A 219 -9.21 -50.95 -0.44
C GLY A 219 -9.06 -49.50 -0.06
N PHE A 220 -10.17 -48.78 -0.16
CA PHE A 220 -10.18 -47.34 0.11
C PHE A 220 -11.54 -46.96 0.68
N SER A 221 -11.54 -46.24 1.80
CA SER A 221 -12.77 -45.80 2.44
C SER A 221 -12.50 -44.50 3.18
N ALA A 222 -13.27 -43.47 2.86
CA ALA A 222 -13.14 -42.19 3.54
C ALA A 222 -13.90 -42.23 4.87
N LEU A 223 -13.66 -41.22 5.69
CA LEU A 223 -14.20 -41.16 7.04
C LEU A 223 -15.04 -39.89 7.17
N GLU A 224 -16.33 -40.06 7.44
CA GLU A 224 -17.21 -38.92 7.63
C GLU A 224 -17.12 -38.40 9.07
N PRO A 225 -17.23 -37.09 9.27
CA PRO A 225 -17.10 -36.54 10.63
C PRO A 225 -18.30 -36.85 11.50
N LEU A 226 -18.03 -37.07 12.78
CA LEU A 226 -19.06 -37.34 13.76
C LEU A 226 -19.41 -36.11 14.60
N VAL A 227 -18.43 -35.61 15.36
CA VAL A 227 -18.66 -34.51 16.29
C VAL A 227 -17.47 -33.57 16.29
N ASP A 228 -17.75 -32.31 16.63
CA ASP A 228 -16.76 -31.25 16.83
C ASP A 228 -17.08 -30.63 18.19
N LEU A 229 -16.52 -31.19 19.25
CA LEU A 229 -16.84 -30.73 20.59
C LEU A 229 -16.05 -29.47 20.93
N PRO A 230 -16.72 -28.39 21.36
CA PRO A 230 -16.00 -27.17 21.73
C PRO A 230 -15.46 -27.19 23.15
N ILE A 231 -14.27 -27.72 23.36
CA ILE A 231 -13.80 -27.91 24.74
C ILE A 231 -12.74 -26.89 25.13
N GLY A 232 -11.57 -26.96 24.49
CA GLY A 232 -10.43 -26.21 24.96
C GLY A 232 -9.65 -26.96 26.03
N ILE A 233 -9.23 -28.18 25.70
CA ILE A 233 -8.57 -29.07 26.65
C ILE A 233 -7.17 -29.37 26.12
N ASN A 234 -6.21 -29.46 27.04
CA ASN A 234 -4.82 -29.76 26.70
C ASN A 234 -4.62 -31.27 26.80
N ILE A 235 -4.37 -31.92 25.66
CA ILE A 235 -4.31 -33.38 25.58
C ILE A 235 -2.92 -33.79 25.11
N THR A 236 -2.27 -34.66 25.88
CA THR A 236 -1.02 -35.28 25.46
C THR A 236 -0.98 -36.79 25.61
N ARG A 237 -1.91 -37.40 26.34
CA ARG A 237 -1.92 -38.85 26.52
C ARG A 237 -3.35 -39.34 26.41
N PHE A 238 -3.49 -40.63 26.09
CA PHE A 238 -4.83 -41.23 26.01
C PHE A 238 -4.74 -42.71 26.35
N GLN A 239 -5.91 -43.28 26.62
CA GLN A 239 -6.01 -44.69 26.99
C GLN A 239 -7.39 -45.20 26.57
N THR A 240 -7.47 -46.51 26.35
CA THR A 240 -8.66 -47.16 25.85
C THR A 240 -9.44 -47.82 26.99
N LEU A 241 -10.76 -47.72 26.94
CA LEU A 241 -11.61 -48.33 27.94
C LEU A 241 -12.10 -49.69 27.45
N LEU A 242 -11.99 -50.70 28.31
CA LEU A 242 -12.44 -52.04 28.00
C LEU A 242 -13.52 -52.44 29.00
N ALA A 243 -14.45 -53.26 28.54
CA ALA A 243 -15.55 -53.72 29.38
C ALA A 243 -15.29 -55.14 29.85
N LEU A 244 -15.38 -55.35 31.16
CA LEU A 244 -15.24 -56.67 31.77
C LEU A 244 -16.53 -57.04 32.47
N HIS A 245 -16.88 -58.31 32.44
CA HIS A 245 -18.08 -58.81 33.09
C HIS A 245 -17.74 -59.40 34.46
N ARG A 246 -18.68 -59.26 35.39
CA ARG A 246 -18.53 -59.82 36.72
C ARG A 246 -18.75 -61.33 36.68
N SER A 247 -17.94 -62.07 37.44
CA SER A 247 -17.84 -63.50 37.25
C SER A 247 -18.94 -64.27 37.98
N TYR A 248 -19.30 -63.83 39.18
CA TYR A 248 -20.25 -64.40 40.15
C TYR A 248 -19.82 -65.73 40.74
N LEU A 249 -18.67 -66.27 40.37
CA LEU A 249 -18.17 -67.52 40.94
C LEU A 249 -17.15 -67.31 42.03
N THR A 250 -16.99 -66.07 42.50
CA THR A 250 -16.09 -65.75 43.59
C THR A 250 -16.60 -64.48 44.24
N PRO A 251 -16.47 -64.34 45.56
CA PRO A 251 -17.01 -63.14 46.22
C PRO A 251 -16.12 -61.91 46.05
N GLY A 252 -14.84 -62.11 45.81
CA GLY A 252 -13.90 -61.01 45.78
C GLY A 252 -13.99 -60.12 44.56
N ASP A 253 -13.40 -58.93 44.65
CA ASP A 253 -13.37 -57.99 43.54
C ASP A 253 -12.09 -58.03 42.73
N SER A 254 -11.19 -58.96 42.98
CA SER A 254 -9.86 -58.92 42.37
C SER A 254 -9.89 -59.36 40.92
N SER A 255 -8.71 -59.54 40.32
CA SER A 255 -8.59 -59.85 38.89
C SER A 255 -9.18 -61.20 38.54
N SER A 256 -9.32 -62.11 39.51
CA SER A 256 -10.01 -63.36 39.26
C SER A 256 -11.52 -63.22 39.24
N GLY A 257 -12.04 -62.09 39.72
CA GLY A 257 -13.47 -61.86 39.78
C GLY A 257 -14.08 -61.26 38.54
N TRP A 258 -13.29 -61.00 37.51
CA TRP A 258 -13.79 -60.41 36.27
C TRP A 258 -13.37 -61.28 35.09
N THR A 259 -14.29 -61.51 34.18
CA THR A 259 -14.01 -62.28 32.97
C THR A 259 -13.96 -61.35 31.77
N ALA A 260 -13.30 -61.82 30.71
CA ALA A 260 -13.05 -60.97 29.55
C ALA A 260 -12.85 -61.84 28.32
N GLY A 261 -13.06 -61.22 27.15
CA GLY A 261 -12.81 -61.90 25.90
C GLY A 261 -11.41 -61.63 25.37
N ALA A 262 -11.32 -61.32 24.08
CA ALA A 262 -10.04 -60.98 23.46
C ALA A 262 -10.19 -59.61 22.82
N ALA A 263 -9.16 -58.77 22.98
CA ALA A 263 -9.22 -57.41 22.46
C ALA A 263 -7.88 -57.05 21.83
N ALA A 264 -7.95 -56.37 20.69
CA ALA A 264 -6.77 -55.92 19.99
C ALA A 264 -7.16 -54.72 19.14
N TYR A 265 -6.21 -53.83 18.90
CA TYR A 265 -6.50 -52.65 18.11
C TYR A 265 -5.24 -52.16 17.43
N TYR A 266 -5.41 -51.21 16.52
CA TYR A 266 -4.32 -50.65 15.74
C TYR A 266 -4.27 -49.15 16.01
N VAL A 267 -3.07 -48.63 16.26
CA VAL A 267 -2.87 -47.23 16.58
C VAL A 267 -1.78 -46.68 15.67
N GLY A 268 -2.10 -45.63 14.92
CA GLY A 268 -1.11 -44.89 14.17
C GLY A 268 -1.24 -43.41 14.47
N TYR A 269 -0.21 -42.65 14.12
CA TYR A 269 -0.17 -41.23 14.46
C TYR A 269 -0.24 -40.37 13.20
N LEU A 270 -0.94 -39.25 13.31
CA LEU A 270 -1.10 -38.34 12.19
C LEU A 270 0.11 -37.43 12.07
N GLN A 271 0.34 -36.94 10.86
CA GLN A 271 1.42 -36.03 10.54
C GLN A 271 0.92 -35.05 9.50
N PRO A 272 1.44 -33.81 9.48
CA PRO A 272 1.00 -32.85 8.45
C PRO A 272 1.54 -33.18 7.07
N ARG A 273 0.65 -33.65 6.19
CA ARG A 273 1.01 -34.04 4.83
C ARG A 273 0.06 -33.37 3.84
N THR A 274 0.42 -33.50 2.56
CA THR A 274 -0.36 -32.98 1.45
C THR A 274 -0.95 -34.17 0.69
N PHE A 275 -2.27 -34.18 0.53
CA PHE A 275 -2.99 -35.28 -0.09
C PHE A 275 -3.76 -34.75 -1.30
N LEU A 276 -3.67 -35.48 -2.40
CA LEU A 276 -4.47 -35.22 -3.59
C LEU A 276 -5.64 -36.18 -3.59
N LEU A 277 -6.85 -35.63 -3.50
CA LEU A 277 -8.08 -36.40 -3.34
C LEU A 277 -8.83 -36.35 -4.66
N LYS A 278 -9.31 -37.52 -5.10
CA LYS A 278 -10.08 -37.64 -6.33
C LYS A 278 -11.55 -37.82 -5.93
N TYR A 279 -12.35 -36.79 -6.16
CA TYR A 279 -13.76 -36.83 -5.79
C TYR A 279 -14.57 -37.58 -6.85
N ASN A 280 -15.77 -38.00 -6.45
CA ASN A 280 -16.75 -38.57 -7.35
C ASN A 280 -17.80 -37.53 -7.71
N GLU A 281 -18.71 -37.90 -8.61
CA GLU A 281 -19.78 -37.00 -8.99
C GLU A 281 -20.89 -36.93 -7.96
N ASN A 282 -20.96 -37.88 -7.03
CA ASN A 282 -21.92 -37.80 -5.94
C ASN A 282 -21.36 -37.09 -4.72
N GLY A 283 -20.07 -36.74 -4.73
CA GLY A 283 -19.44 -36.20 -3.54
C GLY A 283 -18.85 -37.26 -2.65
N THR A 284 -17.95 -38.08 -3.19
CA THR A 284 -17.36 -39.20 -2.46
C THR A 284 -15.90 -39.31 -2.84
N ILE A 285 -15.01 -39.28 -1.84
CA ILE A 285 -13.60 -39.49 -2.10
C ILE A 285 -13.38 -40.98 -2.37
N THR A 286 -13.15 -41.32 -3.64
CA THR A 286 -12.98 -42.71 -4.03
C THR A 286 -11.53 -43.16 -3.99
N ASP A 287 -10.59 -42.24 -4.21
CA ASP A 287 -9.18 -42.58 -4.14
C ASP A 287 -8.39 -41.30 -3.87
N ALA A 288 -7.13 -41.47 -3.49
CA ALA A 288 -6.26 -40.35 -3.14
C ALA A 288 -4.81 -40.81 -3.25
N VAL A 289 -3.90 -39.84 -3.17
CA VAL A 289 -2.48 -40.15 -3.15
C VAL A 289 -1.78 -39.10 -2.29
N ASP A 290 -0.72 -39.52 -1.62
CA ASP A 290 0.03 -38.65 -0.74
C ASP A 290 1.28 -38.12 -1.40
N CYS A 291 1.35 -36.81 -1.60
CA CYS A 291 2.52 -36.20 -2.20
C CYS A 291 3.73 -36.55 -1.34
N ALA A 292 4.91 -36.08 -1.73
CA ALA A 292 6.09 -36.42 -0.95
C ALA A 292 6.18 -37.94 -0.99
N LEU A 293 6.71 -38.55 0.06
CA LEU A 293 6.83 -40.00 0.07
C LEU A 293 7.84 -40.43 -1.00
N ASP A 294 7.35 -40.65 -2.21
CA ASP A 294 8.21 -41.04 -3.32
C ASP A 294 8.21 -39.96 -4.40
N PRO A 295 9.08 -40.08 -5.39
CA PRO A 295 9.15 -39.08 -6.46
C PRO A 295 7.98 -39.10 -7.43
N LEU A 296 7.59 -40.28 -7.89
CA LEU A 296 6.50 -40.45 -8.84
C LEU A 296 5.27 -39.67 -8.37
N SER A 297 4.97 -39.80 -7.09
CA SER A 297 3.85 -39.14 -6.44
C SER A 297 4.00 -37.64 -6.44
N GLU A 298 5.21 -37.14 -6.23
CA GLU A 298 5.47 -35.72 -6.36
C GLU A 298 5.22 -35.22 -7.79
N THR A 299 5.51 -36.03 -8.79
CA THR A 299 5.16 -35.64 -10.16
C THR A 299 3.65 -35.61 -10.37
N LYS A 300 2.94 -36.63 -9.90
CA LYS A 300 1.49 -36.63 -10.01
C LYS A 300 0.88 -35.42 -9.34
N CYS A 301 1.45 -35.00 -8.22
CA CYS A 301 0.95 -33.83 -7.52
C CYS A 301 1.26 -32.55 -8.27
N THR A 302 2.46 -32.46 -8.85
CA THR A 302 2.83 -31.30 -9.65
C THR A 302 1.95 -31.12 -10.87
N LEU A 303 1.58 -32.22 -11.54
CA LEU A 303 0.72 -32.16 -12.70
C LEU A 303 -0.77 -32.12 -12.37
N LYS A 304 -1.15 -32.47 -11.14
CA LYS A 304 -2.55 -32.61 -10.74
C LYS A 304 -3.28 -33.66 -11.58
N SER A 305 -2.74 -34.86 -11.57
CA SER A 305 -3.33 -35.95 -12.34
C SER A 305 -2.92 -37.27 -11.72
N PHE A 306 -3.58 -38.33 -12.19
CA PHE A 306 -3.27 -39.68 -11.75
C PHE A 306 -2.55 -40.48 -12.84
N THR A 307 -2.46 -39.96 -14.05
CA THR A 307 -1.69 -40.58 -15.12
C THR A 307 -0.74 -39.55 -15.69
N VAL A 308 0.55 -39.80 -15.57
CA VAL A 308 1.58 -39.00 -16.21
C VAL A 308 2.05 -39.70 -17.47
N GLU A 309 2.11 -38.96 -18.57
CA GLU A 309 2.64 -39.46 -19.82
C GLU A 309 4.15 -39.23 -19.87
N LYS A 310 4.83 -40.03 -20.70
CA LYS A 310 6.28 -39.97 -20.80
C LYS A 310 6.76 -38.53 -21.01
N GLY A 311 7.88 -38.22 -20.39
CA GLY A 311 8.43 -36.88 -20.48
C GLY A 311 9.49 -36.71 -19.43
N ILE A 312 9.75 -35.45 -19.11
CA ILE A 312 10.61 -35.11 -18.00
C ILE A 312 10.03 -33.86 -17.37
N TYR A 313 9.87 -33.89 -16.06
CA TYR A 313 9.10 -32.90 -15.34
C TYR A 313 9.93 -32.31 -14.21
N GLN A 314 9.90 -31.00 -14.08
CA GLN A 314 10.53 -30.34 -12.96
C GLN A 314 9.57 -30.39 -11.78
N THR A 315 10.06 -30.89 -10.66
CA THR A 315 9.16 -31.32 -9.61
C THR A 315 9.38 -30.52 -8.33
N SER A 316 10.63 -30.12 -8.07
CA SER A 316 10.92 -29.34 -6.88
C SER A 316 12.32 -28.75 -6.93
N ASN A 317 12.92 -28.56 -5.76
CA ASN A 317 14.27 -28.01 -5.70
C ASN A 317 15.09 -28.59 -4.55
N PHE A 318 16.40 -28.60 -4.74
CA PHE A 318 17.31 -29.11 -3.73
C PHE A 318 18.14 -27.97 -3.20
N ARG A 319 18.04 -27.72 -1.89
CA ARG A 319 18.80 -26.65 -1.27
C ARG A 319 19.53 -27.13 -0.02
N VAL A 320 20.85 -27.19 -0.11
CA VAL A 320 21.66 -27.62 1.03
C VAL A 320 21.23 -26.83 2.26
N GLN A 321 21.43 -27.41 3.43
CA GLN A 321 21.05 -26.74 4.67
C GLN A 321 22.24 -26.27 5.49
N PRO A 322 22.15 -25.08 6.06
CA PRO A 322 23.25 -24.54 6.86
C PRO A 322 23.07 -24.76 8.36
N THR A 323 24.14 -25.15 9.05
CA THR A 323 24.05 -25.37 10.49
C THR A 323 24.91 -24.39 11.28
N GLU A 324 24.47 -24.05 12.48
CA GLU A 324 25.18 -23.12 13.34
C GLU A 324 25.34 -21.73 12.73
N SER A 325 25.50 -20.74 13.59
CA SER A 325 25.67 -19.36 13.16
C SER A 325 26.94 -18.77 13.75
N ILE A 326 27.98 -18.65 12.93
CA ILE A 326 29.24 -18.11 13.39
C ILE A 326 29.25 -16.59 13.33
N VAL A 327 29.34 -15.95 14.49
CA VAL A 327 29.37 -14.50 14.57
C VAL A 327 30.78 -13.98 14.80
N ARG A 328 31.41 -13.49 13.74
CA ARG A 328 32.76 -12.95 13.83
C ARG A 328 32.73 -11.48 14.23
N PHE A 329 33.84 -11.00 14.78
CA PHE A 329 33.95 -9.62 15.21
C PHE A 329 35.39 -9.25 15.53
N PRO A 330 35.58 -8.03 16.01
CA PRO A 330 36.92 -7.54 16.36
C PRO A 330 37.19 -7.66 17.86
N ASN A 331 38.47 -7.63 18.23
CA ASN A 331 38.86 -7.73 19.64
C ASN A 331 38.27 -6.60 20.48
N ILE A 332 38.82 -6.42 21.68
CA ILE A 332 38.34 -5.37 22.58
C ILE A 332 39.50 -4.76 23.36
N THR A 333 39.47 -3.44 23.51
CA THR A 333 40.52 -2.73 24.24
C THR A 333 39.97 -2.07 25.50
N ASN A 334 39.39 -0.88 25.33
CA ASN A 334 38.83 -0.14 26.45
C ASN A 334 37.47 -0.69 26.88
N LEU A 335 37.50 -1.72 27.73
CA LEU A 335 36.28 -2.34 28.22
C LEU A 335 35.70 -1.56 29.40
N CYS A 336 35.97 -0.27 29.44
CA CYS A 336 35.48 0.58 30.51
C CYS A 336 36.10 0.20 31.85
N PRO A 337 36.81 1.14 32.47
CA PRO A 337 37.44 0.89 33.76
C PRO A 337 36.58 1.37 34.92
N PHE A 338 35.28 1.15 34.84
CA PHE A 338 34.38 1.59 35.91
C PHE A 338 35.08 1.59 37.26
N GLY A 339 36.09 0.74 37.39
CA GLY A 339 36.85 0.63 38.62
C GLY A 339 37.47 1.93 39.08
N GLU A 340 36.93 3.07 38.65
CA GLU A 340 37.26 4.36 39.25
C GLU A 340 36.06 4.98 39.96
N VAL A 341 34.86 4.83 39.40
CA VAL A 341 33.66 5.37 40.03
C VAL A 341 33.09 4.36 41.02
N PHE A 342 33.20 3.07 40.69
CA PHE A 342 32.77 2.03 41.61
C PHE A 342 33.91 1.56 42.51
N ASN A 343 35.09 2.16 42.41
CA ASN A 343 36.24 1.78 43.21
C ASN A 343 37.01 2.98 43.73
N ALA A 344 36.31 4.02 44.17
CA ALA A 344 36.98 5.22 44.67
C ALA A 344 37.31 5.08 46.15
N THR A 345 38.36 5.79 46.57
CA THR A 345 38.74 5.78 47.97
C THR A 345 37.93 6.76 48.80
N ARG A 346 37.39 7.81 48.19
CA ARG A 346 36.59 8.80 48.89
C ARG A 346 35.48 9.26 47.97
N PHE A 347 34.24 9.02 48.39
CA PHE A 347 33.07 9.40 47.60
C PHE A 347 32.82 10.91 47.69
N ALA A 348 31.65 11.34 47.23
CA ALA A 348 31.28 12.74 47.26
C ALA A 348 30.04 12.97 48.12
N SER A 349 29.94 14.16 48.69
CA SER A 349 28.80 14.52 49.53
C SER A 349 27.48 14.26 48.81
N VAL A 350 26.37 14.43 49.52
CA VAL A 350 25.05 14.22 48.94
C VAL A 350 24.47 15.51 48.40
N TYR A 351 24.94 16.64 48.93
CA TYR A 351 24.48 17.94 48.48
C TYR A 351 25.31 18.51 47.36
N ALA A 352 26.51 18.00 47.14
CA ALA A 352 27.28 18.31 45.94
C ALA A 352 27.73 16.99 45.35
N TRP A 353 26.86 16.32 44.63
CA TRP A 353 27.17 15.01 44.11
C TRP A 353 28.19 15.16 43.01
N ASN A 354 28.81 14.05 42.62
CA ASN A 354 29.72 14.23 41.51
C ASN A 354 28.99 14.01 40.19
N ARG A 355 29.70 14.17 39.09
CA ARG A 355 29.08 13.95 37.79
C ARG A 355 30.16 13.59 36.80
N LYS A 356 30.29 12.29 36.51
CA LYS A 356 31.27 11.81 35.53
C LYS A 356 30.51 11.54 34.25
N ARG A 357 31.05 11.97 33.12
CA ARG A 357 30.37 11.78 31.85
C ARG A 357 31.09 10.68 31.09
N ILE A 358 30.71 9.44 31.36
CA ILE A 358 31.24 8.34 30.59
C ILE A 358 30.95 8.58 29.12
N SER A 359 31.86 8.17 28.26
CA SER A 359 31.79 8.53 26.84
C SER A 359 32.16 7.29 26.02
N ASN A 360 32.44 7.50 24.73
CA ASN A 360 32.73 6.43 23.78
C ASN A 360 33.69 5.39 24.35
N CYS A 361 33.20 4.16 24.44
CA CYS A 361 33.98 3.04 24.96
C CYS A 361 33.23 1.73 24.76
N VAL A 362 33.54 0.75 25.61
CA VAL A 362 32.91 -0.57 25.54
C VAL A 362 32.43 -0.82 26.97
N ALA A 363 31.13 -0.64 27.23
CA ALA A 363 30.59 -0.79 28.56
C ALA A 363 30.02 -2.19 28.74
N ASP A 364 30.40 -2.82 29.85
CA ASP A 364 29.97 -4.19 30.16
C ASP A 364 29.18 -4.17 31.46
N TYR A 365 27.89 -3.90 31.34
CA TYR A 365 27.04 -3.86 32.53
C TYR A 365 26.83 -5.23 33.13
N SER A 366 27.40 -6.29 32.57
CA SER A 366 27.25 -7.59 33.19
C SER A 366 28.12 -7.74 34.42
N VAL A 367 29.36 -7.25 34.36
CA VAL A 367 30.23 -7.28 35.54
C VAL A 367 29.59 -6.51 36.69
N LEU A 368 28.78 -5.51 36.35
CA LEU A 368 28.01 -4.84 37.38
C LEU A 368 26.85 -5.72 37.83
N TYR A 369 26.02 -6.15 36.89
CA TYR A 369 24.75 -6.76 37.23
C TYR A 369 24.92 -8.00 38.07
N ASN A 370 25.97 -8.78 37.83
CA ASN A 370 26.10 -10.06 38.52
C ASN A 370 27.10 -10.01 39.66
N SER A 371 27.55 -8.82 40.05
CA SER A 371 28.63 -8.78 41.04
C SER A 371 28.15 -9.15 42.43
N ALA A 372 26.85 -9.17 42.67
CA ALA A 372 26.26 -9.66 43.90
C ALA A 372 26.74 -8.90 45.13
N SER A 373 27.58 -7.89 44.93
CA SER A 373 28.03 -7.05 46.02
C SER A 373 27.14 -5.85 46.25
N PHE A 374 26.17 -5.63 45.36
CA PHE A 374 25.30 -4.48 45.41
C PHE A 374 24.04 -4.84 46.17
N SER A 375 23.68 -4.00 47.12
CA SER A 375 22.46 -4.24 47.85
C SER A 375 21.24 -3.75 47.11
N THR A 376 21.39 -2.89 46.13
CA THR A 376 20.24 -2.39 45.39
C THR A 376 20.65 -2.16 43.96
N PHE A 377 19.97 -2.78 43.00
CA PHE A 377 20.25 -2.57 41.59
C PHE A 377 18.93 -2.49 40.85
N LYS A 378 18.37 -1.30 40.74
CA LYS A 378 17.09 -1.13 40.06
C LYS A 378 17.32 -0.49 38.73
N CYS A 379 16.65 -0.98 37.69
CA CYS A 379 16.71 -0.35 36.38
C CYS A 379 15.31 0.07 35.99
N TYR A 380 15.19 1.28 35.44
CA TYR A 380 13.88 1.86 35.22
C TYR A 380 13.51 1.97 33.75
N GLY A 381 14.27 2.66 32.95
CA GLY A 381 13.92 2.77 31.57
C GLY A 381 14.02 1.43 30.87
N VAL A 382 14.90 0.57 31.37
CA VAL A 382 15.30 -0.63 30.66
C VAL A 382 15.75 -1.70 31.64
N SER A 383 15.18 -2.90 31.51
CA SER A 383 15.54 -4.00 32.39
C SER A 383 17.02 -4.33 32.26
N PRO A 384 17.64 -4.86 33.31
CA PRO A 384 19.12 -4.89 33.36
C PRO A 384 19.78 -5.80 32.34
N THR A 385 19.20 -6.96 32.03
CA THR A 385 19.92 -7.91 31.20
C THR A 385 20.09 -7.44 29.75
N LYS A 386 19.28 -6.49 29.31
CA LYS A 386 19.35 -5.99 27.95
C LYS A 386 20.22 -4.75 27.82
N LEU A 387 21.04 -4.46 28.82
CA LEU A 387 21.93 -3.30 28.72
C LEU A 387 23.11 -3.60 27.82
N ASN A 388 23.63 -4.82 27.89
CA ASN A 388 24.77 -5.22 27.07
C ASN A 388 24.36 -5.57 25.65
N ASP A 389 23.32 -4.91 25.15
CA ASP A 389 22.84 -5.17 23.80
C ASP A 389 22.24 -3.90 23.19
N LEU A 390 22.50 -2.76 23.83
CA LEU A 390 21.99 -1.48 23.34
C LEU A 390 23.10 -0.44 23.28
N CYS A 391 22.85 0.64 22.53
CA CYS A 391 23.82 1.71 22.39
C CYS A 391 23.16 3.08 22.53
N PHE A 392 23.83 3.98 23.25
CA PHE A 392 23.31 5.32 23.46
C PHE A 392 24.31 6.38 23.01
N THR A 393 24.07 7.62 23.40
CA THR A 393 24.95 8.73 23.04
C THR A 393 25.89 9.08 24.19
N ASN A 394 25.34 9.12 25.40
CA ASN A 394 26.12 9.46 26.58
C ASN A 394 25.59 8.67 27.76
N VAL A 395 26.48 8.31 28.67
CA VAL A 395 26.11 7.77 29.96
C VAL A 395 26.68 8.72 30.98
N TYR A 396 25.86 9.12 31.93
CA TYR A 396 26.38 9.92 33.02
C TYR A 396 26.37 9.06 34.27
N ALA A 397 27.32 9.27 35.15
CA ALA A 397 27.35 8.55 36.41
C ALA A 397 27.46 9.55 37.54
N ASP A 398 26.48 9.56 38.42
CA ASP A 398 26.50 10.45 39.57
C ASP A 398 26.80 9.65 40.83
N SER A 399 27.55 10.22 41.75
CA SER A 399 28.04 9.49 42.91
C SER A 399 27.82 10.28 44.17
N PHE A 400 27.39 9.62 45.23
CA PHE A 400 27.30 10.29 46.53
C PHE A 400 27.09 9.26 47.63
N VAL A 401 26.88 9.76 48.85
CA VAL A 401 26.77 8.94 50.04
C VAL A 401 25.59 9.42 50.87
N ILE A 402 24.70 8.50 51.27
CA ILE A 402 23.53 8.86 52.04
C ILE A 402 23.37 7.86 53.19
N ARG A 403 22.27 7.99 53.92
CA ARG A 403 22.00 7.08 55.01
C ARG A 403 21.56 5.77 54.38
N GLY A 404 21.19 4.80 55.20
CA GLY A 404 20.76 3.52 54.69
C GLY A 404 19.32 3.52 54.24
N ASP A 405 18.46 4.24 54.95
CA ASP A 405 17.05 4.19 54.62
C ASP A 405 16.60 5.36 53.78
N GLU A 406 17.56 6.03 53.15
CA GLU A 406 17.29 7.14 52.27
C GLU A 406 17.50 6.67 50.83
N VAL A 407 17.76 5.38 50.64
CA VAL A 407 17.96 4.90 49.28
C VAL A 407 16.66 4.74 48.56
N ARG A 408 15.54 4.85 49.26
CA ARG A 408 14.26 4.74 48.59
C ARG A 408 13.77 6.07 48.07
N GLN A 409 14.50 7.15 48.28
CA GLN A 409 14.15 8.41 47.67
C GLN A 409 14.94 8.67 46.39
N ILE A 410 15.85 7.79 46.04
CA ILE A 410 16.56 7.89 44.76
C ILE A 410 15.77 7.04 43.77
N ALA A 411 14.73 7.63 43.23
CA ALA A 411 13.82 6.95 42.34
C ALA A 411 12.93 8.01 41.71
N PRO A 412 12.36 7.77 40.53
CA PRO A 412 11.55 8.82 39.90
C PRO A 412 10.25 9.00 40.65
N GLY A 413 9.94 10.25 41.00
CA GLY A 413 8.73 10.53 41.73
C GLY A 413 8.73 10.16 43.18
N GLN A 414 9.59 10.78 43.99
CA GLN A 414 9.60 10.62 45.43
C GLN A 414 9.68 11.99 46.09
N THR A 415 9.54 12.00 47.41
CA THR A 415 9.67 13.21 48.20
C THR A 415 10.43 12.90 49.46
N GLY A 416 10.90 13.94 50.13
CA GLY A 416 11.78 13.80 51.27
C GLY A 416 12.98 14.74 51.15
N LYS A 417 13.67 14.88 52.27
CA LYS A 417 14.73 15.88 52.35
C LYS A 417 15.81 15.64 51.31
N ILE A 418 15.97 14.41 50.87
CA ILE A 418 17.00 14.13 49.87
C ILE A 418 16.49 14.45 48.48
N ALA A 419 15.34 13.90 48.11
CA ALA A 419 14.86 14.10 46.75
C ALA A 419 14.28 15.49 46.57
N ASP A 420 13.86 16.15 47.65
CA ASP A 420 13.34 17.50 47.49
C ASP A 420 14.44 18.46 47.13
N TYR A 421 15.39 18.67 48.02
CA TYR A 421 16.53 19.49 47.69
C TYR A 421 17.82 18.84 48.14
N ASN A 422 18.23 17.77 47.48
CA ASN A 422 19.63 17.44 47.37
C ASN A 422 19.94 16.88 46.00
N TYR A 423 19.06 16.01 45.50
CA TYR A 423 19.30 15.30 44.26
C TYR A 423 17.95 14.79 43.73
N LYS A 424 17.48 15.36 42.64
CA LYS A 424 16.18 15.04 42.09
C LYS A 424 16.33 14.38 40.75
N LEU A 425 15.65 13.25 40.56
CA LEU A 425 15.58 12.40 39.37
C LEU A 425 14.36 12.73 38.54
N PRO A 426 14.47 12.93 37.24
CA PRO A 426 13.31 13.32 36.45
C PRO A 426 12.26 12.22 36.48
N ASP A 427 11.08 12.56 35.97
CA ASP A 427 9.96 11.64 36.10
C ASP A 427 9.90 10.60 34.99
N ASP A 428 10.72 10.73 33.96
CA ASP A 428 10.85 9.71 32.93
C ASP A 428 12.28 9.19 32.87
N PHE A 429 12.86 8.90 34.02
CA PHE A 429 14.23 8.44 34.11
C PHE A 429 14.45 7.26 33.19
N THR A 430 15.70 7.06 32.79
CA THR A 430 16.02 5.96 31.90
C THR A 430 17.06 5.01 32.42
N GLY A 431 17.93 5.42 33.33
CA GLY A 431 19.08 4.64 33.68
C GLY A 431 18.82 3.59 34.73
N CYS A 432 19.81 3.37 35.58
CA CYS A 432 19.70 2.45 36.69
C CYS A 432 20.35 3.05 37.93
N VAL A 433 19.92 2.57 39.07
CA VAL A 433 20.36 3.08 40.37
C VAL A 433 21.01 1.91 41.09
N ILE A 434 22.23 2.11 41.58
CA ILE A 434 22.99 1.06 42.25
C ILE A 434 23.43 1.57 43.60
N ALA A 435 23.39 0.71 44.61
CA ALA A 435 23.69 1.15 45.96
C ALA A 435 24.23 0.00 46.77
N TRP A 436 25.23 0.29 47.60
CA TRP A 436 25.78 -0.76 48.46
C TRP A 436 26.25 -0.17 49.78
N ASN A 437 26.20 -1.00 50.81
CA ASN A 437 26.56 -0.55 52.14
C ASN A 437 28.05 -0.33 52.24
N SER A 438 28.44 0.68 52.99
CA SER A 438 29.85 1.02 53.13
C SER A 438 30.16 1.41 54.56
N ASN A 439 29.69 0.62 55.52
CA ASN A 439 29.87 1.02 56.91
C ASN A 439 31.33 1.08 57.31
N ASN A 440 32.15 0.17 56.81
CA ASN A 440 33.51 0.07 57.30
C ASN A 440 34.41 1.15 56.73
N LEU A 441 34.06 1.74 55.60
CA LEU A 441 34.88 2.74 54.97
C LEU A 441 34.58 4.15 55.43
N ASP A 442 33.31 4.48 55.64
CA ASP A 442 32.91 5.86 55.82
C ASP A 442 32.56 6.22 57.25
N SER A 443 32.35 5.25 58.11
CA SER A 443 31.96 5.54 59.48
C SER A 443 33.15 5.32 60.40
N LYS A 444 33.40 6.29 61.27
CA LYS A 444 34.57 6.22 62.11
C LYS A 444 34.19 6.54 63.54
N VAL A 445 34.84 5.87 64.49
CA VAL A 445 34.53 6.03 65.90
C VAL A 445 34.65 7.50 66.28
N GLY A 446 33.72 7.97 67.09
CA GLY A 446 33.63 9.36 67.42
C GLY A 446 32.78 10.16 66.46
N GLY A 447 32.40 9.57 65.32
CA GLY A 447 31.53 10.26 64.41
C GLY A 447 32.24 10.90 63.25
N ASN A 448 31.87 10.52 62.05
CA ASN A 448 32.44 11.10 60.84
C ASN A 448 31.57 12.27 60.43
N TYR A 449 31.99 13.48 60.79
CA TYR A 449 31.21 14.68 60.52
C TYR A 449 31.59 15.36 59.22
N ASN A 450 32.07 14.62 58.24
CA ASN A 450 32.45 15.22 56.97
C ASN A 450 31.44 14.98 55.88
N TYR A 451 30.32 14.34 56.17
CA TYR A 451 29.31 14.02 55.18
C TYR A 451 28.06 14.82 55.50
N LEU A 452 27.84 15.90 54.76
CA LEU A 452 26.77 16.83 55.03
C LEU A 452 25.64 16.63 54.05
N TYR A 453 24.51 17.24 54.36
CA TYR A 453 23.38 17.29 53.45
C TYR A 453 22.63 18.58 53.70
N ARG A 454 21.89 19.02 52.70
CA ARG A 454 21.12 20.24 52.79
C ARG A 454 19.74 19.92 53.32
N LEU A 455 19.28 20.70 54.29
CA LEU A 455 17.99 20.41 54.89
C LEU A 455 17.02 21.57 54.81
N PHE A 456 17.39 22.69 54.21
CA PHE A 456 16.48 23.80 54.00
C PHE A 456 16.72 24.39 52.62
N ARG A 457 15.67 24.58 51.85
CA ARG A 457 15.80 25.31 50.60
C ARG A 457 14.50 26.02 50.29
N LYS A 458 14.59 27.07 49.48
CA LYS A 458 13.40 27.81 49.10
C LYS A 458 12.43 26.97 48.30
N SER A 459 12.93 26.20 47.34
CA SER A 459 12.06 25.47 46.44
C SER A 459 12.75 24.20 45.99
N ASN A 460 11.95 23.16 45.78
CA ASN A 460 12.49 21.88 45.39
C ASN A 460 13.28 21.99 44.09
N LEU A 461 14.22 21.08 43.93
CA LEU A 461 15.15 21.16 42.81
C LEU A 461 14.45 20.77 41.51
N LYS A 462 14.91 21.34 40.42
CA LYS A 462 14.60 20.77 39.13
C LYS A 462 15.40 19.49 38.97
N PRO A 463 14.95 18.55 38.15
CA PRO A 463 15.69 17.30 37.99
C PRO A 463 17.10 17.55 37.51
N PHE A 464 18.06 16.90 38.18
CA PHE A 464 19.48 16.97 37.84
C PHE A 464 20.05 18.36 38.07
N GLU A 465 19.42 19.14 38.91
CA GLU A 465 19.92 20.46 39.26
C GLU A 465 20.74 20.34 40.53
N ARG A 466 21.69 21.27 40.71
CA ARG A 466 22.68 21.18 41.76
C ARG A 466 22.88 22.53 42.42
N ASP A 467 23.06 22.54 43.73
CA ASP A 467 23.03 23.78 44.52
C ASP A 467 24.03 23.68 45.66
N ILE A 468 25.19 24.32 45.52
CA ILE A 468 26.23 24.25 46.52
C ILE A 468 26.36 25.54 47.30
N SER A 469 25.37 26.42 47.22
CA SER A 469 25.48 27.68 47.95
C SER A 469 25.35 27.43 49.45
N THR A 470 25.70 28.44 50.23
CA THR A 470 25.73 28.30 51.67
C THR A 470 25.17 29.56 52.34
N GLU A 471 24.10 30.10 51.78
CA GLU A 471 23.49 31.27 52.35
C GLU A 471 22.64 30.91 53.55
N ILE A 472 22.58 31.81 54.52
CA ILE A 472 21.77 31.59 55.71
C ILE A 472 20.31 31.56 55.33
N TYR A 473 19.65 30.44 55.63
CA TYR A 473 18.24 30.27 55.33
C TYR A 473 17.43 31.25 56.17
N GLN A 474 16.25 31.61 55.68
CA GLN A 474 15.38 32.54 56.39
C GLN A 474 14.00 31.94 56.46
N ALA A 475 13.66 31.38 57.61
CA ALA A 475 12.36 30.73 57.74
C ALA A 475 11.26 31.75 57.92
N GLY A 476 11.33 32.55 58.97
CA GLY A 476 10.34 33.56 59.24
C GLY A 476 10.47 34.75 58.32
N SER A 477 9.61 35.74 58.55
CA SER A 477 9.59 36.92 57.70
C SER A 477 10.73 37.87 58.01
N THR A 478 11.30 37.79 59.19
CA THR A 478 12.34 38.73 59.58
C THR A 478 13.59 38.49 58.74
N PRO A 479 14.18 39.54 58.18
CA PRO A 479 15.43 39.35 57.43
C PRO A 479 16.56 38.90 58.34
N CYS A 480 17.54 38.24 57.73
CA CYS A 480 18.57 37.54 58.50
C CYS A 480 19.88 38.30 58.59
N ASN A 481 20.28 39.01 57.54
CA ASN A 481 21.53 39.78 57.54
C ASN A 481 22.74 38.91 57.83
N GLY A 482 22.73 37.68 57.33
CA GLY A 482 23.92 36.85 57.41
C GLY A 482 24.34 36.40 58.78
N VAL A 483 23.49 36.54 59.78
CA VAL A 483 23.80 36.02 61.11
C VAL A 483 22.72 35.04 61.51
N GLU A 484 23.11 34.07 62.34
CA GLU A 484 22.19 33.04 62.80
C GLU A 484 21.23 33.62 63.83
N GLY A 485 20.30 32.77 64.25
CA GLY A 485 19.30 33.18 65.21
C GLY A 485 18.00 32.46 64.94
N PHE A 486 16.98 32.82 65.71
CA PHE A 486 15.68 32.24 65.50
C PHE A 486 15.20 32.54 64.09
N ASN A 487 14.73 31.50 63.41
CA ASN A 487 14.22 31.62 62.04
C ASN A 487 15.30 32.12 61.09
N CYS A 488 16.57 31.94 61.46
CA CYS A 488 17.69 32.20 60.57
C CYS A 488 18.69 31.08 60.80
N TYR A 489 18.67 30.08 59.92
CA TYR A 489 19.35 28.82 60.14
C TYR A 489 20.42 28.59 59.08
N PHE A 490 21.53 28.05 59.51
CA PHE A 490 22.51 27.51 58.59
C PHE A 490 21.88 26.35 57.85
N PRO A 491 22.07 26.23 56.54
CA PRO A 491 21.29 25.27 55.77
C PRO A 491 21.88 23.87 55.64
N LEU A 492 23.03 23.58 56.23
CA LEU A 492 23.66 22.28 56.05
C LEU A 492 23.81 21.56 57.38
N GLN A 493 23.47 20.27 57.38
CA GLN A 493 23.58 19.42 58.54
C GLN A 493 24.59 18.33 58.20
N SER A 494 25.10 17.61 59.21
CA SER A 494 26.06 16.57 58.95
C SER A 494 25.61 15.28 59.60
N TYR A 495 25.59 14.20 58.83
CA TYR A 495 25.44 12.87 59.37
C TYR A 495 26.61 12.65 60.31
N GLY A 496 26.36 12.34 61.56
CA GLY A 496 27.48 11.88 62.34
C GLY A 496 27.51 10.38 62.32
N PHE A 497 28.25 9.80 61.40
CA PHE A 497 28.21 8.35 61.24
C PHE A 497 29.09 7.71 62.30
N GLN A 498 28.63 6.61 62.86
CA GLN A 498 29.41 5.91 63.86
C GLN A 498 29.26 4.43 63.64
N PRO A 499 30.32 3.65 63.89
CA PRO A 499 30.30 2.25 63.49
C PRO A 499 29.29 1.42 64.24
N THR A 500 28.87 1.84 65.42
CA THR A 500 27.84 1.12 66.16
C THR A 500 26.46 1.69 65.91
N ASN A 501 26.09 1.87 64.64
CA ASN A 501 24.76 2.34 64.28
C ASN A 501 23.96 1.19 63.70
N GLY A 502 22.71 1.11 64.08
CA GLY A 502 21.83 0.14 63.47
C GLY A 502 21.75 0.35 61.98
N VAL A 503 21.52 -0.74 61.25
CA VAL A 503 21.35 -0.63 59.81
C VAL A 503 20.23 0.35 59.53
N GLY A 504 20.31 1.03 58.39
CA GLY A 504 19.42 2.13 58.16
C GLY A 504 19.89 3.42 58.77
N TYR A 505 20.98 3.39 59.52
CA TYR A 505 21.73 4.59 59.84
C TYR A 505 23.18 4.50 59.46
N GLN A 506 23.58 3.45 58.81
CA GLN A 506 24.94 3.33 58.35
C GLN A 506 25.06 3.86 56.94
N PRO A 507 26.23 4.32 56.55
CA PRO A 507 26.36 5.00 55.26
C PRO A 507 26.27 4.04 54.10
N TYR A 508 25.54 4.45 53.08
CA TYR A 508 25.42 3.68 51.85
C TYR A 508 26.00 4.54 50.74
N ARG A 509 26.74 3.93 49.83
CA ARG A 509 27.24 4.65 48.69
C ARG A 509 26.35 4.35 47.50
N VAL A 510 26.06 5.39 46.72
CA VAL A 510 25.09 5.32 45.64
C VAL A 510 25.71 5.83 44.37
N VAL A 511 25.42 5.14 43.26
CA VAL A 511 25.83 5.55 41.92
C VAL A 511 24.60 5.47 41.03
N VAL A 512 24.30 6.55 40.33
CA VAL A 512 23.12 6.63 39.49
C VAL A 512 23.60 6.75 38.06
N LEU A 513 23.39 5.71 37.26
CA LEU A 513 23.73 5.77 35.85
C LEU A 513 22.55 6.26 35.07
N SER A 514 22.78 7.23 34.21
CA SER A 514 21.71 7.82 33.42
C SER A 514 22.10 7.79 31.97
N PHE A 515 21.45 6.95 31.19
CA PHE A 515 21.73 6.84 29.77
C PHE A 515 20.91 7.89 29.05
N GLU A 516 21.56 8.72 28.26
CA GLU A 516 20.83 9.72 27.51
C GLU A 516 21.07 9.55 26.02
N LEU A 517 20.10 9.98 25.22
CA LEU A 517 20.20 9.87 23.76
C LEU A 517 19.82 11.18 23.08
N LEU A 518 20.79 12.07 22.92
CA LEU A 518 20.53 13.35 22.27
C LEU A 518 20.08 13.15 20.83
N HIS A 519 20.98 13.43 19.88
CA HIS A 519 20.67 13.28 18.47
C HIS A 519 21.95 13.16 17.63
N ALA A 520 22.98 12.57 18.24
CA ALA A 520 24.26 12.38 17.55
C ALA A 520 24.19 11.23 16.56
N PRO A 521 25.36 10.73 16.15
CA PRO A 521 25.41 9.62 15.19
C PRO A 521 25.57 8.26 15.86
N ALA A 522 26.06 8.27 17.10
CA ALA A 522 26.28 7.04 17.86
C ALA A 522 27.17 7.28 19.06
N THR A 523 27.45 6.22 19.81
CA THR A 523 28.31 6.32 20.99
C THR A 523 28.48 4.97 21.65
N VAL A 524 28.95 4.98 22.90
CA VAL A 524 29.19 3.75 23.65
C VAL A 524 27.99 2.79 23.71
N CYS A 525 28.28 1.51 23.89
CA CYS A 525 27.25 0.49 23.97
C CYS A 525 27.83 -0.82 24.50
N GLY A 526 26.97 -1.83 24.64
CA GLY A 526 27.39 -3.13 25.14
C GLY A 526 28.59 -3.66 24.37
N PRO A 527 29.14 -4.78 24.82
CA PRO A 527 30.31 -5.38 24.15
C PRO A 527 29.94 -6.46 23.15
N LYS A 528 30.86 -6.83 22.26
CA LYS A 528 30.59 -7.85 21.26
C LYS A 528 31.27 -9.18 21.52
N LYS A 529 30.68 -10.25 21.01
CA LYS A 529 31.22 -11.59 21.18
C LYS A 529 31.46 -12.22 19.81
N SER A 530 31.88 -13.48 19.80
CA SER A 530 32.14 -14.18 18.54
C SER A 530 32.08 -15.70 18.71
N THR A 531 32.56 -16.41 17.70
CA THR A 531 32.56 -17.87 17.73
C THR A 531 33.85 -18.40 17.09
N ASN A 532 33.73 -19.41 16.23
CA ASN A 532 34.90 -19.98 15.56
C ASN A 532 34.67 -20.13 14.06
N LEU A 533 35.17 -19.16 13.30
CA LEU A 533 35.02 -19.16 11.85
C LEU A 533 35.33 -20.53 11.25
N VAL A 534 34.28 -21.29 10.96
CA VAL A 534 34.43 -22.61 10.35
C VAL A 534 34.61 -22.43 8.86
N LYS A 535 35.02 -23.48 8.16
CA LYS A 535 35.25 -23.37 6.73
C LYS A 535 34.72 -24.63 6.05
N ASN A 536 34.49 -24.50 4.75
CA ASN A 536 34.10 -25.60 3.86
C ASN A 536 32.76 -26.22 4.24
N LYS A 537 31.86 -25.45 4.83
CA LYS A 537 30.52 -25.93 5.16
C LYS A 537 29.54 -24.80 4.94
N CYS A 538 28.41 -25.12 4.32
CA CYS A 538 27.36 -24.11 4.16
C CYS A 538 26.94 -23.65 5.54
N VAL A 539 27.14 -22.36 5.80
CA VAL A 539 27.05 -21.81 7.14
C VAL A 539 26.26 -20.51 7.07
N ASN A 540 25.78 -20.07 8.22
CA ASN A 540 25.07 -18.81 8.35
C ASN A 540 25.98 -17.89 9.13
N PHE A 541 26.49 -16.85 8.47
CA PHE A 541 27.57 -16.05 9.04
C PHE A 541 27.17 -14.59 9.23
N ASN A 542 27.88 -13.94 10.14
CA ASN A 542 27.77 -12.51 10.39
C ASN A 542 29.18 -12.00 10.66
N PHE A 543 29.66 -11.11 9.79
CA PHE A 543 30.98 -10.49 9.90
C PHE A 543 30.78 -9.01 10.20
N ASN A 544 30.80 -8.66 11.48
CA ASN A 544 30.58 -7.32 12.02
C ASN A 544 29.56 -6.51 11.21
N GLY A 545 28.42 -7.11 10.92
CA GLY A 545 27.39 -6.40 10.20
C GLY A 545 26.95 -7.10 8.94
N LEU A 546 27.91 -7.68 8.21
CA LEU A 546 27.61 -8.43 6.98
C LEU A 546 26.92 -9.72 7.36
N THR A 547 25.64 -9.84 7.02
CA THR A 547 24.88 -11.05 7.29
C THR A 547 24.74 -11.83 5.99
N GLY A 548 25.08 -13.12 6.02
CA GLY A 548 24.92 -13.93 4.84
C GLY A 548 24.92 -15.43 5.06
N THR A 549 24.92 -16.19 3.96
CA THR A 549 24.94 -17.64 4.01
C THR A 549 25.88 -18.15 2.92
N GLY A 550 26.57 -19.23 3.21
CA GLY A 550 27.40 -19.84 2.20
C GLY A 550 28.57 -20.59 2.80
N VAL A 551 29.38 -21.13 1.90
CA VAL A 551 30.63 -21.79 2.21
C VAL A 551 31.73 -20.75 2.24
N LEU A 552 32.59 -20.84 3.27
CA LEU A 552 33.72 -19.94 3.44
C LEU A 552 34.99 -20.69 3.05
N THR A 553 35.88 -20.03 2.33
CA THR A 553 37.09 -20.69 1.87
C THR A 553 38.28 -19.75 1.94
N GLU A 554 39.46 -20.31 2.18
CA GLU A 554 40.69 -19.52 2.20
C GLU A 554 40.92 -18.86 0.86
N SER A 555 41.27 -17.58 0.89
CA SER A 555 41.41 -16.81 -0.34
C SER A 555 42.87 -16.72 -0.76
N ASN A 556 43.07 -16.09 -1.92
CA ASN A 556 44.41 -15.72 -2.35
C ASN A 556 44.40 -14.34 -3.02
N LYS A 557 43.36 -13.54 -2.80
CA LYS A 557 43.34 -12.14 -3.19
C LYS A 557 43.93 -11.28 -2.08
N LYS A 558 44.22 -10.03 -2.42
CA LYS A 558 44.87 -9.11 -1.51
C LYS A 558 44.13 -7.78 -1.52
N PHE A 559 43.35 -7.52 -0.48
CA PHE A 559 42.65 -6.26 -0.34
C PHE A 559 43.65 -5.12 -0.11
N LEU A 560 43.17 -3.90 -0.11
CA LEU A 560 44.03 -2.84 0.43
C LEU A 560 43.78 -2.72 1.91
N PRO A 561 44.76 -2.31 2.71
CA PRO A 561 44.62 -2.48 4.15
C PRO A 561 43.67 -1.48 4.80
N PHE A 562 42.58 -1.22 4.13
CA PHE A 562 41.45 -0.56 4.76
C PHE A 562 40.13 -1.09 4.23
N GLN A 563 40.14 -2.08 3.34
CA GLN A 563 38.95 -2.61 2.73
C GLN A 563 38.50 -3.85 3.47
N GLN A 564 37.21 -3.93 3.76
CA GLN A 564 36.63 -5.01 4.55
C GLN A 564 36.16 -6.19 3.72
N PHE A 565 35.30 -5.94 2.74
CA PHE A 565 34.76 -7.01 1.92
C PHE A 565 34.83 -6.62 0.46
N GLY A 566 34.78 -7.63 -0.41
CA GLY A 566 34.83 -7.45 -1.84
C GLY A 566 33.51 -7.80 -2.49
N ARG A 567 33.26 -7.15 -3.62
CA ARG A 567 32.02 -7.32 -4.35
C ARG A 567 32.31 -7.76 -5.77
N ASP A 568 31.33 -8.38 -6.40
CA ASP A 568 31.42 -8.80 -7.78
C ASP A 568 30.78 -7.75 -8.69
N ILE A 569 30.90 -7.97 -9.99
CA ILE A 569 30.09 -7.25 -10.96
C ILE A 569 28.69 -7.82 -10.81
N ALA A 570 27.68 -6.95 -10.86
CA ALA A 570 26.31 -7.21 -10.46
C ALA A 570 26.15 -7.13 -8.95
N ASP A 571 27.21 -6.72 -8.26
CA ASP A 571 27.14 -6.26 -6.89
C ASP A 571 26.66 -7.29 -5.87
N THR A 572 27.39 -8.39 -5.72
CA THR A 572 27.11 -9.34 -4.64
C THR A 572 28.40 -9.56 -3.86
N THR A 573 28.28 -9.60 -2.54
CA THR A 573 29.43 -9.83 -1.67
C THR A 573 30.03 -11.19 -1.96
N ASP A 574 31.32 -11.23 -2.27
CA ASP A 574 31.96 -12.50 -2.56
C ASP A 574 33.25 -12.74 -1.81
N ALA A 575 33.75 -11.76 -1.07
CA ALA A 575 34.89 -11.97 -0.19
C ALA A 575 34.69 -11.14 1.06
N VAL A 576 35.28 -11.57 2.17
CA VAL A 576 35.29 -10.80 3.39
C VAL A 576 36.69 -10.88 4.00
N ARG A 577 36.91 -10.06 5.00
CA ARG A 577 38.12 -10.09 5.80
C ARG A 577 37.72 -10.37 7.24
N ASP A 578 38.38 -11.33 7.87
CA ASP A 578 38.03 -11.67 9.24
C ASP A 578 38.57 -10.61 10.18
N PRO A 579 37.74 -9.96 10.98
CA PRO A 579 38.22 -8.84 11.79
C PRO A 579 39.35 -9.21 12.73
N GLN A 580 39.29 -10.39 13.34
CA GLN A 580 40.27 -10.73 14.37
C GLN A 580 41.62 -11.11 13.77
N THR A 581 41.64 -12.02 12.81
CA THR A 581 42.91 -12.47 12.25
C THR A 581 43.29 -11.72 10.98
N LEU A 582 42.36 -10.99 10.35
CA LEU A 582 42.62 -10.14 9.17
C LEU A 582 43.08 -10.95 7.97
N GLU A 583 42.33 -11.98 7.63
CA GLU A 583 42.60 -12.77 6.44
C GLU A 583 41.37 -12.80 5.54
N ILE A 584 41.62 -12.85 4.25
CA ILE A 584 40.56 -12.75 3.25
C ILE A 584 40.00 -14.14 3.00
N LEU A 585 38.67 -14.24 2.95
CA LEU A 585 37.97 -15.49 2.76
C LEU A 585 36.91 -15.30 1.69
N ASP A 586 36.88 -16.20 0.72
CA ASP A 586 35.84 -16.17 -0.30
C ASP A 586 34.54 -16.77 0.20
N ILE A 587 33.45 -16.30 -0.37
CA ILE A 587 32.11 -16.69 0.01
C ILE A 587 31.44 -17.29 -1.21
N THR A 588 31.34 -18.59 -1.25
CA THR A 588 30.62 -19.19 -2.35
C THR A 588 29.25 -19.67 -1.87
N PRO A 589 28.25 -19.57 -2.74
CA PRO A 589 26.88 -19.96 -2.38
C PRO A 589 26.67 -21.42 -2.01
N CYS A 590 25.57 -21.69 -1.30
CA CYS A 590 25.23 -23.05 -0.89
C CYS A 590 24.60 -23.77 -2.07
N SER A 591 25.21 -24.88 -2.46
CA SER A 591 24.72 -25.66 -3.61
C SER A 591 23.20 -25.79 -3.64
N PHE A 592 22.63 -25.58 -4.82
CA PHE A 592 21.19 -25.68 -5.03
C PHE A 592 20.94 -26.08 -6.48
N GLY A 593 19.71 -26.48 -6.80
CA GLY A 593 19.43 -26.88 -8.17
C GLY A 593 18.07 -27.53 -8.32
N GLY A 594 17.55 -27.59 -9.53
CA GLY A 594 16.27 -28.21 -9.74
C GLY A 594 16.34 -29.73 -9.67
N VAL A 595 15.18 -30.32 -9.44
CA VAL A 595 15.04 -31.77 -9.44
C VAL A 595 14.02 -32.15 -10.51
N SER A 596 14.40 -33.06 -11.39
CA SER A 596 13.52 -33.51 -12.45
C SER A 596 13.28 -35.00 -12.31
N VAL A 597 12.10 -35.43 -12.73
CA VAL A 597 11.69 -36.83 -12.65
C VAL A 597 11.47 -37.36 -14.05
N ILE A 598 12.13 -38.46 -14.36
CA ILE A 598 12.06 -39.12 -15.67
C ILE A 598 11.20 -40.36 -15.50
N THR A 599 10.11 -40.42 -16.24
CA THR A 599 9.18 -41.52 -16.16
C THR A 599 8.82 -42.05 -17.55
N PRO A 600 8.78 -43.37 -17.72
CA PRO A 600 8.30 -43.93 -19.00
C PRO A 600 6.80 -43.79 -19.22
N GLY A 601 6.06 -43.26 -18.26
CA GLY A 601 4.62 -43.12 -18.37
C GLY A 601 3.96 -44.16 -17.48
N THR A 602 2.94 -43.73 -16.73
CA THR A 602 2.31 -44.60 -15.75
C THR A 602 1.54 -45.74 -16.38
N ASN A 603 1.32 -45.66 -17.69
CA ASN A 603 0.67 -46.70 -18.48
C ASN A 603 1.67 -47.72 -18.99
N THR A 604 2.90 -47.63 -18.51
CA THR A 604 3.95 -48.55 -18.93
C THR A 604 4.61 -49.15 -17.70
N SER A 605 4.77 -48.33 -16.67
CA SER A 605 5.51 -48.71 -15.48
C SER A 605 5.37 -47.58 -14.47
N ASN A 606 5.75 -47.86 -13.24
CA ASN A 606 5.77 -46.87 -12.18
C ASN A 606 7.17 -46.63 -11.66
N GLN A 607 8.19 -47.19 -12.31
CA GLN A 607 9.56 -46.85 -11.99
C GLN A 607 9.88 -45.44 -12.44
N VAL A 608 10.94 -44.88 -11.87
CA VAL A 608 11.25 -43.47 -12.03
C VAL A 608 12.74 -43.28 -11.88
N ALA A 609 13.29 -42.29 -12.58
CA ALA A 609 14.66 -41.86 -12.39
C ALA A 609 14.66 -40.38 -12.04
N VAL A 610 15.73 -39.91 -11.42
CA VAL A 610 15.74 -38.57 -10.84
C VAL A 610 17.03 -37.86 -11.25
N LEU A 611 16.89 -36.65 -11.78
CA LEU A 611 18.02 -35.81 -12.15
C LEU A 611 18.14 -34.65 -11.18
N TYR A 612 19.29 -34.54 -10.53
CA TYR A 612 19.64 -33.37 -9.73
C TYR A 612 20.49 -32.47 -10.62
N GLN A 613 19.96 -31.31 -10.97
CA GLN A 613 20.55 -30.55 -12.07
C GLN A 613 21.79 -29.82 -11.59
N ASP A 614 22.86 -29.94 -12.37
CA ASP A 614 24.21 -29.42 -12.12
C ASP A 614 24.59 -29.45 -10.64
N VAL A 615 24.34 -30.59 -10.03
CA VAL A 615 24.81 -30.88 -8.68
C VAL A 615 25.82 -32.01 -8.76
N ASN A 616 26.92 -31.85 -8.04
CA ASN A 616 27.89 -32.92 -8.00
C ASN A 616 27.31 -34.10 -7.25
N CYS A 617 27.48 -35.29 -7.84
CA CYS A 617 26.68 -36.43 -7.42
C CYS A 617 27.15 -37.03 -6.10
N THR A 618 28.02 -36.34 -5.38
CA THR A 618 28.55 -36.82 -4.10
C THR A 618 27.88 -36.13 -2.92
N GLU A 619 27.05 -35.13 -3.23
CA GLU A 619 26.40 -34.35 -2.19
C GLU A 619 24.89 -34.34 -2.38
N VAL A 620 24.35 -35.45 -2.87
CA VAL A 620 22.92 -35.54 -3.17
C VAL A 620 22.10 -35.70 -1.90
N PRO A 621 22.40 -36.68 -1.02
CA PRO A 621 21.52 -36.75 0.16
C PRO A 621 22.11 -36.04 1.37
N SER A 640 22.99 -49.46 -6.09
CA SER A 640 22.14 -48.65 -6.97
C SER A 640 22.94 -48.01 -8.09
N ASN A 641 22.27 -47.15 -8.85
CA ASN A 641 22.85 -46.52 -10.02
C ASN A 641 22.97 -45.02 -9.81
N VAL A 642 24.18 -44.55 -9.54
CA VAL A 642 24.47 -43.14 -9.56
C VAL A 642 25.41 -42.88 -10.72
N PHE A 643 25.04 -41.94 -11.58
CA PHE A 643 25.72 -41.69 -12.82
C PHE A 643 25.87 -40.19 -12.96
N GLN A 644 27.08 -39.75 -13.28
CA GLN A 644 27.37 -38.32 -13.37
C GLN A 644 27.29 -37.87 -14.81
N THR A 645 26.61 -36.76 -15.03
CA THR A 645 26.39 -36.20 -16.34
C THR A 645 26.88 -34.77 -16.33
N ARG A 646 27.16 -34.24 -17.52
CA ARG A 646 27.38 -32.82 -17.67
C ARG A 646 26.16 -32.00 -17.31
N ALA A 647 25.01 -32.63 -17.13
CA ALA A 647 23.76 -31.95 -16.80
C ALA A 647 23.33 -32.17 -15.35
N GLY A 648 24.10 -32.91 -14.57
CA GLY A 648 23.77 -33.18 -13.19
C GLY A 648 23.96 -34.64 -12.82
N CYS A 649 23.43 -35.00 -11.66
CA CYS A 649 23.55 -36.37 -11.17
C CYS A 649 22.25 -37.14 -11.36
N LEU A 650 22.35 -38.27 -12.05
CA LEU A 650 21.22 -39.10 -12.40
C LEU A 650 21.17 -40.33 -11.50
N ILE A 651 20.02 -40.59 -10.90
CA ILE A 651 19.85 -41.71 -9.98
C ILE A 651 18.68 -42.56 -10.46
N GLY A 652 18.90 -43.86 -10.57
CA GLY A 652 17.85 -44.78 -10.93
C GLY A 652 17.85 -45.25 -12.36
N ALA A 653 18.88 -44.91 -13.13
CA ALA A 653 19.05 -45.39 -14.50
C ALA A 653 20.47 -45.92 -14.63
N GLU A 654 20.62 -46.99 -15.40
CA GLU A 654 21.93 -47.55 -15.64
C GLU A 654 22.50 -47.04 -16.97
N HIS A 655 23.80 -46.85 -16.99
CA HIS A 655 24.51 -46.35 -18.16
C HIS A 655 24.97 -47.52 -19.03
N VAL A 656 24.56 -47.51 -20.29
CA VAL A 656 24.94 -48.54 -21.24
C VAL A 656 25.91 -47.93 -22.25
N ASN A 657 26.49 -48.80 -23.09
CA ASN A 657 27.48 -48.39 -24.07
C ASN A 657 26.95 -48.33 -25.48
N ASN A 658 25.76 -48.88 -25.73
CA ASN A 658 25.10 -48.78 -27.01
C ASN A 658 24.73 -47.34 -27.31
N SER A 659 24.16 -47.08 -28.49
CA SER A 659 23.65 -45.75 -28.80
C SER A 659 22.42 -45.90 -29.66
N TYR A 660 21.32 -45.33 -29.21
CA TYR A 660 20.04 -45.43 -29.87
C TYR A 660 19.60 -44.05 -30.33
N GLU A 661 18.42 -43.99 -30.94
CA GLU A 661 17.79 -42.72 -31.21
C GLU A 661 17.23 -42.14 -29.93
N CYS A 662 17.25 -40.82 -29.82
CA CYS A 662 16.92 -40.18 -28.56
C CYS A 662 15.44 -40.41 -28.23
N ASP A 663 15.17 -40.67 -26.94
CA ASP A 663 13.83 -40.95 -26.49
C ASP A 663 13.32 -39.87 -25.55
N ILE A 664 14.00 -39.73 -24.41
CA ILE A 664 13.71 -38.70 -23.43
C ILE A 664 15.00 -37.90 -23.27
N PRO A 665 15.00 -36.63 -23.58
CA PRO A 665 16.25 -35.88 -23.61
C PRO A 665 16.69 -35.43 -22.23
N ILE A 666 17.87 -35.87 -21.81
CA ILE A 666 18.44 -35.42 -20.55
C ILE A 666 19.26 -34.17 -20.75
N GLY A 667 20.23 -34.20 -21.64
CA GLY A 667 20.99 -33.01 -21.96
C GLY A 667 22.44 -33.35 -22.25
N ALA A 668 23.13 -32.41 -22.87
CA ALA A 668 24.54 -32.55 -23.24
C ALA A 668 24.81 -33.84 -23.99
N GLY A 669 23.89 -34.24 -24.86
CA GLY A 669 24.05 -35.43 -25.65
C GLY A 669 23.52 -36.70 -25.04
N ILE A 670 22.97 -36.66 -23.82
CA ILE A 670 22.53 -37.84 -23.11
C ILE A 670 21.02 -37.93 -23.19
N CYS A 671 20.51 -39.12 -23.54
CA CYS A 671 19.09 -39.42 -23.44
C CYS A 671 18.82 -40.65 -22.59
N ALA A 672 17.55 -40.89 -22.27
CA ALA A 672 17.14 -42.00 -21.44
C ALA A 672 16.01 -42.74 -22.12
N SER A 673 15.87 -44.01 -21.77
CA SER A 673 14.76 -44.80 -22.30
C SER A 673 14.41 -45.90 -21.33
N TYR A 674 13.22 -46.47 -21.50
CA TYR A 674 12.76 -47.59 -20.69
C TYR A 674 12.93 -48.87 -21.49
N GLN A 675 14.15 -49.41 -21.52
CA GLN A 675 14.36 -50.50 -22.45
C GLN A 675 14.96 -51.75 -21.83
N THR A 676 16.06 -51.57 -21.10
CA THR A 676 16.95 -52.67 -20.76
C THR A 676 17.10 -52.81 -19.26
N GLN A 690 12.25 -53.88 -17.26
CA GLN A 690 13.63 -53.53 -17.52
C GLN A 690 14.12 -52.46 -16.54
N SER A 691 14.19 -51.21 -16.99
CA SER A 691 14.65 -50.11 -16.16
C SER A 691 14.89 -48.87 -17.00
N ILE A 692 15.83 -48.02 -16.54
CA ILE A 692 16.17 -46.80 -17.25
C ILE A 692 17.67 -46.77 -17.48
N ILE A 693 18.08 -46.41 -18.68
CA ILE A 693 19.50 -46.35 -19.01
C ILE A 693 19.93 -45.01 -19.61
N ALA A 694 21.24 -44.78 -19.62
CA ALA A 694 21.80 -43.56 -20.15
C ALA A 694 22.74 -43.89 -21.31
N TYR A 695 23.14 -42.87 -22.06
CA TYR A 695 24.04 -43.08 -23.19
C TYR A 695 24.13 -41.82 -24.04
N THR A 696 24.77 -41.93 -25.19
CA THR A 696 24.91 -40.80 -26.10
C THR A 696 24.13 -41.07 -27.36
N MET A 697 23.20 -40.18 -27.70
CA MET A 697 22.39 -40.37 -28.87
C MET A 697 23.09 -40.58 -30.14
N SER A 698 22.37 -41.02 -31.12
CA SER A 698 22.86 -41.45 -32.38
C SER A 698 22.45 -40.47 -33.35
N LEU A 699 23.40 -40.01 -34.16
CA LEU A 699 23.12 -39.02 -35.19
C LEU A 699 22.35 -39.67 -36.33
N GLY A 700 22.69 -40.92 -36.61
CA GLY A 700 22.04 -41.65 -37.68
C GLY A 700 22.88 -42.80 -38.17
N ALA A 701 22.36 -43.57 -39.11
CA ALA A 701 23.07 -44.70 -39.68
C ALA A 701 24.49 -44.32 -40.12
N GLU A 702 24.97 -44.94 -41.19
CA GLU A 702 26.30 -44.66 -41.71
C GLU A 702 26.20 -45.13 -43.14
N ASN A 703 26.25 -44.22 -44.10
CA ASN A 703 26.17 -44.58 -45.51
C ASN A 703 27.51 -44.25 -46.16
N SER A 704 28.05 -45.17 -46.94
CA SER A 704 29.34 -44.89 -47.58
C SER A 704 29.27 -44.90 -49.10
N VAL A 705 29.24 -43.70 -49.69
CA VAL A 705 29.16 -43.56 -51.13
C VAL A 705 30.45 -44.00 -51.81
N ALA A 706 30.33 -44.92 -52.76
CA ALA A 706 31.48 -45.45 -53.49
C ALA A 706 31.88 -44.47 -54.58
N TYR A 707 32.34 -43.29 -54.18
CA TYR A 707 32.74 -42.27 -55.13
C TYR A 707 34.05 -42.57 -55.84
N SER A 708 34.10 -42.28 -57.14
CA SER A 708 35.28 -42.49 -57.96
C SER A 708 35.27 -41.46 -59.09
N ASN A 709 36.39 -41.33 -59.80
CA ASN A 709 36.47 -40.34 -60.88
C ASN A 709 35.88 -40.79 -62.21
N ASN A 710 35.05 -41.81 -62.21
CA ASN A 710 34.43 -42.29 -63.44
C ASN A 710 33.33 -43.31 -63.21
N SER A 711 32.67 -43.19 -62.07
CA SER A 711 31.57 -44.05 -61.68
C SER A 711 30.30 -43.25 -61.45
N ILE A 712 29.17 -43.85 -61.83
CA ILE A 712 27.87 -43.23 -61.68
C ILE A 712 26.87 -44.29 -61.27
N ALA A 713 25.86 -43.88 -60.51
CA ALA A 713 24.75 -44.73 -60.14
C ALA A 713 23.49 -44.12 -60.72
N ILE A 714 22.65 -44.95 -61.32
CA ILE A 714 21.43 -44.51 -61.99
C ILE A 714 20.29 -45.39 -61.51
N PRO A 715 19.12 -44.82 -61.20
CA PRO A 715 18.02 -45.63 -60.68
C PRO A 715 17.29 -46.38 -61.79
N THR A 716 16.80 -47.56 -61.46
CA THR A 716 16.07 -48.37 -62.41
C THR A 716 14.59 -48.48 -62.09
N ASN A 717 14.13 -47.95 -60.97
CA ASN A 717 12.72 -48.04 -60.61
C ASN A 717 12.37 -46.79 -59.81
N PHE A 718 11.13 -46.74 -59.31
CA PHE A 718 10.72 -45.63 -58.48
C PHE A 718 9.62 -46.10 -57.53
N THR A 719 9.36 -45.29 -56.52
CA THR A 719 8.19 -45.44 -55.69
C THR A 719 7.42 -44.12 -55.63
N ILE A 720 6.11 -44.23 -55.63
CA ILE A 720 5.22 -43.11 -55.39
C ILE A 720 4.96 -43.06 -53.89
N SER A 721 5.35 -41.98 -53.24
CA SER A 721 5.11 -41.86 -51.81
C SER A 721 4.21 -40.68 -51.53
N VAL A 722 3.45 -40.75 -50.44
CA VAL A 722 2.59 -39.65 -50.04
C VAL A 722 2.69 -39.48 -48.52
N THR A 723 2.95 -38.25 -48.09
CA THR A 723 3.13 -37.92 -46.69
C THR A 723 2.19 -36.81 -46.29
N THR A 724 2.07 -36.57 -44.99
CA THR A 724 1.20 -35.53 -44.47
C THR A 724 1.99 -34.38 -43.84
N GLU A 725 1.36 -33.22 -43.81
CA GLU A 725 1.90 -32.07 -43.11
C GLU A 725 0.74 -31.31 -42.47
N ILE A 726 0.83 -31.06 -41.16
CA ILE A 726 -0.25 -30.48 -40.38
C ILE A 726 0.14 -29.07 -39.97
N LEU A 727 -0.78 -28.11 -40.16
CA LEU A 727 -0.48 -26.73 -39.80
C LEU A 727 -1.66 -26.06 -39.11
N PRO A 728 -1.43 -25.39 -37.99
CA PRO A 728 -2.46 -24.54 -37.39
C PRO A 728 -2.70 -23.26 -38.16
N VAL A 729 -3.97 -22.89 -38.33
CA VAL A 729 -4.25 -21.62 -39.00
C VAL A 729 -4.94 -20.66 -38.04
N SER A 730 -5.78 -21.14 -37.13
CA SER A 730 -6.51 -20.23 -36.26
C SER A 730 -6.43 -20.69 -34.81
N MET A 731 -6.90 -19.83 -33.92
CA MET A 731 -7.14 -20.14 -32.53
C MET A 731 -8.48 -19.54 -32.15
N THR A 732 -8.90 -19.73 -30.90
CA THR A 732 -10.25 -19.34 -30.49
C THR A 732 -10.33 -17.86 -30.16
N LYS A 733 -11.42 -17.25 -30.60
CA LYS A 733 -11.68 -15.85 -30.33
C LYS A 733 -12.39 -15.71 -28.99
N THR A 734 -11.72 -15.05 -28.05
CA THR A 734 -12.27 -14.85 -26.73
C THR A 734 -12.45 -13.37 -26.49
N SER A 735 -13.43 -13.04 -25.66
CA SER A 735 -13.63 -11.67 -25.23
C SER A 735 -13.73 -11.67 -23.73
N VAL A 736 -13.25 -10.60 -23.10
CA VAL A 736 -13.42 -10.39 -21.68
C VAL A 736 -14.14 -9.07 -21.50
N ASP A 737 -14.84 -8.97 -20.37
CA ASP A 737 -15.44 -7.72 -19.92
C ASP A 737 -14.71 -7.31 -18.66
N CYS A 738 -13.71 -6.46 -18.81
CA CYS A 738 -12.90 -5.95 -17.69
C CYS A 738 -13.69 -5.71 -16.44
N THR A 739 -14.76 -4.92 -16.52
CA THR A 739 -15.49 -4.52 -15.33
C THR A 739 -16.13 -5.71 -14.64
N MET A 740 -16.68 -6.64 -15.41
CA MET A 740 -17.36 -7.78 -14.81
C MET A 740 -16.36 -8.78 -14.24
N TYR A 741 -15.12 -8.74 -14.69
CA TYR A 741 -14.10 -9.64 -14.17
C TYR A 741 -13.49 -9.06 -12.90
N ILE A 742 -13.18 -7.77 -12.91
CA ILE A 742 -12.49 -7.17 -11.78
C ILE A 742 -13.45 -6.92 -10.63
N CYS A 743 -14.66 -6.48 -10.93
CA CYS A 743 -15.59 -6.06 -9.88
C CYS A 743 -16.77 -7.02 -9.72
N GLY A 744 -17.29 -7.54 -10.82
CA GLY A 744 -18.37 -8.48 -10.71
C GLY A 744 -19.66 -7.84 -10.24
N ASP A 745 -20.06 -6.75 -10.88
CA ASP A 745 -21.35 -6.10 -10.63
C ASP A 745 -21.49 -5.67 -9.17
N SER A 746 -20.64 -4.72 -8.80
CA SER A 746 -20.71 -4.08 -7.48
C SER A 746 -20.25 -2.64 -7.64
N THR A 747 -21.12 -1.69 -7.28
CA THR A 747 -20.86 -0.29 -7.61
C THR A 747 -19.69 0.29 -6.81
N GLU A 748 -19.37 -0.29 -5.67
CA GLU A 748 -18.24 0.21 -4.90
C GLU A 748 -16.93 -0.01 -5.64
N CYS A 749 -16.68 -1.24 -6.09
CA CYS A 749 -15.48 -1.53 -6.85
C CYS A 749 -15.46 -0.78 -8.17
N SER A 750 -16.63 -0.63 -8.80
CA SER A 750 -16.69 -0.01 -10.11
C SER A 750 -16.34 1.46 -10.08
N ASN A 751 -16.57 2.13 -8.97
CA ASN A 751 -16.23 3.54 -8.88
C ASN A 751 -14.75 3.75 -8.61
N LEU A 752 -14.16 2.89 -7.79
CA LEU A 752 -12.72 2.91 -7.59
C LEU A 752 -11.96 2.63 -8.87
N LEU A 753 -12.51 1.80 -9.75
CA LEU A 753 -11.88 1.41 -10.99
C LEU A 753 -11.75 2.58 -11.96
N LEU A 754 -12.69 3.50 -11.95
CA LEU A 754 -12.62 4.70 -12.78
C LEU A 754 -11.35 5.51 -12.55
N GLN A 755 -10.71 5.36 -11.40
CA GLN A 755 -9.50 6.10 -11.13
C GLN A 755 -8.29 5.56 -11.87
N TYR A 756 -8.44 4.46 -12.59
CA TYR A 756 -7.31 3.87 -13.29
C TYR A 756 -7.25 4.27 -14.75
N GLY A 757 -8.17 5.07 -15.20
CA GLY A 757 -8.06 5.65 -16.52
C GLY A 757 -8.75 4.79 -17.57
N SER A 758 -7.99 4.35 -18.56
CA SER A 758 -8.54 3.66 -19.71
C SER A 758 -7.85 2.34 -19.97
N PHE A 759 -7.33 1.69 -18.93
CA PHE A 759 -6.66 0.40 -19.14
C PHE A 759 -7.61 -0.63 -19.73
N CYS A 760 -8.88 -0.55 -19.38
CA CYS A 760 -9.81 -1.59 -19.78
C CYS A 760 -10.46 -1.33 -21.12
N THR A 761 -10.21 -0.17 -21.72
CA THR A 761 -10.55 0.00 -23.12
C THR A 761 -9.43 -0.49 -24.02
N GLN A 762 -8.18 -0.33 -23.56
CA GLN A 762 -7.05 -0.89 -24.26
C GLN A 762 -7.09 -2.40 -24.29
N LEU A 763 -7.38 -3.05 -23.16
CA LEU A 763 -7.42 -4.50 -23.18
C LEU A 763 -8.44 -5.04 -24.16
N ASN A 764 -9.63 -4.44 -24.21
CA ASN A 764 -10.64 -4.86 -25.16
C ASN A 764 -10.25 -4.58 -26.59
N ARG A 765 -9.61 -3.45 -26.85
CA ARG A 765 -9.12 -3.18 -28.20
C ARG A 765 -8.14 -4.25 -28.64
N ALA A 766 -7.24 -4.65 -27.75
CA ALA A 766 -6.27 -5.69 -28.11
C ALA A 766 -6.94 -7.01 -28.43
N LEU A 767 -7.87 -7.44 -27.57
CA LEU A 767 -8.53 -8.70 -27.82
C LEU A 767 -9.40 -8.69 -29.07
N THR A 768 -10.01 -7.55 -29.39
CA THR A 768 -10.78 -7.45 -30.62
C THR A 768 -9.90 -7.50 -31.85
N GLY A 769 -8.76 -6.82 -31.79
CA GLY A 769 -7.81 -6.89 -32.87
C GLY A 769 -7.27 -8.27 -33.13
N ILE A 770 -7.12 -9.10 -32.10
CA ILE A 770 -6.69 -10.46 -32.37
C ILE A 770 -7.84 -11.41 -32.68
N ALA A 771 -9.07 -11.05 -32.37
CA ALA A 771 -10.17 -11.90 -32.81
C ALA A 771 -10.59 -11.65 -34.24
N VAL A 772 -10.29 -10.49 -34.79
CA VAL A 772 -10.59 -10.26 -36.21
C VAL A 772 -9.56 -10.94 -37.12
N GLU A 773 -8.30 -10.94 -36.72
CA GLU A 773 -7.30 -11.58 -37.54
C GLU A 773 -7.39 -13.10 -37.54
N GLN A 774 -8.14 -13.72 -36.63
CA GLN A 774 -8.32 -15.15 -36.73
C GLN A 774 -9.19 -15.54 -37.91
N ASP A 775 -10.17 -14.72 -38.25
CA ASP A 775 -10.94 -14.94 -39.45
C ASP A 775 -10.20 -14.51 -40.69
N LYS A 776 -9.39 -13.47 -40.59
CA LYS A 776 -8.50 -13.17 -41.71
C LYS A 776 -7.51 -14.29 -42.00
N ASN A 777 -7.06 -15.01 -40.97
CA ASN A 777 -6.14 -16.13 -41.19
C ASN A 777 -6.77 -17.23 -42.03
N THR A 778 -8.02 -17.59 -41.73
CA THR A 778 -8.69 -18.67 -42.45
C THR A 778 -9.05 -18.25 -43.86
N GLN A 779 -9.47 -17.00 -44.04
CA GLN A 779 -9.87 -16.55 -45.36
C GLN A 779 -8.73 -16.65 -46.37
N GLU A 780 -7.49 -16.44 -45.95
CA GLU A 780 -6.39 -16.44 -46.88
C GLU A 780 -5.79 -17.80 -47.14
N VAL A 781 -6.11 -18.80 -46.32
CA VAL A 781 -5.69 -20.16 -46.63
C VAL A 781 -6.72 -20.83 -47.52
N PHE A 782 -8.00 -20.58 -47.29
CA PHE A 782 -8.98 -21.45 -47.94
C PHE A 782 -9.72 -20.82 -49.10
N ALA A 783 -9.94 -19.51 -49.10
CA ALA A 783 -10.64 -18.86 -50.21
C ALA A 783 -9.64 -18.54 -51.30
N GLN A 784 -9.10 -19.59 -51.91
CA GLN A 784 -8.14 -19.46 -53.00
C GLN A 784 -8.77 -19.89 -54.32
N VAL A 785 -10.09 -19.84 -54.39
CA VAL A 785 -10.84 -20.16 -55.60
C VAL A 785 -11.90 -19.09 -55.78
N LYS A 786 -12.27 -18.86 -57.02
CA LYS A 786 -13.43 -18.04 -57.34
C LYS A 786 -14.69 -18.88 -57.51
N GLN A 787 -14.60 -19.95 -58.29
CA GLN A 787 -15.71 -20.85 -58.49
C GLN A 787 -15.66 -22.00 -57.49
N ILE A 788 -16.82 -22.58 -57.23
CA ILE A 788 -16.91 -23.83 -56.51
C ILE A 788 -17.00 -24.93 -57.55
N TYR A 789 -15.91 -25.64 -57.76
CA TYR A 789 -15.88 -26.67 -58.78
C TYR A 789 -16.41 -27.97 -58.22
N LYS A 790 -17.13 -28.70 -59.07
CA LYS A 790 -17.65 -30.00 -58.73
C LYS A 790 -17.01 -31.05 -59.63
N THR A 791 -16.89 -32.25 -59.12
CA THR A 791 -16.28 -33.32 -59.86
C THR A 791 -17.33 -34.06 -60.69
N PRO A 792 -16.95 -34.76 -61.75
CA PRO A 792 -17.93 -35.40 -62.61
C PRO A 792 -18.55 -36.60 -61.93
N PRO A 793 -19.78 -36.97 -62.32
CA PRO A 793 -20.40 -38.14 -61.70
C PRO A 793 -19.70 -39.45 -62.02
N ILE A 794 -19.30 -39.69 -63.26
CA ILE A 794 -18.57 -40.89 -63.63
C ILE A 794 -17.07 -40.58 -63.54
N LYS A 795 -16.38 -41.26 -62.63
CA LYS A 795 -15.05 -40.89 -62.20
C LYS A 795 -14.04 -41.93 -62.67
N ASP A 796 -13.51 -41.74 -63.87
CA ASP A 796 -12.45 -42.61 -64.36
C ASP A 796 -11.21 -41.76 -64.59
N PHE A 797 -10.27 -41.83 -63.65
CA PHE A 797 -9.09 -40.99 -63.65
C PHE A 797 -7.84 -41.80 -63.98
N GLY A 798 -7.96 -42.78 -64.84
CA GLY A 798 -6.84 -43.55 -65.32
C GLY A 798 -6.35 -44.64 -64.39
N GLY A 799 -7.17 -45.09 -63.47
CA GLY A 799 -6.77 -46.06 -62.48
C GLY A 799 -6.53 -45.50 -61.11
N PHE A 800 -6.40 -44.18 -61.00
CA PHE A 800 -6.23 -43.52 -59.72
C PHE A 800 -7.58 -43.41 -59.03
N ASN A 801 -7.57 -43.56 -57.71
CA ASN A 801 -8.79 -43.69 -56.92
C ASN A 801 -8.71 -42.66 -55.81
N PHE A 802 -9.58 -41.66 -55.84
CA PHE A 802 -9.59 -40.58 -54.88
C PHE A 802 -10.76 -40.65 -53.91
N SER A 803 -11.29 -41.84 -53.68
CA SER A 803 -12.57 -41.94 -52.98
C SER A 803 -12.48 -41.65 -51.49
N GLN A 804 -11.32 -41.81 -50.87
CA GLN A 804 -11.15 -41.53 -49.46
C GLN A 804 -10.88 -40.06 -49.17
N ILE A 805 -10.71 -39.22 -50.19
CA ILE A 805 -10.50 -37.79 -49.98
C ILE A 805 -11.53 -36.94 -50.71
N LEU A 806 -12.41 -37.51 -51.34
CA LEU A 806 -13.49 -36.76 -51.95
C LEU A 806 -14.70 -36.72 -51.02
N PRO A 807 -15.55 -35.70 -51.11
CA PRO A 807 -16.64 -35.57 -50.15
C PRO A 807 -17.59 -36.75 -50.18
N ASP A 808 -18.17 -37.02 -49.02
CA ASP A 808 -19.07 -38.14 -48.81
C ASP A 808 -20.43 -37.63 -48.36
N PRO A 809 -21.49 -37.81 -49.14
CA PRO A 809 -22.78 -37.19 -48.78
C PRO A 809 -23.43 -37.79 -47.54
N SER A 810 -23.28 -39.09 -47.31
CA SER A 810 -23.85 -39.74 -46.16
C SER A 810 -23.12 -39.46 -44.86
N LYS A 811 -22.10 -38.60 -44.87
CA LYS A 811 -21.28 -38.30 -43.70
C LYS A 811 -21.72 -36.99 -43.07
N PRO A 812 -21.21 -36.65 -41.87
CA PRO A 812 -21.56 -35.36 -41.26
C PRO A 812 -20.83 -34.19 -41.90
N SER A 813 -21.58 -33.15 -42.25
CA SER A 813 -21.12 -31.91 -42.88
C SER A 813 -20.60 -32.15 -44.29
N LYS A 814 -20.87 -33.29 -44.92
CA LYS A 814 -20.41 -33.60 -46.27
C LYS A 814 -18.89 -33.62 -46.33
N ARG A 815 -18.25 -34.19 -45.33
CA ARG A 815 -16.80 -34.29 -45.29
C ARG A 815 -16.33 -35.54 -46.02
N SER A 816 -15.05 -35.54 -46.34
CA SER A 816 -14.42 -36.72 -46.87
C SER A 816 -14.18 -37.73 -45.75
N PRO A 817 -13.80 -38.94 -46.14
CA PRO A 817 -13.54 -40.03 -45.20
C PRO A 817 -12.34 -39.76 -44.30
N ILE A 818 -11.37 -39.01 -44.80
CA ILE A 818 -10.18 -38.71 -44.02
C ILE A 818 -10.36 -37.41 -43.24
N GLU A 819 -11.24 -36.52 -43.69
CA GLU A 819 -11.57 -35.35 -42.89
C GLU A 819 -12.34 -35.69 -41.64
N ASP A 820 -12.97 -36.86 -41.60
CA ASP A 820 -13.66 -37.32 -40.39
C ASP A 820 -12.69 -37.87 -39.35
N LEU A 821 -11.77 -38.73 -39.75
CA LEU A 821 -10.77 -39.21 -38.81
C LEU A 821 -10.03 -38.07 -38.14
N LEU A 822 -9.91 -36.93 -38.81
CA LEU A 822 -9.23 -35.78 -38.22
C LEU A 822 -10.10 -35.05 -37.23
N PHE A 823 -11.40 -34.93 -37.47
CA PHE A 823 -12.27 -34.26 -36.54
C PHE A 823 -12.66 -35.13 -35.36
N ASN A 824 -12.29 -36.40 -35.38
CA ASN A 824 -12.50 -37.28 -34.25
C ASN A 824 -11.27 -37.41 -33.37
N LYS A 825 -10.10 -37.07 -33.88
CA LYS A 825 -8.89 -37.27 -33.11
C LYS A 825 -8.58 -36.06 -32.25
N VAL A 826 -8.89 -34.87 -32.72
CA VAL A 826 -8.70 -33.66 -31.93
C VAL A 826 -10.00 -32.87 -31.80
N LYS A 854 -20.24 -18.24 -20.83
CA LYS A 854 -20.25 -19.13 -19.68
C LYS A 854 -19.10 -18.83 -18.73
N PHE A 855 -19.41 -18.13 -17.65
CA PHE A 855 -18.42 -17.77 -16.65
C PHE A 855 -18.67 -16.37 -16.12
N ASN A 856 -17.60 -15.63 -15.88
CA ASN A 856 -17.70 -14.26 -15.39
C ASN A 856 -16.96 -13.30 -16.30
N GLY A 857 -17.69 -12.62 -17.17
CA GLY A 857 -17.10 -11.68 -18.09
C GLY A 857 -16.28 -12.30 -19.20
N LEU A 858 -16.30 -13.62 -19.36
CA LEU A 858 -15.53 -14.32 -20.38
C LEU A 858 -16.48 -14.94 -21.38
N THR A 859 -16.27 -14.65 -22.66
CA THR A 859 -17.08 -15.25 -23.71
C THR A 859 -16.19 -15.72 -24.86
N VAL A 860 -16.76 -16.61 -25.66
CA VAL A 860 -16.10 -17.18 -26.83
C VAL A 860 -16.95 -16.85 -28.05
N LEU A 861 -16.36 -16.19 -29.01
CA LEU A 861 -17.05 -15.80 -30.23
C LEU A 861 -16.89 -16.88 -31.29
N PRO A 862 -17.92 -17.13 -32.09
CA PRO A 862 -17.84 -18.16 -33.11
C PRO A 862 -17.08 -17.66 -34.33
N PRO A 863 -16.43 -18.56 -35.06
CA PRO A 863 -15.75 -18.15 -36.30
C PRO A 863 -16.73 -17.85 -37.41
N LEU A 864 -16.30 -16.99 -38.33
CA LEU A 864 -17.19 -16.51 -39.39
C LEU A 864 -17.52 -17.61 -40.37
N LEU A 865 -16.53 -18.39 -40.77
CA LEU A 865 -16.74 -19.57 -41.61
C LEU A 865 -17.01 -20.77 -40.74
N THR A 866 -18.11 -21.46 -41.02
CA THR A 866 -18.42 -22.70 -40.33
C THR A 866 -17.49 -23.80 -40.81
N ASP A 867 -17.60 -24.99 -40.24
CA ASP A 867 -16.79 -26.10 -40.72
C ASP A 867 -17.32 -26.64 -42.04
N GLU A 868 -18.61 -26.50 -42.27
CA GLU A 868 -19.21 -26.90 -43.52
C GLU A 868 -18.68 -26.06 -44.68
N MET A 869 -18.55 -24.77 -44.48
CA MET A 869 -18.02 -23.88 -45.49
C MET A 869 -16.57 -24.19 -45.82
N ILE A 870 -15.75 -24.52 -44.83
CA ILE A 870 -14.37 -24.84 -45.09
C ILE A 870 -14.23 -26.19 -45.79
N ALA A 871 -15.08 -27.15 -45.46
CA ALA A 871 -15.04 -28.40 -46.21
C ALA A 871 -15.49 -28.21 -47.65
N GLN A 872 -16.45 -27.32 -47.88
CA GLN A 872 -16.79 -26.91 -49.23
C GLN A 872 -15.63 -26.30 -50.00
N TYR A 873 -14.85 -25.42 -49.35
CA TYR A 873 -13.69 -24.83 -50.00
C TYR A 873 -12.65 -25.88 -50.38
N THR A 874 -12.35 -26.81 -49.47
CA THR A 874 -11.36 -27.81 -49.83
C THR A 874 -11.86 -28.78 -50.90
N SER A 875 -13.16 -29.08 -50.95
CA SER A 875 -13.61 -29.91 -52.04
C SER A 875 -13.61 -29.18 -53.37
N ALA A 876 -13.82 -27.87 -53.39
CA ALA A 876 -13.62 -27.14 -54.64
C ALA A 876 -12.16 -27.10 -55.08
N LEU A 877 -11.21 -26.93 -54.16
CA LEU A 877 -9.81 -27.01 -54.56
C LEU A 877 -9.45 -28.39 -55.10
N LEU A 878 -9.93 -29.43 -54.44
CA LEU A 878 -9.61 -30.78 -54.82
C LEU A 878 -10.25 -31.20 -56.13
N ALA A 879 -11.44 -30.71 -56.45
CA ALA A 879 -12.04 -31.01 -57.73
C ALA A 879 -11.44 -30.19 -58.86
N GLY A 880 -10.92 -29.01 -58.57
CA GLY A 880 -10.18 -28.23 -59.52
C GLY A 880 -8.89 -28.88 -59.91
N THR A 881 -8.16 -29.44 -58.96
CA THR A 881 -6.88 -30.04 -59.31
C THR A 881 -7.00 -31.42 -59.94
N ILE A 882 -7.96 -32.24 -59.55
CA ILE A 882 -8.13 -33.56 -60.15
C ILE A 882 -8.51 -33.44 -61.62
N THR A 883 -9.01 -32.29 -62.02
CA THR A 883 -9.77 -32.20 -63.25
C THR A 883 -9.18 -31.21 -64.23
N SER A 884 -8.42 -30.22 -63.76
CA SER A 884 -7.84 -29.20 -64.61
C SER A 884 -6.35 -29.02 -64.43
N GLY A 885 -5.72 -29.80 -63.56
CA GLY A 885 -4.34 -29.54 -63.21
C GLY A 885 -4.18 -28.18 -62.57
N TRP A 886 -3.12 -27.49 -62.96
CA TRP A 886 -2.75 -26.20 -62.41
C TRP A 886 -3.32 -25.03 -63.21
N THR A 887 -4.25 -25.27 -64.12
CA THR A 887 -4.75 -24.20 -64.95
C THR A 887 -5.75 -23.31 -64.24
N PHE A 888 -6.45 -23.83 -63.23
CA PHE A 888 -7.49 -23.04 -62.60
C PHE A 888 -6.92 -22.02 -61.62
N GLY A 889 -5.67 -22.21 -61.21
CA GLY A 889 -5.03 -21.23 -60.36
C GLY A 889 -4.37 -20.10 -61.12
N ALA A 890 -4.51 -20.10 -62.45
CA ALA A 890 -3.98 -19.04 -63.28
C ALA A 890 -5.03 -18.37 -64.14
N GLY A 891 -6.27 -18.85 -64.11
CA GLY A 891 -7.30 -18.34 -65.01
C GLY A 891 -8.49 -19.24 -64.98
N PRO A 892 -9.11 -19.43 -66.14
CA PRO A 892 -10.26 -20.32 -66.28
C PRO A 892 -9.79 -21.77 -66.35
N ALA A 893 -10.45 -22.65 -65.61
CA ALA A 893 -10.09 -24.06 -65.56
C ALA A 893 -10.25 -24.72 -66.93
N LEU A 894 -9.20 -25.37 -67.39
CA LEU A 894 -9.23 -26.13 -68.63
C LEU A 894 -9.02 -27.60 -68.32
N GLN A 895 -9.97 -28.43 -68.72
CA GLN A 895 -9.90 -29.84 -68.42
C GLN A 895 -8.83 -30.52 -69.27
N ILE A 896 -8.29 -31.61 -68.71
CA ILE A 896 -7.27 -32.43 -69.34
C ILE A 896 -7.44 -33.81 -68.72
N PRO A 897 -7.26 -34.90 -69.47
CA PRO A 897 -7.35 -36.23 -68.84
C PRO A 897 -6.28 -36.43 -67.78
N PHE A 898 -6.59 -37.21 -66.75
CA PHE A 898 -5.73 -37.22 -65.57
C PHE A 898 -4.36 -37.82 -65.84
N PRO A 899 -4.31 -38.82 -66.71
CA PRO A 899 -3.04 -39.48 -67.06
C PRO A 899 -2.11 -38.51 -67.79
N MET A 900 -2.67 -37.65 -68.65
CA MET A 900 -1.86 -36.70 -69.37
C MET A 900 -1.35 -35.59 -68.45
N GLN A 901 -2.13 -35.24 -67.44
CA GLN A 901 -1.66 -34.33 -66.42
C GLN A 901 -0.51 -34.94 -65.63
N MET A 902 -0.63 -36.21 -65.26
CA MET A 902 0.45 -36.94 -64.60
C MET A 902 1.70 -36.98 -65.46
N ALA A 903 1.57 -37.11 -66.77
CA ALA A 903 2.72 -37.06 -67.66
C ALA A 903 3.37 -35.69 -67.71
N TYR A 904 2.60 -34.62 -67.73
CA TYR A 904 3.18 -33.28 -67.60
C TYR A 904 3.96 -33.11 -66.30
N ARG A 905 3.42 -33.60 -65.19
CA ARG A 905 4.13 -33.51 -63.93
C ARG A 905 5.40 -34.34 -63.93
N PHE A 906 5.42 -35.49 -64.60
CA PHE A 906 6.67 -36.24 -64.74
C PHE A 906 7.68 -35.47 -65.56
N ASN A 907 7.24 -34.79 -66.62
CA ASN A 907 8.12 -33.89 -67.35
C ASN A 907 8.70 -32.82 -66.44
N GLY A 908 7.92 -32.33 -65.49
CA GLY A 908 8.40 -31.26 -64.64
C GLY A 908 9.50 -31.66 -63.69
N ILE A 909 9.66 -32.96 -63.41
CA ILE A 909 10.77 -33.43 -62.60
C ILE A 909 11.88 -34.05 -63.45
N GLY A 910 11.82 -33.91 -64.77
CA GLY A 910 12.88 -34.41 -65.61
C GLY A 910 12.83 -35.88 -65.98
N VAL A 911 11.66 -36.50 -65.99
CA VAL A 911 11.49 -37.84 -66.54
C VAL A 911 10.66 -37.70 -67.82
N THR A 912 10.86 -38.60 -68.76
CA THR A 912 10.10 -38.50 -69.99
C THR A 912 8.71 -39.12 -69.82
N GLN A 913 7.84 -38.84 -70.79
CA GLN A 913 6.43 -39.16 -70.67
C GLN A 913 6.14 -40.63 -70.92
N ASN A 914 6.88 -41.26 -71.81
CA ASN A 914 6.74 -42.69 -72.01
C ASN A 914 6.98 -43.48 -70.73
N VAL A 915 7.76 -42.96 -69.79
CA VAL A 915 7.96 -43.66 -68.52
C VAL A 915 6.68 -43.68 -67.69
N LEU A 916 5.83 -42.66 -67.80
CA LEU A 916 4.52 -42.74 -67.17
C LEU A 916 3.58 -43.63 -67.96
N TYR A 917 3.55 -43.48 -69.28
CA TYR A 917 2.51 -44.17 -70.02
C TYR A 917 2.76 -45.68 -70.08
N GLU A 918 4.01 -46.11 -69.94
CA GLU A 918 4.29 -47.53 -69.94
C GLU A 918 4.24 -48.16 -68.57
N ASN A 919 4.08 -47.36 -67.52
CA ASN A 919 4.03 -47.82 -66.15
C ASN A 919 2.77 -47.32 -65.46
N GLN A 920 1.76 -46.98 -66.26
CA GLN A 920 0.53 -46.40 -65.72
C GLN A 920 -0.10 -47.26 -64.62
N LYS A 921 -0.33 -48.54 -64.86
CA LYS A 921 -1.02 -49.34 -63.86
C LYS A 921 -0.19 -49.51 -62.60
N LEU A 922 1.12 -49.62 -62.73
CA LEU A 922 1.96 -49.75 -61.55
C LEU A 922 1.99 -48.46 -60.74
N ILE A 923 2.05 -47.31 -61.41
CA ILE A 923 2.07 -46.03 -60.72
C ILE A 923 0.74 -45.77 -60.04
N ALA A 924 -0.36 -46.17 -60.67
CA ALA A 924 -1.67 -46.04 -60.06
C ALA A 924 -1.87 -46.97 -58.89
N ASN A 925 -1.39 -48.21 -58.96
CA ASN A 925 -1.46 -49.11 -57.83
C ASN A 925 -0.62 -48.62 -56.66
N GLN A 926 0.58 -48.14 -56.91
CA GLN A 926 1.38 -47.56 -55.83
C GLN A 926 0.71 -46.37 -55.18
N PHE A 927 0.10 -45.48 -55.98
CA PHE A 927 -0.60 -44.36 -55.40
C PHE A 927 -1.78 -44.81 -54.55
N ASN A 928 -2.59 -45.75 -55.04
CA ASN A 928 -3.76 -46.20 -54.28
C ASN A 928 -3.35 -46.88 -52.98
N SER A 929 -2.33 -47.72 -53.05
CA SER A 929 -1.84 -48.40 -51.85
C SER A 929 -1.20 -47.46 -50.86
N ALA A 930 -0.67 -46.33 -51.31
CA ALA A 930 -0.09 -45.36 -50.39
C ALA A 930 -1.10 -44.41 -49.80
N ILE A 931 -2.20 -44.14 -50.50
CA ILE A 931 -3.31 -43.42 -49.90
C ILE A 931 -4.01 -44.30 -48.87
N GLY A 932 -4.02 -45.61 -49.10
CA GLY A 932 -4.59 -46.52 -48.13
C GLY A 932 -3.85 -46.60 -46.80
N LYS A 933 -2.61 -46.17 -46.76
CA LYS A 933 -1.85 -46.25 -45.52
C LYS A 933 -1.96 -45.01 -44.66
N ILE A 934 -2.16 -43.84 -45.27
CA ILE A 934 -2.51 -42.65 -44.49
C ILE A 934 -3.70 -42.95 -43.62
N GLN A 935 -4.70 -43.62 -44.19
CA GLN A 935 -5.95 -43.87 -43.49
C GLN A 935 -5.73 -44.80 -42.29
N ASP A 936 -4.85 -45.79 -42.42
CA ASP A 936 -4.52 -46.63 -41.28
C ASP A 936 -3.74 -45.88 -40.23
N SER A 937 -2.64 -45.24 -40.63
CA SER A 937 -1.81 -44.54 -39.66
C SER A 937 -2.56 -43.46 -38.91
N LEU A 938 -3.57 -42.85 -39.50
CA LEU A 938 -4.38 -41.90 -38.72
C LEU A 938 -5.46 -42.61 -37.93
N SER A 939 -6.15 -43.57 -38.52
CA SER A 939 -7.21 -44.30 -37.84
C SER A 939 -6.70 -45.07 -36.62
N SER A 940 -5.41 -45.34 -36.53
CA SER A 940 -4.87 -46.13 -35.44
C SER A 940 -4.41 -45.25 -34.29
N ALA A 944 -0.83 -37.97 -33.55
CA ALA A 944 -0.20 -37.45 -34.76
C ALA A 944 -0.60 -36.00 -35.03
N LEU A 945 -1.76 -35.60 -34.55
CA LEU A 945 -2.18 -34.20 -34.61
C LEU A 945 -1.78 -33.46 -33.34
N GLY A 946 -0.53 -33.61 -32.93
CA GLY A 946 -0.06 -32.93 -31.75
C GLY A 946 0.09 -31.44 -31.90
N LYS A 947 0.36 -30.94 -33.09
CA LYS A 947 0.48 -29.49 -33.27
C LYS A 947 -0.87 -28.83 -32.93
N LEU A 948 -1.93 -29.32 -33.56
CA LEU A 948 -3.27 -28.83 -33.34
C LEU A 948 -3.66 -29.02 -31.88
N GLN A 949 -3.39 -30.20 -31.35
CA GLN A 949 -3.71 -30.47 -29.97
C GLN A 949 -3.02 -29.43 -29.10
N ASP A 950 -1.73 -29.26 -29.29
CA ASP A 950 -0.95 -28.30 -28.53
C ASP A 950 -1.61 -26.93 -28.54
N VAL A 951 -1.96 -26.43 -29.72
CA VAL A 951 -2.60 -25.12 -29.76
C VAL A 951 -3.90 -25.13 -28.96
N VAL A 952 -4.82 -26.01 -29.30
CA VAL A 952 -6.10 -26.10 -28.60
C VAL A 952 -5.94 -26.16 -27.08
N ASN A 953 -4.81 -26.69 -26.62
CA ASN A 953 -4.55 -26.81 -25.19
C ASN A 953 -4.01 -25.54 -24.54
N GLN A 954 -2.92 -25.00 -25.10
CA GLN A 954 -2.32 -23.79 -24.54
C GLN A 954 -3.33 -22.73 -24.12
N ASN A 955 -4.33 -22.52 -24.95
CA ASN A 955 -5.40 -21.57 -24.71
C ASN A 955 -6.26 -21.94 -23.52
N ALA A 956 -6.62 -23.21 -23.39
CA ALA A 956 -7.39 -23.64 -22.21
C ALA A 956 -6.61 -23.49 -20.91
N GLN A 957 -5.33 -23.84 -20.91
CA GLN A 957 -4.51 -23.66 -19.72
C GLN A 957 -4.38 -22.20 -19.33
N ALA A 958 -4.43 -21.28 -20.29
CA ALA A 958 -4.37 -19.88 -19.93
C ALA A 958 -5.72 -19.36 -19.42
N LEU A 959 -6.81 -19.77 -20.06
CA LEU A 959 -8.11 -19.34 -19.59
C LEU A 959 -8.42 -19.89 -18.19
N ASN A 960 -7.89 -21.05 -17.84
CA ASN A 960 -8.14 -21.56 -16.50
C ASN A 960 -7.32 -20.80 -15.46
N THR A 961 -6.08 -20.49 -15.78
CA THR A 961 -5.28 -19.67 -14.89
C THR A 961 -5.88 -18.29 -14.69
N LEU A 962 -6.57 -17.74 -15.69
CA LEU A 962 -7.23 -16.46 -15.49
C LEU A 962 -8.35 -16.54 -14.45
N VAL A 963 -9.17 -17.58 -14.51
CA VAL A 963 -10.28 -17.70 -13.57
C VAL A 963 -9.78 -18.09 -12.19
N LYS A 964 -8.77 -18.94 -12.10
CA LYS A 964 -8.25 -19.35 -10.80
C LYS A 964 -7.59 -18.21 -10.05
N GLN A 965 -7.42 -17.04 -10.65
CA GLN A 965 -6.87 -15.89 -9.96
C GLN A 965 -7.94 -15.07 -9.27
N LEU A 966 -9.20 -15.36 -9.52
CA LEU A 966 -10.31 -14.67 -8.87
C LEU A 966 -10.49 -15.15 -7.44
N SER A 967 -9.58 -15.98 -6.96
CA SER A 967 -9.65 -16.49 -5.61
C SER A 967 -8.33 -16.36 -4.89
N SER A 968 -7.62 -15.27 -5.14
CA SER A 968 -6.43 -14.93 -4.38
C SER A 968 -6.66 -13.58 -3.71
N ASN A 969 -6.01 -13.40 -2.57
CA ASN A 969 -6.20 -12.19 -1.78
C ASN A 969 -5.35 -11.05 -2.27
N PHE A 970 -4.13 -11.33 -2.72
CA PHE A 970 -3.12 -10.33 -3.03
C PHE A 970 -2.83 -9.44 -1.83
N GLY A 971 -3.01 -9.95 -0.62
CA GLY A 971 -2.81 -9.15 0.57
C GLY A 971 -4.04 -8.40 1.01
N ALA A 972 -5.15 -9.12 1.16
CA ALA A 972 -6.38 -8.55 1.64
C ALA A 972 -6.98 -9.53 2.63
N ILE A 973 -8.11 -9.16 3.23
CA ILE A 973 -8.70 -10.02 4.23
C ILE A 973 -9.45 -11.19 3.62
N SER A 974 -10.02 -11.04 2.43
CA SER A 974 -10.62 -12.17 1.74
C SER A 974 -10.50 -11.94 0.25
N SER A 975 -11.16 -12.81 -0.52
CA SER A 975 -11.21 -12.73 -1.97
C SER A 975 -12.59 -12.33 -2.46
N VAL A 976 -13.52 -12.04 -1.56
CA VAL A 976 -14.91 -11.78 -1.90
C VAL A 976 -15.20 -10.33 -1.57
N LEU A 977 -15.84 -9.62 -2.50
CA LEU A 977 -16.21 -8.24 -2.22
C LEU A 977 -17.40 -8.15 -1.28
N ASN A 978 -18.24 -9.18 -1.24
CA ASN A 978 -19.33 -9.21 -0.28
C ASN A 978 -18.86 -9.55 1.12
N ASP A 979 -17.57 -9.85 1.30
CA ASP A 979 -17.00 -10.02 2.63
C ASP A 979 -16.20 -8.83 3.10
N ILE A 980 -15.67 -8.02 2.20
CA ILE A 980 -15.08 -6.76 2.61
C ILE A 980 -16.14 -5.68 2.75
N LEU A 981 -17.25 -5.81 2.02
CA LEU A 981 -18.36 -4.89 2.20
C LEU A 981 -19.32 -5.32 3.29
N SER A 982 -18.94 -6.28 4.15
CA SER A 982 -19.79 -6.72 5.23
C SER A 982 -19.12 -6.67 6.60
N ARG A 983 -17.78 -6.67 6.66
CA ARG A 983 -17.12 -6.53 7.95
C ARG A 983 -16.08 -5.42 7.88
N LEU A 984 -16.41 -4.33 7.21
CA LEU A 984 -15.55 -3.15 7.18
C LEU A 984 -16.42 -1.96 6.82
N ASP A 985 -16.13 -0.84 7.44
CA ASP A 985 -16.79 0.41 7.09
C ASP A 985 -16.17 0.99 5.83
N PRO A 986 -16.91 1.80 5.09
CA PRO A 986 -16.46 2.26 3.78
C PRO A 986 -15.06 2.85 3.79
N PRO A 987 -14.65 3.60 4.82
CA PRO A 987 -13.27 4.11 4.80
C PRO A 987 -12.21 3.03 4.90
N GLU A 988 -12.53 1.88 5.47
CA GLU A 988 -11.57 0.79 5.60
C GLU A 988 -11.67 -0.22 4.48
N ALA A 989 -12.80 -0.27 3.78
CA ALA A 989 -12.95 -1.22 2.70
C ALA A 989 -12.36 -0.71 1.40
N GLU A 990 -12.15 0.60 1.26
CA GLU A 990 -11.44 1.11 0.09
C GLU A 990 -10.03 0.56 0.01
N VAL A 991 -9.33 0.52 1.14
CA VAL A 991 -7.94 0.08 1.14
C VAL A 991 -7.84 -1.39 0.81
N GLN A 992 -8.86 -2.16 1.16
CA GLN A 992 -8.84 -3.58 0.90
C GLN A 992 -9.35 -3.91 -0.50
N ILE A 993 -10.23 -3.08 -1.04
CA ILE A 993 -10.71 -3.28 -2.40
C ILE A 993 -9.63 -2.91 -3.40
N ASP A 994 -8.85 -1.87 -3.11
CA ASP A 994 -7.77 -1.51 -4.02
C ASP A 994 -6.71 -2.60 -4.15
N ARG A 995 -6.44 -3.34 -3.08
CA ARG A 995 -5.47 -4.42 -3.17
C ARG A 995 -5.93 -5.53 -4.09
N LEU A 996 -7.24 -5.77 -4.15
CA LEU A 996 -7.79 -6.72 -5.10
C LEU A 996 -7.80 -6.18 -6.51
N ILE A 997 -8.16 -4.91 -6.67
CA ILE A 997 -8.19 -4.31 -7.99
C ILE A 997 -6.83 -4.37 -8.65
N THR A 998 -5.78 -4.02 -7.91
CA THR A 998 -4.45 -4.03 -8.49
C THR A 998 -4.03 -5.42 -8.95
N GLY A 999 -4.26 -6.43 -8.13
CA GLY A 999 -3.94 -7.79 -8.49
C GLY A 999 -4.70 -8.30 -9.68
N ARG A 1000 -6.00 -8.10 -9.71
CA ARG A 1000 -6.81 -8.55 -10.83
C ARG A 1000 -6.48 -7.83 -12.13
N LEU A 1001 -6.16 -6.54 -12.06
CA LEU A 1001 -5.71 -5.84 -13.26
C LEU A 1001 -4.41 -6.41 -13.77
N GLN A 1002 -3.46 -6.66 -12.87
CA GLN A 1002 -2.21 -7.29 -13.28
C GLN A 1002 -2.44 -8.62 -13.98
N SER A 1003 -3.32 -9.43 -13.43
CA SER A 1003 -3.54 -10.76 -14.01
C SER A 1003 -4.22 -10.69 -15.36
N LEU A 1004 -5.21 -9.82 -15.51
CA LEU A 1004 -5.84 -9.63 -16.81
C LEU A 1004 -4.87 -9.11 -17.85
N GLN A 1005 -3.98 -8.20 -17.47
CA GLN A 1005 -3.07 -7.66 -18.46
C GLN A 1005 -1.97 -8.66 -18.83
N THR A 1006 -1.57 -9.52 -17.91
CA THR A 1006 -0.68 -10.62 -18.27
C THR A 1006 -1.33 -11.56 -19.27
N TYR A 1007 -2.59 -11.93 -19.02
CA TYR A 1007 -3.33 -12.71 -19.99
C TYR A 1007 -3.35 -12.05 -21.36
N VAL A 1008 -3.54 -10.74 -21.42
CA VAL A 1008 -3.67 -10.11 -22.73
C VAL A 1008 -2.31 -9.99 -23.44
N THR A 1009 -1.21 -9.86 -22.71
CA THR A 1009 0.09 -9.85 -23.37
C THR A 1009 0.44 -11.22 -23.96
N GLN A 1010 0.24 -12.28 -23.20
CA GLN A 1010 0.61 -13.59 -23.71
C GLN A 1010 -0.23 -14.05 -24.88
N GLN A 1011 -1.46 -13.56 -25.01
CA GLN A 1011 -2.27 -13.81 -26.19
C GLN A 1011 -1.77 -13.09 -27.43
N LEU A 1012 -1.29 -11.86 -27.30
CA LEU A 1012 -0.66 -11.19 -28.42
C LEU A 1012 0.56 -11.96 -28.91
N ILE A 1013 1.35 -12.47 -27.97
CA ILE A 1013 2.55 -13.18 -28.37
C ILE A 1013 2.23 -14.54 -28.98
N ARG A 1014 1.16 -15.18 -28.55
CA ARG A 1014 0.75 -16.45 -29.14
C ARG A 1014 0.03 -16.28 -30.48
N ALA A 1015 -0.71 -15.19 -30.65
CA ALA A 1015 -1.34 -14.91 -31.93
C ALA A 1015 -0.32 -14.52 -32.99
N ALA A 1016 0.75 -13.81 -32.65
CA ALA A 1016 1.78 -13.53 -33.64
C ALA A 1016 2.47 -14.78 -34.15
N GLU A 1017 2.40 -15.88 -33.41
CA GLU A 1017 2.99 -17.13 -33.86
C GLU A 1017 2.02 -17.94 -34.70
N ILE A 1018 0.73 -17.94 -34.32
CA ILE A 1018 -0.28 -18.56 -35.17
C ILE A 1018 -0.37 -17.86 -36.52
N ARG A 1019 -0.09 -16.56 -36.55
CA ARG A 1019 -0.19 -15.81 -37.79
C ARG A 1019 0.86 -16.24 -38.79
N ALA A 1020 2.07 -16.50 -38.34
CA ALA A 1020 3.13 -16.96 -39.23
C ALA A 1020 2.90 -18.36 -39.76
N SER A 1021 2.32 -19.24 -38.96
CA SER A 1021 1.92 -20.55 -39.41
C SER A 1021 0.85 -20.50 -40.47
N ALA A 1022 -0.18 -19.68 -40.29
CA ALA A 1022 -1.18 -19.49 -41.31
C ALA A 1022 -0.63 -18.83 -42.57
N ASN A 1023 0.37 -17.96 -42.44
CA ASN A 1023 1.01 -17.39 -43.62
C ASN A 1023 1.80 -18.41 -44.40
N LEU A 1024 2.43 -19.37 -43.71
CA LEU A 1024 3.07 -20.48 -44.39
C LEU A 1024 2.09 -21.43 -45.04
N ALA A 1025 0.96 -21.72 -44.38
CA ALA A 1025 -0.08 -22.54 -44.96
C ALA A 1025 -0.68 -21.92 -46.21
N ALA A 1026 -0.83 -20.62 -46.23
CA ALA A 1026 -1.34 -19.95 -47.42
C ALA A 1026 -0.37 -20.01 -48.59
N THR A 1027 0.92 -20.00 -48.33
CA THR A 1027 1.93 -20.15 -49.37
C THR A 1027 2.03 -21.58 -49.88
N LYS A 1028 1.92 -22.56 -49.00
CA LYS A 1028 1.87 -23.94 -49.44
C LYS A 1028 0.62 -24.26 -50.23
N MET A 1029 -0.53 -23.69 -49.90
CA MET A 1029 -1.70 -23.90 -50.73
C MET A 1029 -1.51 -23.34 -52.13
N SER A 1030 -0.81 -22.22 -52.28
CA SER A 1030 -0.55 -21.65 -53.59
C SER A 1030 0.48 -22.44 -54.38
N GLU A 1031 1.54 -22.87 -53.71
CA GLU A 1031 2.70 -23.38 -54.40
C GLU A 1031 2.73 -24.90 -54.49
N CYS A 1032 2.01 -25.62 -53.65
CA CYS A 1032 1.97 -27.07 -53.74
C CYS A 1032 0.64 -27.61 -54.23
N VAL A 1033 -0.46 -26.90 -54.02
CA VAL A 1033 -1.76 -27.38 -54.45
C VAL A 1033 -2.17 -26.80 -55.79
N LEU A 1034 -1.92 -25.51 -56.03
CA LEU A 1034 -2.22 -24.93 -57.34
C LEU A 1034 -1.01 -24.88 -58.26
N GLY A 1035 0.08 -25.55 -57.91
CA GLY A 1035 1.21 -25.63 -58.79
C GLY A 1035 2.02 -26.87 -58.58
N GLN A 1036 3.15 -26.97 -59.26
CA GLN A 1036 4.20 -27.94 -58.98
C GLN A 1036 5.44 -27.18 -58.54
N SER A 1037 5.92 -27.47 -57.35
CA SER A 1037 7.07 -26.74 -56.83
C SER A 1037 8.38 -27.42 -57.18
N LYS A 1038 9.40 -26.60 -57.43
CA LYS A 1038 10.77 -27.07 -57.61
C LYS A 1038 11.63 -26.86 -56.38
N ARG A 1039 11.18 -26.05 -55.42
CA ARG A 1039 11.90 -25.88 -54.17
C ARG A 1039 12.10 -27.21 -53.48
N VAL A 1040 13.28 -27.46 -52.96
CA VAL A 1040 13.60 -28.75 -52.35
C VAL A 1040 13.01 -28.81 -50.96
N ASP A 1041 12.29 -29.89 -50.67
CA ASP A 1041 11.71 -30.17 -49.35
C ASP A 1041 10.74 -29.09 -48.90
N PHE A 1042 9.97 -28.55 -49.83
CA PHE A 1042 8.93 -27.61 -49.49
C PHE A 1042 7.55 -28.22 -49.54
N CYS A 1043 7.36 -29.21 -50.39
CA CYS A 1043 6.10 -29.91 -50.57
C CYS A 1043 6.35 -31.40 -50.46
N GLY A 1044 7.02 -31.81 -49.38
CA GLY A 1044 7.32 -33.20 -49.13
C GLY A 1044 8.80 -33.48 -49.30
N LYS A 1045 9.14 -34.76 -49.24
CA LYS A 1045 10.51 -35.21 -49.41
C LYS A 1045 10.57 -36.19 -50.56
N GLY A 1046 11.33 -35.84 -51.57
CA GLY A 1046 11.32 -36.46 -52.88
C GLY A 1046 11.20 -35.38 -53.91
N TYR A 1047 10.72 -35.75 -55.09
CA TYR A 1047 10.43 -34.78 -56.13
C TYR A 1047 8.94 -34.53 -56.18
N HIS A 1048 8.52 -33.29 -55.95
CA HIS A 1048 7.11 -33.00 -55.83
C HIS A 1048 6.37 -33.31 -57.10
N LEU A 1049 5.32 -34.12 -57.00
CA LEU A 1049 4.36 -34.28 -58.07
C LEU A 1049 3.13 -33.45 -57.84
N MET A 1050 2.41 -33.66 -56.74
CA MET A 1050 1.17 -32.92 -56.52
C MET A 1050 0.79 -32.97 -55.05
N SER A 1051 -0.15 -32.13 -54.66
CA SER A 1051 -0.56 -32.00 -53.26
C SER A 1051 -2.08 -31.90 -53.19
N PHE A 1052 -2.64 -32.41 -52.09
CA PHE A 1052 -4.08 -32.36 -51.84
C PHE A 1052 -4.37 -31.79 -50.46
N PRO A 1053 -5.27 -30.82 -50.34
CA PRO A 1053 -5.63 -30.29 -49.02
C PRO A 1053 -6.80 -31.01 -48.35
N GLN A 1054 -6.74 -31.04 -47.03
CA GLN A 1054 -7.82 -31.54 -46.19
C GLN A 1054 -7.97 -30.61 -44.99
N SER A 1055 -9.21 -30.33 -44.61
CA SER A 1055 -9.44 -29.45 -43.49
C SER A 1055 -9.33 -30.22 -42.18
N ALA A 1056 -8.88 -29.53 -41.14
CA ALA A 1056 -8.74 -30.06 -39.80
C ALA A 1056 -9.40 -29.08 -38.85
N PRO A 1057 -9.58 -29.46 -37.57
CA PRO A 1057 -10.25 -28.56 -36.62
C PRO A 1057 -9.83 -27.09 -36.62
N HIS A 1058 -8.57 -26.76 -36.43
CA HIS A 1058 -8.14 -25.36 -36.53
C HIS A 1058 -6.97 -25.23 -37.47
N GLY A 1059 -6.94 -26.05 -38.50
CA GLY A 1059 -5.83 -26.03 -39.40
C GLY A 1059 -6.08 -26.81 -40.64
N VAL A 1060 -4.99 -27.18 -41.30
CA VAL A 1060 -5.06 -27.83 -42.59
C VAL A 1060 -4.00 -28.91 -42.65
N VAL A 1061 -4.34 -30.02 -43.31
CA VAL A 1061 -3.44 -31.12 -43.59
C VAL A 1061 -3.17 -31.12 -45.09
N PHE A 1062 -1.92 -31.17 -45.48
CA PHE A 1062 -1.54 -31.38 -46.87
C PHE A 1062 -1.09 -32.81 -47.04
N LEU A 1063 -1.58 -33.46 -48.07
CA LEU A 1063 -1.11 -34.77 -48.52
C LEU A 1063 -0.23 -34.55 -49.73
N HIS A 1064 1.07 -34.77 -49.57
CA HIS A 1064 2.05 -34.53 -50.61
C HIS A 1064 2.35 -35.84 -51.33
N VAL A 1065 2.25 -35.83 -52.65
CA VAL A 1065 2.58 -36.96 -53.51
C VAL A 1065 3.88 -36.63 -54.21
N THR A 1066 4.91 -37.44 -53.96
CA THR A 1066 6.23 -37.24 -54.55
C THR A 1066 6.73 -38.53 -55.19
N TYR A 1067 7.69 -38.34 -56.07
CA TYR A 1067 8.41 -39.39 -56.78
C TYR A 1067 9.72 -39.64 -56.07
N VAL A 1068 10.05 -40.91 -55.83
CA VAL A 1068 11.31 -41.27 -55.19
C VAL A 1068 12.01 -42.31 -56.05
N PRO A 1069 13.24 -42.08 -56.49
CA PRO A 1069 13.92 -43.10 -57.30
C PRO A 1069 14.42 -44.26 -56.46
N ALA A 1070 14.53 -45.43 -57.10
CA ALA A 1070 14.83 -46.65 -56.38
C ALA A 1070 15.65 -47.58 -57.24
N GLN A 1071 16.31 -48.52 -56.56
CA GLN A 1071 17.01 -49.65 -57.16
C GLN A 1071 18.11 -49.25 -58.13
N GLU A 1072 19.15 -48.60 -57.64
CA GLU A 1072 20.19 -48.05 -58.49
C GLU A 1072 21.24 -49.09 -58.86
N LYS A 1073 21.86 -48.88 -60.02
CA LYS A 1073 23.00 -49.66 -60.46
C LYS A 1073 24.15 -48.70 -60.71
N ASN A 1074 25.39 -49.17 -60.58
CA ASN A 1074 26.50 -48.39 -61.11
C ASN A 1074 26.88 -48.81 -62.52
N PHE A 1075 27.33 -47.83 -63.28
CA PHE A 1075 27.93 -47.94 -64.59
C PHE A 1075 29.21 -47.13 -64.56
N THR A 1076 29.93 -47.06 -65.67
CA THR A 1076 31.06 -46.14 -65.77
C THR A 1076 30.70 -45.04 -66.76
N THR A 1077 31.21 -43.84 -66.54
CA THR A 1077 30.85 -42.67 -67.30
C THR A 1077 32.06 -42.03 -67.96
N ALA A 1078 31.76 -41.16 -68.92
CA ALA A 1078 32.70 -40.26 -69.53
C ALA A 1078 32.00 -38.94 -69.78
N PRO A 1079 32.72 -37.85 -69.82
CA PRO A 1079 32.09 -36.56 -70.09
C PRO A 1079 31.73 -36.32 -71.54
N ALA A 1080 32.48 -36.92 -72.46
CA ALA A 1080 32.31 -36.68 -73.89
C ALA A 1080 32.79 -37.92 -74.62
N ILE A 1081 32.49 -37.98 -75.91
CA ILE A 1081 32.92 -39.07 -76.77
C ILE A 1081 33.74 -38.48 -77.89
N CYS A 1082 34.89 -39.06 -78.19
CA CYS A 1082 35.70 -38.60 -79.31
C CYS A 1082 35.42 -39.46 -80.53
N HIS A 1083 35.22 -38.81 -81.66
CA HIS A 1083 34.91 -39.51 -82.90
C HIS A 1083 35.24 -38.58 -84.06
N ASP A 1084 36.03 -39.09 -85.00
CA ASP A 1084 36.47 -38.31 -86.17
C ASP A 1084 37.20 -37.05 -85.75
N GLY A 1085 37.87 -37.09 -84.62
CA GLY A 1085 38.59 -35.93 -84.15
C GLY A 1085 37.72 -34.87 -83.51
N LYS A 1086 36.45 -35.16 -83.27
CA LYS A 1086 35.55 -34.22 -82.64
C LYS A 1086 35.10 -34.73 -81.28
N ALA A 1087 34.64 -33.81 -80.45
CA ALA A 1087 34.16 -34.14 -79.11
C ALA A 1087 32.64 -33.96 -79.05
N HIS A 1088 31.93 -34.98 -78.58
CA HIS A 1088 30.49 -35.01 -78.57
C HIS A 1088 30.00 -35.04 -77.13
N PHE A 1089 28.99 -34.25 -76.85
CA PHE A 1089 28.36 -34.14 -75.55
C PHE A 1089 26.90 -34.50 -75.66
N PRO A 1090 26.30 -35.10 -74.65
CA PRO A 1090 24.89 -35.47 -74.74
C PRO A 1090 23.98 -34.25 -74.66
N ARG A 1091 22.90 -34.30 -75.45
CA ARG A 1091 21.97 -33.19 -75.46
C ARG A 1091 21.20 -33.07 -74.15
N GLU A 1092 20.67 -34.18 -73.63
CA GLU A 1092 19.98 -34.13 -72.35
C GLU A 1092 20.22 -35.36 -71.49
N GLY A 1093 21.37 -36.00 -71.58
CA GLY A 1093 21.53 -37.18 -70.77
C GLY A 1093 22.89 -37.38 -70.16
N VAL A 1094 23.25 -38.64 -69.98
CA VAL A 1094 24.59 -39.04 -69.56
C VAL A 1094 25.03 -40.20 -70.43
N PHE A 1095 26.31 -40.21 -70.76
CA PHE A 1095 26.96 -41.34 -71.41
C PHE A 1095 27.27 -42.39 -70.37
N VAL A 1096 26.85 -43.64 -70.60
CA VAL A 1096 27.14 -44.71 -69.66
C VAL A 1096 27.64 -45.93 -70.42
N SER A 1097 28.25 -46.85 -69.68
CA SER A 1097 28.85 -48.05 -70.24
C SER A 1097 28.44 -49.24 -69.42
N ASN A 1098 27.91 -50.28 -70.05
CA ASN A 1098 27.55 -51.48 -69.30
C ASN A 1098 28.71 -52.43 -69.11
N GLY A 1099 29.91 -52.03 -69.49
CA GLY A 1099 31.09 -52.86 -69.38
C GLY A 1099 31.81 -52.90 -70.70
N THR A 1100 31.05 -52.98 -71.80
CA THR A 1100 31.62 -53.07 -73.13
C THR A 1100 30.99 -52.11 -74.14
N HIS A 1101 29.79 -51.58 -73.90
CA HIS A 1101 29.12 -50.74 -74.87
C HIS A 1101 28.72 -49.41 -74.24
N TRP A 1102 28.54 -48.41 -75.08
CA TRP A 1102 28.29 -47.05 -74.66
C TRP A 1102 26.93 -46.57 -75.12
N PHE A 1103 26.13 -46.06 -74.18
CA PHE A 1103 24.78 -45.62 -74.44
C PHE A 1103 24.58 -44.21 -73.87
N VAL A 1104 23.41 -43.64 -74.11
CA VAL A 1104 22.95 -42.42 -73.45
C VAL A 1104 21.69 -42.75 -72.66
N THR A 1105 21.63 -42.34 -71.40
CA THR A 1105 20.38 -42.36 -70.67
C THR A 1105 19.96 -40.96 -70.30
N GLN A 1106 18.71 -40.85 -69.86
CA GLN A 1106 18.29 -39.73 -69.06
C GLN A 1106 18.71 -39.96 -67.61
N ARG A 1107 18.90 -38.88 -66.88
CA ARG A 1107 19.69 -38.95 -65.67
C ARG A 1107 18.96 -39.58 -64.49
N ASN A 1108 17.64 -39.59 -64.47
CA ASN A 1108 16.90 -40.09 -63.32
C ASN A 1108 16.27 -41.46 -63.52
N PHE A 1109 16.30 -42.00 -64.73
CA PHE A 1109 15.67 -43.28 -64.98
C PHE A 1109 16.46 -43.99 -66.06
N TYR A 1110 16.81 -45.24 -65.82
CA TYR A 1110 17.71 -45.95 -66.71
C TYR A 1110 16.98 -46.42 -67.96
N GLU A 1111 17.40 -45.94 -69.11
CA GLU A 1111 16.77 -46.24 -70.38
C GLU A 1111 17.78 -45.99 -71.49
N PRO A 1112 18.64 -46.95 -71.78
CA PRO A 1112 19.79 -46.68 -72.65
C PRO A 1112 19.45 -46.63 -74.13
N GLN A 1113 20.17 -45.78 -74.84
CA GLN A 1113 19.94 -45.54 -76.26
C GLN A 1113 21.27 -45.57 -76.98
N ILE A 1114 21.24 -45.84 -78.26
CA ILE A 1114 22.45 -45.78 -79.08
C ILE A 1114 22.85 -44.33 -79.28
N ILE A 1115 24.13 -44.05 -79.14
CA ILE A 1115 24.65 -42.71 -79.33
C ILE A 1115 24.64 -42.38 -80.82
N THR A 1116 23.87 -41.37 -81.20
CA THR A 1116 23.77 -40.92 -82.58
C THR A 1116 24.00 -39.43 -82.62
N THR A 1117 23.96 -38.87 -83.83
CA THR A 1117 24.08 -37.43 -84.00
C THR A 1117 22.78 -36.70 -83.79
N ASP A 1118 21.76 -37.39 -83.27
CA ASP A 1118 20.48 -36.78 -82.94
C ASP A 1118 20.35 -36.53 -81.45
N ASN A 1119 21.11 -37.23 -80.62
CA ASN A 1119 21.05 -37.03 -79.19
C ASN A 1119 22.37 -36.51 -78.63
N THR A 1120 23.30 -36.12 -79.49
CA THR A 1120 24.55 -35.49 -79.06
C THR A 1120 24.76 -34.23 -79.88
N PHE A 1121 25.68 -33.38 -79.42
CA PHE A 1121 26.13 -32.24 -80.19
C PHE A 1121 27.64 -32.15 -80.10
N VAL A 1122 28.22 -31.38 -81.02
CA VAL A 1122 29.67 -31.33 -81.21
C VAL A 1122 30.18 -29.96 -80.82
N SER A 1123 31.34 -29.91 -80.17
CA SER A 1123 32.06 -28.66 -80.01
C SER A 1123 33.52 -28.96 -79.74
N GLY A 1124 34.38 -28.61 -80.68
CA GLY A 1124 35.82 -28.69 -80.48
C GLY A 1124 36.41 -30.01 -80.90
N ASN A 1125 37.70 -30.13 -80.64
CA ASN A 1125 38.45 -31.34 -80.92
C ASN A 1125 38.74 -32.05 -79.61
N CYS A 1126 39.07 -33.34 -79.72
CA CYS A 1126 39.06 -34.15 -78.52
C CYS A 1126 40.43 -34.25 -77.87
N ASP A 1127 41.03 -33.11 -77.54
CA ASP A 1127 42.25 -33.08 -76.74
C ASP A 1127 42.26 -32.01 -75.66
N VAL A 1128 41.16 -31.33 -75.41
CA VAL A 1128 41.08 -30.38 -74.30
C VAL A 1128 40.22 -30.89 -73.14
N VAL A 1129 39.18 -31.67 -73.40
CA VAL A 1129 38.41 -32.33 -72.35
C VAL A 1129 39.28 -33.41 -71.72
N ILE A 1130 39.15 -33.60 -70.42
CA ILE A 1130 39.90 -34.65 -69.74
C ILE A 1130 38.91 -35.74 -69.31
N GLY A 1131 39.13 -36.95 -69.80
CA GLY A 1131 38.21 -38.03 -69.61
C GLY A 1131 37.49 -38.50 -70.86
N ILE A 1132 37.74 -37.89 -72.02
CA ILE A 1132 37.12 -38.34 -73.26
C ILE A 1132 37.39 -39.82 -73.47
N VAL A 1133 36.42 -40.52 -74.04
CA VAL A 1133 36.65 -41.90 -74.49
C VAL A 1133 36.42 -41.97 -75.98
N ASN A 1134 37.02 -42.98 -76.59
CA ASN A 1134 36.89 -43.25 -78.01
C ASN A 1134 35.71 -44.17 -78.24
N ASN A 1135 34.82 -43.78 -79.14
CA ASN A 1135 33.67 -44.61 -79.48
C ASN A 1135 33.05 -44.02 -80.75
N THR A 1136 32.21 -44.80 -81.39
CA THR A 1136 31.63 -44.41 -82.66
C THR A 1136 30.28 -43.74 -82.42
N VAL A 1137 30.06 -42.65 -83.14
CA VAL A 1137 28.80 -41.92 -83.11
C VAL A 1137 28.11 -42.17 -84.44
N TYR A 1138 26.91 -42.71 -84.38
CA TYR A 1138 26.25 -43.25 -85.55
C TYR A 1138 25.42 -42.18 -86.24
N ASP A 1139 25.61 -42.04 -87.53
CA ASP A 1139 24.85 -41.13 -88.37
C ASP A 1139 23.67 -41.85 -88.98
N PRO A 1140 22.45 -41.35 -88.80
CA PRO A 1140 21.28 -42.07 -89.33
C PRO A 1140 21.12 -41.96 -90.83
N LEU A 1141 21.43 -40.82 -91.42
CA LEU A 1141 21.30 -40.62 -92.86
C LEU A 1141 22.26 -41.50 -93.64
N GLN A 1142 23.53 -41.47 -93.27
CA GLN A 1142 24.62 -42.13 -94.00
C GLN A 1142 24.28 -43.53 -94.49
N PRO A 1143 23.84 -44.47 -93.65
CA PRO A 1143 23.41 -45.76 -94.19
C PRO A 1143 22.12 -45.67 -94.99
N GLU A 1144 21.07 -45.13 -94.35
CA GLU A 1144 19.72 -45.20 -94.89
C GLU A 1144 19.66 -44.71 -96.32
N LEU A 1145 20.20 -43.51 -96.56
CA LEU A 1145 20.31 -42.97 -97.90
C LEU A 1145 21.00 -43.96 -98.83
N ASP A 1146 22.06 -44.60 -98.35
CA ASP A 1146 22.84 -45.51 -99.18
C ASP A 1146 22.53 -46.98 -98.88
N GLN B 14 48.67 36.34 25.78
CA GLN B 14 49.99 35.76 25.56
C GLN B 14 50.20 35.70 24.06
N CYS B 15 49.14 36.01 23.31
CA CYS B 15 49.19 35.92 21.87
C CYS B 15 49.50 37.27 21.22
N VAL B 16 50.03 37.19 19.99
CA VAL B 16 50.79 38.25 19.36
C VAL B 16 50.01 38.77 18.16
N ASN B 17 50.05 40.09 17.94
CA ASN B 17 49.65 40.61 16.64
C ASN B 17 50.73 40.29 15.63
N LEU B 18 50.40 39.47 14.63
CA LEU B 18 51.37 39.10 13.62
C LEU B 18 51.02 39.63 12.24
N THR B 19 49.76 39.96 11.98
CA THR B 19 49.27 40.17 10.62
C THR B 19 49.77 41.50 10.06
N THR B 20 50.59 41.41 9.02
CA THR B 20 51.01 42.56 8.23
C THR B 20 50.13 42.65 6.99
N ARG B 21 49.66 43.84 6.67
CA ARG B 21 48.76 44.03 5.55
C ARG B 21 49.53 43.94 4.23
N THR B 22 49.18 42.97 3.40
CA THR B 22 49.79 42.77 2.10
C THR B 22 48.78 43.13 1.01
N GLN B 23 49.21 43.97 0.06
CA GLN B 23 48.33 44.40 -1.01
C GLN B 23 48.06 43.30 -2.04
N LEU B 24 48.95 42.31 -2.13
CA LEU B 24 48.86 41.32 -3.19
C LEU B 24 47.70 40.36 -2.93
N PRO B 25 46.91 40.02 -3.95
CA PRO B 25 45.86 39.02 -3.80
C PRO B 25 46.42 37.62 -3.96
N PRO B 26 45.70 36.60 -3.52
CA PRO B 26 46.16 35.23 -3.79
C PRO B 26 46.01 34.88 -5.26
N ALA B 27 46.89 34.01 -5.73
CA ALA B 27 46.89 33.58 -7.12
C ALA B 27 45.89 32.46 -7.32
N TYR B 28 45.82 31.95 -8.55
CA TYR B 28 44.92 30.88 -8.90
C TYR B 28 45.67 29.89 -9.78
N THR B 29 45.55 28.61 -9.47
CA THR B 29 46.16 27.56 -10.27
C THR B 29 45.06 26.63 -10.75
N ASN B 30 45.46 25.54 -11.40
CA ASN B 30 44.54 24.62 -12.04
C ASN B 30 44.74 23.24 -11.45
N SER B 31 43.72 22.72 -10.75
CA SER B 31 43.73 21.35 -10.28
C SER B 31 43.38 20.46 -11.44
N PHE B 32 44.41 19.88 -12.08
CA PHE B 32 44.21 19.08 -13.29
C PHE B 32 43.37 17.84 -13.02
N THR B 33 43.91 16.89 -12.26
CA THR B 33 43.08 15.79 -11.76
C THR B 33 43.65 15.36 -10.40
N ARG B 34 43.16 16.01 -9.35
CA ARG B 34 43.61 15.77 -7.99
C ARG B 34 42.41 15.58 -7.09
N GLY B 35 42.66 15.09 -5.89
CA GLY B 35 41.64 15.00 -4.87
C GLY B 35 40.55 13.99 -5.13
N VAL B 36 40.94 12.74 -5.32
CA VAL B 36 40.00 11.63 -5.47
C VAL B 36 40.33 10.60 -4.39
N TYR B 37 39.29 10.03 -3.78
CA TYR B 37 39.48 9.18 -2.62
C TYR B 37 38.61 7.94 -2.74
N TYR B 38 38.86 6.97 -1.86
CA TYR B 38 38.04 5.77 -1.79
C TYR B 38 36.89 6.04 -0.82
N PRO B 39 35.69 6.23 -1.36
CA PRO B 39 34.51 6.51 -0.54
C PRO B 39 33.83 5.27 0.01
N ASP B 40 34.61 4.30 0.48
CA ASP B 40 34.03 3.08 1.02
C ASP B 40 35.08 2.02 1.31
N LYS B 41 34.91 1.32 2.43
CA LYS B 41 35.84 0.27 2.82
C LYS B 41 35.71 -0.90 1.85
N VAL B 42 34.71 -0.83 0.99
CA VAL B 42 34.47 -1.88 -0.01
C VAL B 42 35.66 -2.07 -0.93
N PHE B 43 35.99 -3.33 -1.21
CA PHE B 43 37.09 -3.64 -2.10
C PHE B 43 36.56 -3.84 -3.51
N ARG B 44 37.42 -3.69 -4.50
CA ARG B 44 37.00 -3.90 -5.88
C ARG B 44 38.19 -4.37 -6.69
N SER B 45 37.91 -5.02 -7.82
CA SER B 45 38.95 -5.57 -8.67
C SER B 45 38.55 -5.36 -10.13
N SER B 46 39.09 -4.30 -10.74
CA SER B 46 38.91 -3.95 -12.15
C SER B 46 37.45 -3.73 -12.52
N VAL B 47 36.66 -3.20 -11.59
CA VAL B 47 35.25 -2.91 -11.82
C VAL B 47 35.11 -1.41 -11.99
N LEU B 48 34.64 -0.98 -13.15
CA LEU B 48 34.42 0.43 -13.43
C LEU B 48 33.19 0.90 -12.67
N HIS B 49 33.39 1.72 -11.64
CA HIS B 49 32.35 2.06 -10.69
C HIS B 49 32.03 3.55 -10.74
N SER B 50 30.77 3.89 -10.91
CA SER B 50 30.32 5.28 -10.89
C SER B 50 29.71 5.60 -9.53
N THR B 51 30.11 6.74 -8.97
CA THR B 51 29.67 7.12 -7.63
C THR B 51 29.35 8.61 -7.59
N GLN B 52 28.23 8.96 -6.97
CA GLN B 52 27.82 10.34 -6.74
C GLN B 52 28.16 10.71 -5.29
N ASP B 53 29.08 11.64 -5.12
CA ASP B 53 29.54 12.04 -3.80
C ASP B 53 30.22 13.40 -3.90
N LEU B 54 30.71 13.89 -2.76
CA LEU B 54 31.42 15.17 -2.72
C LEU B 54 32.85 14.96 -3.23
N PHE B 55 33.15 15.52 -4.39
CA PHE B 55 34.49 15.42 -4.97
C PHE B 55 34.94 16.81 -5.40
N LEU B 56 36.23 16.94 -5.63
CA LEU B 56 36.74 18.16 -6.23
C LEU B 56 36.60 18.08 -7.74
N PRO B 57 35.98 19.05 -8.39
CA PRO B 57 35.79 18.99 -9.84
C PRO B 57 37.10 19.10 -10.61
N PHE B 58 37.14 18.45 -11.76
CA PHE B 58 38.34 18.47 -12.58
C PHE B 58 38.51 19.82 -13.24
N PHE B 59 39.77 20.27 -13.34
CA PHE B 59 40.17 21.53 -13.96
C PHE B 59 39.48 22.72 -13.31
N SER B 60 39.32 22.64 -12.00
CA SER B 60 38.66 23.69 -11.22
C SER B 60 39.68 24.75 -10.83
N ASN B 61 39.27 25.66 -9.96
CA ASN B 61 40.01 26.89 -9.75
C ASN B 61 40.45 26.91 -8.29
N VAL B 62 41.64 26.37 -8.05
CA VAL B 62 42.14 26.12 -6.70
C VAL B 62 42.98 27.31 -6.27
N THR B 63 42.67 27.87 -5.09
CA THR B 63 43.31 29.09 -4.65
C THR B 63 44.66 28.77 -4.02
N TRP B 64 45.68 29.52 -4.42
CA TRP B 64 47.04 29.33 -3.93
C TRP B 64 47.32 30.42 -2.91
N PHE B 65 47.28 30.04 -1.63
CA PHE B 65 47.49 30.99 -0.55
C PHE B 65 48.96 31.06 -0.21
N HIS B 66 49.52 32.25 -0.31
CA HIS B 66 50.84 32.54 0.22
C HIS B 66 50.66 32.99 1.66
N ALA B 67 51.09 32.15 2.59
CA ALA B 67 51.23 32.45 4.01
C ALA B 67 52.51 33.26 4.20
N ILE B 68 53.17 33.06 5.34
CA ILE B 68 54.48 33.63 5.65
C ILE B 68 55.41 33.58 4.46
N HIS B 69 55.93 34.73 4.05
CA HIS B 69 56.89 34.75 2.96
C HIS B 69 57.87 35.89 3.22
N VAL B 70 59.12 35.66 2.84
CA VAL B 70 60.25 36.44 3.30
C VAL B 70 60.86 37.17 2.10
N SER B 71 61.04 38.49 2.25
CA SER B 71 61.76 39.30 1.27
C SER B 71 63.02 39.83 1.93
N GLY B 72 64.12 39.82 1.18
CA GLY B 72 65.40 40.24 1.74
C GLY B 72 65.79 41.68 1.47
N THR B 73 65.48 42.56 2.43
CA THR B 73 66.06 43.90 2.50
C THR B 73 66.82 44.09 3.81
N ASN B 74 66.14 43.92 4.94
CA ASN B 74 66.77 43.56 6.20
C ASN B 74 66.16 42.27 6.73
N GLY B 75 65.27 41.66 5.96
CA GLY B 75 64.52 40.49 6.35
C GLY B 75 63.11 40.87 6.76
N THR B 76 62.15 40.74 5.86
CA THR B 76 60.76 41.09 6.15
C THR B 76 59.85 39.92 5.84
N LYS B 77 59.18 39.42 6.88
CA LYS B 77 58.15 38.41 6.72
C LYS B 77 56.80 39.10 6.58
N ARG B 78 55.99 38.59 5.66
CA ARG B 78 54.67 39.16 5.40
C ARG B 78 53.63 38.13 5.82
N PHE B 79 53.25 38.20 7.09
CA PHE B 79 52.28 37.25 7.64
C PHE B 79 50.88 37.59 7.18
N ASP B 80 50.21 36.62 6.57
CA ASP B 80 48.80 36.75 6.22
C ASP B 80 48.21 35.35 6.16
N ASN B 81 47.40 35.00 7.16
CA ASN B 81 46.90 33.64 7.32
C ASN B 81 45.40 33.74 7.59
N PRO B 82 44.57 33.75 6.56
CA PRO B 82 43.17 34.12 6.72
C PRO B 82 42.29 32.98 7.18
N VAL B 83 41.14 33.36 7.73
CA VAL B 83 40.09 32.40 8.09
C VAL B 83 39.22 32.19 6.86
N LEU B 84 39.09 30.95 6.44
CA LEU B 84 38.44 30.63 5.20
C LEU B 84 37.11 29.92 5.45
N PRO B 85 36.16 30.00 4.51
CA PRO B 85 34.93 29.22 4.65
C PRO B 85 35.18 27.72 4.49
N PHE B 86 34.22 26.95 4.95
CA PHE B 86 34.23 25.49 4.89
C PHE B 86 32.85 25.14 4.33
N ASN B 87 32.74 25.08 3.02
CA ASN B 87 31.43 24.99 2.41
C ASN B 87 30.86 23.57 2.52
N ASP B 88 31.54 22.60 1.91
CA ASP B 88 31.06 21.23 2.00
C ASP B 88 32.19 20.24 2.21
N GLY B 89 33.36 20.71 2.62
CA GLY B 89 34.55 19.89 2.68
C GLY B 89 35.58 20.66 1.91
N VAL B 90 36.85 20.41 2.21
CA VAL B 90 37.92 21.12 1.52
C VAL B 90 38.98 20.13 1.05
N TYR B 91 39.67 20.52 -0.02
CA TYR B 91 40.87 19.86 -0.50
C TYR B 91 42.04 20.77 -0.15
N PHE B 92 42.99 20.25 0.62
CA PHE B 92 44.15 20.98 1.08
C PHE B 92 45.39 20.32 0.50
N ALA B 93 46.33 21.14 0.02
CA ALA B 93 47.55 20.57 -0.54
C ALA B 93 48.74 21.44 -0.21
N SER B 94 49.90 20.82 -0.03
CA SER B 94 51.08 21.57 0.38
C SER B 94 52.34 20.86 -0.06
N THR B 95 53.30 21.62 -0.59
CA THR B 95 54.64 21.12 -0.91
C THR B 95 55.62 21.85 0.01
N GLU B 96 55.79 21.33 1.21
CA GLU B 96 56.61 21.99 2.22
C GLU B 96 57.77 21.09 2.61
N LYS B 97 58.99 21.56 2.36
CA LYS B 97 60.17 20.83 2.81
C LYS B 97 60.32 20.91 4.32
N SER B 98 59.90 22.03 4.91
CA SER B 98 60.04 22.24 6.35
C SER B 98 58.91 21.52 7.09
N ASN B 99 58.82 21.79 8.39
CA ASN B 99 57.73 21.31 9.24
C ASN B 99 56.87 22.47 9.71
N ILE B 100 56.62 23.42 8.82
CA ILE B 100 55.94 24.64 9.22
C ILE B 100 54.42 24.52 9.23
N ILE B 101 53.86 23.52 8.55
CA ILE B 101 52.42 23.29 8.56
C ILE B 101 52.12 22.24 9.60
N ARG B 102 51.56 22.67 10.72
CA ARG B 102 50.98 21.78 11.73
C ARG B 102 49.51 21.60 11.38
N GLY B 103 48.69 21.16 12.31
CA GLY B 103 47.29 20.91 12.01
C GLY B 103 46.39 22.11 11.74
N TRP B 104 45.10 21.96 12.04
CA TRP B 104 44.11 22.95 11.65
C TRP B 104 43.17 23.22 12.82
N ILE B 105 42.40 24.29 12.70
CA ILE B 105 41.30 24.56 13.61
C ILE B 105 40.02 24.70 12.79
N PHE B 106 38.97 24.02 13.22
CA PHE B 106 37.68 24.02 12.56
C PHE B 106 36.62 24.47 13.54
N GLY B 107 35.64 25.24 13.08
CA GLY B 107 34.60 25.65 13.99
C GLY B 107 33.62 26.58 13.34
N THR B 108 32.84 27.25 14.19
CA THR B 108 31.77 28.12 13.75
C THR B 108 32.02 29.58 14.10
N THR B 109 32.40 29.86 15.33
CA THR B 109 32.71 31.21 15.76
C THR B 109 34.19 31.39 16.04
N LEU B 110 34.90 30.30 16.32
CA LEU B 110 36.30 30.28 16.78
C LEU B 110 36.45 31.18 18.01
N ASP B 111 35.65 30.87 19.02
CA ASP B 111 35.47 31.70 20.20
C ASP B 111 34.90 30.82 21.29
N SER B 112 34.51 31.43 22.40
CA SER B 112 33.71 30.73 23.39
C SER B 112 32.26 30.68 22.92
N LYS B 113 31.42 30.02 23.72
CA LYS B 113 30.00 29.73 23.52
C LYS B 113 29.71 28.79 22.35
N THR B 114 30.74 28.30 21.65
CA THR B 114 30.59 27.33 20.57
C THR B 114 31.75 26.37 20.64
N GLN B 115 31.49 25.10 20.37
CA GLN B 115 32.56 24.12 20.39
C GLN B 115 33.42 24.22 19.13
N SER B 116 34.66 23.76 19.25
CA SER B 116 35.62 23.84 18.16
C SER B 116 36.51 22.61 18.17
N LEU B 117 37.14 22.36 17.02
CA LEU B 117 37.96 21.18 16.80
C LEU B 117 39.37 21.62 16.44
N LEU B 118 40.36 20.94 17.01
CA LEU B 118 41.75 21.31 16.90
C LEU B 118 42.60 20.09 16.61
N ILE B 119 43.37 20.12 15.52
CA ILE B 119 44.25 19.04 15.11
C ILE B 119 45.68 19.56 15.16
N VAL B 120 46.54 18.92 15.96
CA VAL B 120 47.91 19.36 16.13
C VAL B 120 48.84 18.17 15.92
N ASN B 121 49.80 18.32 15.02
CA ASN B 121 50.83 17.32 14.76
C ASN B 121 52.16 17.82 15.31
N ASN B 122 52.71 17.13 16.29
CA ASN B 122 54.11 17.34 16.63
C ASN B 122 54.93 16.17 16.12
N ALA B 123 56.19 16.12 16.53
CA ALA B 123 57.18 15.24 15.90
C ALA B 123 56.97 13.76 16.21
N THR B 124 56.10 13.39 17.15
CA THR B 124 55.91 11.98 17.46
C THR B 124 54.45 11.55 17.57
N ASN B 125 53.49 12.46 17.64
CA ASN B 125 52.09 12.09 17.77
C ASN B 125 51.22 13.11 17.05
N VAL B 126 49.95 12.77 16.89
CA VAL B 126 48.92 13.72 16.53
C VAL B 126 47.89 13.72 17.67
N VAL B 127 47.40 14.91 18.00
CA VAL B 127 46.40 15.06 19.05
C VAL B 127 45.24 15.87 18.50
N ILE B 128 44.03 15.38 18.73
CA ILE B 128 42.79 15.94 18.18
C ILE B 128 41.84 16.17 19.34
N LYS B 129 41.44 17.42 19.52
CA LYS B 129 40.58 17.79 20.64
C LYS B 129 39.34 18.50 20.14
N VAL B 130 38.17 18.11 20.64
CA VAL B 130 36.96 18.88 20.47
C VAL B 130 36.59 19.43 21.82
N CYS B 131 36.45 20.75 21.90
CA CYS B 131 36.56 21.42 23.18
C CYS B 131 35.93 22.80 23.00
N GLU B 132 36.11 23.68 23.98
CA GLU B 132 35.53 25.02 23.90
C GLU B 132 36.66 26.03 24.07
N PHE B 133 37.25 26.44 22.96
CA PHE B 133 38.49 27.18 22.95
C PHE B 133 38.24 28.68 22.94
N GLN B 134 39.32 29.44 23.06
CA GLN B 134 39.32 30.90 23.09
C GLN B 134 40.45 31.39 22.20
N PHE B 135 40.43 30.97 20.93
CA PHE B 135 41.47 31.27 19.96
C PHE B 135 41.72 32.77 19.83
N CYS B 136 42.98 33.12 19.59
CA CYS B 136 43.36 34.52 19.41
C CYS B 136 43.14 34.93 17.96
N ASN B 137 43.46 36.18 17.65
CA ASN B 137 43.27 36.68 16.30
C ASN B 137 44.31 36.15 15.32
N ASP B 138 45.49 35.76 15.81
CA ASP B 138 46.53 35.18 14.97
C ASP B 138 47.14 34.00 15.71
N PRO B 139 46.51 32.83 15.64
CA PRO B 139 47.04 31.67 16.37
C PRO B 139 48.20 31.02 15.64
N PHE B 140 49.17 30.56 16.43
CA PHE B 140 50.32 29.84 15.91
C PHE B 140 50.85 28.93 17.00
N LEU B 141 51.79 28.08 16.65
CA LEU B 141 52.43 27.16 17.60
C LEU B 141 53.85 27.65 17.85
N GLY B 142 54.15 27.98 19.10
CA GLY B 142 55.46 28.46 19.45
C GLY B 142 56.42 27.35 19.83
N VAL B 143 57.55 27.25 19.12
CA VAL B 143 58.51 26.17 19.30
C VAL B 143 59.78 26.76 19.87
N TYR B 144 60.41 26.03 20.80
CA TYR B 144 61.62 26.46 21.47
C TYR B 144 62.70 25.39 21.30
N TYR B 145 63.96 25.82 21.24
CA TYR B 145 65.08 24.92 20.98
C TYR B 145 66.15 25.04 22.07
N HIS B 146 67.24 24.28 21.93
CA HIS B 146 68.21 24.06 23.00
C HIS B 146 69.65 24.43 22.65
N LYS B 147 69.89 25.19 21.57
CA LYS B 147 71.20 25.60 21.03
C LYS B 147 71.97 24.44 20.38
N ASN B 148 71.50 23.21 20.55
CA ASN B 148 71.90 22.10 19.70
C ASN B 148 70.78 21.75 18.74
N ASN B 149 69.80 22.64 18.61
CA ASN B 149 68.64 22.55 17.73
C ASN B 149 67.76 21.33 18.02
N LYS B 150 67.77 20.85 19.26
CA LYS B 150 66.81 19.86 19.71
C LYS B 150 65.63 20.57 20.36
N SER B 151 64.49 19.90 20.35
CA SER B 151 63.26 20.53 20.81
C SER B 151 63.22 20.61 22.34
N TRP B 152 62.70 21.72 22.85
CA TRP B 152 62.52 21.91 24.28
C TRP B 152 61.05 21.88 24.66
N MET B 153 60.22 22.75 24.10
CA MET B 153 58.80 22.73 24.40
C MET B 153 58.05 23.39 23.25
N GLU B 154 56.77 23.02 23.12
CA GLU B 154 55.88 23.57 22.11
C GLU B 154 54.62 24.03 22.83
N SER B 155 54.48 25.34 23.01
CA SER B 155 53.39 25.89 23.79
C SER B 155 52.16 26.04 22.92
N GLU B 156 51.06 25.41 23.33
CA GLU B 156 49.78 25.59 22.65
C GLU B 156 49.00 26.78 23.20
N PHE B 157 49.58 27.53 24.13
CA PHE B 157 48.92 28.73 24.64
C PHE B 157 49.17 29.94 23.76
N ARG B 158 49.89 29.78 22.66
CA ARG B 158 49.90 30.77 21.60
C ARG B 158 48.77 30.56 20.61
N VAL B 159 48.05 29.44 20.70
CA VAL B 159 46.87 29.18 19.91
C VAL B 159 45.65 29.76 20.61
N TYR B 160 45.37 29.24 21.80
CA TYR B 160 44.21 29.67 22.58
C TYR B 160 44.67 30.25 23.91
N SER B 161 43.78 30.97 24.56
CA SER B 161 44.05 31.50 25.89
C SER B 161 43.43 30.66 26.99
N SER B 162 42.35 29.93 26.71
CA SER B 162 41.72 29.05 27.68
C SER B 162 40.99 27.95 26.93
N ALA B 163 40.88 26.79 27.57
CA ALA B 163 40.30 25.61 26.93
C ALA B 163 39.57 24.80 28.00
N ASN B 164 38.27 25.01 28.11
CA ASN B 164 37.45 24.38 29.13
C ASN B 164 36.33 23.57 28.48
N ASN B 165 35.64 22.79 29.31
CA ASN B 165 34.45 22.01 28.94
C ASN B 165 34.74 21.04 27.81
N CYS B 166 35.75 20.21 28.03
CA CYS B 166 36.45 19.57 26.94
C CYS B 166 35.83 18.19 26.68
N THR B 167 35.32 17.98 25.47
CA THR B 167 34.48 16.83 25.19
C THR B 167 35.26 15.64 24.63
N PHE B 168 35.93 15.82 23.51
CA PHE B 168 36.53 14.71 22.77
C PHE B 168 38.05 14.88 22.74
N GLU B 169 38.76 13.76 22.80
CA GLU B 169 40.21 13.76 22.72
C GLU B 169 40.69 12.46 22.11
N TYR B 170 41.63 12.55 21.18
CA TYR B 170 42.17 11.41 20.46
C TYR B 170 43.64 11.67 20.21
N VAL B 171 44.45 10.61 20.23
CA VAL B 171 45.90 10.76 20.09
C VAL B 171 46.46 9.50 19.42
N SER B 172 47.27 9.70 18.38
CA SER B 172 47.73 8.56 17.58
C SER B 172 49.00 8.93 16.83
N GLN B 173 49.35 8.12 15.84
CA GLN B 173 50.54 8.34 15.02
C GLN B 173 50.32 9.55 14.10
N PRO B 174 51.38 10.31 13.81
CA PRO B 174 51.20 11.63 13.18
C PRO B 174 50.70 11.57 11.75
N PHE B 175 49.94 12.60 11.38
CA PHE B 175 49.37 12.68 10.04
C PHE B 175 50.45 12.96 9.01
N LEU B 176 51.20 14.04 9.22
CA LEU B 176 52.16 14.52 8.24
C LEU B 176 53.58 14.37 8.79
N MET B 177 54.46 13.80 7.98
CA MET B 177 55.86 13.64 8.32
C MET B 177 56.72 14.34 7.28
N ASP B 178 57.99 14.57 7.64
CA ASP B 178 58.86 15.40 6.81
C ASP B 178 59.46 14.62 5.65
N LEU B 179 60.20 13.56 5.96
CA LEU B 179 60.94 12.72 5.00
C LEU B 179 61.90 13.56 4.17
N GLU B 180 62.77 14.31 4.88
CA GLU B 180 63.77 15.11 4.20
C GLU B 180 64.89 14.23 3.65
N GLY B 181 65.78 14.84 2.87
CA GLY B 181 66.63 14.05 2.02
C GLY B 181 65.99 13.97 0.65
N LYS B 182 65.20 12.91 0.43
CA LYS B 182 64.26 12.78 -0.69
C LYS B 182 65.01 12.68 -2.02
N GLN B 183 65.93 11.70 -2.08
CA GLN B 183 66.57 11.20 -3.30
C GLN B 183 67.32 12.28 -4.08
N GLY B 184 67.83 13.29 -3.38
CA GLY B 184 68.45 14.42 -4.05
C GLY B 184 67.50 15.59 -4.19
N ASN B 185 67.04 15.86 -5.40
CA ASN B 185 66.17 17.01 -5.69
C ASN B 185 64.79 16.49 -6.09
N PHE B 186 63.95 16.24 -5.08
CA PHE B 186 62.55 15.92 -5.26
C PHE B 186 61.77 16.65 -4.18
N LYS B 187 60.47 16.83 -4.41
CA LYS B 187 59.59 17.49 -3.44
C LYS B 187 58.45 16.55 -3.07
N ASN B 188 57.97 16.69 -1.83
CA ASN B 188 56.94 15.82 -1.27
C ASN B 188 55.63 16.60 -1.20
N LEU B 189 54.70 16.29 -2.09
CA LEU B 189 53.36 16.87 -2.05
C LEU B 189 52.50 16.11 -1.06
N ARG B 190 51.83 16.82 -0.18
CA ARG B 190 50.88 16.24 0.77
C ARG B 190 49.48 16.75 0.45
N GLU B 191 48.53 15.83 0.32
CA GLU B 191 47.16 16.18 0.01
C GLU B 191 46.24 15.61 1.07
N PHE B 192 45.25 16.41 1.47
CA PHE B 192 44.25 16.05 2.45
C PHE B 192 42.87 16.44 1.95
N VAL B 193 41.88 15.65 2.30
CA VAL B 193 40.47 15.98 2.02
C VAL B 193 39.72 15.87 3.33
N PHE B 194 39.07 16.97 3.73
CA PHE B 194 38.29 17.02 4.96
C PHE B 194 36.83 17.12 4.62
N LYS B 195 36.00 16.27 5.25
CA LYS B 195 34.57 16.51 5.12
C LYS B 195 33.85 16.09 6.39
N ASN B 196 32.85 16.89 6.77
CA ASN B 196 32.10 16.72 8.01
C ASN B 196 30.65 16.48 7.64
N ILE B 197 30.22 15.22 7.70
CA ILE B 197 28.84 14.86 7.35
C ILE B 197 28.30 13.90 8.40
N ASP B 198 26.98 13.98 8.61
CA ASP B 198 26.15 13.24 9.58
C ASP B 198 26.78 13.05 10.96
N GLY B 199 27.43 14.10 11.47
CA GLY B 199 28.06 14.04 12.78
C GLY B 199 29.44 13.42 12.80
N TYR B 200 29.93 12.92 11.68
CA TYR B 200 31.26 12.34 11.57
C TYR B 200 32.18 13.29 10.84
N PHE B 201 33.45 13.27 11.22
CA PHE B 201 34.48 14.08 10.58
C PHE B 201 35.48 13.13 9.94
N LYS B 202 35.53 13.12 8.61
CA LYS B 202 36.36 12.16 7.88
C LYS B 202 37.55 12.89 7.24
N ILE B 203 38.73 12.28 7.37
CA ILE B 203 39.96 12.84 6.84
C ILE B 203 40.59 11.82 5.90
N TYR B 204 40.98 12.27 4.70
CA TYR B 204 41.67 11.43 3.72
C TYR B 204 43.02 12.06 3.40
N SER B 205 44.02 11.22 3.11
CA SER B 205 45.38 11.75 2.95
C SER B 205 46.17 10.97 1.92
N LYS B 206 47.22 11.63 1.40
CA LYS B 206 48.15 11.02 0.47
C LYS B 206 49.45 11.82 0.45
N HIS B 207 50.57 11.12 0.31
CA HIS B 207 51.89 11.72 0.17
C HIS B 207 52.53 11.22 -1.12
N THR B 208 52.98 12.15 -1.97
CA THR B 208 53.48 11.79 -3.29
C THR B 208 54.76 12.53 -3.60
N PRO B 209 55.80 11.85 -4.10
CA PRO B 209 57.02 12.57 -4.47
C PRO B 209 56.95 13.13 -5.89
N ILE B 210 57.35 14.39 -6.05
CA ILE B 210 57.39 15.04 -7.36
C ILE B 210 58.68 15.85 -7.48
N ASN B 211 59.01 16.23 -8.70
CA ASN B 211 60.17 17.07 -8.95
C ASN B 211 59.78 18.54 -8.95
N LEU B 212 60.67 19.39 -9.47
CA LEU B 212 60.52 20.85 -9.37
C LEU B 212 59.48 21.32 -10.39
N VAL B 213 58.22 21.34 -9.94
CA VAL B 213 57.10 21.89 -10.70
C VAL B 213 56.58 23.10 -9.94
N ARG B 214 56.07 24.09 -10.66
CA ARG B 214 55.51 25.29 -10.05
C ARG B 214 54.14 25.04 -9.43
N ASP B 215 53.46 23.97 -9.81
CA ASP B 215 52.05 23.77 -9.51
C ASP B 215 51.83 22.33 -9.07
N LEU B 216 50.58 21.94 -9.04
CA LEU B 216 50.15 20.57 -8.81
C LEU B 216 50.48 19.72 -10.03
N PRO B 217 50.87 18.46 -9.85
CA PRO B 217 51.34 17.65 -10.97
C PRO B 217 50.20 17.19 -11.86
N GLN B 218 50.56 16.48 -12.93
CA GLN B 218 49.63 16.07 -13.96
C GLN B 218 49.14 14.64 -13.79
N GLY B 219 49.71 13.87 -12.87
CA GLY B 219 49.42 12.46 -12.74
C GLY B 219 48.10 12.15 -12.07
N PHE B 220 48.07 11.02 -11.38
CA PHE B 220 46.85 10.56 -10.72
C PHE B 220 47.24 9.80 -9.46
N SER B 221 46.61 10.15 -8.34
CA SER B 221 46.88 9.49 -7.07
C SER B 221 45.62 9.55 -6.21
N ALA B 222 45.15 8.40 -5.77
CA ALA B 222 43.99 8.35 -4.90
C ALA B 222 44.40 8.62 -3.46
N LEU B 223 43.41 8.83 -2.60
CA LEU B 223 43.63 9.23 -1.22
C LEU B 223 43.00 8.19 -0.31
N GLU B 224 43.81 7.53 0.51
CA GLU B 224 43.29 6.56 1.45
C GLU B 224 42.80 7.24 2.73
N PRO B 225 41.73 6.72 3.34
CA PRO B 225 41.19 7.38 4.54
C PRO B 225 42.07 7.20 5.76
N LEU B 226 42.10 8.23 6.59
CA LEU B 226 42.87 8.21 7.83
C LEU B 226 41.99 7.94 9.04
N VAL B 227 41.04 8.84 9.32
CA VAL B 227 40.22 8.76 10.52
C VAL B 227 38.80 9.17 10.20
N ASP B 228 37.87 8.64 11.00
CA ASP B 228 36.45 8.98 10.99
C ASP B 228 36.07 9.30 12.44
N LEU B 229 36.24 10.54 12.84
CA LEU B 229 36.01 10.92 14.22
C LEU B 229 34.53 11.11 14.48
N PRO B 230 33.95 10.45 15.49
CA PRO B 230 32.53 10.64 15.79
C PRO B 230 32.24 11.85 16.66
N ILE B 231 32.07 13.02 16.07
CA ILE B 231 31.98 14.23 16.88
C ILE B 231 30.55 14.76 16.98
N GLY B 232 30.00 15.21 15.85
CA GLY B 232 28.76 15.94 15.89
C GLY B 232 28.98 17.42 16.13
N ILE B 233 29.81 18.04 15.29
CA ILE B 233 30.20 19.44 15.45
C ILE B 233 29.72 20.22 14.23
N ASN B 234 29.28 21.46 14.45
CA ASN B 234 28.82 22.33 13.38
C ASN B 234 29.99 23.18 12.91
N ILE B 235 30.43 22.96 11.66
CA ILE B 235 31.64 23.58 11.12
C ILE B 235 31.28 24.43 9.93
N THR B 236 31.66 25.70 9.95
CA THR B 236 31.53 26.57 8.80
C THR B 236 32.80 27.34 8.43
N ARG B 237 33.80 27.40 9.31
CA ARG B 237 35.03 28.11 9.03
C ARG B 237 36.21 27.29 9.51
N PHE B 238 37.38 27.54 8.94
CA PHE B 238 38.58 26.84 9.37
C PHE B 238 39.80 27.73 9.15
N GLN B 239 40.90 27.34 9.79
CA GLN B 239 42.15 28.09 9.70
C GLN B 239 43.31 27.13 9.91
N THR B 240 44.47 27.50 9.38
CA THR B 240 45.66 26.66 9.38
C THR B 240 46.61 27.09 10.48
N LEU B 241 47.22 26.11 11.15
CA LEU B 241 48.18 26.38 12.20
C LEU B 241 49.60 26.34 11.65
N LEU B 242 50.39 27.35 11.97
CA LEU B 242 51.77 27.42 11.55
C LEU B 242 52.67 27.45 12.78
N ALA B 243 53.86 26.90 12.64
CA ALA B 243 54.82 26.83 13.72
C ALA B 243 55.89 27.90 13.55
N LEU B 244 56.10 28.70 14.59
CA LEU B 244 57.14 29.72 14.61
C LEU B 244 58.12 29.42 15.72
N HIS B 245 59.40 29.69 15.48
CA HIS B 245 60.44 29.48 16.47
C HIS B 245 60.76 30.76 17.22
N ARG B 246 61.12 30.60 18.49
CA ARG B 246 61.51 31.74 19.32
C ARG B 246 62.91 32.20 18.94
N SER B 247 63.10 33.52 18.93
CA SER B 247 64.28 34.10 18.29
C SER B 247 65.49 34.09 19.21
N TYR B 248 65.29 34.38 20.50
CA TYR B 248 66.28 34.53 21.59
C TYR B 248 67.17 35.76 21.44
N LEU B 249 67.03 36.56 20.40
CA LEU B 249 67.83 37.76 20.23
C LEU B 249 67.10 39.02 20.67
N THR B 250 65.96 38.87 21.32
CA THR B 250 65.20 39.99 21.86
C THR B 250 64.38 39.48 23.03
N PRO B 251 64.18 40.28 24.07
CA PRO B 251 63.44 39.79 25.23
C PRO B 251 61.93 39.77 25.02
N GLY B 252 61.43 40.59 24.11
CA GLY B 252 60.00 40.74 23.96
C GLY B 252 59.30 39.58 23.28
N ASP B 253 57.98 39.53 23.41
CA ASP B 253 57.17 38.49 22.79
C ASP B 253 56.54 38.90 21.48
N SER B 254 56.85 40.08 20.94
CA SER B 254 56.14 40.60 19.79
C SER B 254 56.54 39.91 18.49
N SER B 255 56.08 40.46 17.36
CA SER B 255 56.29 39.83 16.06
C SER B 255 57.76 39.80 15.65
N SER B 256 58.59 40.66 16.24
CA SER B 256 60.03 40.59 16.01
C SER B 256 60.70 39.48 16.80
N GLY B 257 60.01 38.91 17.79
CA GLY B 257 60.56 37.87 18.62
C GLY B 257 60.38 36.46 18.12
N TRP B 258 59.76 36.28 16.96
CA TRP B 258 59.52 34.97 16.39
C TRP B 258 60.05 34.94 14.96
N THR B 259 60.75 33.87 14.62
CA THR B 259 61.26 33.68 13.27
C THR B 259 60.46 32.61 12.56
N ALA B 260 60.51 32.64 11.22
CA ALA B 260 59.68 31.77 10.41
C ALA B 260 60.32 31.55 9.05
N GLY B 261 59.91 30.46 8.40
CA GLY B 261 60.37 30.17 7.06
C GLY B 261 59.43 30.70 6.01
N ALA B 262 59.11 29.88 5.02
CA ALA B 262 58.16 30.24 3.97
C ALA B 262 57.07 29.18 3.94
N ALA B 263 55.82 29.62 3.81
CA ALA B 263 54.70 28.70 3.83
C ALA B 263 53.70 29.08 2.75
N ALA B 264 53.18 28.07 2.06
CA ALA B 264 52.16 28.27 1.04
C ALA B 264 51.37 26.99 0.92
N TYR B 265 50.11 27.12 0.51
CA TYR B 265 49.27 25.95 0.36
C TYR B 265 48.19 26.21 -0.68
N TYR B 266 47.48 25.15 -1.03
CA TYR B 266 46.44 25.19 -2.04
C TYR B 266 45.14 24.74 -1.40
N VAL B 267 44.06 25.49 -1.64
CA VAL B 267 42.75 25.21 -1.06
C VAL B 267 41.73 25.19 -2.18
N GLY B 268 41.01 24.08 -2.31
CA GLY B 268 39.86 24.00 -3.18
C GLY B 268 38.68 23.44 -2.44
N TYR B 269 37.49 23.62 -3.01
CA TYR B 269 36.26 23.24 -2.34
C TYR B 269 35.58 22.09 -3.04
N LEU B 270 35.00 21.19 -2.26
CA LEU B 270 34.31 20.03 -2.81
C LEU B 270 32.89 20.40 -3.25
N GLN B 271 32.37 19.62 -4.18
CA GLN B 271 31.03 19.80 -4.72
C GLN B 271 30.46 18.42 -5.02
N PRO B 272 29.15 18.24 -4.92
CA PRO B 272 28.57 16.92 -5.24
C PRO B 272 28.59 16.62 -6.73
N ARG B 273 29.46 15.69 -7.14
CA ARG B 273 29.60 15.30 -8.53
C ARG B 273 29.55 13.79 -8.66
N THR B 274 29.47 13.33 -9.91
CA THR B 274 29.46 11.92 -10.26
C THR B 274 30.78 11.57 -10.94
N PHE B 275 31.49 10.58 -10.40
CA PHE B 275 32.80 10.19 -10.87
C PHE B 275 32.78 8.74 -11.31
N LEU B 276 33.36 8.46 -12.46
CA LEU B 276 33.56 7.10 -12.93
C LEU B 276 35.01 6.71 -12.64
N LEU B 277 35.17 5.70 -11.78
CA LEU B 277 36.46 5.27 -11.26
C LEU B 277 36.84 3.96 -11.93
N LYS B 278 38.08 3.88 -12.41
CA LYS B 278 38.58 2.67 -13.04
C LYS B 278 39.51 1.99 -12.03
N TYR B 279 39.07 0.85 -11.51
CA TYR B 279 39.84 0.12 -10.52
C TYR B 279 40.91 -0.73 -11.18
N ASN B 280 41.88 -1.14 -10.38
CA ASN B 280 42.90 -2.09 -10.79
C ASN B 280 42.58 -3.47 -10.23
N GLU B 281 43.38 -4.46 -10.61
CA GLU B 281 43.17 -5.81 -10.11
C GLU B 281 43.69 -6.00 -8.69
N ASN B 282 44.52 -5.08 -8.19
CA ASN B 282 44.95 -5.14 -6.80
C ASN B 282 44.03 -4.34 -5.88
N GLY B 283 43.06 -3.61 -6.43
CA GLY B 283 42.25 -2.72 -5.64
C GLY B 283 42.84 -1.32 -5.52
N THR B 284 43.07 -0.68 -6.67
CA THR B 284 43.71 0.63 -6.71
C THR B 284 43.04 1.46 -7.79
N ILE B 285 42.54 2.64 -7.42
CA ILE B 285 41.98 3.56 -8.41
C ILE B 285 43.14 4.18 -9.19
N THR B 286 43.32 3.73 -10.43
CA THR B 286 44.42 4.22 -11.24
C THR B 286 44.04 5.43 -12.09
N ASP B 287 42.77 5.56 -12.47
CA ASP B 287 42.31 6.71 -13.22
C ASP B 287 40.81 6.86 -13.01
N ALA B 288 40.29 8.02 -13.40
CA ALA B 288 38.87 8.34 -13.22
C ALA B 288 38.51 9.46 -14.18
N VAL B 289 37.21 9.71 -14.28
CA VAL B 289 36.71 10.83 -15.07
C VAL B 289 35.45 11.37 -14.41
N ASP B 290 35.25 12.67 -14.57
CA ASP B 290 34.12 13.38 -14.01
C ASP B 290 33.12 13.71 -15.11
N CYS B 291 31.99 13.00 -15.12
CA CYS B 291 30.96 13.26 -16.10
C CYS B 291 30.51 14.70 -15.94
N ALA B 292 29.51 15.11 -16.71
CA ALA B 292 29.03 16.49 -16.60
C ALA B 292 30.20 17.47 -16.68
N LEU B 293 31.33 16.99 -17.17
CA LEU B 293 32.51 17.83 -17.32
C LEU B 293 32.49 18.47 -18.70
N ASP B 294 32.36 17.63 -19.73
CA ASP B 294 32.32 18.09 -21.10
C ASP B 294 31.30 17.25 -21.88
N PRO B 295 31.30 17.34 -23.20
CA PRO B 295 30.38 16.51 -23.99
C PRO B 295 30.78 15.01 -23.95
N LEU B 296 32.02 14.74 -24.34
CA LEU B 296 32.62 13.40 -24.40
C LEU B 296 32.66 12.69 -23.06
N SER B 297 32.89 13.45 -21.99
CA SER B 297 32.93 12.88 -20.65
C SER B 297 31.58 12.32 -20.29
N GLU B 298 30.53 13.05 -20.63
CA GLU B 298 29.17 12.59 -20.35
C GLU B 298 28.94 11.31 -21.15
N THR B 299 29.36 11.33 -22.41
CA THR B 299 29.19 10.14 -23.25
C THR B 299 29.84 8.92 -22.61
N LYS B 300 31.03 9.11 -22.04
CA LYS B 300 31.75 8.02 -21.39
C LYS B 300 31.00 7.55 -20.14
N CYS B 301 30.62 8.50 -19.30
CA CYS B 301 29.89 8.20 -18.07
C CYS B 301 28.61 7.45 -18.41
N THR B 302 28.17 7.57 -19.66
CA THR B 302 26.96 6.91 -20.11
C THR B 302 27.17 5.50 -20.66
N LEU B 303 28.20 5.31 -21.48
CA LEU B 303 28.49 4.00 -22.06
C LEU B 303 29.34 3.09 -21.17
N LYS B 304 29.76 3.62 -20.03
CA LYS B 304 30.62 2.91 -19.08
C LYS B 304 31.77 2.21 -19.79
N SER B 305 32.55 3.00 -20.53
CA SER B 305 33.67 2.45 -21.27
C SER B 305 34.69 3.55 -21.51
N PHE B 306 35.86 3.14 -21.98
CA PHE B 306 36.92 4.06 -22.33
C PHE B 306 37.12 4.19 -23.83
N THR B 307 36.47 3.34 -24.62
CA THR B 307 36.50 3.44 -26.07
C THR B 307 35.06 3.43 -26.58
N VAL B 308 34.65 4.51 -27.21
CA VAL B 308 33.36 4.60 -27.88
C VAL B 308 33.57 4.40 -29.37
N GLU B 309 32.78 3.52 -29.96
CA GLU B 309 32.77 3.31 -31.40
C GLU B 309 31.83 4.29 -32.08
N LYS B 310 32.09 4.53 -33.36
CA LYS B 310 31.29 5.48 -34.11
C LYS B 310 29.81 5.24 -33.88
N GLY B 311 29.03 6.32 -33.89
CA GLY B 311 27.62 6.22 -33.70
C GLY B 311 27.06 7.57 -33.33
N ILE B 312 25.89 7.55 -32.71
CA ILE B 312 25.32 8.74 -32.12
C ILE B 312 24.62 8.31 -30.86
N TYR B 313 24.89 8.99 -29.75
CA TYR B 313 24.29 8.61 -28.47
C TYR B 313 23.45 9.72 -27.86
N GLN B 314 22.40 9.32 -27.17
CA GLN B 314 21.51 10.27 -26.50
C GLN B 314 22.04 10.54 -25.11
N THR B 315 23.11 11.31 -25.03
CA THR B 315 23.75 11.64 -23.75
C THR B 315 22.78 12.09 -22.64
N SER B 316 22.03 13.17 -22.88
CA SER B 316 21.11 13.66 -21.88
C SER B 316 19.94 14.43 -22.51
N ASN B 317 19.43 15.43 -21.78
CA ASN B 317 18.31 16.23 -22.26
C ASN B 317 18.53 17.71 -21.99
N PHE B 318 18.08 18.55 -22.93
CA PHE B 318 18.23 19.99 -22.80
C PHE B 318 16.94 20.61 -22.28
N ARG B 319 17.06 21.47 -21.27
CA ARG B 319 15.91 22.13 -20.67
C ARG B 319 16.27 23.54 -20.21
N VAL B 320 15.34 24.47 -20.37
CA VAL B 320 15.57 25.86 -19.97
C VAL B 320 15.04 26.13 -18.56
N GLN B 321 15.78 26.92 -17.81
CA GLN B 321 15.38 27.24 -16.44
C GLN B 321 14.59 28.55 -16.39
N PRO B 322 13.70 28.66 -15.33
CA PRO B 322 12.94 29.92 -15.32
C PRO B 322 13.55 30.96 -14.38
N THR B 323 13.43 32.23 -14.75
CA THR B 323 13.95 33.32 -13.95
C THR B 323 12.81 34.13 -13.36
N GLU B 324 12.96 34.56 -12.12
CA GLU B 324 11.94 35.36 -11.43
C GLU B 324 10.64 34.59 -11.23
N SER B 325 10.02 34.77 -10.06
CA SER B 325 8.77 34.09 -9.75
C SER B 325 7.64 35.07 -9.47
N ILE B 326 6.97 35.52 -10.53
CA ILE B 326 5.88 36.47 -10.40
C ILE B 326 4.70 35.89 -9.63
N VAL B 327 3.79 36.76 -9.21
CA VAL B 327 2.61 36.37 -8.45
C VAL B 327 1.43 37.26 -8.86
N ARG B 328 0.22 36.78 -8.60
CA ARG B 328 -0.98 37.53 -8.94
C ARG B 328 -2.19 37.12 -8.10
N PHE B 329 -2.71 38.07 -7.34
CA PHE B 329 -3.87 37.82 -6.50
C PHE B 329 -4.92 38.90 -6.72
N PRO B 330 -5.99 38.89 -5.94
CA PRO B 330 -7.06 39.89 -6.09
C PRO B 330 -6.97 41.02 -5.06
N ASN B 331 -7.25 42.25 -5.48
CA ASN B 331 -7.21 43.39 -4.56
C ASN B 331 -8.04 43.13 -3.32
N ILE B 332 -7.48 43.42 -2.15
CA ILE B 332 -8.19 43.22 -0.90
C ILE B 332 -7.46 43.81 0.30
N THR B 333 -7.89 43.42 1.50
CA THR B 333 -7.30 43.90 2.74
C THR B 333 -8.18 43.55 3.94
N ASN B 334 -9.40 43.12 3.66
CA ASN B 334 -10.35 42.74 4.70
C ASN B 334 -9.82 41.52 5.45
N LEU B 335 -8.98 41.78 6.45
CA LEU B 335 -8.36 40.72 7.25
C LEU B 335 -9.28 39.59 7.70
N CYS B 336 -10.50 39.54 7.19
CA CYS B 336 -11.43 38.48 7.59
C CYS B 336 -11.43 38.42 9.12
N PRO B 337 -11.85 39.53 9.72
CA PRO B 337 -11.90 39.69 11.17
C PRO B 337 -12.35 38.42 11.87
N PHE B 338 -11.49 37.41 11.93
CA PHE B 338 -11.83 36.16 12.59
C PHE B 338 -12.26 36.39 14.03
N GLY B 339 -11.77 37.48 14.62
CA GLY B 339 -12.10 37.82 15.98
C GLY B 339 -13.57 37.97 16.25
N GLU B 340 -14.42 37.35 15.44
CA GLU B 340 -15.83 37.20 15.76
C GLU B 340 -16.21 35.75 15.96
N VAL B 341 -15.64 34.84 15.17
CA VAL B 341 -15.94 33.42 15.33
C VAL B 341 -14.99 32.80 16.35
N PHE B 342 -13.75 33.27 16.40
CA PHE B 342 -12.81 32.82 17.41
C PHE B 342 -12.83 33.69 18.66
N ASN B 343 -13.71 34.68 18.71
CA ASN B 343 -13.81 35.59 19.85
C ASN B 343 -15.25 35.90 20.23
N ALA B 344 -16.12 34.88 20.20
CA ALA B 344 -17.51 35.09 20.54
C ALA B 344 -17.73 34.98 22.04
N THR B 345 -18.77 35.67 22.53
CA THR B 345 -19.11 35.59 23.94
C THR B 345 -19.96 34.37 24.27
N ARG B 346 -20.69 33.85 23.30
CA ARG B 346 -21.53 32.68 23.50
C ARG B 346 -21.49 31.82 22.25
N PHE B 347 -21.00 30.60 22.39
CA PHE B 347 -20.91 29.68 21.26
C PHE B 347 -22.28 29.10 20.90
N ALA B 348 -22.27 28.05 20.08
CA ALA B 348 -23.51 27.41 19.66
C ALA B 348 -23.54 25.94 20.08
N SER B 349 -24.73 25.42 20.32
CA SER B 349 -24.89 24.02 20.72
C SER B 349 -24.16 23.08 19.77
N VAL B 350 -24.14 21.79 20.12
CA VAL B 350 -23.47 20.80 19.30
C VAL B 350 -24.44 20.16 18.31
N TYR B 351 -25.73 20.18 18.66
CA TYR B 351 -26.76 19.62 17.80
C TYR B 351 -27.33 20.61 16.81
N ALA B 352 -27.14 21.89 17.04
CA ALA B 352 -27.43 22.91 16.03
C ALA B 352 -26.21 23.80 15.93
N TRP B 353 -25.20 23.35 15.21
CA TRP B 353 -23.96 24.08 15.12
C TRP B 353 -24.19 25.33 14.31
N ASN B 354 -23.25 26.26 14.37
CA ASN B 354 -23.48 27.40 13.52
C ASN B 354 -22.85 27.19 12.17
N ARG B 355 -23.00 28.15 11.28
CA ARG B 355 -22.39 28.02 9.96
C ARG B 355 -22.17 29.41 9.38
N LYS B 356 -20.94 29.90 9.47
CA LYS B 356 -20.58 31.20 8.93
C LYS B 356 -19.88 30.96 7.59
N ARG B 357 -20.25 31.72 6.56
CA ARG B 357 -19.65 31.51 5.26
C ARG B 357 -18.68 32.64 5.00
N ILE B 358 -17.45 32.48 5.47
CA ILE B 358 -16.41 33.44 5.15
C ILE B 358 -16.33 33.57 3.64
N SER B 359 -16.02 34.77 3.17
CA SER B 359 -16.10 35.07 1.74
C SER B 359 -14.89 35.92 1.37
N ASN B 360 -14.95 36.54 0.19
CA ASN B 360 -13.85 37.32 -0.36
C ASN B 360 -13.23 38.25 0.66
N CYS B 361 -11.95 38.05 0.94
CA CYS B 361 -11.25 38.67 2.07
C CYS B 361 -9.78 38.35 1.93
N VAL B 362 -9.01 38.73 2.94
CA VAL B 362 -7.59 38.45 3.05
C VAL B 362 -7.47 37.62 4.33
N ALA B 363 -7.32 36.30 4.19
CA ALA B 363 -7.27 35.41 5.35
C ALA B 363 -5.82 35.14 5.71
N ASP B 364 -5.52 35.28 7.00
CA ASP B 364 -4.16 35.09 7.52
C ASP B 364 -4.18 33.94 8.52
N TYR B 365 -4.07 32.72 8.02
CA TYR B 365 -4.07 31.57 8.90
C TYR B 365 -2.82 31.46 9.76
N SER B 366 -1.89 32.40 9.63
CA SER B 366 -0.72 32.34 10.50
C SER B 366 -1.05 32.81 11.91
N VAL B 367 -1.84 33.86 12.05
CA VAL B 367 -2.24 34.31 13.38
C VAL B 367 -3.00 33.21 14.09
N LEU B 368 -3.67 32.35 13.34
CA LEU B 368 -4.25 31.18 13.93
C LEU B 368 -3.19 30.15 14.28
N TYR B 369 -2.40 29.76 13.30
CA TYR B 369 -1.52 28.60 13.44
C TYR B 369 -0.54 28.77 14.58
N ASN B 370 -0.05 29.99 14.81
CA ASN B 370 0.99 30.18 15.80
C ASN B 370 0.48 30.73 17.11
N SER B 371 -0.84 30.79 17.30
CA SER B 371 -1.34 31.46 18.48
C SER B 371 -1.10 30.67 19.75
N ALA B 372 -0.77 29.39 19.65
CA ALA B 372 -0.36 28.57 20.78
C ALA B 372 -1.43 28.48 21.85
N SER B 373 -2.58 29.10 21.64
CA SER B 373 -3.69 29.00 22.56
C SER B 373 -4.61 27.85 22.25
N PHE B 374 -4.40 27.18 21.13
CA PHE B 374 -5.27 26.11 20.67
C PHE B 374 -4.71 24.80 21.14
N SER B 375 -5.56 23.98 21.74
CA SER B 375 -5.12 22.67 22.17
C SER B 375 -5.12 21.66 21.05
N THR B 376 -5.81 21.93 19.95
CA THR B 376 -5.84 20.98 18.84
C THR B 376 -5.92 21.76 17.55
N PHE B 377 -4.97 21.55 16.65
CA PHE B 377 -5.00 22.20 15.34
C PHE B 377 -4.58 21.19 14.30
N LYS B 378 -5.53 20.45 13.75
CA LYS B 378 -5.22 19.44 12.76
C LYS B 378 -5.66 19.92 11.40
N CYS B 379 -4.84 19.72 10.39
CA CYS B 379 -5.22 20.05 9.03
C CYS B 379 -5.17 18.78 8.20
N TYR B 380 -6.17 18.57 7.36
CA TYR B 380 -6.32 17.31 6.66
C TYR B 380 -6.06 17.39 5.18
N GLY B 381 -6.80 18.20 4.46
CA GLY B 381 -6.55 18.27 3.04
C GLY B 381 -5.19 18.87 2.76
N VAL B 382 -4.70 19.70 3.66
CA VAL B 382 -3.56 20.56 3.39
C VAL B 382 -2.85 20.90 4.67
N SER B 383 -1.54 20.67 4.71
CA SER B 383 -0.75 20.97 5.90
C SER B 383 -0.83 22.45 6.23
N PRO B 384 -0.67 22.82 7.51
CA PRO B 384 -1.06 24.18 7.93
C PRO B 384 -0.20 25.29 7.36
N THR B 385 1.10 25.11 7.21
CA THR B 385 1.95 26.24 6.85
C THR B 385 1.71 26.73 5.43
N LYS B 386 1.12 25.92 4.57
CA LYS B 386 0.86 26.29 3.19
C LYS B 386 -0.52 26.88 2.99
N LEU B 387 -1.21 27.26 4.07
CA LEU B 387 -2.52 27.87 3.91
C LEU B 387 -2.43 29.31 3.44
N ASN B 388 -1.42 30.03 3.94
CA ASN B 388 -1.22 31.43 3.57
C ASN B 388 -0.51 31.56 2.21
N ASP B 389 -0.76 30.62 1.33
CA ASP B 389 -0.16 30.63 0.00
C ASP B 389 -1.08 29.99 -1.03
N LEU B 390 -2.34 29.79 -0.66
CA LEU B 390 -3.32 29.19 -1.55
C LEU B 390 -4.60 30.03 -1.59
N CYS B 391 -5.42 29.78 -2.61
CA CYS B 391 -6.68 30.51 -2.77
C CYS B 391 -7.81 29.56 -3.13
N PHE B 392 -8.97 29.77 -2.52
CA PHE B 392 -10.14 28.93 -2.78
C PHE B 392 -11.33 29.77 -3.22
N THR B 393 -12.51 29.16 -3.21
CA THR B 393 -13.74 29.85 -3.60
C THR B 393 -14.53 30.29 -2.38
N ASN B 394 -14.63 29.40 -1.40
CA ASN B 394 -15.37 29.70 -0.17
C ASN B 394 -14.68 29.00 0.98
N VAL B 395 -14.76 29.63 2.15
CA VAL B 395 -14.36 29.01 3.40
C VAL B 395 -15.59 29.01 4.26
N TYR B 396 -15.92 27.88 4.84
CA TYR B 396 -17.00 27.84 5.80
C TYR B 396 -16.40 27.64 7.18
N ALA B 397 -17.03 28.19 8.19
CA ALA B 397 -16.57 28.00 9.55
C ALA B 397 -17.74 27.54 10.39
N ASP B 398 -17.64 26.35 10.96
CA ASP B 398 -18.69 25.83 11.83
C ASP B 398 -18.22 25.89 13.27
N SER B 399 -19.14 26.19 14.18
CA SER B 399 -18.78 26.43 15.57
C SER B 399 -19.69 25.68 16.50
N PHE B 400 -19.13 25.09 17.56
CA PHE B 400 -19.97 24.46 18.57
C PHE B 400 -19.13 24.16 19.81
N VAL B 401 -19.74 23.47 20.77
CA VAL B 401 -19.16 23.18 22.07
C VAL B 401 -19.43 21.73 22.43
N ILE B 402 -18.39 20.98 22.79
CA ILE B 402 -18.53 19.58 23.13
C ILE B 402 -17.75 19.29 24.40
N ARG B 403 -17.70 18.02 24.78
CA ARG B 403 -16.94 17.64 25.96
C ARG B 403 -15.48 17.70 25.59
N GLY B 404 -14.60 17.31 26.50
CA GLY B 404 -13.19 17.33 26.22
C GLY B 404 -12.72 16.14 25.43
N ASP B 405 -13.28 14.97 25.70
CA ASP B 405 -12.79 13.78 25.05
C ASP B 405 -13.62 13.37 23.86
N GLU B 406 -14.41 14.30 23.35
CA GLU B 406 -15.22 14.09 22.18
C GLU B 406 -14.59 14.82 21.01
N VAL B 407 -13.41 15.41 21.21
CA VAL B 407 -12.77 16.12 20.12
C VAL B 407 -12.13 15.16 19.14
N ARG B 408 -12.06 13.88 19.49
CA ARG B 408 -11.48 12.92 18.56
C ARG B 408 -12.51 12.34 17.62
N GLN B 409 -13.78 12.73 17.75
CA GLN B 409 -14.76 12.33 16.76
C GLN B 409 -14.99 13.39 15.71
N ILE B 410 -14.36 14.54 15.83
CA ILE B 410 -14.42 15.57 14.79
C ILE B 410 -13.24 15.32 13.88
N ALA B 411 -13.42 14.40 12.96
CA ALA B 411 -12.36 13.97 12.06
C ALA B 411 -13.00 13.13 10.98
N PRO B 412 -12.42 13.00 9.80
CA PRO B 412 -13.07 12.22 8.75
C PRO B 412 -13.01 10.73 9.08
N GLY B 413 -14.16 10.08 9.01
CA GLY B 413 -14.23 8.67 9.31
C GLY B 413 -14.14 8.31 10.77
N GLN B 414 -15.10 8.73 11.59
CA GLN B 414 -15.22 8.32 12.98
C GLN B 414 -16.64 7.90 13.27
N THR B 415 -16.84 7.36 14.47
CA THR B 415 -18.16 6.98 14.94
C THR B 415 -18.29 7.36 16.40
N GLY B 416 -19.53 7.38 16.88
CA GLY B 416 -19.84 7.87 18.21
C GLY B 416 -21.02 8.82 18.16
N LYS B 417 -21.54 9.08 19.36
CA LYS B 417 -22.80 9.82 19.44
C LYS B 417 -22.69 11.20 18.80
N ILE B 418 -21.48 11.75 18.74
CA ILE B 418 -21.33 13.07 18.14
C ILE B 418 -21.26 12.96 16.63
N ALA B 419 -20.36 12.11 16.13
CA ALA B 419 -20.18 12.04 14.69
C ALA B 419 -21.30 11.27 14.03
N ASP B 420 -21.99 10.41 14.76
CA ASP B 420 -23.09 9.68 14.15
C ASP B 420 -24.24 10.62 13.86
N TYR B 421 -24.86 11.17 14.88
CA TYR B 421 -25.89 12.15 14.66
C TYR B 421 -25.71 13.35 15.58
N ASN B 422 -24.70 14.17 15.32
CA ASN B 422 -24.75 15.58 15.66
C ASN B 422 -24.06 16.39 14.59
N TYR B 423 -22.92 15.92 14.11
CA TYR B 423 -22.10 16.67 13.18
C TYR B 423 -21.16 15.71 12.47
N LYS B 424 -21.37 15.48 11.19
CA LYS B 424 -20.61 14.50 10.43
C LYS B 424 -19.78 15.21 9.38
N LEU B 425 -18.50 14.88 9.31
CA LEU B 425 -17.47 15.36 8.39
C LEU B 425 -17.30 14.41 7.22
N PRO B 426 -17.30 14.87 5.98
CA PRO B 426 -17.20 13.94 4.86
C PRO B 426 -15.89 13.21 4.88
N ASP B 427 -15.79 12.20 4.03
CA ASP B 427 -14.64 11.31 4.09
C ASP B 427 -13.44 11.82 3.29
N ASP B 428 -13.61 12.87 2.51
CA ASP B 428 -12.51 13.53 1.83
C ASP B 428 -12.40 14.98 2.25
N PHE B 429 -12.47 15.22 3.56
CA PHE B 429 -12.44 16.56 4.11
C PHE B 429 -11.23 17.31 3.59
N THR B 430 -11.31 18.63 3.58
CA THR B 430 -10.20 19.44 3.09
C THR B 430 -9.68 20.46 4.09
N GLY B 431 -10.47 20.88 5.05
CA GLY B 431 -10.12 22.02 5.87
C GLY B 431 -9.23 21.68 7.04
N CYS B 432 -9.45 22.38 8.14
CA CYS B 432 -8.74 22.13 9.38
C CYS B 432 -9.70 22.21 10.55
N VAL B 433 -9.33 21.57 11.64
CA VAL B 433 -10.15 21.47 12.83
C VAL B 433 -9.37 22.10 13.96
N ILE B 434 -9.96 23.04 14.67
CA ILE B 434 -9.31 23.76 15.75
C ILE B 434 -10.14 23.64 17.01
N ALA B 435 -9.49 23.48 18.15
CA ALA B 435 -10.23 23.25 19.38
C ALA B 435 -9.44 23.74 20.57
N TRP B 436 -10.13 24.36 21.53
CA TRP B 436 -9.44 24.82 22.71
C TRP B 436 -10.35 24.73 23.93
N ASN B 437 -9.73 24.53 25.08
CA ASN B 437 -10.50 24.36 26.30
C ASN B 437 -11.13 25.68 26.72
N SER B 438 -12.33 25.59 27.27
CA SER B 438 -13.05 26.78 27.69
C SER B 438 -13.75 26.54 29.00
N ASN B 439 -13.06 25.97 29.98
CA ASN B 439 -13.72 25.63 31.23
C ASN B 439 -14.25 26.85 31.96
N ASN B 440 -13.53 27.95 31.92
CA ASN B 440 -13.91 29.09 32.74
C ASN B 440 -15.07 29.87 32.18
N LEU B 441 -15.33 29.76 30.89
CA LEU B 441 -16.40 30.51 30.26
C LEU B 441 -17.73 29.78 30.26
N ASP B 442 -17.73 28.47 30.07
CA ASP B 442 -18.94 27.74 29.78
C ASP B 442 -19.45 26.92 30.94
N SER B 443 -18.61 26.65 31.93
CA SER B 443 -19.01 25.82 33.04
C SER B 443 -19.30 26.69 34.25
N LYS B 444 -20.45 26.44 34.90
CA LYS B 444 -20.83 27.27 36.01
C LYS B 444 -21.30 26.41 37.16
N VAL B 445 -21.00 26.87 38.37
CA VAL B 445 -21.33 26.12 39.58
C VAL B 445 -22.80 25.80 39.61
N GLY B 446 -23.13 24.58 40.00
CA GLY B 446 -24.47 24.09 39.95
C GLY B 446 -24.84 23.44 38.64
N GLY B 447 -23.98 23.56 37.63
CA GLY B 447 -24.22 22.88 36.38
C GLY B 447 -24.82 23.77 35.32
N ASN B 448 -24.16 23.87 34.19
CA ASN B 448 -24.64 24.66 33.07
C ASN B 448 -25.44 23.72 32.17
N TYR B 449 -26.76 23.75 32.31
CA TYR B 449 -27.63 22.84 31.57
C TYR B 449 -28.16 23.45 30.29
N ASN B 450 -27.42 24.36 29.68
CA ASN B 450 -27.87 24.96 28.43
C ASN B 450 -27.18 24.42 27.21
N TYR B 451 -26.31 23.44 27.37
CA TYR B 451 -25.56 22.87 26.25
C TYR B 451 -26.02 21.45 26.04
N LEU B 452 -26.85 21.24 25.03
CA LEU B 452 -27.48 19.96 24.78
C LEU B 452 -26.81 19.25 23.62
N TYR B 453 -27.13 17.98 23.47
CA TYR B 453 -26.71 17.20 22.33
C TYR B 453 -27.77 16.16 22.05
N ARG B 454 -27.81 15.69 20.82
CA ARG B 454 -28.77 14.68 20.42
C ARG B 454 -28.17 13.31 20.63
N LEU B 455 -28.94 12.41 21.23
CA LEU B 455 -28.43 11.10 21.54
C LEU B 455 -29.24 9.96 20.93
N PHE B 456 -30.30 10.26 20.19
CA PHE B 456 -31.06 9.24 19.48
C PHE B 456 -31.44 9.77 18.11
N ARG B 457 -31.19 8.98 17.07
CA ARG B 457 -31.70 9.34 15.75
C ARG B 457 -31.96 8.07 14.96
N LYS B 458 -32.83 8.18 13.97
CA LYS B 458 -33.15 7.04 13.13
C LYS B 458 -31.93 6.57 12.34
N SER B 459 -31.18 7.50 11.76
CA SER B 459 -30.09 7.12 10.88
C SER B 459 -29.00 8.17 10.95
N ASN B 460 -27.77 7.72 10.80
CA ASN B 460 -26.63 8.61 10.89
C ASN B 460 -26.73 9.71 9.85
N LEU B 461 -26.11 10.84 10.16
CA LEU B 461 -26.24 12.02 9.33
C LEU B 461 -25.45 11.86 8.04
N LYS B 462 -25.93 12.51 6.99
CA LYS B 462 -25.07 12.73 5.84
C LYS B 462 -24.06 13.80 6.21
N PRO B 463 -22.90 13.83 5.56
CA PRO B 463 -21.90 14.83 5.91
C PRO B 463 -22.44 16.24 5.76
N PHE B 464 -22.21 17.05 6.80
CA PHE B 464 -22.61 18.46 6.81
C PHE B 464 -24.11 18.63 6.83
N GLU B 465 -24.83 17.61 7.26
CA GLU B 465 -26.27 17.68 7.40
C GLU B 465 -26.61 18.08 8.83
N ARG B 466 -27.77 18.70 9.00
CA ARG B 466 -28.14 19.32 10.26
C ARG B 466 -29.59 19.01 10.59
N ASP B 467 -29.89 18.78 11.87
CA ASP B 467 -31.18 18.25 12.29
C ASP B 467 -31.57 18.84 13.63
N ILE B 468 -32.46 19.82 13.63
CA ILE B 468 -32.86 20.50 14.85
C ILE B 468 -34.26 20.09 15.29
N SER B 469 -34.80 19.02 14.76
CA SER B 469 -36.15 18.62 15.16
C SER B 469 -36.13 18.10 16.58
N THR B 470 -37.33 17.97 17.16
CA THR B 470 -37.45 17.57 18.54
C THR B 470 -38.60 16.58 18.71
N GLU B 471 -38.72 15.65 17.80
CA GLU B 471 -39.77 14.64 17.88
C GLU B 471 -39.39 13.58 18.87
N ILE B 472 -40.40 13.03 19.54
CA ILE B 472 -40.17 11.97 20.51
C ILE B 472 -39.67 10.73 19.79
N TYR B 473 -38.49 10.27 20.17
CA TYR B 473 -37.89 9.08 19.57
C TYR B 473 -38.74 7.87 19.92
N GLN B 474 -38.67 6.85 19.07
CA GLN B 474 -39.44 5.63 19.28
C GLN B 474 -38.49 4.46 19.15
N ALA B 475 -38.07 3.91 20.27
CA ALA B 475 -37.12 2.80 20.22
C ALA B 475 -37.81 1.50 19.86
N GLY B 476 -38.77 1.06 20.67
CA GLY B 476 -39.50 -0.15 20.42
C GLY B 476 -40.50 0.00 19.30
N SER B 477 -41.23 -1.07 19.04
CA SER B 477 -42.20 -1.08 17.96
C SER B 477 -43.47 -0.32 18.30
N THR B 478 -43.76 -0.15 19.57
CA THR B 478 -45.00 0.50 19.96
C THR B 478 -44.98 1.97 19.56
N PRO B 479 -46.03 2.47 18.93
CA PRO B 479 -46.06 3.89 18.59
C PRO B 479 -46.11 4.76 19.83
N CYS B 480 -45.64 5.99 19.68
CA CYS B 480 -45.40 6.86 20.83
C CYS B 480 -46.50 7.89 21.06
N ASN B 481 -47.09 8.44 20.01
CA ASN B 481 -48.17 9.43 20.13
C ASN B 481 -47.73 10.64 20.93
N GLY B 482 -46.48 11.05 20.76
CA GLY B 482 -46.05 12.31 21.33
C GLY B 482 -45.96 12.37 22.84
N VAL B 483 -46.03 11.24 23.53
CA VAL B 483 -45.86 11.23 24.97
C VAL B 483 -44.70 10.32 25.32
N GLU B 484 -44.04 10.63 26.43
CA GLU B 484 -42.91 9.86 26.89
C GLU B 484 -43.35 8.52 27.46
N GLY B 485 -42.37 7.71 27.82
CA GLY B 485 -42.66 6.41 28.38
C GLY B 485 -41.57 5.44 27.97
N PHE B 486 -41.77 4.18 28.33
CA PHE B 486 -40.82 3.16 27.95
C PHE B 486 -40.71 3.09 26.44
N ASN B 487 -39.49 3.08 25.93
CA ASN B 487 -39.23 3.01 24.50
C ASN B 487 -39.83 4.20 23.76
N CYS B 488 -40.07 5.29 24.47
CA CYS B 488 -40.48 6.55 23.87
C CYS B 488 -39.72 7.65 24.61
N TYR B 489 -38.63 8.11 24.02
CA TYR B 489 -37.67 8.95 24.71
C TYR B 489 -37.56 10.31 24.05
N PHE B 490 -37.43 11.33 24.88
CA PHE B 490 -37.02 12.63 24.39
C PHE B 490 -35.62 12.53 23.83
N PRO B 491 -35.33 13.13 22.68
CA PRO B 491 -34.07 12.84 22.00
C PRO B 491 -32.90 13.73 22.37
N LEU B 492 -33.04 14.68 23.29
CA LEU B 492 -31.95 15.60 23.60
C LEU B 492 -31.55 15.48 25.05
N GLN B 493 -30.24 15.45 25.29
CA GLN B 493 -29.67 15.37 26.62
C GLN B 493 -28.86 16.64 26.83
N SER B 494 -28.50 16.95 28.07
CA SER B 494 -27.72 18.16 28.33
C SER B 494 -26.50 17.81 29.14
N TYR B 495 -25.34 18.26 28.68
CA TYR B 495 -24.13 18.25 29.48
C TYR B 495 -24.41 19.08 30.70
N GLY B 496 -24.26 18.53 31.90
CA GLY B 496 -24.28 19.43 33.01
C GLY B 496 -22.87 19.77 33.38
N PHE B 497 -22.35 20.87 32.84
CA PHE B 497 -20.95 21.19 33.05
C PHE B 497 -20.78 21.83 34.42
N GLN B 498 -19.71 21.46 35.10
CA GLN B 498 -19.43 22.02 36.40
C GLN B 498 -17.95 22.27 36.53
N PRO B 499 -17.56 23.34 37.22
CA PRO B 499 -16.16 23.74 37.18
C PRO B 499 -15.22 22.75 37.83
N THR B 500 -15.71 21.91 38.72
CA THR B 500 -14.86 20.89 39.33
C THR B 500 -14.99 19.56 38.60
N ASN B 501 -14.84 19.57 37.30
CA ASN B 501 -14.85 18.35 36.50
C ASN B 501 -13.45 18.03 36.03
N GLY B 502 -13.09 16.77 36.10
CA GLY B 502 -11.81 16.35 35.53
C GLY B 502 -11.73 16.69 34.07
N VAL B 503 -10.51 16.92 33.60
CA VAL B 503 -10.32 17.19 32.18
C VAL B 503 -10.89 16.03 31.39
N GLY B 504 -11.35 16.31 30.19
CA GLY B 504 -12.11 15.32 29.46
C GLY B 504 -13.56 15.30 29.84
N TYR B 505 -13.97 16.09 30.82
CA TYR B 505 -15.37 16.41 31.01
C TYR B 505 -15.61 17.90 31.06
N GLN B 506 -14.61 18.70 30.80
CA GLN B 506 -14.80 20.13 30.76
C GLN B 506 -15.09 20.56 29.33
N PRO B 507 -15.78 21.68 29.15
CA PRO B 507 -16.22 22.03 27.81
C PRO B 507 -15.09 22.52 26.95
N TYR B 508 -15.10 22.06 25.69
CA TYR B 508 -14.13 22.50 24.70
C TYR B 508 -14.90 23.20 23.61
N ARG B 509 -14.37 24.29 23.10
CA ARG B 509 -14.99 24.95 21.97
C ARG B 509 -14.27 24.56 20.71
N VAL B 510 -15.02 24.30 19.65
CA VAL B 510 -14.49 23.75 18.42
C VAL B 510 -14.93 24.62 17.25
N VAL B 511 -14.01 24.83 16.31
CA VAL B 511 -14.27 25.53 15.06
C VAL B 511 -13.70 24.68 13.94
N VAL B 512 -14.51 24.39 12.95
CA VAL B 512 -14.12 23.54 11.83
C VAL B 512 -14.12 24.41 10.59
N LEU B 513 -12.94 24.67 10.04
CA LEU B 513 -12.84 25.42 8.80
C LEU B 513 -12.84 24.46 7.65
N SER B 514 -13.68 24.73 6.66
CA SER B 514 -13.80 23.84 5.51
C SER B 514 -13.62 24.65 4.25
N PHE B 515 -12.51 24.47 3.57
CA PHE B 515 -12.25 25.20 2.34
C PHE B 515 -12.88 24.43 1.20
N GLU B 516 -13.71 25.10 0.42
CA GLU B 516 -14.31 24.44 -0.71
C GLU B 516 -13.96 25.17 -2.00
N LEU B 517 -13.96 24.42 -3.10
CA LEU B 517 -13.63 24.99 -4.41
C LEU B 517 -14.64 24.56 -5.48
N LEU B 518 -15.73 25.31 -5.60
CA LEU B 518 -16.76 25.00 -6.58
C LEU B 518 -16.19 25.08 -8.00
N HIS B 519 -16.53 26.14 -8.72
CA HIS B 519 -16.06 26.32 -10.09
C HIS B 519 -16.16 27.79 -10.51
N ALA B 520 -15.98 28.69 -9.54
CA ALA B 520 -16.05 30.12 -9.82
C ALA B 520 -14.76 30.61 -10.47
N PRO B 521 -14.54 31.92 -10.44
CA PRO B 521 -13.34 32.51 -11.05
C PRO B 521 -12.21 32.74 -10.04
N ALA B 522 -12.57 32.81 -8.77
CA ALA B 522 -11.59 33.03 -7.70
C ALA B 522 -12.30 33.45 -6.40
N THR B 523 -11.50 33.69 -5.37
CA THR B 523 -12.04 34.10 -4.07
C THR B 523 -10.91 34.36 -3.07
N VAL B 524 -11.27 34.40 -1.79
CA VAL B 524 -10.31 34.65 -0.72
C VAL B 524 -9.09 33.73 -0.74
N CYS B 525 -7.98 34.22 -0.18
CA CYS B 525 -6.75 33.45 -0.11
C CYS B 525 -5.76 34.10 0.85
N GLY B 526 -4.60 33.50 1.02
CA GLY B 526 -3.59 34.05 1.90
C GLY B 526 -3.03 35.32 1.30
N PRO B 527 -2.24 36.08 2.07
CA PRO B 527 -1.67 37.32 1.55
C PRO B 527 -0.24 37.14 1.04
N LYS B 528 -0.06 37.05 -0.27
CA LYS B 528 1.27 36.88 -0.84
C LYS B 528 1.96 38.21 -1.08
N LYS B 529 1.96 38.66 -2.33
CA LYS B 529 2.61 39.91 -2.70
C LYS B 529 1.98 40.52 -3.95
N SER B 530 1.91 39.72 -5.02
CA SER B 530 1.34 40.18 -6.28
C SER B 530 2.28 41.19 -6.94
N THR B 531 3.44 40.72 -7.36
CA THR B 531 4.43 41.59 -8.01
C THR B 531 3.88 42.23 -9.28
N ASN B 532 4.19 41.64 -10.43
CA ASN B 532 3.73 42.17 -11.71
C ASN B 532 3.44 41.08 -12.72
N LEU B 533 4.09 41.15 -13.88
CA LEU B 533 3.89 40.16 -14.94
C LEU B 533 4.88 40.40 -16.08
N VAL B 534 5.17 39.35 -16.85
CA VAL B 534 6.08 39.47 -17.97
C VAL B 534 5.63 38.51 -19.06
N LYS B 535 6.16 38.67 -20.25
CA LYS B 535 5.76 37.80 -21.36
C LYS B 535 6.98 37.39 -22.15
N ASN B 536 6.82 36.31 -22.91
CA ASN B 536 7.81 35.81 -23.86
C ASN B 536 9.10 35.39 -23.20
N LYS B 537 9.05 34.93 -21.95
CA LYS B 537 10.22 34.43 -21.24
C LYS B 537 9.78 33.25 -20.38
N CYS B 538 10.58 32.18 -20.39
CA CYS B 538 10.28 31.06 -19.51
C CYS B 538 10.32 31.56 -18.08
N VAL B 539 9.19 31.48 -17.40
CA VAL B 539 8.98 32.13 -16.12
C VAL B 539 8.31 31.15 -15.17
N ASN B 540 8.38 31.46 -13.90
CA ASN B 540 7.74 30.68 -12.86
C ASN B 540 6.59 31.51 -12.33
N PHE B 541 5.36 31.07 -12.59
CA PHE B 541 4.20 31.92 -12.37
C PHE B 541 3.23 31.32 -11.36
N ASN B 542 2.43 32.20 -10.76
CA ASN B 542 1.34 31.83 -9.86
C ASN B 542 0.19 32.79 -10.15
N PHE B 543 -0.92 32.24 -10.62
CA PHE B 543 -2.14 33.00 -10.92
C PHE B 543 -3.22 32.58 -9.92
N ASN B 544 -3.34 33.36 -8.85
CA ASN B 544 -4.25 33.15 -7.73
C ASN B 544 -4.48 31.67 -7.42
N GLY B 545 -3.40 30.91 -7.32
CA GLY B 545 -3.53 29.50 -6.98
C GLY B 545 -2.89 28.59 -8.00
N LEU B 546 -3.04 28.91 -9.28
CA LEU B 546 -2.43 28.13 -10.35
C LEU B 546 -0.93 28.33 -10.33
N THR B 547 -0.19 27.29 -9.97
CA THR B 547 1.26 27.35 -9.94
C THR B 547 1.80 26.64 -11.17
N GLY B 548 2.69 27.30 -11.91
CA GLY B 548 3.28 26.65 -13.07
C GLY B 548 4.55 27.28 -13.60
N THR B 549 5.02 26.77 -14.74
CA THR B 549 6.22 27.28 -15.39
C THR B 549 5.97 27.34 -16.89
N GLY B 550 6.54 28.34 -17.54
CA GLY B 550 6.45 28.40 -18.98
C GLY B 550 6.52 29.82 -19.49
N VAL B 551 6.40 29.93 -20.80
CA VAL B 551 6.31 31.18 -21.52
C VAL B 551 4.85 31.60 -21.58
N LEU B 552 4.61 32.88 -21.34
CA LEU B 552 3.27 33.47 -21.36
C LEU B 552 3.15 34.29 -22.65
N THR B 553 2.02 34.18 -23.32
CA THR B 553 1.84 34.88 -24.59
C THR B 553 0.43 35.43 -24.71
N GLU B 554 0.28 36.56 -25.41
CA GLU B 554 -1.03 37.13 -25.65
C GLU B 554 -1.90 36.17 -26.44
N SER B 555 -3.14 36.01 -26.00
CA SER B 555 -4.03 35.03 -26.62
C SER B 555 -4.96 35.68 -27.62
N ASN B 556 -5.75 34.83 -28.27
CA ASN B 556 -6.84 35.30 -29.11
C ASN B 556 -8.07 34.41 -28.95
N LYS B 557 -8.11 33.63 -27.87
CA LYS B 557 -9.24 32.74 -27.59
C LYS B 557 -10.26 33.45 -26.71
N LYS B 558 -11.45 33.65 -27.24
CA LYS B 558 -12.52 34.34 -26.51
C LYS B 558 -13.04 33.60 -25.28
N PHE B 559 -12.36 33.78 -24.15
CA PHE B 559 -12.76 33.15 -22.91
C PHE B 559 -14.13 33.70 -22.51
N LEU B 560 -15.17 32.88 -22.67
CA LEU B 560 -16.53 33.31 -22.33
C LEU B 560 -16.59 34.04 -20.99
N PRO B 561 -17.31 35.22 -20.99
CA PRO B 561 -17.33 35.91 -19.69
C PRO B 561 -17.84 35.08 -18.52
N PHE B 562 -17.00 34.15 -18.05
CA PHE B 562 -17.33 33.29 -16.91
C PHE B 562 -16.39 32.10 -16.84
N GLN B 563 -15.47 32.04 -17.80
CA GLN B 563 -14.50 30.96 -17.86
C GLN B 563 -13.18 31.41 -17.22
N GLN B 564 -12.84 30.81 -16.09
CA GLN B 564 -11.62 31.15 -15.38
C GLN B 564 -10.34 30.83 -16.16
N PHE B 565 -10.26 29.61 -16.72
CA PHE B 565 -9.08 29.14 -17.50
C PHE B 565 -9.37 28.23 -18.73
N GLY B 566 -8.32 27.81 -19.46
CA GLY B 566 -8.41 26.96 -20.66
C GLY B 566 -7.98 25.50 -20.36
N ARG B 567 -8.80 24.50 -20.70
CA ARG B 567 -8.45 23.08 -20.45
C ARG B 567 -8.11 22.38 -21.81
N ASP B 568 -7.00 21.63 -21.87
CA ASP B 568 -6.55 20.93 -23.10
C ASP B 568 -6.71 19.38 -22.99
N ILE B 569 -7.02 18.70 -24.11
CA ILE B 569 -7.30 17.27 -24.06
C ILE B 569 -6.04 16.63 -23.51
N ALA B 570 -6.24 15.65 -22.61
CA ALA B 570 -5.21 15.09 -21.74
C ALA B 570 -4.98 15.98 -20.54
N ASP B 571 -5.80 17.01 -20.40
CA ASP B 571 -5.95 17.75 -19.15
C ASP B 571 -4.69 18.44 -18.64
N THR B 572 -4.15 19.38 -19.41
CA THR B 572 -3.07 20.24 -18.94
C THR B 572 -3.46 21.69 -19.13
N THR B 573 -3.19 22.52 -18.13
CA THR B 573 -3.49 23.93 -18.20
C THR B 573 -2.73 24.57 -19.35
N ASP B 574 -3.45 25.23 -20.25
CA ASP B 574 -2.78 25.86 -21.37
C ASP B 574 -3.18 27.30 -21.62
N ALA B 575 -4.15 27.82 -20.88
CA ALA B 575 -4.48 29.24 -20.92
C ALA B 575 -4.88 29.69 -19.53
N VAL B 576 -4.68 30.97 -19.24
CA VAL B 576 -5.15 31.57 -17.99
C VAL B 576 -5.75 32.92 -18.32
N ARG B 577 -6.40 33.49 -17.32
CA ARG B 577 -6.92 34.84 -17.38
C ARG B 577 -6.28 35.64 -16.26
N ASP B 578 -5.75 36.81 -16.59
CA ASP B 578 -5.08 37.61 -15.57
C ASP B 578 -6.13 38.25 -14.68
N PRO B 579 -6.10 38.04 -13.38
CA PRO B 579 -7.17 38.55 -12.53
C PRO B 579 -7.34 40.06 -12.60
N GLN B 580 -6.24 40.81 -12.66
CA GLN B 580 -6.34 42.26 -12.58
C GLN B 580 -6.86 42.87 -13.88
N THR B 581 -6.24 42.53 -15.00
CA THR B 581 -6.64 43.13 -16.27
C THR B 581 -7.66 42.29 -17.05
N LEU B 582 -7.83 41.01 -16.68
CA LEU B 582 -8.85 40.13 -17.27
C LEU B 582 -8.60 39.88 -18.76
N GLU B 583 -7.39 39.47 -19.10
CA GLU B 583 -7.05 39.10 -20.46
C GLU B 583 -6.49 37.70 -20.48
N ILE B 584 -6.76 37.00 -21.57
CA ILE B 584 -6.42 35.59 -21.72
C ILE B 584 -5.00 35.49 -22.24
N LEU B 585 -4.21 34.61 -21.64
CA LEU B 585 -2.81 34.41 -21.99
C LEU B 585 -2.55 32.92 -22.14
N ASP B 586 -1.92 32.53 -23.24
CA ASP B 586 -1.53 31.14 -23.42
C ASP B 586 -0.25 30.82 -22.68
N ILE B 587 -0.14 29.57 -22.24
CA ILE B 587 1.03 29.13 -21.50
C ILE B 587 1.78 28.04 -22.23
N THR B 588 2.70 28.46 -23.10
CA THR B 588 3.52 27.52 -23.85
C THR B 588 4.58 26.94 -22.92
N PRO B 589 5.02 25.72 -23.20
CA PRO B 589 6.05 25.08 -22.37
C PRO B 589 7.42 25.69 -22.61
N CYS B 590 8.45 25.04 -22.11
CA CYS B 590 9.82 25.51 -22.27
C CYS B 590 10.58 24.60 -23.23
N SER B 591 11.31 25.20 -24.16
CA SER B 591 12.07 24.44 -25.15
C SER B 591 12.80 23.25 -24.53
N PHE B 592 12.81 22.14 -25.23
CA PHE B 592 13.48 20.92 -24.75
C PHE B 592 13.60 19.88 -25.85
N GLY B 593 14.41 18.86 -25.60
CA GLY B 593 14.62 17.78 -26.55
C GLY B 593 15.85 16.97 -26.17
N GLY B 594 16.19 15.95 -26.94
CA GLY B 594 17.36 15.17 -26.61
C GLY B 594 18.65 15.80 -27.11
N VAL B 595 19.75 15.39 -26.50
CA VAL B 595 21.07 15.81 -26.92
C VAL B 595 21.86 14.57 -27.29
N SER B 596 22.44 14.58 -28.48
CA SER B 596 23.24 13.46 -28.96
C SER B 596 24.65 13.92 -29.22
N VAL B 597 25.59 13.00 -29.04
CA VAL B 597 27.01 13.28 -29.22
C VAL B 597 27.54 12.41 -30.36
N ILE B 598 28.17 13.04 -31.34
CA ILE B 598 28.72 12.39 -32.51
C ILE B 598 30.23 12.37 -32.34
N THR B 599 30.79 11.17 -32.32
CA THR B 599 32.22 10.98 -32.12
C THR B 599 32.81 10.04 -33.16
N PRO B 600 33.97 10.37 -33.72
CA PRO B 600 34.66 9.41 -34.61
C PRO B 600 35.25 8.21 -33.90
N GLY B 601 35.19 8.14 -32.59
CA GLY B 601 35.78 7.06 -31.82
C GLY B 601 37.04 7.56 -31.14
N THR B 602 37.19 7.21 -29.86
CA THR B 602 38.29 7.73 -29.06
C THR B 602 39.64 7.22 -29.51
N ASN B 603 39.64 6.19 -30.35
CA ASN B 603 40.83 5.61 -30.95
C ASN B 603 41.22 6.31 -32.24
N THR B 604 40.55 7.43 -32.53
CA THR B 604 40.81 8.19 -33.74
C THR B 604 41.05 9.64 -33.38
N SER B 605 40.28 10.12 -32.40
CA SER B 605 40.29 11.53 -32.03
C SER B 605 39.41 11.69 -30.81
N ASN B 606 39.52 12.85 -30.18
CA ASN B 606 38.67 13.19 -29.03
C ASN B 606 37.78 14.38 -29.33
N GLN B 607 37.75 14.84 -30.59
CA GLN B 607 36.80 15.85 -30.99
C GLN B 607 35.39 15.27 -31.02
N VAL B 608 34.41 16.16 -30.99
CA VAL B 608 33.03 15.75 -30.79
C VAL B 608 32.13 16.79 -31.44
N ALA B 609 30.98 16.35 -31.94
CA ALA B 609 29.93 17.25 -32.39
C ALA B 609 28.65 16.94 -31.63
N VAL B 610 27.74 17.89 -31.58
CA VAL B 610 26.58 17.80 -30.69
C VAL B 610 25.32 18.14 -31.47
N LEU B 611 24.32 17.28 -31.38
CA LEU B 611 23.03 17.50 -32.00
C LEU B 611 21.99 17.80 -30.93
N TYR B 612 21.34 18.95 -31.04
CA TYR B 612 20.18 19.29 -30.23
C TYR B 612 18.96 18.96 -31.06
N GLN B 613 18.20 17.97 -30.65
CA GLN B 613 17.21 17.37 -31.54
C GLN B 613 15.98 18.25 -31.60
N ASP B 614 15.53 18.52 -32.83
CA ASP B 614 14.42 19.39 -33.20
C ASP B 614 14.30 20.62 -32.30
N VAL B 615 15.45 21.26 -32.10
CA VAL B 615 15.50 22.55 -31.43
C VAL B 615 15.98 23.58 -32.43
N ASN B 616 15.33 24.73 -32.44
CA ASN B 616 15.78 25.80 -33.31
C ASN B 616 17.12 26.31 -32.83
N CYS B 617 18.05 26.46 -33.76
CA CYS B 617 19.45 26.61 -33.39
C CYS B 617 19.78 27.99 -32.86
N THR B 618 18.77 28.81 -32.55
CA THR B 618 18.98 30.17 -32.05
C THR B 618 18.74 30.22 -30.54
N GLU B 619 18.28 29.11 -29.98
CA GLU B 619 17.95 29.07 -28.56
C GLU B 619 18.68 27.93 -27.87
N VAL B 620 19.90 27.65 -28.32
CA VAL B 620 20.67 26.53 -27.80
C VAL B 620 21.26 26.86 -26.43
N PRO B 621 21.98 27.97 -26.25
CA PRO B 621 22.52 28.17 -24.91
C PRO B 621 21.66 29.10 -24.06
N SER B 640 32.63 29.64 -34.81
CA SER B 640 32.32 28.21 -34.73
C SER B 640 31.33 27.79 -35.80
N ASN B 641 30.88 26.54 -35.72
CA ASN B 641 30.02 25.94 -36.72
C ASN B 641 28.67 25.63 -36.11
N VAL B 642 27.67 26.45 -36.41
CA VAL B 642 26.29 26.13 -36.10
C VAL B 642 25.57 25.91 -37.42
N PHE B 643 24.91 24.77 -37.53
CA PHE B 643 24.32 24.34 -38.78
C PHE B 643 22.93 23.81 -38.45
N GLN B 644 21.94 24.26 -39.20
CA GLN B 644 20.56 23.89 -38.95
C GLN B 644 20.14 22.74 -39.85
N THR B 645 19.52 21.74 -39.26
CA THR B 645 19.09 20.54 -39.95
C THR B 645 17.61 20.38 -39.72
N ARG B 646 16.98 19.60 -40.59
CA ARG B 646 15.62 19.15 -40.34
C ARG B 646 15.52 18.26 -39.11
N ALA B 647 16.65 17.83 -38.55
CA ALA B 647 16.68 16.96 -37.39
C ALA B 647 17.14 17.69 -36.12
N GLY B 648 17.43 18.98 -36.20
CA GLY B 648 17.87 19.75 -35.06
C GLY B 648 19.05 20.64 -35.39
N CYS B 649 19.67 21.16 -34.34
CA CYS B 649 20.81 22.04 -34.49
C CYS B 649 22.11 21.32 -34.19
N LEU B 650 23.03 21.35 -35.15
CA LEU B 650 24.30 20.65 -35.08
C LEU B 650 25.41 21.65 -34.79
N ILE B 651 26.23 21.36 -33.78
CA ILE B 651 27.32 22.24 -33.38
C ILE B 651 28.62 21.45 -33.39
N GLY B 652 29.64 21.99 -34.04
CA GLY B 652 30.95 21.38 -34.06
C GLY B 652 31.30 20.61 -35.30
N ALA B 653 30.48 20.68 -36.33
CA ALA B 653 30.76 20.08 -37.63
C ALA B 653 30.53 21.13 -38.69
N GLU B 654 31.35 21.12 -39.74
CA GLU B 654 31.18 22.05 -40.83
C GLU B 654 30.41 21.39 -41.97
N HIS B 655 29.60 22.19 -42.65
CA HIS B 655 28.79 21.72 -43.76
C HIS B 655 29.55 21.88 -45.07
N VAL B 656 29.71 20.78 -45.80
CA VAL B 656 30.37 20.79 -47.09
C VAL B 656 29.34 20.57 -48.19
N ASN B 657 29.77 20.72 -49.43
CA ASN B 657 28.89 20.61 -50.59
C ASN B 657 29.07 19.31 -51.35
N ASN B 658 30.12 18.55 -51.07
CA ASN B 658 30.32 17.23 -51.64
C ASN B 658 29.23 16.28 -51.17
N SER B 659 29.25 15.05 -51.67
CA SER B 659 28.34 14.02 -51.17
C SER B 659 29.05 12.68 -51.19
N TYR B 660 29.11 12.04 -50.05
CA TYR B 660 29.81 10.78 -49.88
C TYR B 660 28.80 9.70 -49.51
N GLU B 661 29.31 8.49 -49.31
CA GLU B 661 28.52 7.43 -48.73
C GLU B 661 28.33 7.69 -47.25
N CYS B 662 27.17 7.30 -46.72
CA CYS B 662 26.83 7.67 -45.36
C CYS B 662 27.76 6.97 -44.36
N ASP B 663 28.16 7.70 -43.34
CA ASP B 663 29.08 7.20 -42.34
C ASP B 663 28.42 7.09 -40.97
N ILE B 664 28.01 8.23 -40.45
CA ILE B 664 27.29 8.32 -39.18
C ILE B 664 25.97 8.99 -39.50
N PRO B 665 24.85 8.33 -39.30
CA PRO B 665 23.58 8.89 -39.75
C PRO B 665 23.02 9.93 -38.80
N ILE B 666 22.83 11.15 -39.28
CA ILE B 666 22.20 12.19 -38.49
C ILE B 666 20.70 12.17 -38.65
N GLY B 667 20.22 12.24 -39.88
CA GLY B 667 18.80 12.14 -40.15
C GLY B 667 18.37 13.04 -41.28
N ALA B 668 17.20 12.75 -41.81
CA ALA B 668 16.61 13.52 -42.92
C ALA B 668 17.57 13.68 -44.08
N GLY B 669 18.34 12.63 -44.37
CA GLY B 669 19.28 12.65 -45.46
C GLY B 669 20.66 13.16 -45.14
N ILE B 670 20.93 13.56 -43.90
CA ILE B 670 22.21 14.14 -43.52
C ILE B 670 23.02 13.10 -42.78
N CYS B 671 24.29 12.96 -43.16
CA CYS B 671 25.26 12.17 -42.41
C CYS B 671 26.50 12.99 -42.03
N ALA B 672 27.33 12.42 -41.17
CA ALA B 672 28.53 13.09 -40.69
C ALA B 672 29.71 12.14 -40.83
N SER B 673 30.90 12.73 -40.93
CA SER B 673 32.11 11.92 -41.00
C SER B 673 33.28 12.72 -40.43
N TYR B 674 34.34 12.01 -40.10
CA TYR B 674 35.57 12.63 -39.62
C TYR B 674 36.57 12.68 -40.76
N GLN B 675 36.45 13.67 -41.63
CA GLN B 675 37.27 13.60 -42.83
C GLN B 675 38.06 14.85 -43.13
N THR B 676 37.39 15.99 -43.11
CA THR B 676 37.92 17.20 -43.72
C THR B 676 38.03 18.33 -42.71
N GLN B 690 41.97 17.06 -41.16
CA GLN B 690 40.70 16.42 -40.83
C GLN B 690 40.03 17.13 -39.68
N SER B 691 38.78 17.57 -39.84
CA SER B 691 38.12 18.04 -38.64
C SER B 691 36.89 17.23 -38.25
N ILE B 692 35.74 17.46 -38.89
CA ILE B 692 34.54 16.62 -38.87
C ILE B 692 33.62 17.33 -39.85
N ILE B 693 32.94 16.59 -40.72
CA ILE B 693 32.18 17.19 -41.80
C ILE B 693 30.77 16.63 -41.79
N ALA B 694 29.84 17.48 -42.22
CA ALA B 694 28.44 17.11 -42.36
C ALA B 694 28.02 17.36 -43.80
N TYR B 695 27.46 16.35 -44.45
CA TYR B 695 27.16 16.42 -45.88
C TYR B 695 25.85 15.71 -46.18
N THR B 696 25.34 15.94 -47.38
CA THR B 696 24.22 15.17 -47.90
C THR B 696 24.72 13.90 -48.57
N MET B 697 24.20 12.75 -48.14
CA MET B 697 24.76 11.48 -48.58
C MET B 697 24.46 11.18 -50.04
N SER B 698 25.41 10.53 -50.69
CA SER B 698 25.24 10.09 -52.06
C SER B 698 24.67 8.69 -52.07
N LEU B 699 23.87 8.41 -53.09
CA LEU B 699 23.22 7.12 -53.18
C LEU B 699 24.04 6.10 -53.95
N GLY B 700 24.95 6.54 -54.77
CA GLY B 700 25.80 5.66 -55.52
C GLY B 700 26.24 6.33 -56.80
N ALA B 701 27.11 5.64 -57.52
CA ALA B 701 27.53 6.12 -58.81
C ALA B 701 26.36 6.07 -59.79
N GLU B 702 26.44 6.89 -60.81
CA GLU B 702 25.36 7.02 -61.77
C GLU B 702 25.84 6.53 -63.12
N ASN B 703 24.94 5.88 -63.86
CA ASN B 703 25.34 5.53 -65.22
C ASN B 703 24.14 5.27 -66.10
N SER B 704 24.22 5.79 -67.31
CA SER B 704 23.29 5.49 -68.38
C SER B 704 23.71 4.21 -69.10
N VAL B 705 22.74 3.34 -69.30
CA VAL B 705 22.91 2.14 -70.10
C VAL B 705 22.81 2.56 -71.55
N ALA B 706 23.58 1.90 -72.40
CA ALA B 706 23.63 2.24 -73.82
C ALA B 706 22.48 1.59 -74.59
N TYR B 707 21.26 1.87 -74.17
CA TYR B 707 20.10 1.23 -74.74
C TYR B 707 19.85 1.75 -76.16
N SER B 708 19.60 0.82 -77.09
CA SER B 708 19.03 1.17 -78.39
C SER B 708 18.10 0.06 -78.84
N ASN B 709 17.46 0.20 -79.99
CA ASN B 709 16.48 -0.79 -80.39
C ASN B 709 17.08 -1.96 -81.16
N ASN B 710 18.39 -1.98 -81.41
CA ASN B 710 18.99 -3.16 -82.02
C ASN B 710 20.39 -3.44 -81.50
N SER B 711 20.66 -3.11 -80.24
CA SER B 711 21.95 -3.32 -79.63
C SER B 711 21.83 -4.33 -78.49
N ILE B 712 22.86 -5.16 -78.34
CA ILE B 712 22.89 -6.15 -77.28
C ILE B 712 24.31 -6.23 -76.72
N ALA B 713 24.42 -6.73 -75.49
CA ALA B 713 25.70 -6.95 -74.84
C ALA B 713 25.78 -8.40 -74.34
N ILE B 714 26.81 -9.11 -74.76
CA ILE B 714 26.98 -10.53 -74.43
C ILE B 714 28.28 -10.67 -73.65
N PRO B 715 28.31 -11.47 -72.58
CA PRO B 715 29.56 -11.68 -71.85
C PRO B 715 30.50 -12.66 -72.55
N THR B 716 31.79 -12.41 -72.42
CA THR B 716 32.81 -13.27 -73.03
C THR B 716 33.65 -14.04 -72.00
N ASN B 717 33.39 -13.83 -70.72
CA ASN B 717 34.14 -14.50 -69.67
C ASN B 717 33.25 -14.57 -68.44
N PHE B 718 33.77 -15.14 -67.37
CA PHE B 718 33.04 -15.22 -66.11
C PHE B 718 34.02 -15.25 -64.96
N THR B 719 33.49 -14.99 -63.76
CA THR B 719 34.21 -15.26 -62.52
C THR B 719 33.37 -16.19 -61.64
N ILE B 720 34.06 -16.93 -60.78
CA ILE B 720 33.44 -17.76 -59.76
C ILE B 720 33.55 -17.02 -58.43
N SER B 721 32.42 -16.71 -57.82
CA SER B 721 32.39 -16.01 -56.53
C SER B 721 32.02 -16.98 -55.41
N VAL B 722 32.55 -16.72 -54.21
CA VAL B 722 32.05 -17.34 -52.99
C VAL B 722 31.83 -16.24 -51.96
N THR B 723 30.66 -16.27 -51.32
CA THR B 723 30.32 -15.27 -50.32
C THR B 723 29.70 -15.93 -49.10
N THR B 724 29.88 -15.29 -47.94
CA THR B 724 29.37 -15.81 -46.69
C THR B 724 28.01 -15.22 -46.37
N GLU B 725 27.22 -15.99 -45.64
CA GLU B 725 26.02 -15.53 -44.99
C GLU B 725 25.97 -16.16 -43.60
N ILE B 726 25.62 -15.38 -42.59
CA ILE B 726 25.68 -15.83 -41.21
C ILE B 726 24.30 -15.66 -40.59
N LEU B 727 23.83 -16.70 -39.89
CA LEU B 727 22.51 -16.65 -39.31
C LEU B 727 22.50 -17.26 -37.91
N PRO B 728 21.81 -16.63 -36.97
CA PRO B 728 21.63 -17.22 -35.64
C PRO B 728 20.61 -18.33 -35.66
N VAL B 729 20.84 -19.37 -34.85
CA VAL B 729 19.85 -20.42 -34.72
C VAL B 729 19.39 -20.66 -33.29
N SER B 730 20.08 -20.19 -32.25
CA SER B 730 19.60 -20.44 -30.89
C SER B 730 20.15 -19.41 -29.91
N MET B 731 19.47 -19.32 -28.76
CA MET B 731 19.90 -18.58 -27.58
C MET B 731 20.26 -19.52 -26.45
N THR B 732 20.87 -18.98 -25.40
CA THR B 732 21.16 -19.74 -24.20
C THR B 732 19.88 -20.04 -23.42
N LYS B 733 19.81 -21.26 -22.90
CA LYS B 733 18.68 -21.72 -22.11
C LYS B 733 18.91 -21.37 -20.66
N THR B 734 18.09 -20.48 -20.14
CA THR B 734 18.21 -20.08 -18.76
C THR B 734 16.90 -20.37 -18.06
N SER B 735 16.99 -20.55 -16.74
CA SER B 735 15.83 -20.82 -15.89
C SER B 735 15.97 -20.07 -14.56
N VAL B 736 14.89 -19.39 -14.15
CA VAL B 736 14.89 -18.63 -12.91
C VAL B 736 13.91 -19.29 -11.98
N ASP B 737 14.32 -19.48 -10.73
CA ASP B 737 13.41 -19.89 -9.67
C ASP B 737 12.75 -18.63 -9.12
N CYS B 738 11.46 -18.46 -9.44
CA CYS B 738 10.74 -17.25 -9.04
C CYS B 738 10.81 -17.02 -7.54
N THR B 739 10.56 -18.07 -6.75
CA THR B 739 10.54 -17.93 -5.30
C THR B 739 11.90 -17.56 -4.75
N MET B 740 12.98 -18.11 -5.30
CA MET B 740 14.30 -17.84 -4.76
C MET B 740 14.84 -16.49 -5.22
N TYR B 741 14.37 -15.99 -6.35
CA TYR B 741 14.75 -14.64 -6.75
C TYR B 741 14.01 -13.62 -5.90
N ILE B 742 12.71 -13.80 -5.71
CA ILE B 742 11.96 -12.83 -4.94
C ILE B 742 12.38 -12.90 -3.48
N CYS B 743 11.72 -13.75 -2.70
CA CYS B 743 12.06 -13.90 -1.29
C CYS B 743 13.57 -14.11 -1.15
N GLY B 744 14.00 -15.35 -1.33
CA GLY B 744 15.41 -15.68 -1.25
C GLY B 744 15.84 -16.03 0.15
N ASP B 745 15.65 -17.29 0.53
CA ASP B 745 16.03 -17.79 1.85
C ASP B 745 14.99 -17.49 2.94
N SER B 746 14.75 -16.20 3.18
CA SER B 746 13.79 -15.79 4.21
C SER B 746 12.51 -16.61 4.16
N THR B 747 11.77 -16.63 5.27
CA THR B 747 10.53 -17.39 5.34
C THR B 747 9.31 -16.49 5.54
N GLU B 748 9.55 -15.24 5.91
CA GLU B 748 8.46 -14.29 6.10
C GLU B 748 7.98 -13.87 4.73
N CYS B 749 8.89 -13.96 3.77
CA CYS B 749 8.63 -13.60 2.38
C CYS B 749 7.82 -14.68 1.65
N SER B 750 8.11 -15.95 1.91
CA SER B 750 7.44 -17.01 1.17
C SER B 750 5.95 -17.08 1.47
N ASN B 751 5.57 -16.92 2.74
CA ASN B 751 4.15 -16.95 3.06
C ASN B 751 3.42 -15.74 2.51
N LEU B 752 4.08 -14.59 2.45
CA LEU B 752 3.46 -13.41 1.85
C LEU B 752 3.32 -13.57 0.34
N LEU B 753 4.31 -14.17 -0.32
CA LEU B 753 4.25 -14.36 -1.75
C LEU B 753 3.26 -15.43 -2.14
N LEU B 754 3.01 -16.41 -1.27
CA LEU B 754 1.97 -17.40 -1.49
C LEU B 754 0.61 -16.78 -1.74
N GLN B 755 0.43 -15.50 -1.40
CA GLN B 755 -0.86 -14.82 -1.52
C GLN B 755 -1.13 -14.30 -2.91
N TYR B 756 -0.21 -14.47 -3.85
CA TYR B 756 -0.35 -13.90 -5.17
C TYR B 756 -0.84 -14.89 -6.20
N GLY B 757 -1.04 -16.14 -5.83
CA GLY B 757 -1.61 -17.10 -6.74
C GLY B 757 -0.56 -17.81 -7.54
N SER B 758 -0.84 -17.99 -8.83
CA SER B 758 0.05 -18.75 -9.71
C SER B 758 0.90 -17.85 -10.58
N PHE B 759 1.34 -16.69 -10.09
CA PHE B 759 2.19 -15.82 -10.90
C PHE B 759 3.53 -16.45 -11.19
N CYS B 760 4.10 -17.21 -10.26
CA CYS B 760 5.41 -17.82 -10.45
C CYS B 760 5.37 -19.10 -11.25
N THR B 761 4.25 -19.82 -11.24
CA THR B 761 4.11 -21.01 -12.07
C THR B 761 4.03 -20.64 -13.54
N GLN B 762 3.34 -19.54 -13.86
CA GLN B 762 3.27 -19.06 -15.22
C GLN B 762 4.64 -18.68 -15.76
N LEU B 763 5.46 -18.01 -14.94
CA LEU B 763 6.75 -17.55 -15.42
C LEU B 763 7.69 -18.72 -15.69
N ASN B 764 7.66 -19.73 -14.85
CA ASN B 764 8.48 -20.92 -15.10
C ASN B 764 8.01 -21.68 -16.32
N ARG B 765 6.70 -21.77 -16.54
CA ARG B 765 6.23 -22.37 -17.78
C ARG B 765 6.72 -21.58 -19.00
N ALA B 766 6.64 -20.26 -18.93
CA ALA B 766 7.07 -19.44 -20.05
C ALA B 766 8.55 -19.64 -20.36
N LEU B 767 9.39 -19.67 -19.33
CA LEU B 767 10.81 -19.88 -19.57
C LEU B 767 11.14 -21.29 -20.02
N THR B 768 10.39 -22.29 -19.58
CA THR B 768 10.67 -23.65 -20.01
C THR B 768 10.29 -23.89 -21.46
N GLY B 769 9.20 -23.28 -21.92
CA GLY B 769 8.87 -23.37 -23.33
C GLY B 769 9.95 -22.81 -24.24
N ILE B 770 10.51 -21.66 -23.89
CA ILE B 770 11.62 -21.06 -24.61
C ILE B 770 12.81 -22.00 -24.71
N ALA B 771 13.19 -22.65 -23.61
CA ALA B 771 14.32 -23.56 -23.60
C ALA B 771 14.08 -24.82 -24.40
N VAL B 772 12.86 -25.31 -24.44
CA VAL B 772 12.57 -26.46 -25.28
C VAL B 772 12.55 -26.07 -26.75
N GLU B 773 12.21 -24.82 -27.07
CA GLU B 773 12.22 -24.39 -28.46
C GLU B 773 13.64 -24.25 -29.02
N GLN B 774 14.63 -23.98 -28.17
CA GLN B 774 15.98 -23.77 -28.65
C GLN B 774 16.62 -25.05 -29.17
N ASP B 775 16.21 -26.20 -28.68
CA ASP B 775 16.74 -27.46 -29.19
C ASP B 775 16.08 -27.87 -30.49
N LYS B 776 14.81 -27.53 -30.64
CA LYS B 776 14.11 -27.79 -31.88
C LYS B 776 14.58 -26.90 -33.01
N ASN B 777 14.96 -25.66 -32.71
CA ASN B 777 15.64 -24.82 -33.68
C ASN B 777 16.85 -25.51 -34.30
N THR B 778 17.71 -26.07 -33.45
CA THR B 778 18.95 -26.69 -33.92
C THR B 778 18.70 -28.01 -34.61
N GLN B 779 17.75 -28.80 -34.12
CA GLN B 779 17.38 -30.03 -34.80
C GLN B 779 16.85 -29.74 -36.19
N GLU B 780 16.07 -28.68 -36.35
CA GLU B 780 15.53 -28.35 -37.66
C GLU B 780 16.57 -27.81 -38.61
N VAL B 781 17.59 -27.10 -38.14
CA VAL B 781 18.60 -26.62 -39.08
C VAL B 781 19.57 -27.73 -39.46
N PHE B 782 20.06 -28.52 -38.50
CA PHE B 782 21.23 -29.35 -38.76
C PHE B 782 20.92 -30.82 -39.00
N ALA B 783 19.94 -31.41 -38.34
CA ALA B 783 19.68 -32.85 -38.49
C ALA B 783 18.81 -33.12 -39.71
N GLN B 784 19.26 -32.63 -40.85
CA GLN B 784 18.57 -32.74 -42.12
C GLN B 784 19.13 -33.86 -42.99
N VAL B 785 19.64 -34.92 -42.38
CA VAL B 785 20.32 -35.95 -43.15
C VAL B 785 20.06 -37.29 -42.49
N LYS B 786 19.79 -38.29 -43.32
CA LYS B 786 19.51 -39.63 -42.82
C LYS B 786 20.76 -40.30 -42.28
N GLN B 787 21.79 -40.40 -43.10
CA GLN B 787 22.99 -41.14 -42.81
C GLN B 787 24.11 -40.16 -42.49
N ILE B 788 25.18 -40.67 -41.91
CA ILE B 788 26.37 -39.88 -41.68
C ILE B 788 27.35 -40.27 -42.77
N TYR B 789 27.43 -39.44 -43.81
CA TYR B 789 28.23 -39.72 -44.98
C TYR B 789 29.69 -39.35 -44.76
N LYS B 790 30.57 -40.10 -45.42
CA LYS B 790 32.01 -39.89 -45.34
C LYS B 790 32.60 -39.68 -46.73
N THR B 791 33.60 -38.83 -46.81
CA THR B 791 34.35 -38.65 -48.03
C THR B 791 35.36 -39.79 -48.20
N PRO B 792 35.68 -40.15 -49.45
CA PRO B 792 36.66 -41.22 -49.67
C PRO B 792 38.06 -40.75 -49.35
N PRO B 793 38.99 -41.67 -49.08
CA PRO B 793 40.34 -41.28 -48.66
C PRO B 793 41.15 -40.50 -49.71
N ILE B 794 40.87 -40.69 -51.00
CA ILE B 794 41.46 -39.84 -52.03
C ILE B 794 40.78 -38.50 -52.03
N LYS B 795 41.31 -37.55 -52.80
CA LYS B 795 40.63 -36.27 -52.96
C LYS B 795 40.64 -35.86 -54.41
N ASP B 796 40.41 -36.80 -55.32
CA ASP B 796 40.42 -36.51 -56.75
C ASP B 796 39.06 -35.92 -57.12
N PHE B 797 38.95 -34.60 -57.02
CA PHE B 797 37.70 -33.89 -57.30
C PHE B 797 37.80 -33.00 -58.52
N GLY B 798 38.55 -33.39 -59.54
CA GLY B 798 38.62 -32.60 -60.74
C GLY B 798 39.45 -31.34 -60.64
N GLY B 799 40.38 -31.28 -59.71
CA GLY B 799 41.15 -30.09 -59.47
C GLY B 799 40.58 -29.17 -58.44
N PHE B 800 39.40 -29.46 -57.91
CA PHE B 800 38.80 -28.68 -56.85
C PHE B 800 39.33 -29.15 -55.50
N ASN B 801 39.55 -28.21 -54.61
CA ASN B 801 40.27 -28.45 -53.36
C ASN B 801 39.39 -27.99 -52.22
N PHE B 802 38.93 -28.93 -51.40
CA PHE B 802 37.99 -28.64 -50.33
C PHE B 802 38.63 -28.77 -48.96
N SER B 803 39.96 -28.69 -48.88
CA SER B 803 40.65 -29.06 -47.66
C SER B 803 40.40 -28.09 -46.52
N GLN B 804 40.10 -26.83 -46.82
CA GLN B 804 39.87 -25.87 -45.75
C GLN B 804 38.49 -26.00 -45.12
N ILE B 805 37.59 -26.79 -45.70
CA ILE B 805 36.26 -26.94 -45.16
C ILE B 805 35.91 -28.38 -44.86
N LEU B 806 36.79 -29.30 -45.09
CA LEU B 806 36.57 -30.66 -44.62
C LEU B 806 37.15 -30.84 -43.21
N PRO B 807 36.65 -31.81 -42.46
CA PRO B 807 37.08 -31.92 -41.06
C PRO B 807 38.56 -32.21 -40.89
N ASP B 808 39.09 -31.79 -39.74
CA ASP B 808 40.52 -31.93 -39.43
C ASP B 808 40.72 -33.14 -38.54
N PRO B 809 41.32 -34.22 -39.04
CA PRO B 809 41.41 -35.45 -38.24
C PRO B 809 42.32 -35.33 -37.02
N SER B 810 43.20 -34.34 -36.99
CA SER B 810 44.10 -34.14 -35.85
C SER B 810 43.52 -33.15 -34.84
N LYS B 811 42.38 -33.47 -34.25
CA LYS B 811 41.73 -32.61 -33.29
C LYS B 811 40.76 -33.44 -32.45
N PRO B 812 40.54 -33.06 -31.20
CA PRO B 812 39.45 -33.69 -30.44
C PRO B 812 38.08 -33.34 -30.96
N SER B 813 37.90 -32.11 -31.45
CA SER B 813 36.61 -31.63 -31.93
C SER B 813 36.34 -32.00 -33.38
N LYS B 814 37.39 -32.29 -34.16
CA LYS B 814 37.28 -32.66 -35.57
C LYS B 814 36.60 -31.58 -36.39
N ARG B 815 36.80 -30.31 -36.03
CA ARG B 815 36.26 -29.22 -36.82
C ARG B 815 37.15 -28.98 -38.03
N SER B 816 36.65 -28.18 -38.95
CA SER B 816 37.45 -27.80 -40.09
C SER B 816 38.24 -26.53 -39.76
N PRO B 817 39.09 -26.14 -40.69
CA PRO B 817 39.94 -24.95 -40.53
C PRO B 817 39.12 -23.67 -40.42
N ILE B 818 38.03 -23.57 -41.17
CA ILE B 818 37.19 -22.39 -41.13
C ILE B 818 36.25 -22.43 -39.94
N GLU B 819 35.83 -23.61 -39.52
CA GLU B 819 35.06 -23.74 -38.29
C GLU B 819 35.89 -23.49 -37.06
N ASP B 820 37.21 -23.71 -37.11
CA ASP B 820 38.08 -23.28 -36.03
C ASP B 820 38.29 -21.79 -36.02
N LEU B 821 38.38 -21.15 -37.17
CA LEU B 821 38.44 -19.71 -37.19
C LEU B 821 37.17 -19.08 -36.65
N LEU B 822 36.01 -19.66 -36.93
CA LEU B 822 34.76 -19.04 -36.47
C LEU B 822 34.56 -19.21 -34.98
N PHE B 823 35.12 -20.24 -34.36
CA PHE B 823 34.89 -20.44 -32.94
C PHE B 823 35.85 -19.67 -32.06
N ASN B 824 36.82 -18.98 -32.63
CA ASN B 824 37.71 -18.12 -31.87
C ASN B 824 37.36 -16.65 -32.02
N LYS B 825 36.29 -16.32 -32.72
CA LYS B 825 35.88 -14.95 -32.92
C LYS B 825 34.59 -14.60 -32.18
N VAL B 826 33.86 -15.58 -31.69
CA VAL B 826 32.62 -15.29 -30.97
C VAL B 826 32.74 -15.74 -29.52
N LYS B 854 26.96 -19.25 -10.67
CA LYS B 854 25.76 -19.45 -9.86
C LYS B 854 25.30 -18.15 -9.24
N PHE B 855 23.98 -18.01 -9.08
CA PHE B 855 23.39 -16.76 -8.64
C PHE B 855 22.09 -17.00 -7.87
N ASN B 856 21.28 -15.95 -7.75
CA ASN B 856 20.08 -15.95 -6.92
C ASN B 856 18.91 -16.65 -7.58
N GLY B 857 19.05 -17.93 -7.90
CA GLY B 857 18.01 -18.68 -8.58
C GLY B 857 18.20 -18.81 -10.07
N LEU B 858 19.27 -18.25 -10.63
CA LEU B 858 19.49 -18.28 -12.06
C LEU B 858 20.32 -19.50 -12.45
N THR B 859 19.93 -20.15 -13.54
CA THR B 859 20.63 -21.33 -14.00
C THR B 859 20.64 -21.41 -15.52
N VAL B 860 21.74 -21.94 -16.05
CA VAL B 860 21.93 -22.12 -17.48
C VAL B 860 21.96 -23.61 -17.78
N LEU B 861 21.05 -24.07 -18.58
CA LEU B 861 21.02 -25.46 -18.99
C LEU B 861 21.91 -25.67 -20.21
N PRO B 862 22.49 -26.87 -20.37
CA PRO B 862 23.29 -27.13 -21.56
C PRO B 862 22.45 -27.57 -22.73
N PRO B 863 22.88 -27.29 -23.97
CA PRO B 863 22.14 -27.79 -25.13
C PRO B 863 22.18 -29.30 -25.24
N LEU B 864 21.14 -29.85 -25.86
CA LEU B 864 21.06 -31.30 -26.04
C LEU B 864 22.16 -31.83 -26.94
N LEU B 865 22.41 -31.14 -28.04
CA LEU B 865 23.51 -31.49 -28.93
C LEU B 865 24.76 -30.75 -28.51
N THR B 866 25.83 -31.49 -28.28
CA THR B 866 27.17 -30.90 -28.24
C THR B 866 27.47 -30.27 -29.58
N ASP B 867 28.49 -29.42 -29.62
CA ASP B 867 28.86 -28.91 -30.93
C ASP B 867 29.86 -29.80 -31.66
N GLU B 868 30.37 -30.83 -31.01
CA GLU B 868 30.95 -31.94 -31.75
C GLU B 868 29.92 -32.63 -32.62
N MET B 869 28.74 -32.90 -32.09
CA MET B 869 27.63 -33.44 -32.86
C MET B 869 27.22 -32.53 -33.99
N ILE B 870 27.22 -31.22 -33.77
CA ILE B 870 26.84 -30.29 -34.82
C ILE B 870 27.90 -30.28 -35.91
N ALA B 871 29.17 -30.30 -35.55
CA ALA B 871 30.21 -30.39 -36.56
C ALA B 871 30.15 -31.69 -37.31
N GLN B 872 29.71 -32.76 -36.67
CA GLN B 872 29.55 -34.04 -37.33
C GLN B 872 28.34 -34.07 -38.27
N TYR B 873 27.28 -33.35 -37.96
CA TYR B 873 26.20 -33.18 -38.93
C TYR B 873 26.64 -32.36 -40.14
N THR B 874 27.41 -31.29 -39.90
CA THR B 874 27.80 -30.45 -41.02
C THR B 874 28.79 -31.13 -41.95
N SER B 875 29.73 -31.90 -41.43
CA SER B 875 30.64 -32.61 -42.31
C SER B 875 29.95 -33.67 -43.14
N ALA B 876 28.90 -34.28 -42.64
CA ALA B 876 28.13 -35.26 -43.40
C ALA B 876 27.31 -34.61 -44.47
N LEU B 877 26.72 -33.45 -44.18
CA LEU B 877 26.09 -32.67 -45.24
C LEU B 877 27.07 -32.28 -46.32
N LEU B 878 28.31 -31.97 -45.94
CA LEU B 878 29.32 -31.61 -46.93
C LEU B 878 29.74 -32.78 -47.81
N ALA B 879 30.01 -33.93 -47.23
CA ALA B 879 30.36 -35.12 -47.98
C ALA B 879 29.21 -35.65 -48.83
N GLY B 880 27.97 -35.44 -48.44
CA GLY B 880 26.86 -35.77 -49.31
C GLY B 880 26.86 -34.95 -50.58
N THR B 881 27.09 -33.65 -50.45
CA THR B 881 27.11 -32.74 -51.59
C THR B 881 28.29 -32.97 -52.51
N ILE B 882 29.48 -33.20 -51.96
CA ILE B 882 30.66 -33.30 -52.80
C ILE B 882 30.68 -34.63 -53.55
N THR B 883 29.95 -35.61 -53.06
CA THR B 883 29.99 -36.94 -53.64
C THR B 883 28.75 -37.31 -54.43
N SER B 884 27.60 -36.72 -54.14
CA SER B 884 26.38 -37.13 -54.79
C SER B 884 25.57 -35.98 -55.35
N GLY B 885 26.05 -34.76 -55.27
CA GLY B 885 25.31 -33.64 -55.80
C GLY B 885 24.07 -33.34 -55.02
N TRP B 886 22.90 -33.50 -55.64
CA TRP B 886 21.63 -33.26 -54.97
C TRP B 886 20.80 -34.52 -54.82
N THR B 887 21.34 -35.69 -55.09
CA THR B 887 20.52 -36.88 -55.05
C THR B 887 20.27 -37.37 -53.63
N PHE B 888 21.18 -37.11 -52.71
CA PHE B 888 20.98 -37.55 -51.33
C PHE B 888 19.92 -36.75 -50.61
N GLY B 889 19.54 -35.58 -51.12
CA GLY B 889 18.47 -34.81 -50.52
C GLY B 889 17.08 -35.24 -50.96
N ALA B 890 16.98 -36.12 -51.94
CA ALA B 890 15.70 -36.60 -52.42
C ALA B 890 15.54 -38.10 -52.27
N GLY B 891 16.54 -38.80 -51.78
CA GLY B 891 16.47 -40.23 -51.62
C GLY B 891 17.82 -40.80 -51.27
N PRO B 892 18.18 -41.90 -51.91
CA PRO B 892 19.48 -42.55 -51.69
C PRO B 892 20.56 -41.76 -52.43
N ALA B 893 21.75 -41.70 -51.85
CA ALA B 893 22.85 -40.97 -52.45
C ALA B 893 23.39 -41.74 -53.64
N LEU B 894 23.46 -41.08 -54.79
CA LEU B 894 23.95 -41.67 -56.02
C LEU B 894 25.22 -40.95 -56.42
N GLN B 895 26.34 -41.66 -56.43
CA GLN B 895 27.60 -41.03 -56.72
C GLN B 895 27.65 -40.57 -58.19
N ILE B 896 28.41 -39.51 -58.42
CA ILE B 896 28.62 -38.93 -59.73
C ILE B 896 29.98 -38.24 -59.64
N PRO B 897 30.80 -38.21 -60.68
CA PRO B 897 32.07 -37.46 -60.59
C PRO B 897 31.84 -35.96 -60.49
N PHE B 898 32.74 -35.28 -59.77
CA PHE B 898 32.49 -33.89 -59.39
C PHE B 898 32.46 -32.95 -60.60
N PRO B 899 33.30 -33.21 -61.59
CA PRO B 899 33.33 -32.39 -62.80
C PRO B 899 32.00 -32.50 -63.57
N MET B 900 31.40 -33.69 -63.58
CA MET B 900 30.14 -33.90 -64.27
C MET B 900 28.98 -33.29 -63.49
N GLN B 901 29.07 -33.26 -62.18
CA GLN B 901 28.06 -32.60 -61.38
C GLN B 901 28.14 -31.09 -61.55
N MET B 902 29.36 -30.56 -61.63
CA MET B 902 29.56 -29.15 -61.95
C MET B 902 29.01 -28.79 -63.31
N ALA B 903 29.11 -29.70 -64.26
CA ALA B 903 28.55 -29.49 -65.59
C ALA B 903 27.02 -29.56 -65.60
N TYR B 904 26.43 -30.42 -64.78
CA TYR B 904 24.97 -30.38 -64.61
C TYR B 904 24.51 -29.05 -64.05
N ARG B 905 25.26 -28.50 -63.10
CA ARG B 905 24.89 -27.23 -62.50
C ARG B 905 25.08 -26.07 -63.46
N PHE B 906 26.07 -26.13 -64.35
CA PHE B 906 26.17 -25.10 -65.38
C PHE B 906 24.97 -25.09 -66.30
N ASN B 907 24.38 -26.25 -66.57
CA ASN B 907 23.14 -26.31 -67.32
C ASN B 907 21.99 -25.65 -66.59
N GLY B 908 21.98 -25.72 -65.26
CA GLY B 908 20.86 -25.19 -64.50
C GLY B 908 20.80 -23.69 -64.52
N ILE B 909 21.93 -23.02 -64.76
CA ILE B 909 21.93 -21.58 -64.91
C ILE B 909 21.92 -21.14 -66.37
N GLY B 910 21.71 -22.07 -67.29
CA GLY B 910 21.59 -21.72 -68.68
C GLY B 910 22.88 -21.56 -69.45
N VAL B 911 23.95 -22.17 -69.00
CA VAL B 911 25.19 -22.20 -69.75
C VAL B 911 25.36 -23.61 -70.30
N THR B 912 25.90 -23.70 -71.49
CA THR B 912 26.06 -24.98 -72.15
C THR B 912 27.27 -25.69 -71.57
N GLN B 913 27.19 -27.01 -71.46
CA GLN B 913 28.08 -27.70 -70.53
C GLN B 913 29.49 -27.95 -71.06
N ASN B 914 29.77 -27.71 -72.33
CA ASN B 914 31.16 -27.70 -72.75
C ASN B 914 31.91 -26.47 -72.28
N VAL B 915 31.21 -25.39 -71.93
CA VAL B 915 31.87 -24.23 -71.35
C VAL B 915 32.56 -24.62 -70.05
N LEU B 916 32.06 -25.63 -69.35
CA LEU B 916 32.74 -26.09 -68.16
C LEU B 916 33.93 -26.99 -68.50
N TYR B 917 33.74 -27.95 -69.39
CA TYR B 917 34.78 -28.93 -69.62
C TYR B 917 35.97 -28.33 -70.34
N GLU B 918 35.76 -27.29 -71.14
CA GLU B 918 36.86 -26.63 -71.83
C GLU B 918 37.54 -25.59 -70.97
N ASN B 919 37.02 -25.29 -69.78
CA ASN B 919 37.58 -24.30 -68.89
C ASN B 919 37.77 -24.85 -67.49
N GLN B 920 37.78 -26.18 -67.35
CA GLN B 920 37.86 -26.82 -66.04
C GLN B 920 38.97 -26.29 -65.16
N LYS B 921 40.20 -26.20 -65.67
CA LYS B 921 41.31 -25.77 -64.84
C LYS B 921 41.17 -24.33 -64.35
N LEU B 922 40.77 -23.43 -65.25
CA LEU B 922 40.55 -22.06 -64.85
C LEU B 922 39.43 -21.95 -63.82
N ILE B 923 38.35 -22.71 -64.00
CA ILE B 923 37.23 -22.64 -63.07
C ILE B 923 37.64 -23.17 -61.70
N ALA B 924 38.42 -24.24 -61.67
CA ALA B 924 38.92 -24.79 -60.41
C ALA B 924 39.89 -23.85 -59.71
N ASN B 925 40.79 -23.20 -60.44
CA ASN B 925 41.65 -22.18 -59.85
C ASN B 925 40.87 -21.01 -59.28
N GLN B 926 39.85 -20.52 -59.98
CA GLN B 926 39.05 -19.45 -59.43
C GLN B 926 38.32 -19.85 -58.17
N PHE B 927 37.74 -21.05 -58.13
CA PHE B 927 37.15 -21.53 -56.90
C PHE B 927 38.17 -21.54 -55.77
N ASN B 928 39.37 -22.09 -56.04
CA ASN B 928 40.38 -22.24 -55.00
C ASN B 928 40.85 -20.89 -54.46
N SER B 929 41.05 -19.91 -55.34
CA SER B 929 41.41 -18.58 -54.86
C SER B 929 40.29 -17.91 -54.07
N ALA B 930 39.04 -18.05 -54.50
CA ALA B 930 37.95 -17.49 -53.74
C ALA B 930 37.79 -18.14 -52.38
N ILE B 931 38.08 -19.42 -52.27
CA ILE B 931 38.01 -20.07 -50.96
C ILE B 931 39.16 -19.60 -50.08
N GLY B 932 40.33 -19.40 -50.68
CA GLY B 932 41.44 -18.84 -49.93
C GLY B 932 41.19 -17.44 -49.42
N LYS B 933 40.48 -16.61 -50.16
CA LYS B 933 40.22 -15.26 -49.69
C LYS B 933 39.29 -15.21 -48.49
N ILE B 934 38.51 -16.25 -48.22
CA ILE B 934 37.53 -16.19 -47.15
C ILE B 934 38.21 -16.22 -45.79
N GLN B 935 39.21 -17.06 -45.61
CA GLN B 935 39.94 -17.05 -44.34
C GLN B 935 40.59 -15.70 -44.07
N ASP B 936 41.29 -15.14 -45.06
CA ASP B 936 41.86 -13.81 -44.89
C ASP B 936 40.78 -12.78 -44.54
N SER B 937 39.63 -12.84 -45.21
CA SER B 937 38.54 -11.96 -44.84
C SER B 937 37.97 -12.28 -43.47
N LEU B 938 38.33 -13.42 -42.89
CA LEU B 938 37.83 -13.79 -41.57
C LEU B 938 38.90 -13.56 -40.49
N SER B 939 40.06 -14.17 -40.65
CA SER B 939 41.15 -14.00 -39.68
C SER B 939 41.93 -12.71 -39.94
N ALA B 944 31.40 -8.72 -39.57
CA ALA B 944 31.49 -10.14 -39.88
C ALA B 944 30.52 -10.94 -39.02
N LEU B 945 31.00 -11.42 -37.89
CA LEU B 945 30.21 -12.21 -36.97
C LEU B 945 29.54 -11.37 -35.90
N GLY B 946 29.19 -10.12 -36.23
CA GLY B 946 28.46 -9.28 -35.32
C GLY B 946 27.03 -9.72 -35.07
N LYS B 947 26.41 -10.44 -36.01
CA LYS B 947 25.05 -10.91 -35.79
C LYS B 947 24.99 -11.82 -34.57
N LEU B 948 25.75 -12.91 -34.62
CA LEU B 948 25.80 -13.88 -33.53
C LEU B 948 26.22 -13.20 -32.24
N GLN B 949 27.20 -12.31 -32.35
CA GLN B 949 27.70 -11.59 -31.19
C GLN B 949 26.57 -10.77 -30.60
N ASP B 950 25.85 -10.06 -31.46
CA ASP B 950 24.73 -9.25 -31.01
C ASP B 950 23.82 -10.13 -30.19
N VAL B 951 23.43 -11.27 -30.77
CA VAL B 951 22.57 -12.19 -30.03
C VAL B 951 23.14 -12.46 -28.65
N VAL B 952 24.32 -13.07 -28.60
CA VAL B 952 24.96 -13.39 -27.33
C VAL B 952 24.88 -12.26 -26.31
N ASN B 953 25.24 -11.05 -26.72
CA ASN B 953 25.23 -9.90 -25.82
C ASN B 953 23.85 -9.50 -25.32
N GLN B 954 22.93 -9.28 -26.25
CA GLN B 954 21.56 -8.88 -25.91
C GLN B 954 21.00 -9.69 -24.75
N ASN B 955 21.54 -10.88 -24.55
CA ASN B 955 21.08 -11.76 -23.49
C ASN B 955 21.87 -11.55 -22.20
N ALA B 956 23.20 -11.42 -22.29
CA ALA B 956 23.96 -11.19 -21.07
C ALA B 956 23.59 -9.87 -20.42
N GLN B 957 23.36 -8.84 -21.21
CA GLN B 957 22.99 -7.56 -20.68
C GLN B 957 21.60 -7.56 -20.08
N ALA B 958 20.66 -8.34 -20.62
CA ALA B 958 19.35 -8.42 -19.99
C ALA B 958 19.38 -9.27 -18.73
N LEU B 959 20.32 -10.19 -18.61
CA LEU B 959 20.45 -10.94 -17.37
C LEU B 959 21.19 -10.19 -16.28
N ASN B 960 22.04 -9.24 -16.66
CA ASN B 960 22.72 -8.41 -15.67
C ASN B 960 21.76 -7.41 -15.00
N THR B 961 20.80 -6.88 -15.73
CA THR B 961 19.81 -5.98 -15.19
C THR B 961 18.90 -6.63 -14.16
N LEU B 962 18.50 -7.89 -14.37
CA LEU B 962 17.69 -8.59 -13.39
C LEU B 962 18.40 -8.75 -12.06
N VAL B 963 19.70 -9.02 -12.08
CA VAL B 963 20.44 -9.13 -10.84
C VAL B 963 20.65 -7.76 -10.21
N LYS B 964 20.93 -6.73 -11.00
CA LYS B 964 21.09 -5.41 -10.43
C LYS B 964 19.80 -4.86 -9.82
N GLN B 965 18.65 -5.30 -10.28
CA GLN B 965 17.39 -4.85 -9.72
C GLN B 965 17.11 -5.39 -8.33
N LEU B 966 17.99 -6.21 -7.77
CA LEU B 966 17.76 -6.73 -6.44
C LEU B 966 18.28 -5.80 -5.35
N SER B 967 19.15 -4.86 -5.69
CA SER B 967 19.53 -3.83 -4.74
C SER B 967 18.77 -2.54 -4.98
N SER B 968 17.45 -2.58 -4.89
CA SER B 968 16.61 -1.38 -4.92
C SER B 968 15.52 -1.56 -3.90
N ASN B 969 15.18 -0.50 -3.15
CA ASN B 969 14.18 -0.67 -2.11
C ASN B 969 12.78 -0.62 -2.64
N PHE B 970 12.56 0.00 -3.79
CA PHE B 970 11.23 0.24 -4.34
C PHE B 970 10.35 1.03 -3.39
N GLY B 971 10.95 1.85 -2.54
CA GLY B 971 10.19 2.63 -1.60
C GLY B 971 9.98 1.98 -0.25
N ALA B 972 10.83 1.03 0.11
CA ALA B 972 10.89 0.49 1.45
C ALA B 972 12.09 1.12 2.15
N ILE B 973 12.33 0.74 3.40
CA ILE B 973 13.46 1.35 4.10
C ILE B 973 14.77 0.87 3.52
N SER B 974 14.89 -0.43 3.23
CA SER B 974 16.11 -0.95 2.67
C SER B 974 15.74 -2.00 1.63
N SER B 975 16.77 -2.61 1.04
CA SER B 975 16.60 -3.57 -0.04
C SER B 975 17.13 -4.94 0.32
N VAL B 976 17.38 -5.21 1.59
CA VAL B 976 17.92 -6.47 2.04
C VAL B 976 16.99 -7.04 3.10
N LEU B 977 16.43 -8.22 2.82
CA LEU B 977 15.29 -8.78 3.53
C LEU B 977 15.57 -9.11 4.99
N ASN B 978 16.82 -9.03 5.44
CA ASN B 978 17.10 -9.26 6.86
C ASN B 978 17.07 -7.97 7.66
N ASP B 979 17.72 -6.92 7.18
CA ASP B 979 17.78 -5.67 7.93
C ASP B 979 16.41 -5.05 8.08
N ILE B 980 15.52 -5.26 7.12
CA ILE B 980 14.14 -4.83 7.30
C ILE B 980 13.52 -5.70 8.39
N LEU B 981 13.95 -6.95 8.44
CA LEU B 981 13.29 -7.92 9.31
C LEU B 981 13.81 -7.94 10.73
N SER B 982 15.02 -7.47 10.97
CA SER B 982 15.61 -7.49 12.31
C SER B 982 15.65 -6.08 12.87
N ARG B 983 14.87 -5.18 12.30
CA ARG B 983 14.78 -3.81 12.81
C ARG B 983 13.34 -3.37 12.87
N LEU B 984 12.41 -4.28 12.64
CA LEU B 984 11.00 -3.98 12.85
C LEU B 984 10.30 -5.26 13.30
N ASP B 985 9.10 -5.09 13.85
CA ASP B 985 8.28 -6.20 14.30
C ASP B 985 7.17 -6.48 13.30
N PRO B 986 6.61 -7.70 13.27
CA PRO B 986 5.97 -8.24 12.06
C PRO B 986 4.98 -7.29 11.40
N PRO B 987 4.02 -6.78 12.16
CA PRO B 987 3.00 -5.87 11.62
C PRO B 987 3.62 -4.73 10.83
N GLU B 988 4.75 -4.23 11.33
CA GLU B 988 5.47 -3.14 10.70
C GLU B 988 6.31 -3.59 9.52
N ALA B 989 6.84 -4.82 9.56
CA ALA B 989 7.74 -5.27 8.53
C ALA B 989 7.02 -5.81 7.31
N GLU B 990 5.89 -6.50 7.50
CA GLU B 990 5.08 -6.98 6.39
C GLU B 990 4.76 -5.88 5.39
N VAL B 991 4.56 -4.65 5.85
CA VAL B 991 4.29 -3.55 4.93
C VAL B 991 5.46 -3.32 3.99
N GLN B 992 6.69 -3.29 4.50
CA GLN B 992 7.84 -3.07 3.63
C GLN B 992 8.15 -4.27 2.77
N ILE B 993 7.94 -5.47 3.29
CA ILE B 993 8.24 -6.67 2.52
C ILE B 993 7.27 -6.78 1.36
N ASP B 994 6.05 -6.32 1.51
CA ASP B 994 5.17 -6.33 0.35
C ASP B 994 5.60 -5.37 -0.75
N ARG B 995 6.15 -4.22 -0.42
CA ARG B 995 6.72 -3.34 -1.44
C ARG B 995 7.90 -3.96 -2.16
N LEU B 996 8.82 -4.56 -1.40
CA LEU B 996 9.92 -5.29 -2.01
C LEU B 996 9.42 -6.38 -2.95
N ILE B 997 8.42 -7.16 -2.52
CA ILE B 997 7.89 -8.22 -3.35
C ILE B 997 7.31 -7.65 -4.64
N THR B 998 6.55 -6.56 -4.54
CA THR B 998 5.94 -6.00 -5.73
C THR B 998 6.98 -5.57 -6.74
N GLY B 999 8.02 -4.87 -6.29
CA GLY B 999 9.06 -4.48 -7.22
C GLY B 999 9.78 -5.64 -7.85
N ARG B 1000 10.15 -6.65 -7.05
CA ARG B 1000 10.89 -7.78 -7.57
C ARG B 1000 10.07 -8.66 -8.48
N LEU B 1001 8.76 -8.71 -8.31
CA LEU B 1001 7.93 -9.43 -9.23
C LEU B 1001 7.74 -8.69 -10.55
N GLN B 1002 7.63 -7.36 -10.50
CA GLN B 1002 7.59 -6.57 -11.71
C GLN B 1002 8.85 -6.74 -12.55
N SER B 1003 10.01 -6.76 -11.92
CA SER B 1003 11.26 -6.95 -12.66
C SER B 1003 11.29 -8.29 -13.39
N LEU B 1004 10.87 -9.35 -12.74
CA LEU B 1004 10.86 -10.66 -13.36
C LEU B 1004 9.85 -10.76 -14.49
N GLN B 1005 8.71 -10.10 -14.38
CA GLN B 1005 7.78 -10.10 -15.50
C GLN B 1005 8.34 -9.36 -16.70
N THR B 1006 8.98 -8.22 -16.48
CA THR B 1006 9.63 -7.53 -17.58
C THR B 1006 10.66 -8.42 -18.26
N TYR B 1007 11.48 -9.11 -17.47
CA TYR B 1007 12.49 -10.00 -18.03
C TYR B 1007 11.86 -11.11 -18.88
N VAL B 1008 10.83 -11.77 -18.36
CA VAL B 1008 10.27 -12.91 -19.08
C VAL B 1008 9.55 -12.46 -20.35
N THR B 1009 8.84 -11.34 -20.30
CA THR B 1009 8.16 -10.87 -21.50
C THR B 1009 9.15 -10.53 -22.60
N GLN B 1010 10.26 -9.90 -22.26
CA GLN B 1010 11.26 -9.63 -23.28
C GLN B 1010 11.95 -10.88 -23.79
N GLN B 1011 12.18 -11.89 -22.96
CA GLN B 1011 12.71 -13.14 -23.48
C GLN B 1011 11.75 -13.81 -24.44
N LEU B 1012 10.45 -13.74 -24.17
CA LEU B 1012 9.46 -14.26 -25.11
C LEU B 1012 9.47 -13.52 -26.42
N ILE B 1013 9.64 -12.21 -26.41
CA ILE B 1013 9.66 -11.45 -27.66
C ILE B 1013 10.97 -11.70 -28.41
N ARG B 1014 12.05 -11.88 -27.69
CA ARG B 1014 13.35 -12.12 -28.32
C ARG B 1014 13.51 -13.56 -28.83
N ALA B 1015 12.77 -14.51 -28.30
CA ALA B 1015 12.88 -15.87 -28.81
C ALA B 1015 12.11 -16.08 -30.10
N ALA B 1016 11.00 -15.37 -30.27
CA ALA B 1016 10.25 -15.42 -31.52
C ALA B 1016 11.03 -14.82 -32.68
N GLU B 1017 11.96 -13.94 -32.42
CA GLU B 1017 12.86 -13.40 -33.44
C GLU B 1017 13.97 -14.36 -33.81
N ILE B 1018 14.41 -15.18 -32.86
CA ILE B 1018 15.43 -16.20 -33.11
C ILE B 1018 14.82 -17.37 -33.86
N ARG B 1019 13.54 -17.62 -33.62
CA ARG B 1019 12.86 -18.71 -34.30
C ARG B 1019 12.61 -18.39 -35.78
N ALA B 1020 12.26 -17.15 -36.09
CA ALA B 1020 12.10 -16.75 -37.47
C ALA B 1020 13.41 -16.82 -38.24
N SER B 1021 14.53 -16.70 -37.54
CA SER B 1021 15.85 -16.78 -38.15
C SER B 1021 16.29 -18.22 -38.36
N ALA B 1022 16.04 -19.09 -37.40
CA ALA B 1022 16.29 -20.51 -37.57
C ALA B 1022 15.40 -21.13 -38.64
N ASN B 1023 14.19 -20.59 -38.84
CA ASN B 1023 13.33 -21.05 -39.92
C ASN B 1023 13.87 -20.68 -41.29
N LEU B 1024 14.43 -19.48 -41.44
CA LEU B 1024 15.13 -19.07 -42.64
C LEU B 1024 16.37 -19.90 -42.90
N ALA B 1025 17.11 -20.24 -41.85
CA ALA B 1025 18.25 -21.13 -41.99
C ALA B 1025 17.86 -22.52 -42.44
N ALA B 1026 16.80 -23.10 -41.92
CA ALA B 1026 16.35 -24.41 -42.37
C ALA B 1026 15.97 -24.44 -43.84
N THR B 1027 15.29 -23.40 -44.32
CA THR B 1027 14.94 -23.28 -45.72
C THR B 1027 16.16 -23.09 -46.59
N LYS B 1028 17.14 -22.30 -46.14
CA LYS B 1028 18.39 -22.20 -46.87
C LYS B 1028 19.15 -23.51 -46.91
N MET B 1029 19.20 -24.27 -45.83
CA MET B 1029 19.91 -25.53 -45.85
C MET B 1029 19.23 -26.51 -46.79
N SER B 1030 17.91 -26.46 -46.88
CA SER B 1030 17.19 -27.34 -47.79
C SER B 1030 17.40 -26.93 -49.24
N GLU B 1031 17.32 -25.64 -49.51
CA GLU B 1031 17.20 -25.17 -50.88
C GLU B 1031 18.49 -24.71 -51.51
N CYS B 1032 19.52 -24.45 -50.72
CA CYS B 1032 20.80 -23.98 -51.27
C CYS B 1032 21.92 -24.97 -51.10
N VAL B 1033 21.74 -25.91 -50.17
CA VAL B 1033 22.74 -26.92 -49.91
C VAL B 1033 22.32 -28.27 -50.45
N LEU B 1034 21.05 -28.61 -50.32
CA LEU B 1034 20.50 -29.85 -50.86
C LEU B 1034 19.93 -29.70 -52.25
N GLY B 1035 20.05 -28.52 -52.86
CA GLY B 1035 19.63 -28.38 -54.24
C GLY B 1035 20.23 -27.14 -54.85
N GLN B 1036 19.81 -26.87 -56.08
CA GLN B 1036 20.18 -25.64 -56.78
C GLN B 1036 18.96 -24.74 -56.90
N SER B 1037 19.12 -23.48 -56.55
CA SER B 1037 18.00 -22.55 -56.47
C SER B 1037 17.97 -21.62 -57.68
N LYS B 1038 16.76 -21.31 -58.12
CA LYS B 1038 16.54 -20.30 -59.14
C LYS B 1038 15.96 -19.02 -58.59
N ARG B 1039 15.63 -18.98 -57.30
CA ARG B 1039 15.18 -17.78 -56.63
C ARG B 1039 16.31 -16.75 -56.57
N VAL B 1040 16.04 -15.53 -57.04
CA VAL B 1040 17.07 -14.52 -57.20
C VAL B 1040 17.49 -13.96 -55.84
N ASP B 1041 18.79 -14.04 -55.58
CA ASP B 1041 19.39 -13.52 -54.35
C ASP B 1041 19.09 -14.29 -53.07
N PHE B 1042 18.60 -15.52 -53.20
CA PHE B 1042 18.30 -16.33 -52.03
C PHE B 1042 19.57 -17.03 -51.57
N CYS B 1043 20.50 -17.23 -52.49
CA CYS B 1043 21.75 -17.89 -52.19
C CYS B 1043 22.94 -17.10 -52.72
N GLY B 1044 23.00 -15.80 -52.42
CA GLY B 1044 24.09 -14.96 -52.88
C GLY B 1044 23.81 -14.12 -54.11
N LYS B 1045 24.84 -13.42 -54.60
CA LYS B 1045 24.72 -12.57 -55.79
C LYS B 1045 25.30 -13.31 -56.99
N GLY B 1046 24.52 -13.43 -58.06
CA GLY B 1046 24.93 -14.15 -59.23
C GLY B 1046 24.00 -15.31 -59.45
N TYR B 1047 24.38 -16.20 -60.33
CA TYR B 1047 23.62 -17.41 -60.55
C TYR B 1047 24.11 -18.51 -59.64
N HIS B 1048 23.25 -18.95 -58.74
CA HIS B 1048 23.63 -19.92 -57.73
C HIS B 1048 24.15 -21.20 -58.35
N LEU B 1049 25.39 -21.55 -58.03
CA LEU B 1049 25.92 -22.85 -58.39
C LEU B 1049 25.75 -23.86 -57.27
N MET B 1050 26.33 -23.60 -56.10
CA MET B 1050 26.19 -24.54 -54.98
C MET B 1050 26.52 -23.81 -53.70
N SER B 1051 26.21 -24.43 -52.56
CA SER B 1051 26.42 -23.82 -51.25
C SER B 1051 26.93 -24.87 -50.28
N PHE B 1052 27.80 -24.44 -49.36
CA PHE B 1052 28.42 -25.28 -48.34
C PHE B 1052 28.13 -24.75 -46.94
N PRO B 1053 27.72 -25.60 -46.00
CA PRO B 1053 27.48 -25.13 -44.63
C PRO B 1053 28.66 -25.32 -43.70
N GLN B 1054 28.76 -24.42 -42.73
CA GLN B 1054 29.73 -24.51 -41.65
C GLN B 1054 29.03 -24.12 -40.36
N SER B 1055 29.41 -24.76 -39.26
CA SER B 1055 28.76 -24.47 -37.98
C SER B 1055 29.51 -23.35 -37.27
N ALA B 1056 28.75 -22.45 -36.66
CA ALA B 1056 29.33 -21.37 -35.89
C ALA B 1056 28.78 -21.52 -34.47
N PRO B 1057 29.24 -20.77 -33.49
CA PRO B 1057 28.63 -20.85 -32.15
C PRO B 1057 27.26 -20.20 -32.12
N HIS B 1058 26.23 -21.02 -31.88
CA HIS B 1058 24.82 -20.64 -31.90
C HIS B 1058 24.32 -20.25 -33.29
N GLY B 1059 24.99 -20.69 -34.34
CA GLY B 1059 24.59 -20.24 -35.65
C GLY B 1059 25.15 -21.09 -36.75
N VAL B 1060 24.94 -20.62 -37.97
CA VAL B 1060 25.40 -21.33 -39.15
C VAL B 1060 25.95 -20.29 -40.13
N VAL B 1061 26.93 -20.72 -40.91
CA VAL B 1061 27.53 -19.92 -41.97
C VAL B 1061 27.34 -20.68 -43.27
N PHE B 1062 26.90 -19.99 -44.30
CA PHE B 1062 26.70 -20.54 -45.62
C PHE B 1062 27.70 -19.90 -46.56
N LEU B 1063 28.50 -20.72 -47.22
CA LEU B 1063 29.40 -20.26 -48.28
C LEU B 1063 28.71 -20.55 -49.60
N HIS B 1064 28.23 -19.50 -50.26
CA HIS B 1064 27.54 -19.62 -51.54
C HIS B 1064 28.53 -19.42 -52.67
N VAL B 1065 28.58 -20.39 -53.58
CA VAL B 1065 29.32 -20.33 -54.83
C VAL B 1065 28.36 -19.94 -55.95
N THR B 1066 28.66 -18.84 -56.62
CA THR B 1066 27.84 -18.33 -57.71
C THR B 1066 28.72 -18.04 -58.93
N TYR B 1067 28.04 -17.89 -60.06
CA TYR B 1067 28.63 -17.60 -61.36
C TYR B 1067 28.31 -16.16 -61.72
N VAL B 1068 29.34 -15.37 -62.03
CA VAL B 1068 29.14 -13.95 -62.34
C VAL B 1068 29.67 -13.67 -63.74
N PRO B 1069 28.87 -13.19 -64.68
CA PRO B 1069 29.37 -12.92 -66.02
C PRO B 1069 30.32 -11.73 -66.07
N ALA B 1070 31.23 -11.73 -67.03
CA ALA B 1070 32.31 -10.75 -67.06
C ALA B 1070 32.75 -10.47 -68.49
N GLN B 1071 33.26 -9.26 -68.70
CA GLN B 1071 33.90 -8.82 -69.94
C GLN B 1071 32.97 -8.89 -71.14
N GLU B 1072 31.94 -8.08 -71.12
CA GLU B 1072 30.96 -8.11 -72.19
C GLU B 1072 31.39 -7.28 -73.39
N LYS B 1073 30.92 -7.70 -74.57
CA LYS B 1073 31.04 -6.92 -75.80
C LYS B 1073 29.66 -6.57 -76.29
N ASN B 1074 29.56 -5.50 -77.06
CA ASN B 1074 28.29 -5.12 -77.67
C ASN B 1074 28.25 -5.63 -79.11
N PHE B 1075 27.04 -5.88 -79.58
CA PHE B 1075 26.77 -6.42 -80.89
C PHE B 1075 25.48 -5.79 -81.41
N THR B 1076 25.25 -5.97 -82.70
CA THR B 1076 23.98 -5.69 -83.35
C THR B 1076 23.14 -6.96 -83.28
N THR B 1077 21.83 -6.80 -83.22
CA THR B 1077 20.95 -7.92 -83.00
C THR B 1077 19.66 -7.73 -83.78
N ALA B 1078 18.88 -8.80 -83.88
CA ALA B 1078 17.64 -8.80 -84.64
C ALA B 1078 16.77 -9.91 -84.09
N PRO B 1079 15.46 -9.77 -84.15
CA PRO B 1079 14.59 -10.80 -83.60
C PRO B 1079 14.41 -12.02 -84.50
N ALA B 1080 14.38 -11.85 -85.81
CA ALA B 1080 14.17 -12.96 -86.72
C ALA B 1080 15.06 -12.76 -87.93
N ILE B 1081 15.05 -13.73 -88.84
CA ILE B 1081 15.82 -13.63 -90.08
C ILE B 1081 14.96 -14.11 -91.22
N CYS B 1082 14.94 -13.35 -92.32
CA CYS B 1082 14.08 -13.67 -93.44
C CYS B 1082 14.87 -14.37 -94.54
N HIS B 1083 14.35 -15.49 -95.00
CA HIS B 1083 15.00 -16.28 -96.04
C HIS B 1083 13.92 -17.07 -96.76
N ASP B 1084 13.92 -16.99 -98.08
CA ASP B 1084 12.91 -17.61 -98.94
C ASP B 1084 11.50 -17.16 -98.60
N GLY B 1085 11.34 -15.95 -98.10
CA GLY B 1085 10.03 -15.51 -97.69
C GLY B 1085 9.54 -16.14 -96.40
N LYS B 1086 10.44 -16.70 -95.60
CA LYS B 1086 10.06 -17.29 -94.33
C LYS B 1086 10.84 -16.63 -93.21
N ALA B 1087 10.20 -16.52 -92.05
CA ALA B 1087 10.84 -15.96 -90.87
C ALA B 1087 11.42 -17.08 -90.03
N HIS B 1088 12.65 -16.88 -89.57
CA HIS B 1088 13.38 -17.86 -88.77
C HIS B 1088 13.68 -17.25 -87.41
N PHE B 1089 13.47 -17.98 -86.41
CA PHE B 1089 13.68 -17.65 -85.02
C PHE B 1089 14.69 -18.59 -84.41
N PRO B 1090 15.51 -18.15 -83.47
CA PRO B 1090 16.47 -19.05 -82.85
C PRO B 1090 15.78 -20.03 -81.92
N ARG B 1091 16.28 -21.27 -81.91
CA ARG B 1091 15.74 -22.28 -81.01
C ARG B 1091 16.08 -21.97 -79.56
N GLU B 1092 17.36 -21.85 -79.26
CA GLU B 1092 17.86 -21.15 -78.08
C GLU B 1092 18.99 -20.27 -78.53
N GLY B 1093 19.09 -19.08 -77.97
CA GLY B 1093 20.13 -18.14 -78.34
C GLY B 1093 19.55 -16.87 -78.92
N VAL B 1094 20.46 -16.01 -79.33
CA VAL B 1094 20.14 -14.75 -80.01
C VAL B 1094 20.95 -14.68 -81.29
N PHE B 1095 20.37 -14.07 -82.32
CA PHE B 1095 21.10 -13.70 -83.51
C PHE B 1095 21.91 -12.44 -83.22
N VAL B 1096 23.21 -12.49 -83.49
CA VAL B 1096 24.09 -11.33 -83.31
C VAL B 1096 24.90 -11.13 -84.59
N SER B 1097 25.40 -9.91 -84.74
CA SER B 1097 26.20 -9.54 -85.90
C SER B 1097 27.52 -8.95 -85.43
N ASN B 1098 28.62 -9.44 -85.98
CA ASN B 1098 29.93 -8.90 -85.63
C ASN B 1098 30.32 -7.69 -86.45
N GLY B 1099 29.42 -7.20 -87.28
CA GLY B 1099 29.68 -6.06 -88.13
C GLY B 1099 29.29 -6.35 -89.57
N THR B 1100 29.57 -7.57 -90.03
CA THR B 1100 29.24 -7.97 -91.39
C THR B 1100 28.56 -9.33 -91.49
N HIS B 1101 28.67 -10.19 -90.49
CA HIS B 1101 28.14 -11.54 -90.55
C HIS B 1101 27.20 -11.78 -89.39
N TRP B 1102 26.30 -12.74 -89.55
CA TRP B 1102 25.30 -13.08 -88.55
C TRP B 1102 25.55 -14.46 -87.98
N PHE B 1103 25.36 -14.59 -86.67
CA PHE B 1103 25.56 -15.84 -85.96
C PHE B 1103 24.42 -16.03 -84.96
N VAL B 1104 24.29 -17.26 -84.45
CA VAL B 1104 23.50 -17.56 -83.26
C VAL B 1104 24.45 -17.81 -82.11
N THR B 1105 24.14 -17.27 -80.95
CA THR B 1105 24.91 -17.58 -79.75
C THR B 1105 23.95 -17.93 -78.63
N GLN B 1106 24.47 -18.61 -77.61
CA GLN B 1106 23.74 -18.74 -76.36
C GLN B 1106 23.78 -17.42 -75.61
N ARG B 1107 22.76 -17.18 -74.80
CA ARG B 1107 22.52 -15.83 -74.31
C ARG B 1107 23.46 -15.38 -73.20
N ASN B 1108 24.19 -16.27 -72.55
CA ASN B 1108 24.95 -15.90 -71.37
C ASN B 1108 26.45 -16.03 -71.55
N PHE B 1109 26.91 -16.65 -72.63
CA PHE B 1109 28.32 -16.80 -72.90
C PHE B 1109 28.49 -16.69 -74.40
N TYR B 1110 29.40 -15.86 -74.87
CA TYR B 1110 29.52 -15.60 -76.30
C TYR B 1110 30.22 -16.76 -76.99
N GLU B 1111 29.48 -17.45 -77.86
CA GLU B 1111 29.98 -18.63 -78.56
C GLU B 1111 29.26 -18.73 -79.89
N PRO B 1112 29.75 -18.03 -80.92
CA PRO B 1112 28.99 -17.86 -82.15
C PRO B 1112 29.09 -19.04 -83.11
N GLN B 1113 27.94 -19.34 -83.73
CA GLN B 1113 27.84 -20.43 -84.69
C GLN B 1113 27.08 -19.95 -85.92
N ILE B 1114 27.20 -20.71 -87.01
CA ILE B 1114 26.54 -20.27 -88.23
C ILE B 1114 25.10 -20.76 -88.25
N ILE B 1115 24.22 -19.95 -88.84
CA ILE B 1115 22.78 -20.15 -88.75
C ILE B 1115 22.36 -21.22 -89.74
N THR B 1116 21.86 -22.33 -89.23
CA THR B 1116 21.42 -23.46 -90.03
C THR B 1116 19.96 -23.73 -89.73
N THR B 1117 19.42 -24.79 -90.34
CA THR B 1117 18.06 -25.22 -90.09
C THR B 1117 17.94 -26.06 -88.83
N ASP B 1118 19.04 -26.36 -88.16
CA ASP B 1118 19.01 -27.08 -86.90
C ASP B 1118 19.21 -26.13 -85.73
N ASN B 1119 19.58 -24.90 -86.03
CA ASN B 1119 19.71 -23.82 -85.08
C ASN B 1119 18.42 -23.08 -84.86
N THR B 1120 17.47 -23.16 -85.78
CA THR B 1120 16.37 -22.23 -85.86
C THR B 1120 15.09 -23.01 -86.04
N PHE B 1121 13.97 -22.31 -85.99
CA PHE B 1121 12.71 -22.84 -86.47
C PHE B 1121 12.02 -21.76 -87.28
N VAL B 1122 11.04 -22.19 -88.08
CA VAL B 1122 10.35 -21.34 -89.02
C VAL B 1122 8.94 -21.07 -88.49
N SER B 1123 8.44 -19.87 -88.76
CA SER B 1123 7.04 -19.57 -88.51
C SER B 1123 6.62 -18.36 -89.31
N GLY B 1124 5.68 -18.53 -90.22
CA GLY B 1124 5.12 -17.43 -90.97
C GLY B 1124 6.07 -16.90 -92.04
N ASN B 1125 5.67 -15.78 -92.62
CA ASN B 1125 6.43 -15.11 -93.66
C ASN B 1125 7.00 -13.82 -93.09
N CYS B 1126 8.00 -13.27 -93.76
CA CYS B 1126 8.70 -12.10 -93.23
C CYS B 1126 8.01 -10.80 -93.65
N ASP B 1127 6.84 -10.54 -93.08
CA ASP B 1127 6.11 -9.31 -93.34
C ASP B 1127 5.53 -8.73 -92.06
N VAL B 1128 5.56 -9.51 -90.98
CA VAL B 1128 4.83 -9.21 -89.76
C VAL B 1128 5.75 -8.85 -88.60
N VAL B 1129 7.00 -9.25 -88.64
CA VAL B 1129 7.93 -9.03 -87.53
C VAL B 1129 8.60 -7.68 -87.72
N ILE B 1130 8.67 -6.91 -86.66
CA ILE B 1130 9.27 -5.58 -86.68
C ILE B 1130 10.77 -5.74 -86.45
N GLY B 1131 11.57 -5.35 -87.42
CA GLY B 1131 12.99 -5.44 -87.31
C GLY B 1131 13.62 -6.67 -87.90
N ILE B 1132 12.92 -7.39 -88.78
CA ILE B 1132 13.46 -8.59 -89.40
C ILE B 1132 14.58 -8.21 -90.37
N VAL B 1133 15.52 -9.12 -90.54
CA VAL B 1133 16.74 -8.87 -91.28
C VAL B 1133 16.96 -9.97 -92.30
N ASN B 1134 17.59 -9.63 -93.42
CA ASN B 1134 17.85 -10.58 -94.48
C ASN B 1134 19.18 -11.29 -94.26
N ASN B 1135 19.17 -12.61 -94.37
CA ASN B 1135 20.39 -13.39 -94.36
C ASN B 1135 20.05 -14.76 -94.90
N THR B 1136 21.08 -15.58 -95.05
CA THR B 1136 20.94 -16.92 -95.58
C THR B 1136 20.99 -17.94 -94.46
N VAL B 1137 20.08 -18.90 -94.50
CA VAL B 1137 20.00 -19.96 -93.51
C VAL B 1137 20.45 -21.24 -94.18
N TYR B 1138 21.47 -21.87 -93.63
CA TYR B 1138 22.17 -22.95 -94.31
C TYR B 1138 21.55 -24.29 -94.00
N ASP B 1139 21.32 -25.07 -95.01
CA ASP B 1139 20.81 -26.43 -94.95
C ASP B 1139 21.97 -27.40 -95.11
N PRO B 1140 22.12 -28.42 -94.27
CA PRO B 1140 23.24 -29.35 -94.43
C PRO B 1140 23.00 -30.44 -95.46
N LEU B 1141 21.74 -30.84 -95.59
CA LEU B 1141 21.41 -32.01 -96.39
C LEU B 1141 21.77 -31.81 -97.85
N GLN B 1142 21.29 -30.73 -98.46
CA GLN B 1142 21.47 -30.58 -99.90
C GLN B 1142 22.92 -30.34 -100.31
N PRO B 1143 23.78 -29.70 -99.51
CA PRO B 1143 25.20 -29.73 -99.83
C PRO B 1143 25.88 -31.00 -99.41
N GLU B 1144 25.18 -31.89 -98.71
CA GLU B 1144 25.67 -33.27 -98.64
C GLU B 1144 25.35 -34.00 -99.93
N LEU B 1145 24.20 -33.70 -100.53
CA LEU B 1145 23.77 -34.39 -101.74
C LEU B 1145 24.42 -33.83 -102.99
N ASP B 1146 25.49 -33.05 -102.82
CA ASP B 1146 26.19 -32.40 -103.93
C ASP B 1146 25.26 -31.66 -104.89
N GLN C 14 -54.83 40.19 2.59
CA GLN C 14 -54.78 41.19 1.53
C GLN C 14 -54.78 40.43 0.21
N CYS C 15 -54.68 39.11 0.31
CA CYS C 15 -54.58 38.26 -0.88
C CYS C 15 -55.95 37.70 -1.27
N VAL C 16 -56.04 37.34 -2.54
CA VAL C 16 -57.30 37.18 -3.25
C VAL C 16 -57.49 35.72 -3.62
N ASN C 17 -58.72 35.22 -3.54
CA ASN C 17 -59.05 33.97 -4.20
C ASN C 17 -59.13 34.21 -5.70
N LEU C 18 -58.23 33.61 -6.47
CA LEU C 18 -58.24 33.79 -7.90
C LEU C 18 -58.58 32.53 -8.67
N THR C 19 -58.42 31.35 -8.07
CA THR C 19 -58.41 30.10 -8.81
C THR C 19 -59.81 29.72 -9.25
N THR C 20 -60.03 29.69 -10.56
CA THR C 20 -61.24 29.16 -11.17
C THR C 20 -60.98 27.74 -11.62
N ARG C 21 -61.92 26.84 -11.32
CA ARG C 21 -61.74 25.43 -11.65
C ARG C 21 -61.93 25.21 -13.15
N THR C 22 -60.88 24.72 -13.81
CA THR C 22 -60.90 24.42 -15.23
C THR C 22 -60.86 22.91 -15.43
N GLN C 23 -61.77 22.38 -16.23
CA GLN C 23 -61.85 20.94 -16.47
C GLN C 23 -60.70 20.45 -17.36
N LEU C 24 -60.12 21.33 -18.16
CA LEU C 24 -59.14 20.90 -19.16
C LEU C 24 -57.82 20.50 -18.50
N PRO C 25 -57.21 19.41 -18.92
CA PRO C 25 -55.90 19.04 -18.41
C PRO C 25 -54.81 19.76 -19.17
N PRO C 26 -53.59 19.81 -18.64
CA PRO C 26 -52.48 20.39 -19.42
C PRO C 26 -52.08 19.47 -20.55
N ALA C 27 -51.60 20.08 -21.62
CA ALA C 27 -51.19 19.35 -22.81
C ALA C 27 -49.76 18.83 -22.63
N TYR C 28 -49.26 18.17 -23.67
CA TYR C 28 -47.91 17.62 -23.66
C TYR C 28 -47.26 17.91 -25.01
N THR C 29 -46.04 18.40 -24.97
CA THR C 29 -45.27 18.66 -26.18
C THR C 29 -43.99 17.84 -26.13
N ASN C 30 -43.13 18.05 -27.11
CA ASN C 30 -41.92 17.27 -27.27
C ASN C 30 -40.71 18.20 -27.24
N SER C 31 -39.88 18.04 -26.22
CA SER C 31 -38.61 18.75 -26.15
C SER C 31 -37.63 18.04 -27.07
N PHE C 32 -37.47 18.56 -28.28
CA PHE C 32 -36.63 17.91 -29.29
C PHE C 32 -35.18 17.85 -28.87
N THR C 33 -34.51 18.98 -28.79
CA THR C 33 -33.19 19.02 -28.16
C THR C 33 -33.01 20.40 -27.52
N ARG C 34 -33.45 20.50 -26.26
CA ARG C 34 -33.42 21.75 -25.52
C ARG C 34 -32.80 21.48 -24.16
N GLY C 35 -32.44 22.56 -23.46
CA GLY C 35 -32.01 22.48 -22.09
C GLY C 35 -30.66 21.83 -21.89
N VAL C 36 -29.64 22.36 -22.54
CA VAL C 36 -28.27 21.92 -22.36
C VAL C 36 -27.44 23.13 -21.92
N TYR C 37 -26.53 22.93 -20.98
CA TYR C 37 -25.83 24.04 -20.35
C TYR C 37 -24.35 23.70 -20.22
N TYR C 38 -23.56 24.71 -19.88
CA TYR C 38 -22.14 24.53 -19.61
C TYR C 38 -21.99 24.20 -18.14
N PRO C 39 -21.68 22.96 -17.76
CA PRO C 39 -21.58 22.66 -16.32
C PRO C 39 -20.20 22.92 -15.73
N ASP C 40 -19.56 24.02 -16.14
CA ASP C 40 -18.29 24.55 -15.63
C ASP C 40 -18.01 25.86 -16.36
N LYS C 41 -17.11 26.65 -15.78
CA LYS C 41 -16.63 27.87 -16.40
C LYS C 41 -15.20 27.50 -16.83
N VAL C 42 -15.10 26.54 -17.75
CA VAL C 42 -13.84 25.98 -18.24
C VAL C 42 -13.85 26.09 -19.75
N PHE C 43 -12.82 26.72 -20.32
CA PHE C 43 -12.75 26.91 -21.76
C PHE C 43 -12.33 25.61 -22.44
N ARG C 44 -13.09 25.22 -23.47
CA ARG C 44 -12.72 24.12 -24.34
C ARG C 44 -12.72 24.63 -25.79
N SER C 45 -12.00 23.92 -26.64
CA SER C 45 -11.84 24.31 -28.05
C SER C 45 -11.88 23.05 -28.90
N SER C 46 -13.06 22.75 -29.47
CA SER C 46 -13.30 21.64 -30.40
C SER C 46 -12.95 20.28 -29.79
N VAL C 47 -13.17 20.13 -28.48
CA VAL C 47 -12.92 18.88 -27.78
C VAL C 47 -14.25 18.22 -27.50
N LEU C 48 -14.46 17.03 -28.06
CA LEU C 48 -15.70 16.28 -27.83
C LEU C 48 -15.68 15.72 -26.41
N HIS C 49 -16.53 16.26 -25.56
CA HIS C 49 -16.47 15.98 -24.12
C HIS C 49 -17.74 15.28 -23.66
N SER C 50 -17.58 14.15 -22.98
CA SER C 50 -18.70 13.42 -22.40
C SER C 50 -18.79 13.74 -20.92
N THR C 51 -20.01 14.03 -20.44
CA THR C 51 -20.22 14.43 -19.06
C THR C 51 -21.49 13.77 -18.52
N GLN C 52 -21.40 13.25 -17.30
CA GLN C 52 -22.53 12.67 -16.58
C GLN C 52 -23.02 13.70 -15.56
N ASP C 53 -24.23 14.20 -15.76
CA ASP C 53 -24.79 15.23 -14.89
C ASP C 53 -26.30 15.27 -15.07
N LEU C 54 -26.96 16.17 -14.35
CA LEU C 54 -28.41 16.34 -14.45
C LEU C 54 -28.73 17.11 -15.72
N PHE C 55 -29.35 16.46 -16.69
CA PHE C 55 -29.75 17.10 -17.94
C PHE C 55 -31.20 16.74 -18.23
N LEU C 56 -31.79 17.49 -19.14
CA LEU C 56 -33.10 17.13 -19.63
C LEU C 56 -32.95 16.12 -20.76
N PRO C 57 -33.64 14.98 -20.68
CA PRO C 57 -33.47 13.96 -21.73
C PRO C 57 -34.06 14.40 -23.06
N PHE C 58 -33.45 13.92 -24.14
CA PHE C 58 -33.91 14.27 -25.47
C PHE C 58 -35.21 13.57 -25.79
N PHE C 59 -36.09 14.30 -26.49
CA PHE C 59 -37.41 13.82 -26.94
C PHE C 59 -38.27 13.37 -25.77
N SER C 60 -38.15 14.10 -24.66
CA SER C 60 -38.88 13.79 -23.44
C SER C 60 -40.25 14.45 -23.49
N ASN C 61 -40.97 14.41 -22.37
CA ASN C 61 -42.38 14.72 -22.36
C ASN C 61 -42.57 15.94 -21.48
N VAL C 62 -42.52 17.11 -22.08
CA VAL C 62 -42.49 18.38 -21.38
C VAL C 62 -43.92 18.92 -21.25
N THR C 63 -44.33 19.24 -20.04
CA THR C 63 -45.71 19.62 -19.78
C THR C 63 -45.93 21.08 -20.14
N TRP C 64 -46.99 21.36 -20.89
CA TRP C 64 -47.33 22.70 -21.33
C TRP C 64 -48.46 23.21 -20.44
N PHE C 65 -48.11 24.09 -19.51
CA PHE C 65 -49.08 24.62 -18.57
C PHE C 65 -49.69 25.89 -19.13
N HIS C 66 -51.01 25.87 -19.28
CA HIS C 66 -51.77 27.08 -19.56
C HIS C 66 -52.14 27.70 -18.22
N ALA C 67 -51.52 28.84 -17.93
CA ALA C 67 -51.88 29.74 -16.83
C ALA C 67 -53.10 30.54 -17.24
N ILE C 68 -53.19 31.77 -16.78
CA ILE C 68 -54.21 32.75 -17.16
C ILE C 68 -54.48 32.71 -18.65
N HIS C 69 -55.74 32.49 -19.03
CA HIS C 69 -56.11 32.51 -20.43
C HIS C 69 -57.53 33.03 -20.54
N VAL C 70 -57.77 33.77 -21.62
CA VAL C 70 -58.93 34.65 -21.75
C VAL C 70 -59.81 34.12 -22.86
N SER C 71 -61.10 33.96 -22.57
CA SER C 71 -62.10 33.63 -23.57
C SER C 71 -63.08 34.80 -23.68
N GLY C 72 -63.47 35.15 -24.90
CA GLY C 72 -64.34 36.28 -25.11
C GLY C 72 -65.82 35.97 -25.23
N THR C 73 -66.53 36.08 -24.11
CA THR C 73 -67.99 36.15 -24.08
C THR C 73 -68.47 37.45 -23.46
N ASN C 74 -68.06 37.71 -22.22
CA ASN C 74 -67.99 39.05 -21.67
C ASN C 74 -66.57 39.33 -21.19
N GLY C 75 -65.66 38.38 -21.41
CA GLY C 75 -64.29 38.43 -20.92
C GLY C 75 -64.14 37.55 -19.69
N THR C 76 -63.66 36.33 -19.89
CA THR C 76 -63.47 35.40 -18.78
C THR C 76 -62.04 34.89 -18.75
N LYS C 77 -61.34 35.20 -17.66
CA LYS C 77 -60.01 34.66 -17.40
C LYS C 77 -60.15 33.39 -16.58
N ARG C 78 -59.37 32.38 -16.95
CA ARG C 78 -59.41 31.09 -16.27
C ARG C 78 -58.07 30.90 -15.55
N PHE C 79 -58.01 31.38 -14.32
CA PHE C 79 -56.78 31.31 -13.54
C PHE C 79 -56.57 29.91 -13.01
N ASP C 80 -55.40 29.33 -13.32
CA ASP C 80 -55.01 28.05 -12.74
C ASP C 80 -53.48 28.00 -12.75
N ASN C 81 -52.88 28.13 -11.59
CA ASN C 81 -51.42 28.28 -11.46
C ASN C 81 -50.97 27.33 -10.36
N PRO C 82 -50.65 26.08 -10.69
CA PRO C 82 -50.49 25.06 -9.66
C PRO C 82 -49.10 25.04 -9.05
N VAL C 83 -49.03 24.43 -7.88
CA VAL C 83 -47.76 24.18 -7.19
C VAL C 83 -47.23 22.85 -7.70
N LEU C 84 -46.01 22.87 -8.23
CA LEU C 84 -45.46 21.72 -8.90
C LEU C 84 -44.32 21.12 -8.09
N PRO C 85 -44.03 19.83 -8.25
CA PRO C 85 -42.85 19.26 -7.60
C PRO C 85 -41.56 19.78 -8.20
N PHE C 86 -40.48 19.60 -7.45
CA PHE C 86 -39.13 20.00 -7.83
C PHE C 86 -38.29 18.77 -7.54
N ASN C 87 -38.17 17.88 -8.53
CA ASN C 87 -37.59 16.58 -8.27
C ASN C 87 -36.07 16.67 -8.17
N ASP C 88 -35.41 17.07 -9.24
CA ASP C 88 -33.96 17.18 -9.21
C ASP C 88 -33.46 18.44 -9.90
N GLY C 89 -34.34 19.40 -10.16
CA GLY C 89 -34.02 20.55 -10.98
C GLY C 89 -35.12 20.58 -12.02
N VAL C 90 -35.34 21.76 -12.57
CA VAL C 90 -36.39 21.91 -13.58
C VAL C 90 -35.86 22.67 -14.78
N TYR C 91 -36.46 22.40 -15.93
CA TYR C 91 -36.29 23.18 -17.14
C TYR C 91 -37.58 23.96 -17.35
N PHE C 92 -37.46 25.28 -17.40
CA PHE C 92 -38.57 26.20 -17.56
C PHE C 92 -38.41 26.93 -18.88
N ALA C 93 -39.50 27.08 -19.62
CA ALA C 93 -39.43 27.77 -20.89
C ALA C 93 -40.68 28.60 -21.12
N SER C 94 -40.53 29.73 -21.79
CA SER C 94 -41.67 30.62 -21.98
C SER C 94 -41.48 31.49 -23.22
N THR C 95 -42.53 31.63 -24.02
CA THR C 95 -42.56 32.54 -25.16
C THR C 95 -43.60 33.60 -24.86
N GLU C 96 -43.21 34.63 -24.12
CA GLU C 96 -44.14 35.65 -23.65
C GLU C 96 -43.74 37.00 -24.22
N LYS C 97 -44.62 37.59 -25.01
CA LYS C 97 -44.39 38.94 -25.51
C LYS C 97 -44.54 39.97 -24.39
N SER C 98 -45.42 39.70 -23.44
CA SER C 98 -45.69 40.62 -22.34
C SER C 98 -44.62 40.48 -21.27
N ASN C 99 -44.85 41.13 -20.13
CA ASN C 99 -44.01 41.01 -18.94
C ASN C 99 -44.78 40.34 -17.82
N ILE C 100 -45.56 39.31 -18.16
CA ILE C 100 -46.45 38.71 -17.19
C ILE C 100 -45.76 37.64 -16.33
N ILE C 101 -44.62 37.13 -16.74
CA ILE C 101 -43.88 36.14 -15.96
C ILE C 101 -42.80 36.89 -15.20
N ARG C 102 -43.02 37.05 -13.91
CA ARG C 102 -41.99 37.51 -12.98
C ARG C 102 -41.27 36.27 -12.44
N GLY C 103 -40.55 36.39 -11.33
CA GLY C 103 -39.80 35.27 -10.81
C GLY C 103 -40.59 34.09 -10.23
N TRP C 104 -39.98 33.39 -9.29
CA TRP C 104 -40.53 32.13 -8.80
C TRP C 104 -40.44 32.09 -7.29
N ILE C 105 -41.15 31.13 -6.69
CA ILE C 105 -41.00 30.82 -5.28
C ILE C 105 -40.64 29.34 -5.17
N PHE C 106 -39.62 29.05 -4.35
CA PHE C 106 -39.14 27.69 -4.13
C PHE C 106 -39.18 27.40 -2.64
N GLY C 107 -39.53 26.18 -2.28
CA GLY C 107 -39.54 25.86 -0.87
C GLY C 107 -40.02 24.47 -0.59
N THR C 108 -40.37 24.23 0.66
CA THR C 108 -40.78 22.92 1.13
C THR C 108 -42.23 22.88 1.58
N THR C 109 -42.65 23.85 2.39
CA THR C 109 -44.02 23.93 2.84
C THR C 109 -44.74 25.12 2.25
N LEU C 110 -44.00 26.14 1.81
CA LEU C 110 -44.50 27.44 1.37
C LEU C 110 -45.41 28.05 2.44
N ASP C 111 -44.84 28.17 3.62
CA ASP C 111 -45.56 28.52 4.83
C ASP C 111 -44.54 29.06 5.83
N SER C 112 -44.98 29.28 7.06
CA SER C 112 -44.06 29.52 8.14
C SER C 112 -43.45 28.19 8.61
N LYS C 113 -42.54 28.28 9.57
CA LYS C 113 -41.75 27.21 10.18
C LYS C 113 -40.75 26.55 9.22
N THR C 114 -40.67 27.00 7.97
CA THR C 114 -39.69 26.52 7.00
C THR C 114 -39.23 27.70 6.16
N GLN C 115 -37.96 27.72 5.82
CA GLN C 115 -37.44 28.81 5.00
C GLN C 115 -37.83 28.62 3.54
N SER C 116 -37.88 29.73 2.82
CA SER C 116 -38.29 29.72 1.41
C SER C 116 -37.47 30.74 0.64
N LEU C 117 -37.46 30.56 -0.67
CA LEU C 117 -36.67 31.37 -1.59
C LEU C 117 -37.59 32.05 -2.60
N LEU C 118 -37.33 33.32 -2.87
CA LEU C 118 -38.20 34.16 -3.68
C LEU C 118 -37.37 34.95 -4.66
N ILE C 119 -37.68 34.83 -5.95
CA ILE C 119 -36.99 35.54 -7.03
C ILE C 119 -38.00 36.45 -7.71
N VAL C 120 -37.74 37.76 -7.71
CA VAL C 120 -38.65 38.74 -8.28
C VAL C 120 -37.89 39.63 -9.23
N ASN C 121 -38.37 39.73 -10.46
CA ASN C 121 -37.83 40.61 -11.49
C ASN C 121 -38.79 41.77 -11.72
N ASN C 122 -38.36 42.98 -11.42
CA ASN C 122 -39.09 44.14 -11.91
C ASN C 122 -38.29 44.78 -13.04
N ALA C 123 -38.72 45.96 -13.47
CA ALA C 123 -38.25 46.55 -14.72
C ALA C 123 -36.81 47.03 -14.69
N THR C 124 -36.16 47.09 -13.52
CA THR C 124 -34.79 47.56 -13.47
C THR C 124 -33.84 46.70 -12.65
N ASN C 125 -34.34 45.78 -11.84
CA ASN C 125 -33.48 44.95 -11.01
C ASN C 125 -34.09 43.57 -10.85
N VAL C 126 -33.30 42.66 -10.30
CA VAL C 126 -33.80 41.39 -9.78
C VAL C 126 -33.43 41.35 -8.30
N VAL C 127 -34.35 40.85 -7.49
CA VAL C 127 -34.14 40.72 -6.05
C VAL C 127 -34.46 39.29 -5.62
N ILE C 128 -33.55 38.70 -4.86
CA ILE C 128 -33.60 37.30 -4.46
C ILE C 128 -33.50 37.26 -2.94
N LYS C 129 -34.50 36.71 -2.29
CA LYS C 129 -34.53 36.67 -0.83
C LYS C 129 -34.73 35.24 -0.36
N VAL C 130 -33.95 34.83 0.62
CA VAL C 130 -34.21 33.60 1.37
C VAL C 130 -34.60 34.02 2.76
N CYS C 131 -35.77 33.58 3.20
CA CYS C 131 -36.45 34.24 4.29
C CYS C 131 -37.50 33.26 4.81
N GLU C 132 -38.40 33.72 5.67
CA GLU C 132 -39.43 32.86 6.23
C GLU C 132 -40.79 33.49 5.94
N PHE C 133 -41.37 33.10 4.81
CA PHE C 133 -42.52 33.78 4.26
C PHE C 133 -43.82 33.13 4.72
N GLN C 134 -44.92 33.78 4.35
CA GLN C 134 -46.27 33.36 4.70
C GLN C 134 -47.14 33.48 3.46
N PHE C 135 -46.73 32.81 2.38
CA PHE C 135 -47.39 32.87 1.08
C PHE C 135 -48.87 32.52 1.16
N CYS C 136 -49.66 33.18 0.32
CA CYS C 136 -51.09 32.94 0.26
C CYS C 136 -51.37 31.75 -0.66
N ASN C 137 -52.65 31.42 -0.81
CA ASN C 137 -53.03 30.30 -1.65
C ASN C 137 -52.90 30.60 -3.13
N ASP C 138 -52.99 31.87 -3.52
CA ASP C 138 -52.81 32.29 -4.91
C ASP C 138 -51.96 33.54 -4.95
N PRO C 139 -50.64 33.39 -4.88
CA PRO C 139 -49.77 34.57 -4.88
C PRO C 139 -49.58 35.16 -6.27
N PHE C 140 -49.53 36.49 -6.31
CA PHE C 140 -49.29 37.22 -7.54
C PHE C 140 -48.65 38.55 -7.18
N LEU C 141 -48.19 39.27 -8.19
CA LEU C 141 -47.60 40.58 -8.03
C LEU C 141 -48.58 41.63 -8.54
N GLY C 142 -49.02 42.52 -7.66
CA GLY C 142 -49.95 43.55 -8.04
C GLY C 142 -49.28 44.81 -8.55
N VAL C 143 -49.59 45.22 -9.77
CA VAL C 143 -48.94 46.36 -10.43
C VAL C 143 -49.97 47.47 -10.58
N TYR C 144 -49.54 48.71 -10.37
CA TYR C 144 -50.40 49.88 -10.47
C TYR C 144 -49.81 50.87 -11.46
N TYR C 145 -50.66 51.63 -12.14
CA TYR C 145 -50.24 52.55 -13.19
C TYR C 145 -50.76 53.96 -12.92
N HIS C 146 -50.45 54.89 -13.83
CA HIS C 146 -50.64 56.33 -13.60
C HIS C 146 -51.50 57.05 -14.63
N LYS C 147 -52.29 56.33 -15.44
CA LYS C 147 -53.15 56.81 -16.55
C LYS C 147 -52.34 57.31 -17.75
N ASN C 148 -51.03 57.45 -17.62
CA ASN C 148 -50.15 57.54 -18.76
C ASN C 148 -49.38 56.24 -18.93
N ASN C 149 -49.85 55.18 -18.28
CA ASN C 149 -49.32 53.83 -18.33
C ASN C 149 -47.88 53.73 -17.85
N LYS C 150 -47.45 54.65 -16.99
CA LYS C 150 -46.18 54.52 -16.30
C LYS C 150 -46.40 53.86 -14.94
N SER C 151 -45.36 53.21 -14.44
CA SER C 151 -45.49 52.43 -13.22
C SER C 151 -45.57 53.32 -11.99
N TRP C 152 -46.41 52.92 -11.04
CA TRP C 152 -46.55 53.63 -9.78
C TRP C 152 -45.97 52.80 -8.63
N MET C 153 -46.48 51.59 -8.40
CA MET C 153 -45.92 50.75 -7.35
C MET C 153 -46.25 49.30 -7.67
N GLU C 154 -45.44 48.41 -7.12
CA GLU C 154 -45.60 46.97 -7.26
C GLU C 154 -45.58 46.36 -5.87
N SER C 155 -46.73 45.98 -5.36
CA SER C 155 -46.85 45.50 -4.00
C SER C 155 -46.52 44.02 -3.94
N GLU C 156 -45.54 43.67 -3.12
CA GLU C 156 -45.21 42.27 -2.86
C GLU C 156 -46.04 41.69 -1.73
N PHE C 157 -46.97 42.46 -1.16
CA PHE C 157 -47.85 41.94 -0.13
C PHE C 157 -49.05 41.21 -0.69
N ARG C 158 -49.14 41.11 -2.01
CA ARG C 158 -50.06 40.16 -2.63
C ARG C 158 -49.43 38.79 -2.80
N VAL C 159 -48.13 38.66 -2.55
CA VAL C 159 -47.44 37.38 -2.55
C VAL C 159 -47.54 36.76 -1.16
N TYR C 160 -46.97 37.44 -0.17
CA TYR C 160 -46.94 36.96 1.20
C TYR C 160 -47.66 37.95 2.10
N SER C 161 -48.02 37.49 3.29
CA SER C 161 -48.62 38.35 4.28
C SER C 161 -47.63 38.83 5.33
N SER C 162 -46.55 38.09 5.57
CA SER C 162 -45.52 38.49 6.50
C SER C 162 -44.22 37.83 6.10
N ALA C 163 -43.10 38.49 6.40
CA ALA C 163 -41.79 38.02 5.99
C ALA C 163 -40.77 38.40 7.07
N ASN C 164 -40.48 37.45 7.96
CA ASN C 164 -39.60 37.69 9.09
C ASN C 164 -38.44 36.72 9.05
N ASN C 165 -37.46 36.96 9.93
CA ASN C 165 -36.30 36.09 10.17
C ASN C 165 -35.48 35.90 8.89
N CYS C 166 -35.09 37.01 8.29
CA CYS C 166 -34.73 37.03 6.88
C CYS C 166 -33.24 36.84 6.75
N THR C 167 -32.84 35.78 6.05
CA THR C 167 -31.44 35.34 6.06
C THR C 167 -30.62 35.92 4.91
N PHE C 168 -31.03 35.66 3.68
CA PHE C 168 -30.21 35.97 2.51
C PHE C 168 -30.92 36.99 1.64
N GLU C 169 -30.14 37.89 1.03
CA GLU C 169 -30.69 38.89 0.12
C GLU C 169 -29.65 39.25 -0.92
N TYR C 170 -30.08 39.33 -2.17
CA TYR C 170 -29.20 39.61 -3.30
C TYR C 170 -29.98 40.46 -4.29
N VAL C 171 -29.29 41.38 -4.97
CA VAL C 171 -29.97 42.29 -5.90
C VAL C 171 -29.00 42.65 -7.02
N SER C 172 -29.47 42.54 -8.26
CA SER C 172 -28.57 42.73 -9.40
C SER C 172 -29.38 43.07 -10.66
N GLN C 173 -28.74 42.96 -11.81
CA GLN C 173 -29.37 43.24 -13.09
C GLN C 173 -30.41 42.15 -13.42
N PRO C 174 -31.52 42.52 -14.09
CA PRO C 174 -32.66 41.60 -14.19
C PRO C 174 -32.40 40.38 -15.04
N PHE C 175 -33.07 39.29 -14.66
CA PHE C 175 -32.91 38.02 -15.37
C PHE C 175 -33.56 38.08 -16.74
N LEU C 176 -34.83 38.43 -16.78
CA LEU C 176 -35.63 38.38 -17.99
C LEU C 176 -36.02 39.79 -18.41
N MET C 177 -35.82 40.10 -19.69
CA MET C 177 -36.18 41.38 -20.27
C MET C 177 -37.14 41.15 -21.43
N ASP C 178 -37.83 42.23 -21.83
CA ASP C 178 -38.91 42.10 -22.80
C ASP C 178 -38.39 42.05 -24.23
N LEU C 179 -37.68 43.09 -24.65
CA LEU C 179 -37.17 43.29 -26.02
C LEU C 179 -38.30 43.22 -27.04
N GLU C 180 -39.32 44.06 -26.83
CA GLU C 180 -40.43 44.13 -27.76
C GLU C 180 -40.01 44.86 -29.03
N GLY C 181 -40.90 44.85 -30.02
CA GLY C 181 -40.47 45.17 -31.36
C GLY C 181 -40.14 43.88 -32.09
N LYS C 182 -38.86 43.49 -32.02
CA LYS C 182 -38.38 42.15 -32.39
C LYS C 182 -38.54 41.91 -33.90
N GLN C 183 -37.98 42.83 -34.68
CA GLN C 183 -37.74 42.69 -36.13
C GLN C 183 -39.01 42.42 -36.94
N GLY C 184 -40.15 42.92 -36.46
CA GLY C 184 -41.41 42.62 -37.10
C GLY C 184 -42.15 41.50 -36.40
N ASN C 185 -42.22 40.34 -37.03
CA ASN C 185 -42.94 39.18 -36.50
C ASN C 185 -41.95 38.09 -36.13
N PHE C 186 -41.42 38.18 -34.91
CA PHE C 186 -40.60 37.14 -34.30
C PHE C 186 -41.00 37.03 -32.83
N LYS C 187 -40.68 35.89 -32.23
CA LYS C 187 -40.98 35.66 -30.82
C LYS C 187 -39.69 35.33 -30.07
N ASN C 188 -39.67 35.70 -28.79
CA ASN C 188 -38.49 35.56 -27.94
C ASN C 188 -38.72 34.44 -26.96
N LEU C 189 -38.08 33.29 -27.19
CA LEU C 189 -38.14 32.17 -26.25
C LEU C 189 -37.11 32.39 -25.15
N ARG C 190 -37.54 32.24 -23.90
CA ARG C 190 -36.65 32.31 -22.75
C ARG C 190 -36.61 30.95 -22.08
N GLU C 191 -35.40 30.45 -21.83
CA GLU C 191 -35.22 29.15 -21.19
C GLU C 191 -34.36 29.31 -19.95
N PHE C 192 -34.73 28.60 -18.89
CA PHE C 192 -34.03 28.59 -17.63
C PHE C 192 -33.90 27.16 -17.14
N VAL C 193 -32.79 26.89 -16.46
CA VAL C 193 -32.57 25.60 -15.78
C VAL C 193 -32.21 25.89 -14.34
N PHE C 194 -33.00 25.35 -13.42
CA PHE C 194 -32.78 25.53 -11.99
C PHE C 194 -32.31 24.22 -11.38
N LYS C 195 -31.23 24.26 -10.60
CA LYS C 195 -30.92 23.07 -9.82
C LYS C 195 -30.28 23.45 -8.50
N ASN C 196 -30.66 22.74 -7.45
CA ASN C 196 -30.23 23.02 -6.08
C ASN C 196 -29.47 21.80 -5.58
N ILE C 197 -28.14 21.90 -5.56
CA ILE C 197 -27.30 20.79 -5.12
C ILE C 197 -26.21 21.33 -4.18
N ASP C 198 -25.80 20.48 -3.24
CA ASP C 198 -24.82 20.70 -2.17
C ASP C 198 -24.90 22.07 -1.49
N GLY C 199 -26.12 22.54 -1.24
CA GLY C 199 -26.31 23.82 -0.59
C GLY C 199 -26.25 25.03 -1.49
N TYR C 200 -25.95 24.84 -2.77
CA TYR C 200 -25.91 25.91 -3.75
C TYR C 200 -27.12 25.84 -4.66
N PHE C 201 -27.59 27.00 -5.09
CA PHE C 201 -28.70 27.12 -6.01
C PHE C 201 -28.18 27.73 -7.30
N LYS C 202 -28.18 26.95 -8.39
CA LYS C 202 -27.59 27.38 -9.65
C LYS C 202 -28.68 27.63 -10.67
N ILE C 203 -28.57 28.75 -11.39
CA ILE C 203 -29.53 29.16 -12.40
C ILE C 203 -28.80 29.33 -13.72
N TYR C 204 -29.35 28.74 -14.79
CA TYR C 204 -28.82 28.88 -16.14
C TYR C 204 -29.89 29.47 -17.05
N SER C 205 -29.49 30.27 -18.03
CA SER C 205 -30.48 31.00 -18.82
C SER C 205 -30.03 31.17 -20.27
N LYS C 206 -31.02 31.41 -21.13
CA LYS C 206 -30.79 31.70 -22.55
C LYS C 206 -32.01 32.39 -23.14
N HIS C 207 -31.77 33.33 -24.05
CA HIS C 207 -32.82 34.02 -24.79
C HIS C 207 -32.58 33.83 -26.28
N THR C 208 -33.60 33.37 -27.01
CA THR C 208 -33.43 33.01 -28.41
C THR C 208 -34.59 33.53 -29.23
N PRO C 209 -34.34 34.18 -30.37
CA PRO C 209 -35.45 34.61 -31.22
C PRO C 209 -35.93 33.53 -32.17
N ILE C 210 -37.25 33.34 -32.26
CA ILE C 210 -37.85 32.36 -33.15
C ILE C 210 -39.07 32.99 -33.81
N ASN C 211 -39.54 32.36 -34.88
CA ASN C 211 -40.74 32.80 -35.57
C ASN C 211 -41.96 32.07 -35.02
N LEU C 212 -43.07 32.14 -35.75
CA LEU C 212 -44.37 31.66 -35.27
C LEU C 212 -44.41 30.12 -35.36
N VAL C 213 -43.97 29.49 -34.28
CA VAL C 213 -44.06 28.04 -34.11
C VAL C 213 -45.00 27.77 -32.94
N ARG C 214 -45.72 26.66 -32.99
CA ARG C 214 -46.63 26.27 -31.93
C ARG C 214 -45.91 25.74 -30.70
N ASP C 215 -44.65 25.32 -30.85
CA ASP C 215 -43.95 24.55 -29.83
C ASP C 215 -42.53 25.09 -29.67
N LEU C 216 -41.71 24.31 -29.01
CA LEU C 216 -40.28 24.56 -28.88
C LEU C 216 -39.60 24.30 -30.23
N PRO C 217 -38.57 25.06 -30.58
CA PRO C 217 -37.99 24.95 -31.91
C PRO C 217 -37.12 23.70 -32.05
N GLN C 218 -36.58 23.53 -33.26
CA GLN C 218 -35.84 22.33 -33.62
C GLN C 218 -34.33 22.51 -33.52
N GLY C 219 -33.85 23.73 -33.29
CA GLY C 219 -32.43 24.01 -33.34
C GLY C 219 -31.66 23.55 -32.11
N PHE C 220 -30.61 24.30 -31.80
CA PHE C 220 -29.74 23.96 -30.68
C PHE C 220 -29.19 25.25 -30.08
N SER C 221 -29.30 25.38 -28.76
CA SER C 221 -28.80 26.55 -28.06
C SER C 221 -28.40 26.16 -26.65
N ALA C 222 -27.16 26.44 -26.28
CA ALA C 222 -26.70 26.15 -24.94
C ALA C 222 -27.12 27.27 -23.99
N LEU C 223 -26.96 27.01 -22.69
CA LEU C 223 -27.43 27.91 -21.64
C LEU C 223 -26.24 28.31 -20.79
N GLU C 224 -25.94 29.61 -20.75
CA GLU C 224 -24.85 30.11 -19.94
C GLU C 224 -25.32 30.34 -18.50
N PRO C 225 -24.46 30.09 -17.52
CA PRO C 225 -24.89 30.24 -16.12
C PRO C 225 -25.05 31.70 -15.71
N LEU C 226 -26.04 31.93 -14.85
CA LEU C 226 -26.32 33.26 -14.33
C LEU C 226 -25.76 33.45 -12.93
N VAL C 227 -26.25 32.68 -11.96
CA VAL C 227 -25.89 32.84 -10.56
C VAL C 227 -25.74 31.48 -9.88
N ASP C 228 -24.90 31.46 -8.84
CA ASP C 228 -24.70 30.32 -7.96
C ASP C 228 -24.87 30.85 -6.53
N LEU C 229 -26.10 30.85 -6.05
CA LEU C 229 -26.38 31.43 -4.74
C LEU C 229 -26.01 30.45 -3.64
N PRO C 230 -25.20 30.85 -2.66
CA PRO C 230 -24.84 29.95 -1.55
C PRO C 230 -25.88 29.93 -0.43
N ILE C 231 -26.90 29.08 -0.55
CA ILE C 231 -27.98 29.16 0.42
C ILE C 231 -27.96 28.02 1.43
N GLY C 232 -28.15 26.79 0.97
CA GLY C 232 -28.39 25.69 1.87
C GLY C 232 -29.84 25.56 2.26
N ILE C 233 -30.72 25.45 1.26
CA ILE C 233 -32.16 25.43 1.45
C ILE C 233 -32.68 24.09 0.95
N ASN C 234 -33.67 23.54 1.65
CA ASN C 234 -34.30 22.28 1.27
C ASN C 234 -35.52 22.59 0.41
N ILE C 235 -35.46 22.21 -0.86
CA ILE C 235 -36.47 22.56 -1.85
C ILE C 235 -37.11 21.29 -2.40
N THR C 236 -38.44 21.21 -2.32
CA THR C 236 -39.19 20.14 -2.96
C THR C 236 -40.35 20.61 -3.81
N ARG C 237 -40.80 21.86 -3.69
CA ARG C 237 -41.92 22.37 -4.47
C ARG C 237 -41.59 23.76 -4.95
N PHE C 238 -42.26 24.19 -6.03
CA PHE C 238 -42.06 25.53 -6.54
C PHE C 238 -43.34 26.02 -7.22
N GLN C 239 -43.39 27.34 -7.44
CA GLN C 239 -44.54 27.96 -8.06
C GLN C 239 -44.09 29.22 -8.78
N THR C 240 -44.86 29.62 -9.79
CA THR C 240 -44.51 30.73 -10.67
C THR C 240 -45.27 31.98 -10.25
N LEU C 241 -44.61 33.13 -10.30
CA LEU C 241 -45.22 34.40 -9.97
C LEU C 241 -45.70 35.10 -11.24
N LEU C 242 -46.94 35.57 -11.21
CA LEU C 242 -47.52 36.29 -12.33
C LEU C 242 -47.88 37.69 -11.88
N ALA C 243 -47.82 38.64 -12.81
CA ALA C 243 -48.12 40.03 -12.51
C ALA C 243 -49.51 40.38 -13.03
N LEU C 244 -50.34 40.94 -12.17
CA LEU C 244 -51.67 41.40 -12.54
C LEU C 244 -51.77 42.90 -12.30
N HIS C 245 -52.50 43.59 -13.16
CA HIS C 245 -52.70 45.03 -13.04
C HIS C 245 -54.01 45.34 -12.35
N ARG C 246 -54.02 46.43 -11.60
CA ARG C 246 -55.23 46.89 -10.92
C ARG C 246 -56.17 47.53 -11.92
N SER C 247 -57.47 47.27 -11.75
CA SER C 247 -58.43 47.56 -12.81
C SER C 247 -58.90 49.02 -12.79
N TYR C 248 -59.09 49.58 -11.61
CA TYR C 248 -59.62 50.92 -11.28
C TYR C 248 -61.08 51.11 -11.65
N LEU C 249 -61.77 50.13 -12.21
CA LEU C 249 -63.18 50.25 -12.54
C LEU C 249 -64.08 49.61 -11.51
N THR C 250 -63.53 49.24 -10.35
CA THR C 250 -64.30 48.68 -9.25
C THR C 250 -63.54 48.96 -7.97
N PRO C 251 -64.22 49.22 -6.87
CA PRO C 251 -63.50 49.55 -5.63
C PRO C 251 -62.92 48.33 -4.92
N GLY C 252 -63.48 47.16 -5.17
CA GLY C 252 -63.09 45.98 -4.43
C GLY C 252 -61.75 45.40 -4.81
N ASP C 253 -61.21 44.53 -3.95
CA ASP C 253 -59.95 43.88 -4.20
C ASP C 253 -60.07 42.48 -4.77
N SER C 254 -61.27 42.02 -5.12
CA SER C 254 -61.48 40.63 -5.49
C SER C 254 -60.98 40.32 -6.90
N SER C 255 -61.29 39.13 -7.40
CA SER C 255 -60.78 38.66 -8.68
C SER C 255 -61.28 39.48 -9.86
N SER C 256 -62.39 40.20 -9.69
CA SER C 256 -62.86 41.12 -10.71
C SER C 256 -62.07 42.42 -10.73
N GLY C 257 -61.32 42.71 -9.68
CA GLY C 257 -60.56 43.94 -9.57
C GLY C 257 -59.18 43.90 -10.17
N TRP C 258 -58.77 42.80 -10.76
CA TRP C 258 -57.45 42.67 -11.36
C TRP C 258 -57.60 42.17 -12.79
N THR C 259 -56.87 42.79 -13.71
CA THR C 259 -56.86 42.39 -15.10
C THR C 259 -55.55 41.67 -15.44
N ALA C 260 -55.59 40.88 -16.51
CA ALA C 260 -54.46 40.04 -16.85
C ALA C 260 -54.48 39.72 -18.33
N GLY C 261 -53.30 39.35 -18.85
CA GLY C 261 -53.19 38.94 -20.23
C GLY C 261 -53.31 37.44 -20.39
N ALA C 262 -52.43 36.85 -21.17
CA ALA C 262 -52.40 35.40 -21.36
C ALA C 262 -51.01 34.90 -21.00
N ALA C 263 -50.95 33.79 -20.28
CA ALA C 263 -49.68 33.26 -19.82
C ALA C 263 -49.65 31.75 -20.00
N ALA C 264 -48.50 31.25 -20.45
CA ALA C 264 -48.31 29.82 -20.63
C ALA C 264 -46.82 29.54 -20.55
N TYR C 265 -46.47 28.34 -20.10
CA TYR C 265 -45.07 27.99 -19.99
C TYR C 265 -44.90 26.49 -20.12
N TYR C 266 -43.65 26.06 -20.23
CA TYR C 266 -43.29 24.67 -20.41
C TYR C 266 -42.40 24.26 -19.25
N VAL C 267 -42.69 23.10 -18.65
CA VAL C 267 -41.96 22.59 -17.50
C VAL C 267 -41.54 21.16 -17.79
N GLY C 268 -40.23 20.89 -17.72
CA GLY C 268 -39.73 19.54 -17.76
C GLY C 268 -38.77 19.31 -16.61
N TYR C 269 -38.49 18.04 -16.33
CA TYR C 269 -37.70 17.69 -15.17
C TYR C 269 -36.37 17.09 -15.59
N LEU C 270 -35.32 17.42 -14.84
CA LEU C 270 -33.99 16.92 -15.13
C LEU C 270 -33.80 15.51 -14.56
N GLN C 271 -32.88 14.79 -15.17
CA GLN C 271 -32.53 13.43 -14.78
C GLN C 271 -31.03 13.25 -14.99
N PRO C 272 -30.38 12.41 -14.18
CA PRO C 272 -28.94 12.18 -14.40
C PRO C 272 -28.64 11.36 -15.63
N ARG C 273 -28.10 12.01 -16.67
CA ARG C 273 -27.78 11.38 -17.94
C ARG C 273 -26.35 11.71 -18.33
N THR C 274 -25.88 11.02 -19.36
CA THR C 274 -24.56 11.21 -19.95
C THR C 274 -24.72 11.85 -21.32
N PHE C 275 -24.07 13.00 -21.52
CA PHE C 275 -24.19 13.77 -22.74
C PHE C 275 -22.82 13.92 -23.39
N LEU C 276 -22.76 13.72 -24.69
CA LEU C 276 -21.57 13.97 -25.48
C LEU C 276 -21.74 15.33 -26.17
N LEU C 277 -20.88 16.28 -25.82
CA LEU C 277 -20.97 17.67 -26.25
C LEU C 277 -19.89 17.92 -27.29
N LYS C 278 -20.26 18.54 -28.39
CA LYS C 278 -19.31 18.87 -29.46
C LYS C 278 -19.03 20.37 -29.37
N TYR C 279 -17.83 20.72 -28.92
CA TYR C 279 -17.45 22.11 -28.75
C TYR C 279 -17.04 22.73 -30.08
N ASN C 280 -17.03 24.06 -30.11
CA ASN C 280 -16.52 24.82 -31.23
C ASN C 280 -15.13 25.35 -30.90
N GLU C 281 -14.50 25.99 -31.89
CA GLU C 281 -13.18 26.56 -31.67
C GLU C 281 -13.22 27.86 -30.89
N ASN C 282 -14.38 28.51 -30.78
CA ASN C 282 -14.51 29.69 -29.95
C ASN C 282 -14.92 29.36 -28.53
N GLY C 283 -15.22 28.10 -28.24
CA GLY C 283 -15.77 27.73 -26.94
C GLY C 283 -17.28 27.82 -26.89
N THR C 284 -17.95 27.08 -27.78
CA THR C 284 -19.40 27.12 -27.90
C THR C 284 -19.91 25.73 -28.18
N ILE C 285 -20.83 25.24 -27.33
CA ILE C 285 -21.46 23.95 -27.58
C ILE C 285 -22.45 24.13 -28.73
N THR C 286 -22.10 23.62 -29.91
CA THR C 286 -22.94 23.77 -31.07
C THR C 286 -23.92 22.60 -31.25
N ASP C 287 -23.56 21.41 -30.79
CA ASP C 287 -24.44 20.26 -30.87
C ASP C 287 -24.02 19.25 -29.80
N ALA C 288 -24.91 18.30 -29.54
CA ALA C 288 -24.69 17.28 -28.51
C ALA C 288 -25.58 16.09 -28.80
N VAL C 289 -25.33 15.00 -28.07
CA VAL C 289 -26.18 13.82 -28.16
C VAL C 289 -26.21 13.15 -26.80
N ASP C 290 -27.36 12.55 -26.48
CA ASP C 290 -27.59 11.90 -25.21
C ASP C 290 -27.25 10.42 -25.26
N CYS C 291 -26.01 10.09 -24.92
CA CYS C 291 -25.59 8.70 -24.90
C CYS C 291 -26.55 7.95 -23.97
N ALA C 292 -26.71 6.65 -24.19
CA ALA C 292 -27.60 5.85 -23.37
C ALA C 292 -29.09 6.10 -23.68
N LEU C 293 -29.34 6.91 -24.70
CA LEU C 293 -30.71 7.21 -25.11
C LEU C 293 -31.34 5.97 -25.73
N ASP C 294 -30.85 5.62 -26.92
CA ASP C 294 -31.32 4.45 -27.65
C ASP C 294 -30.12 3.53 -27.92
N PRO C 295 -30.05 2.92 -29.10
CA PRO C 295 -28.93 2.02 -29.40
C PRO C 295 -27.85 2.67 -30.27
N LEU C 296 -28.27 3.34 -31.33
CA LEU C 296 -27.37 4.01 -32.25
C LEU C 296 -26.68 5.18 -31.57
N SER C 297 -27.33 5.72 -30.54
CA SER C 297 -26.78 6.84 -29.79
C SER C 297 -25.69 6.34 -28.86
N GLU C 298 -25.95 5.21 -28.22
CA GLU C 298 -24.99 4.62 -27.32
C GLU C 298 -23.76 4.26 -28.14
N THR C 299 -23.98 3.73 -29.34
CA THR C 299 -22.86 3.39 -30.21
C THR C 299 -22.01 4.65 -30.38
N LYS C 300 -22.66 5.69 -30.86
CA LYS C 300 -22.02 6.99 -31.08
C LYS C 300 -21.15 7.34 -29.89
N CYS C 301 -21.75 7.37 -28.71
CA CYS C 301 -21.01 7.70 -27.49
C CYS C 301 -19.75 6.84 -27.37
N THR C 302 -19.95 5.54 -27.19
CA THR C 302 -18.85 4.59 -27.06
C THR C 302 -17.69 4.84 -28.04
N LEU C 303 -18.03 5.20 -29.27
CA LEU C 303 -17.00 5.44 -30.28
C LEU C 303 -16.31 6.80 -30.18
N LYS C 304 -17.11 7.86 -30.24
CA LYS C 304 -16.67 9.26 -30.17
C LYS C 304 -16.48 9.85 -31.57
N SER C 305 -17.53 9.71 -32.38
CA SER C 305 -17.58 10.20 -33.75
C SER C 305 -19.02 10.43 -34.15
N PHE C 306 -19.19 11.09 -35.28
CA PHE C 306 -20.51 11.33 -35.83
C PHE C 306 -20.79 10.47 -37.06
N THR C 307 -19.79 9.76 -37.58
CA THR C 307 -19.99 8.82 -38.67
C THR C 307 -19.38 7.49 -38.27
N VAL C 308 -20.21 6.46 -38.17
CA VAL C 308 -19.76 5.10 -37.95
C VAL C 308 -19.77 4.35 -39.27
N GLU C 309 -18.66 3.68 -39.56
CA GLU C 309 -18.55 2.82 -40.73
C GLU C 309 -19.06 1.43 -40.40
N LYS C 310 -19.47 0.71 -41.44
CA LYS C 310 -20.02 -0.62 -41.26
C LYS C 310 -19.14 -1.43 -40.33
N GLY C 311 -19.76 -2.33 -39.58
CA GLY C 311 -19.04 -3.18 -38.68
C GLY C 311 -19.99 -3.74 -37.65
N ILE C 312 -19.41 -4.15 -36.53
CA ILE C 312 -20.20 -4.54 -35.38
C ILE C 312 -19.42 -4.10 -34.16
N TYR C 313 -20.09 -3.43 -33.23
CA TYR C 313 -19.42 -2.95 -32.03
C TYR C 313 -20.03 -3.56 -30.77
N GLN C 314 -19.30 -3.42 -29.66
CA GLN C 314 -19.77 -3.94 -28.39
C GLN C 314 -20.19 -2.77 -27.52
N THR C 315 -21.13 -1.99 -28.02
CA THR C 315 -21.64 -0.81 -27.32
C THR C 315 -21.76 -0.98 -25.80
N SER C 316 -21.91 -2.21 -25.34
CA SER C 316 -22.04 -2.43 -23.90
C SER C 316 -22.35 -3.88 -23.56
N ASN C 317 -23.12 -4.10 -22.50
CA ASN C 317 -23.49 -5.44 -22.06
C ASN C 317 -24.93 -5.51 -21.60
N PHE C 318 -25.41 -6.71 -21.34
CA PHE C 318 -26.78 -6.93 -20.90
C PHE C 318 -26.77 -7.75 -19.61
N ARG C 319 -27.68 -7.42 -18.69
CA ARG C 319 -27.76 -8.15 -17.42
C ARG C 319 -29.06 -7.88 -16.69
N VAL C 320 -29.68 -8.96 -16.21
CA VAL C 320 -30.94 -8.88 -15.47
C VAL C 320 -30.76 -8.12 -14.15
N GLN C 321 -31.87 -7.70 -13.55
CA GLN C 321 -31.84 -6.97 -12.29
C GLN C 321 -32.52 -7.75 -11.18
N PRO C 322 -31.94 -7.72 -9.98
CA PRO C 322 -32.54 -8.43 -8.84
C PRO C 322 -33.83 -7.76 -8.35
N THR C 323 -34.67 -8.51 -7.66
CA THR C 323 -35.94 -7.97 -7.15
C THR C 323 -36.34 -8.64 -5.85
N GLU C 324 -36.36 -7.87 -4.77
CA GLU C 324 -36.72 -8.37 -3.44
C GLU C 324 -35.55 -9.04 -2.75
N SER C 325 -35.08 -8.43 -1.67
CA SER C 325 -33.96 -8.96 -0.92
C SER C 325 -34.42 -9.87 0.22
N ILE C 326 -34.43 -11.18 -0.02
CA ILE C 326 -34.87 -12.14 0.97
C ILE C 326 -33.81 -12.48 2.01
N VAL C 327 -34.13 -13.42 2.88
CA VAL C 327 -33.23 -13.87 3.94
C VAL C 327 -33.64 -15.26 4.41
N ARG C 328 -32.75 -15.94 5.12
CA ARG C 328 -33.04 -17.28 5.61
C ARG C 328 -32.17 -17.66 6.81
N PHE C 329 -32.17 -16.80 7.82
CA PHE C 329 -31.38 -17.06 9.02
C PHE C 329 -31.79 -18.40 9.64
N PRO C 330 -31.18 -18.73 10.78
CA PRO C 330 -31.50 -20.00 11.45
C PRO C 330 -32.52 -19.83 12.58
N ASN C 331 -33.43 -20.79 12.72
CA ASN C 331 -34.45 -20.73 13.77
C ASN C 331 -33.86 -20.46 15.15
N ILE C 332 -34.51 -19.57 15.89
CA ILE C 332 -34.07 -19.20 17.23
C ILE C 332 -35.09 -18.26 17.87
N THR C 333 -34.99 -18.07 19.17
CA THR C 333 -35.91 -17.20 19.89
C THR C 333 -35.26 -16.54 21.10
N ASN C 334 -34.10 -17.06 21.50
CA ASN C 334 -33.39 -16.52 22.64
C ASN C 334 -33.03 -15.05 22.47
N LEU C 335 -32.19 -14.54 23.35
CA LEU C 335 -31.77 -13.15 23.30
C LEU C 335 -30.46 -12.98 24.06
N CYS C 336 -29.64 -14.02 24.04
CA CYS C 336 -28.36 -13.98 24.73
C CYS C 336 -28.39 -13.04 25.92
N PRO C 337 -28.08 -13.56 27.10
CA PRO C 337 -28.08 -12.73 28.31
C PRO C 337 -26.68 -12.20 28.65
N PHE C 338 -26.20 -11.23 27.87
CA PHE C 338 -24.88 -10.68 28.12
C PHE C 338 -24.77 -10.15 29.55
N GLY C 339 -25.90 -9.76 30.12
CA GLY C 339 -25.94 -9.24 31.46
C GLY C 339 -25.37 -10.16 32.50
N GLU C 340 -24.50 -11.10 32.12
CA GLU C 340 -23.68 -11.84 33.07
C GLU C 340 -22.20 -11.52 32.91
N VAL C 341 -21.73 -11.33 31.68
CA VAL C 341 -20.33 -11.00 31.46
C VAL C 341 -20.13 -9.49 31.53
N PHE C 342 -21.13 -8.72 31.08
CA PHE C 342 -21.08 -7.28 31.19
C PHE C 342 -21.74 -6.78 32.47
N ASN C 343 -22.20 -7.69 33.33
CA ASN C 343 -22.86 -7.32 34.57
C ASN C 343 -22.43 -8.20 35.74
N ALA C 344 -21.14 -8.51 35.83
CA ALA C 344 -20.65 -9.36 36.91
C ALA C 344 -20.32 -8.53 38.14
N THR C 345 -20.41 -9.17 39.31
CA THR C 345 -20.06 -8.50 40.55
C THR C 345 -18.57 -8.52 40.82
N ARG C 346 -17.84 -9.48 40.27
CA ARG C 346 -16.41 -9.58 40.47
C ARG C 346 -15.77 -10.07 39.18
N PHE C 347 -14.91 -9.25 38.60
CA PHE C 347 -14.24 -9.61 37.35
C PHE C 347 -13.11 -10.61 37.60
N ALA C 348 -12.27 -10.82 36.60
CA ALA C 348 -11.15 -11.75 36.71
C ALA C 348 -9.82 -11.03 36.53
N SER C 349 -8.78 -11.58 37.15
CA SER C 349 -7.45 -10.99 37.07
C SER C 349 -7.03 -10.78 35.62
N VAL C 350 -5.89 -10.14 35.42
CA VAL C 350 -5.37 -9.86 34.08
C VAL C 350 -4.44 -10.98 33.62
N TYR C 351 -3.84 -11.68 34.56
CA TYR C 351 -2.92 -12.77 34.25
C TYR C 351 -3.62 -14.10 34.14
N ALA C 352 -4.83 -14.24 34.67
CA ALA C 352 -5.67 -15.40 34.40
C ALA C 352 -7.03 -14.88 33.98
N TRP C 353 -7.16 -14.47 32.73
CA TRP C 353 -8.39 -13.87 32.27
C TRP C 353 -9.45 -14.95 32.20
N ASN C 354 -10.70 -14.53 32.08
CA ASN C 354 -11.68 -15.60 31.95
C ASN C 354 -11.89 -15.92 30.49
N ARG C 355 -12.74 -16.90 30.21
CA ARG C 355 -13.01 -17.26 28.83
C ARG C 355 -14.39 -17.90 28.75
N LYS C 356 -15.39 -17.12 28.35
CA LYS C 356 -16.75 -17.62 28.19
C LYS C 356 -16.96 -17.89 26.71
N ARG C 357 -17.55 -19.04 26.38
CA ARG C 357 -17.75 -19.37 24.97
C ARG C 357 -19.22 -19.20 24.66
N ILE C 358 -19.61 -17.98 24.31
CA ILE C 358 -20.97 -17.75 23.86
C ILE C 358 -21.25 -18.68 22.68
N SER C 359 -22.49 -19.15 22.58
CA SER C 359 -22.83 -20.19 21.62
C SER C 359 -24.16 -19.83 20.99
N ASN C 360 -24.79 -20.82 20.33
CA ASN C 360 -26.04 -20.63 19.60
C ASN C 360 -27.06 -19.83 20.39
N CYS C 361 -27.45 -18.69 19.87
CA CYS C 361 -28.23 -17.68 20.58
C CYS C 361 -28.64 -16.61 19.57
N VAL C 362 -29.25 -15.56 20.09
CA VAL C 362 -29.65 -14.39 19.31
C VAL C 362 -28.87 -13.23 19.95
N ALA C 363 -27.79 -12.80 19.30
CA ALA C 363 -26.94 -11.76 19.86
C ALA C 363 -27.34 -10.41 19.28
N ASP C 364 -27.49 -9.43 20.16
CA ASP C 364 -27.90 -8.09 19.77
C ASP C 364 -26.81 -7.10 20.16
N TYR C 365 -25.83 -6.94 19.28
CA TYR C 365 -24.73 -6.04 19.57
C TYR C 365 -25.16 -4.58 19.52
N SER C 366 -26.42 -4.29 19.27
CA SER C 366 -26.85 -2.90 19.28
C SER C 366 -26.99 -2.38 20.71
N VAL C 367 -27.55 -3.19 21.61
CA VAL C 367 -27.64 -2.79 23.01
C VAL C 367 -26.25 -2.52 23.57
N LEU C 368 -25.25 -3.20 23.04
CA LEU C 368 -23.89 -2.88 23.40
C LEU C 368 -23.46 -1.58 22.74
N TYR C 369 -23.56 -1.51 21.43
CA TYR C 369 -22.93 -0.43 20.67
C TYR C 369 -23.44 0.92 21.09
N ASN C 370 -24.72 1.04 21.44
CA ASN C 370 -25.30 2.35 21.71
C ASN C 370 -25.44 2.62 23.19
N SER C 371 -24.86 1.79 24.05
CA SER C 371 -25.11 1.96 25.48
C SER C 371 -24.43 3.19 26.05
N ALA C 372 -23.47 3.76 25.35
CA ALA C 372 -22.85 5.02 25.71
C ALA C 372 -22.18 4.97 27.07
N SER C 373 -22.21 3.83 27.74
CA SER C 373 -21.54 3.65 29.01
C SER C 373 -20.11 3.16 28.84
N PHE C 374 -19.71 2.81 27.64
CA PHE C 374 -18.41 2.25 27.36
C PHE C 374 -17.46 3.36 26.97
N SER C 375 -16.30 3.39 27.60
CA SER C 375 -15.31 4.37 27.24
C SER C 375 -14.52 3.99 26.02
N THR C 376 -14.52 2.73 25.63
CA THR C 376 -13.76 2.31 24.45
C THR C 376 -14.52 1.19 23.78
N PHE C 377 -14.84 1.35 22.51
CA PHE C 377 -15.52 0.31 21.74
C PHE C 377 -14.91 0.27 20.35
N LYS C 378 -13.85 -0.51 20.18
CA LYS C 378 -13.19 -0.59 18.89
C LYS C 378 -13.52 -1.93 18.24
N CYS C 379 -13.82 -1.91 16.96
CA CYS C 379 -14.03 -3.14 16.23
C CYS C 379 -13.01 -3.23 15.11
N TYR C 380 -12.43 -4.41 14.92
CA TYR C 380 -11.30 -4.55 14.02
C TYR C 380 -11.61 -5.32 12.77
N GLY C 381 -12.05 -6.56 12.88
CA GLY C 381 -12.34 -7.30 11.68
C GLY C 381 -13.52 -6.71 10.95
N VAL C 382 -14.41 -6.06 11.69
CA VAL C 382 -15.72 -5.68 11.16
C VAL C 382 -16.25 -4.46 11.90
N SER C 383 -16.65 -3.45 11.16
CA SER C 383 -17.18 -2.24 11.75
C SER C 383 -18.43 -2.54 12.58
N PRO C 384 -18.72 -1.74 13.61
CA PRO C 384 -19.70 -2.18 14.62
C PRO C 384 -21.12 -2.29 14.12
N THR C 385 -21.58 -1.40 13.24
CA THR C 385 -23.00 -1.37 12.92
C THR C 385 -23.45 -2.60 12.12
N LYS C 386 -22.52 -3.30 11.49
CA LYS C 386 -22.84 -4.47 10.69
C LYS C 386 -22.73 -5.77 11.46
N LEU C 387 -22.68 -5.69 12.80
CA LEU C 387 -22.61 -6.92 13.59
C LEU C 387 -23.97 -7.59 13.68
N ASN C 388 -25.02 -6.80 13.78
CA ASN C 388 -26.38 -7.32 13.88
C ASN C 388 -26.94 -7.72 12.52
N ASP C 389 -26.05 -8.16 11.62
CA ASP C 389 -26.46 -8.57 10.28
C ASP C 389 -25.56 -9.67 9.75
N LEU C 390 -24.76 -10.26 10.64
CA LEU C 390 -23.86 -11.34 10.26
C LEU C 390 -23.99 -12.54 11.20
N CYS C 391 -23.49 -13.69 10.76
CA CYS C 391 -23.55 -14.90 11.55
C CYS C 391 -22.22 -15.65 11.53
N PHE C 392 -21.81 -16.14 12.71
CA PHE C 392 -20.55 -16.87 12.82
C PHE C 392 -20.77 -18.26 13.42
N THR C 393 -19.69 -18.90 13.83
CA THR C 393 -19.76 -20.23 14.43
C THR C 393 -19.68 -20.17 15.94
N ASN C 394 -18.77 -19.34 16.45
CA ASN C 394 -18.60 -19.21 17.89
C ASN C 394 -17.99 -17.89 18.33
N VAL C 395 -18.62 -17.26 19.32
CA VAL C 395 -18.15 -16.00 19.86
C VAL C 395 -17.51 -16.33 21.18
N TYR C 396 -16.32 -15.84 21.41
CA TYR C 396 -15.71 -15.99 22.70
C TYR C 396 -15.70 -14.64 23.37
N ALA C 397 -15.81 -14.62 24.69
CA ALA C 397 -15.73 -13.37 25.43
C ALA C 397 -14.71 -13.53 26.53
N ASP C 398 -13.66 -12.73 26.51
CA ASP C 398 -12.66 -12.76 27.54
C ASP C 398 -12.80 -11.54 28.44
N SER C 399 -12.56 -11.71 29.73
CA SER C 399 -12.83 -10.66 30.69
C SER C 399 -11.66 -10.49 31.63
N PHE C 400 -11.32 -9.23 31.95
CA PHE C 400 -10.30 -8.99 32.95
C PHE C 400 -10.31 -7.52 33.36
N VAL C 401 -9.34 -7.14 34.19
CA VAL C 401 -9.25 -5.80 34.77
C VAL C 401 -7.82 -5.32 34.67
N ILE C 402 -7.62 -4.11 34.16
CA ILE C 402 -6.29 -3.56 34.00
C ILE C 402 -6.28 -2.11 34.47
N ARG C 403 -5.15 -1.44 34.28
CA ARG C 403 -5.06 -0.04 34.66
C ARG C 403 -5.83 0.75 33.61
N GLY C 404 -5.82 2.06 33.71
CA GLY C 404 -6.53 2.89 32.77
C GLY C 404 -5.76 3.10 31.49
N ASP C 405 -4.45 3.24 31.57
CA ASP C 405 -3.68 3.56 30.40
C ASP C 405 -3.02 2.35 29.78
N GLU C 406 -3.53 1.17 30.14
CA GLU C 406 -3.05 -0.08 29.59
C GLU C 406 -4.10 -0.60 28.60
N VAL C 407 -5.14 0.19 28.34
CA VAL C 407 -6.15 -0.28 27.40
C VAL C 407 -5.68 -0.14 25.98
N ARG C 408 -4.56 0.53 25.76
CA ARG C 408 -4.06 0.66 24.41
C ARG C 408 -3.16 -0.48 24.02
N GLN C 409 -2.89 -1.42 24.92
CA GLN C 409 -2.16 -2.61 24.54
C GLN C 409 -3.07 -3.77 24.22
N ILE C 410 -4.38 -3.61 24.38
CA ILE C 410 -5.34 -4.64 23.97
C ILE C 410 -5.75 -4.29 22.55
N ALA C 411 -4.93 -4.70 21.61
CA ALA C 411 -5.11 -4.39 20.21
C ALA C 411 -4.15 -5.25 19.42
N PRO C 412 -4.41 -5.54 18.15
CA PRO C 412 -3.50 -6.42 17.42
C PRO C 412 -2.20 -5.71 17.12
N GLY C 413 -1.09 -6.36 17.45
CA GLY C 413 0.21 -5.77 17.22
C GLY C 413 0.60 -4.68 18.18
N GLN C 414 0.75 -4.98 19.46
CA GLN C 414 1.27 -4.05 20.44
C GLN C 414 2.33 -4.75 21.28
N THR C 415 2.99 -3.97 22.13
CA THR C 415 3.98 -4.49 23.06
C THR C 415 3.82 -3.78 24.39
N GLY C 416 4.43 -4.35 25.42
CA GLY C 416 4.25 -3.90 26.78
C GLY C 416 3.96 -5.06 27.71
N LYS C 417 4.07 -4.77 29.00
CA LYS C 417 4.01 -5.84 30.00
C LYS C 417 2.69 -6.60 29.93
N ILE C 418 1.64 -5.95 29.43
CA ILE C 418 0.35 -6.65 29.34
C ILE C 418 0.29 -7.50 28.10
N ALA C 419 0.57 -6.92 26.94
CA ALA C 419 0.44 -7.67 25.71
C ALA C 419 1.57 -8.65 25.52
N ASP C 420 2.72 -8.40 26.15
CA ASP C 420 3.82 -9.34 26.00
C ASP C 420 3.51 -10.64 26.72
N TYR C 421 3.40 -10.60 28.03
CA TYR C 421 2.99 -11.78 28.76
C TYR C 421 1.93 -11.46 29.79
N ASN C 422 0.72 -11.15 29.33
CA ASN C 422 -0.47 -11.41 30.11
C ASN C 422 -1.61 -11.87 29.22
N TYR C 423 -1.75 -11.20 28.07
CA TYR C 423 -2.88 -11.44 27.18
C TYR C 423 -2.52 -10.91 25.80
N LYS C 424 -2.33 -11.80 24.84
CA LYS C 424 -1.88 -11.44 23.51
C LYS C 424 -2.97 -11.74 22.51
N LEU C 425 -3.28 -10.77 21.66
CA LEU C 425 -4.26 -10.76 20.58
C LEU C 425 -3.59 -11.08 19.25
N PRO C 426 -4.11 -12.01 18.46
CA PRO C 426 -3.43 -12.35 17.21
C PRO C 426 -3.39 -11.18 16.27
N ASP C 427 -2.62 -11.32 15.20
CA ASP C 427 -2.36 -10.19 14.33
C ASP C 427 -3.43 -10.01 13.27
N ASP C 428 -4.34 -10.95 13.11
CA ASP C 428 -5.50 -10.80 12.24
C ASP C 428 -6.79 -10.90 13.02
N PHE C 429 -6.86 -10.22 14.14
CA PHE C 429 -8.01 -10.27 15.02
C PHE C 429 -9.27 -9.98 14.24
N THR C 430 -10.40 -10.45 14.75
CA THR C 430 -11.66 -10.23 14.07
C THR C 430 -12.73 -9.55 14.91
N GLY C 431 -12.66 -9.64 16.23
CA GLY C 431 -13.76 -9.22 17.07
C GLY C 431 -13.77 -7.76 17.38
N CYS C 432 -14.20 -7.43 18.59
CA CYS C 432 -14.21 -6.07 19.09
C CYS C 432 -13.74 -6.05 20.52
N VAL C 433 -13.25 -4.90 20.95
CA VAL C 433 -12.68 -4.69 22.27
C VAL C 433 -13.52 -3.62 22.95
N ILE C 434 -14.01 -3.90 24.14
CA ILE C 434 -14.86 -2.97 24.89
C ILE C 434 -14.26 -2.74 26.25
N ALA C 435 -14.33 -1.51 26.73
CA ALA C 435 -13.68 -1.19 28.00
C ALA C 435 -14.39 -0.03 28.66
N TRP C 436 -14.53 -0.11 29.98
CA TRP C 436 -15.16 0.98 30.71
C TRP C 436 -14.55 1.12 32.09
N ASN C 437 -14.57 2.35 32.59
CA ASN C 437 -13.97 2.64 33.88
C ASN C 437 -14.80 2.03 34.99
N SER C 438 -14.12 1.56 36.02
CA SER C 438 -14.80 0.94 37.14
C SER C 438 -14.16 1.34 38.44
N ASN C 439 -13.90 2.63 38.63
CA ASN C 439 -13.18 3.04 39.83
C ASN C 439 -13.96 2.75 41.09
N ASN C 440 -15.27 2.89 41.07
CA ASN C 440 -16.03 2.79 42.31
C ASN C 440 -16.22 1.35 42.77
N LEU C 441 -16.11 0.40 41.87
CA LEU C 441 -16.33 -1.00 42.21
C LEU C 441 -15.06 -1.71 42.66
N ASP C 442 -13.93 -1.42 42.04
CA ASP C 442 -12.75 -2.24 42.22
C ASP C 442 -11.69 -1.60 43.08
N SER C 443 -11.75 -0.30 43.32
CA SER C 443 -10.75 0.38 44.10
C SER C 443 -11.28 0.66 45.49
N LYS C 444 -10.48 0.33 46.50
CA LYS C 444 -10.94 0.49 47.86
C LYS C 444 -9.87 1.16 48.70
N VAL C 445 -10.31 1.99 49.65
CA VAL C 445 -9.40 2.76 50.47
C VAL C 445 -8.43 1.83 51.16
N GLY C 446 -7.17 2.23 51.22
CA GLY C 446 -6.12 1.38 51.71
C GLY C 446 -5.48 0.52 50.66
N GLY C 447 -6.07 0.45 49.48
CA GLY C 447 -5.46 -0.29 48.40
C GLY C 447 -6.05 -1.66 48.21
N ASN C 448 -6.54 -1.94 47.02
CA ASN C 448 -7.10 -3.24 46.69
C ASN C 448 -5.98 -4.08 46.09
N TYR C 449 -5.38 -4.94 46.91
CA TYR C 449 -4.24 -5.73 46.48
C TYR C 449 -4.63 -7.11 45.98
N ASN C 450 -5.83 -7.25 45.43
CA ASN C 450 -6.26 -8.54 44.93
C ASN C 450 -6.20 -8.66 43.43
N TYR C 451 -5.72 -7.62 42.74
CA TYR C 451 -5.66 -7.62 41.29
C TYR C 451 -4.20 -7.63 40.87
N LEU C 452 -3.73 -8.79 40.45
CA LEU C 452 -2.32 -8.99 40.15
C LEU C 452 -2.11 -9.02 38.65
N TYR C 453 -0.85 -8.94 38.26
CA TYR C 453 -0.46 -9.12 36.88
C TYR C 453 0.93 -9.72 36.86
N ARG C 454 1.26 -10.37 35.76
CA ARG C 454 2.57 -11.00 35.60
C ARG C 454 3.52 -10.00 34.98
N LEU C 455 4.71 -9.89 35.54
CA LEU C 455 5.66 -8.91 35.03
C LEU C 455 6.98 -9.52 34.60
N PHE C 456 7.15 -10.83 34.68
CA PHE C 456 8.34 -11.49 34.19
C PHE C 456 7.95 -12.80 33.51
N ARG C 457 8.45 -13.03 32.30
CA ARG C 457 8.26 -14.32 31.68
C ARG C 457 9.42 -14.60 30.76
N LYS C 458 9.66 -15.89 30.50
CA LYS C 458 10.74 -16.28 29.61
C LYS C 458 10.53 -15.78 28.20
N SER C 459 9.31 -15.89 27.68
CA SER C 459 9.07 -15.56 26.29
C SER C 459 7.63 -15.07 26.13
N ASN C 460 7.45 -14.14 25.21
CA ASN C 460 6.15 -13.56 24.99
C ASN C 460 5.13 -14.64 24.63
N LEU C 461 3.88 -14.36 24.93
CA LEU C 461 2.82 -15.35 24.77
C LEU C 461 2.50 -15.55 23.29
N LYS C 462 2.06 -16.75 22.97
CA LYS C 462 1.38 -16.93 21.71
C LYS C 462 0.00 -16.32 21.83
N PRO C 463 -0.61 -15.92 20.73
CA PRO C 463 -1.94 -15.30 20.82
C PRO C 463 -2.95 -16.22 21.49
N PHE C 464 -3.69 -15.67 22.45
CA PHE C 464 -4.74 -16.37 23.17
C PHE C 464 -4.19 -17.49 24.04
N GLU C 465 -2.92 -17.40 24.39
CA GLU C 465 -2.31 -18.36 25.28
C GLU C 465 -2.38 -17.84 26.71
N ARG C 466 -2.37 -18.75 27.67
CA ARG C 466 -2.65 -18.41 29.06
C ARG C 466 -1.67 -19.14 29.97
N ASP C 467 -1.24 -18.46 31.04
CA ASP C 467 -0.13 -18.96 31.86
C ASP C 467 -0.35 -18.57 33.30
N ILE C 468 -0.80 -19.51 34.13
CA ILE C 468 -1.12 -19.24 35.51
C ILE C 468 -0.08 -19.83 36.46
N SER C 469 1.08 -20.21 35.95
CA SER C 469 2.08 -20.79 36.84
C SER C 469 2.66 -19.71 37.74
N THR C 470 3.38 -20.16 38.77
CA THR C 470 3.90 -19.24 39.78
C THR C 470 5.32 -19.65 40.17
N GLU C 471 6.12 -20.01 39.18
CA GLU C 471 7.50 -20.39 39.46
C GLU C 471 8.35 -19.15 39.65
N ILE C 472 9.36 -19.28 40.51
CA ILE C 472 10.26 -18.18 40.76
C ILE C 472 11.07 -17.89 39.51
N TYR C 473 10.95 -16.66 39.02
CA TYR C 473 11.67 -16.23 37.83
C TYR C 473 13.17 -16.23 38.11
N GLN C 474 13.96 -16.41 37.06
CA GLN C 474 15.41 -16.43 37.20
C GLN C 474 16.00 -15.47 36.19
N ALA C 475 16.38 -14.28 36.64
CA ALA C 475 16.91 -13.30 35.72
C ALA C 475 18.35 -13.62 35.34
N GLY C 476 19.24 -13.64 36.32
CA GLY C 476 20.63 -13.94 36.09
C GLY C 476 20.86 -15.40 35.81
N SER C 477 22.14 -15.75 35.62
CA SER C 477 22.50 -17.11 35.29
C SER C 477 22.45 -18.03 36.50
N THR C 478 22.54 -17.50 37.69
CA THR C 478 22.58 -18.34 38.87
C THR C 478 21.23 -19.03 39.07
N PRO C 479 21.23 -20.34 39.31
CA PRO C 479 19.97 -21.02 39.57
C PRO C 479 19.33 -20.54 40.86
N CYS C 480 18.00 -20.69 40.93
CA CYS C 480 17.23 -20.08 41.99
C CYS C 480 16.84 -21.03 43.12
N ASN C 481 16.56 -22.30 42.81
CA ASN C 481 16.19 -23.28 43.82
C ASN C 481 14.97 -22.85 44.63
N GLY C 482 14.02 -22.21 43.99
CA GLY C 482 12.75 -21.94 44.63
C GLY C 482 12.80 -20.95 45.77
N VAL C 483 13.88 -20.21 45.94
CA VAL C 483 13.92 -19.17 46.97
C VAL C 483 14.22 -17.84 46.30
N GLU C 484 13.72 -16.77 46.92
CA GLU C 484 13.92 -15.43 46.39
C GLU C 484 15.34 -14.97 46.61
N GLY C 485 15.64 -13.79 46.08
CA GLY C 485 16.97 -13.23 46.20
C GLY C 485 17.28 -12.41 44.97
N PHE C 486 18.51 -11.92 44.92
CA PHE C 486 18.95 -11.17 43.76
C PHE C 486 18.84 -12.02 42.52
N ASN C 487 18.23 -11.47 41.48
CA ASN C 487 18.06 -12.17 40.20
C ASN C 487 17.22 -13.44 40.37
N CYS C 488 16.43 -13.50 41.43
CA CYS C 488 15.46 -14.58 41.62
C CYS C 488 14.20 -13.91 42.18
N TYR C 489 13.24 -13.65 41.31
CA TYR C 489 12.11 -12.80 41.63
C TYR C 489 10.80 -13.56 41.53
N PHE C 490 9.91 -13.28 42.46
CA PHE C 490 8.53 -13.70 42.33
C PHE C 490 7.93 -13.03 41.12
N PRO C 491 7.17 -13.73 40.29
CA PRO C 491 6.78 -13.18 38.99
C PRO C 491 5.48 -12.40 38.97
N LEU C 492 4.79 -12.21 40.08
CA LEU C 492 3.50 -11.54 40.07
C LEU C 492 3.53 -10.29 40.94
N GLN C 493 2.98 -9.21 40.42
CA GLN C 493 2.89 -7.94 41.12
C GLN C 493 1.41 -7.64 41.28
N SER C 494 1.06 -6.70 42.16
CA SER C 494 -0.33 -6.35 42.38
C SER C 494 -0.52 -4.87 42.24
N TYR C 495 -1.49 -4.48 41.42
CA TYR C 495 -1.98 -3.12 41.40
C TYR C 495 -2.49 -2.80 42.79
N GLY C 496 -1.97 -1.77 43.42
CA GLY C 496 -2.67 -1.37 44.62
C GLY C 496 -3.60 -0.25 44.27
N PHE C 497 -4.84 -0.56 43.97
CA PHE C 497 -5.76 0.46 43.51
C PHE C 497 -6.29 1.25 44.69
N GLN C 498 -6.40 2.55 44.52
CA GLN C 498 -6.92 3.39 45.58
C GLN C 498 -7.83 4.44 44.99
N PRO C 499 -8.89 4.83 45.69
CA PRO C 499 -9.90 5.67 45.05
C PRO C 499 -9.41 7.06 44.71
N THR C 500 -8.36 7.53 45.36
CA THR C 500 -7.81 8.84 45.03
C THR C 500 -6.64 8.72 44.07
N ASN C 501 -6.82 7.99 42.97
CA ASN C 501 -5.81 7.86 41.94
C ASN C 501 -6.22 8.66 40.72
N GLY C 502 -5.27 9.36 40.14
CA GLY C 502 -5.53 10.03 38.89
C GLY C 502 -5.99 9.07 37.83
N VAL C 503 -6.81 9.56 36.91
CA VAL C 503 -7.25 8.73 35.80
C VAL C 503 -6.03 8.19 35.09
N GLY C 504 -6.15 7.01 34.49
CA GLY C 504 -4.98 6.34 34.00
C GLY C 504 -4.27 5.54 35.05
N TYR C 505 -4.69 5.62 36.29
CA TYR C 505 -4.30 4.65 37.30
C TYR C 505 -5.51 4.03 37.99
N GLN C 506 -6.70 4.32 37.54
CA GLN C 506 -7.88 3.71 38.11
C GLN C 506 -8.24 2.48 37.31
N PRO C 507 -8.91 1.52 37.93
CA PRO C 507 -9.13 0.24 37.26
C PRO C 507 -10.15 0.35 36.15
N TYR C 508 -9.85 -0.30 35.03
CA TYR C 508 -10.77 -0.36 33.91
C TYR C 508 -11.11 -1.82 33.71
N ARG C 509 -12.37 -2.11 33.42
CA ARG C 509 -12.76 -3.47 33.12
C ARG C 509 -12.85 -3.63 31.62
N VAL C 510 -12.36 -4.75 31.11
CA VAL C 510 -12.22 -4.98 29.69
C VAL C 510 -12.88 -6.29 29.32
N VAL C 511 -13.57 -6.31 28.18
CA VAL C 511 -14.18 -7.49 27.60
C VAL C 511 -13.78 -7.52 26.14
N VAL C 512 -13.22 -8.64 25.70
CA VAL C 512 -12.75 -8.79 24.32
C VAL C 512 -13.62 -9.85 23.68
N LEU C 513 -14.44 -9.44 22.72
CA LEU C 513 -15.24 -10.39 21.96
C LEU C 513 -14.50 -10.81 20.74
N SER C 514 -14.43 -12.11 20.51
CA SER C 514 -13.68 -12.64 19.38
C SER C 514 -14.59 -13.57 18.61
N PHE C 515 -15.00 -13.15 17.42
CA PHE C 515 -15.86 -13.97 16.59
C PHE C 515 -14.99 -14.90 15.77
N GLU C 516 -15.26 -16.18 15.84
CA GLU C 516 -14.48 -17.12 15.05
C GLU C 516 -15.40 -17.91 14.13
N LEU C 517 -14.83 -18.37 13.02
CA LEU C 517 -15.59 -19.14 12.04
C LEU C 517 -14.83 -20.39 11.60
N LEU C 518 -15.00 -21.48 12.34
CA LEU C 518 -14.33 -22.73 12.01
C LEU C 518 -14.77 -23.24 10.64
N HIS C 519 -15.61 -24.28 10.65
CA HIS C 519 -16.11 -24.86 9.40
C HIS C 519 -17.39 -25.65 9.64
N ALA C 520 -18.18 -25.20 10.61
CA ALA C 520 -19.43 -25.88 10.94
C ALA C 520 -20.52 -25.53 9.93
N PRO C 521 -21.77 -25.77 10.29
CA PRO C 521 -22.90 -25.48 9.39
C PRO C 521 -23.54 -24.12 9.65
N ALA C 522 -23.34 -23.59 10.85
CA ALA C 522 -23.90 -22.30 11.24
C ALA C 522 -23.84 -22.11 12.75
N THR C 523 -24.34 -20.97 13.22
CA THR C 523 -24.35 -20.67 14.64
C THR C 523 -25.00 -19.32 14.92
N VAL C 524 -24.77 -18.78 16.10
CA VAL C 524 -25.35 -17.50 16.51
C VAL C 524 -25.11 -16.36 15.52
N CYS C 525 -26.00 -15.37 15.54
CA CYS C 525 -25.90 -14.21 14.68
C CYS C 525 -26.85 -13.11 15.12
N GLY C 526 -26.84 -11.98 14.42
CA GLY C 526 -27.70 -10.86 14.75
C GLY C 526 -29.15 -11.28 14.88
N PRO C 527 -30.00 -10.34 15.27
CA PRO C 527 -31.43 -10.59 15.40
C PRO C 527 -32.15 -10.27 14.09
N LYS C 528 -31.52 -10.64 12.98
CA LYS C 528 -32.07 -10.39 11.65
C LYS C 528 -33.58 -10.59 11.58
N LYS C 529 -34.22 -9.92 10.62
CA LYS C 529 -35.66 -10.00 10.45
C LYS C 529 -36.12 -11.29 9.79
N SER C 530 -35.30 -11.84 8.90
CA SER C 530 -35.63 -13.07 8.20
C SER C 530 -36.66 -12.79 7.10
N THR C 531 -37.13 -13.85 6.46
CA THR C 531 -38.11 -13.70 5.39
C THR C 531 -38.25 -14.98 4.58
N ASN C 532 -39.30 -15.06 3.77
CA ASN C 532 -39.55 -16.23 2.94
C ASN C 532 -38.59 -16.32 1.76
N LEU C 533 -38.85 -17.25 0.85
CA LEU C 533 -37.99 -17.45 -0.31
C LEU C 533 -38.77 -17.45 -1.63
N VAL C 534 -38.14 -17.97 -2.68
CA VAL C 534 -38.77 -18.03 -4.00
C VAL C 534 -37.83 -18.78 -4.92
N LYS C 535 -38.32 -19.18 -6.09
CA LYS C 535 -37.50 -19.93 -7.02
C LYS C 535 -37.75 -19.42 -8.43
N ASN C 536 -36.80 -19.72 -9.32
CA ASN C 536 -36.88 -19.45 -10.74
C ASN C 536 -36.99 -17.97 -11.07
N LYS C 537 -36.43 -17.10 -10.23
CA LYS C 537 -36.40 -15.67 -10.48
C LYS C 537 -35.07 -15.11 -9.99
N CYS C 538 -34.47 -14.24 -10.80
CA CYS C 538 -33.24 -13.60 -10.35
C CYS C 538 -33.55 -12.81 -9.10
N VAL C 539 -32.90 -13.19 -7.99
CA VAL C 539 -33.26 -12.72 -6.67
C VAL C 539 -32.00 -12.34 -5.93
N ASN C 540 -32.17 -11.59 -4.86
CA ASN C 540 -31.08 -11.17 -4.00
C ASN C 540 -31.27 -11.93 -2.69
N PHE C 541 -30.37 -12.85 -2.39
CA PHE C 541 -30.60 -13.79 -1.31
C PHE C 541 -29.54 -13.69 -0.23
N ASN C 542 -29.91 -14.15 0.96
CA ASN C 542 -29.01 -14.28 2.10
C ASN C 542 -29.40 -15.57 2.83
N PHE C 543 -28.48 -16.52 2.86
CA PHE C 543 -28.66 -17.81 3.54
C PHE C 543 -27.72 -17.85 4.74
N ASN C 544 -28.24 -17.48 5.90
CA ASN C 544 -27.53 -17.38 7.18
C ASN C 544 -26.08 -16.95 7.02
N GLY C 545 -25.85 -15.88 6.27
CA GLY C 545 -24.51 -15.37 6.10
C GLY C 545 -24.07 -15.29 4.66
N LEU C 546 -24.44 -16.29 3.86
CA LEU C 546 -24.11 -16.30 2.43
C LEU C 546 -24.94 -15.25 1.73
N THR C 547 -24.30 -14.20 1.25
CA THR C 547 -24.98 -13.14 0.52
C THR C 547 -24.71 -13.32 -0.96
N GLY C 548 -25.77 -13.32 -1.78
CA GLY C 548 -25.56 -13.43 -3.21
C GLY C 548 -26.73 -13.02 -4.07
N THR C 549 -26.61 -13.25 -5.38
CA THR C 549 -27.65 -12.93 -6.34
C THR C 549 -27.75 -14.06 -7.34
N GLY C 550 -28.97 -14.33 -7.80
CA GLY C 550 -29.14 -15.32 -8.84
C GLY C 550 -30.49 -15.98 -8.78
N VAL C 551 -30.67 -16.91 -9.68
CA VAL C 551 -31.83 -17.78 -9.76
C VAL C 551 -31.59 -19.00 -8.89
N LEU C 552 -32.60 -19.37 -8.11
CA LEU C 552 -32.54 -20.54 -7.23
C LEU C 552 -33.36 -21.65 -7.86
N THR C 553 -32.85 -22.87 -7.82
CA THR C 553 -33.54 -23.98 -8.46
C THR C 553 -33.42 -25.25 -7.62
N GLU C 554 -34.44 -26.10 -7.68
CA GLU C 554 -34.41 -27.37 -6.97
C GLU C 554 -33.26 -28.23 -7.46
N SER C 555 -32.53 -28.82 -6.52
CA SER C 555 -31.34 -29.57 -6.87
C SER C 555 -31.62 -31.07 -6.92
N ASN C 556 -30.59 -31.81 -7.31
CA ASN C 556 -30.62 -33.26 -7.20
C ASN C 556 -29.28 -33.81 -6.74
N LYS C 557 -28.44 -32.95 -6.16
CA LYS C 557 -27.13 -33.34 -5.66
C LYS C 557 -27.23 -33.73 -4.18
N LYS C 558 -26.93 -34.99 -3.89
CA LYS C 558 -27.01 -35.50 -2.53
C LYS C 558 -26.00 -34.90 -1.56
N PHE C 559 -26.34 -33.75 -0.98
CA PHE C 559 -25.46 -33.08 -0.02
C PHE C 559 -25.31 -33.99 1.20
N LEU C 560 -24.16 -34.63 1.34
CA LEU C 560 -23.91 -35.52 2.47
C LEU C 560 -24.39 -34.93 3.79
N PRO C 561 -25.14 -35.78 4.58
CA PRO C 561 -25.61 -35.17 5.85
C PRO C 561 -24.52 -34.57 6.73
N PHE C 562 -24.01 -33.41 6.33
CA PHE C 562 -22.97 -32.71 7.08
C PHE C 562 -22.31 -31.64 6.21
N GLN C 563 -22.75 -31.55 4.96
CA GLN C 563 -22.21 -30.58 4.03
C GLN C 563 -23.12 -29.34 3.97
N GLN C 564 -22.60 -28.22 4.46
CA GLN C 564 -23.37 -26.97 4.48
C GLN C 564 -23.72 -26.46 3.09
N PHE C 565 -22.72 -26.40 2.18
CA PHE C 565 -22.90 -25.91 0.79
C PHE C 565 -22.09 -26.63 -0.31
N GLY C 566 -22.25 -26.21 -1.59
CA GLY C 566 -21.57 -26.79 -2.76
C GLY C 566 -20.42 -25.88 -3.27
N ARG C 567 -19.21 -26.41 -3.44
CA ARG C 567 -18.07 -25.60 -3.94
C ARG C 567 -17.73 -26.02 -5.41
N ASP C 568 -17.56 -25.03 -6.31
CA ASP C 568 -17.24 -25.28 -7.74
C ASP C 568 -15.78 -24.89 -8.11
N ILE C 569 -15.16 -25.63 -9.05
CA ILE C 569 -13.76 -25.42 -9.37
C ILE C 569 -13.66 -23.97 -9.82
N ALA C 570 -12.61 -23.29 -9.39
CA ALA C 570 -12.45 -21.83 -9.45
C ALA C 570 -13.22 -21.15 -8.32
N ASP C 571 -13.79 -21.96 -7.42
CA ASP C 571 -14.24 -21.49 -6.12
C ASP C 571 -15.36 -20.44 -6.16
N THR C 572 -16.51 -20.79 -6.71
CA THR C 572 -17.70 -19.94 -6.62
C THR C 572 -18.84 -20.76 -6.04
N THR C 573 -19.60 -20.16 -5.13
CA THR C 573 -20.75 -20.82 -4.53
C THR C 573 -21.77 -21.16 -5.59
N ASP C 574 -22.14 -22.44 -5.68
CA ASP C 574 -23.12 -22.83 -6.69
C ASP C 574 -24.26 -23.67 -6.15
N ALA C 575 -24.22 -24.07 -4.89
CA ALA C 575 -25.35 -24.72 -4.26
C ALA C 575 -25.43 -24.27 -2.82
N VAL C 576 -26.63 -24.29 -2.24
CA VAL C 576 -26.84 -24.02 -0.83
C VAL C 576 -27.81 -25.04 -0.28
N ARG C 577 -27.93 -25.06 1.04
CA ARG C 577 -28.92 -25.85 1.74
C ARG C 577 -29.80 -24.90 2.53
N ASP C 578 -31.11 -25.04 2.41
CA ASP C 578 -32.00 -24.14 3.12
C ASP C 578 -32.04 -24.53 4.59
N PRO C 579 -31.71 -23.63 5.50
CA PRO C 579 -31.61 -24.02 6.92
C PRO C 579 -32.89 -24.61 7.48
N GLN C 580 -34.05 -24.06 7.10
CA GLN C 580 -35.30 -24.48 7.73
C GLN C 580 -35.76 -25.84 7.22
N THR C 581 -35.84 -26.01 5.90
CA THR C 581 -36.34 -27.25 5.34
C THR C 581 -35.23 -28.25 4.99
N LEU C 582 -33.98 -27.79 4.92
CA LEU C 582 -32.81 -28.65 4.69
C LEU C 582 -32.85 -29.33 3.33
N GLU C 583 -33.04 -28.55 2.28
CA GLU C 583 -33.01 -29.05 0.92
C GLU C 583 -31.99 -28.26 0.11
N ILE C 584 -31.37 -28.95 -0.83
CA ILE C 584 -30.27 -28.40 -1.61
C ILE C 584 -30.86 -27.66 -2.81
N LEU C 585 -30.35 -26.48 -3.07
CA LEU C 585 -30.81 -25.63 -4.15
C LEU C 585 -29.61 -25.10 -4.92
N ASP C 586 -29.65 -25.22 -6.25
CA ASP C 586 -28.60 -24.67 -7.08
C ASP C 586 -28.78 -23.18 -7.30
N ILE C 587 -27.67 -22.48 -7.47
CA ILE C 587 -27.70 -21.04 -7.65
C ILE C 587 -27.14 -20.64 -9.01
N THR C 588 -28.01 -20.64 -10.02
CA THR C 588 -27.59 -20.25 -11.35
C THR C 588 -27.44 -18.75 -11.41
N PRO C 589 -26.55 -18.26 -12.26
CA PRO C 589 -26.32 -16.82 -12.38
C PRO C 589 -27.33 -16.17 -13.30
N CYS C 590 -27.80 -14.98 -12.93
CA CYS C 590 -28.79 -14.28 -13.74
C CYS C 590 -28.31 -14.24 -15.20
N SER C 591 -29.22 -13.93 -16.11
CA SER C 591 -28.88 -13.89 -17.52
C SER C 591 -28.00 -12.69 -17.83
N PHE C 592 -27.03 -12.89 -18.72
CA PHE C 592 -26.12 -11.82 -19.10
C PHE C 592 -25.40 -12.16 -20.40
N GLY C 593 -24.75 -11.16 -20.98
CA GLY C 593 -24.02 -11.33 -22.22
C GLY C 593 -23.59 -10.00 -22.79
N GLY C 594 -23.22 -9.99 -24.07
CA GLY C 594 -22.80 -8.77 -24.72
C GLY C 594 -23.85 -8.27 -25.69
N VAL C 595 -23.74 -7.01 -26.10
CA VAL C 595 -24.68 -6.44 -27.04
C VAL C 595 -23.90 -5.74 -28.13
N SER C 596 -24.21 -6.07 -29.38
CA SER C 596 -23.53 -5.47 -30.51
C SER C 596 -24.54 -4.74 -31.37
N VAL C 597 -24.10 -3.67 -32.02
CA VAL C 597 -24.94 -2.85 -32.87
C VAL C 597 -24.41 -2.92 -34.30
N ILE C 598 -25.29 -3.26 -35.23
CA ILE C 598 -24.97 -3.41 -36.64
C ILE C 598 -25.56 -2.20 -37.36
N THR C 599 -24.71 -1.42 -37.99
CA THR C 599 -25.11 -0.22 -38.68
C THR C 599 -24.55 -0.16 -40.10
N PRO C 600 -25.34 0.24 -41.08
CA PRO C 600 -24.80 0.45 -42.44
C PRO C 600 -23.93 1.68 -42.56
N GLY C 601 -23.77 2.49 -41.53
CA GLY C 601 -23.00 3.71 -41.57
C GLY C 601 -23.95 4.90 -41.59
N THR C 602 -23.64 5.91 -40.78
CA THR C 602 -24.52 7.05 -40.61
C THR C 602 -24.63 7.89 -41.87
N ASN C 603 -23.73 7.67 -42.82
CA ASN C 603 -23.72 8.34 -44.12
C ASN C 603 -24.57 7.59 -45.13
N THR C 604 -25.33 6.61 -44.67
CA THR C 604 -26.18 5.81 -45.54
C THR C 604 -27.58 5.77 -44.96
N SER C 605 -27.67 5.69 -43.64
CA SER C 605 -28.93 5.51 -42.94
C SER C 605 -28.66 5.59 -41.46
N ASN C 606 -29.74 5.71 -40.69
CA ASN C 606 -29.65 5.72 -39.24
C ASN C 606 -30.39 4.54 -38.63
N GLN C 607 -30.84 3.59 -39.46
CA GLN C 607 -31.38 2.36 -38.95
C GLN C 607 -30.28 1.49 -38.35
N VAL C 608 -30.68 0.54 -37.53
CA VAL C 608 -29.73 -0.21 -36.73
C VAL C 608 -30.34 -1.58 -36.43
N ALA C 609 -29.48 -2.58 -36.31
CA ALA C 609 -29.89 -3.90 -35.83
C ALA C 609 -29.04 -4.25 -34.61
N VAL C 610 -29.54 -5.16 -33.78
CA VAL C 610 -28.93 -5.42 -32.48
C VAL C 610 -28.77 -6.91 -32.28
N LEU C 611 -27.55 -7.32 -31.90
CA LEU C 611 -27.25 -8.72 -31.60
C LEU C 611 -27.05 -8.88 -30.11
N TYR C 612 -27.83 -9.76 -29.50
CA TYR C 612 -27.63 -10.19 -28.13
C TYR C 612 -26.87 -11.49 -28.19
N GLN C 613 -25.62 -11.49 -27.73
CA GLN C 613 -24.72 -12.58 -28.05
C GLN C 613 -25.02 -13.78 -27.15
N ASP C 614 -25.13 -14.94 -27.79
CA ASP C 614 -25.48 -16.24 -27.21
C ASP C 614 -26.51 -16.12 -26.08
N VAL C 615 -27.56 -15.37 -26.37
CA VAL C 615 -28.72 -15.29 -25.51
C VAL C 615 -29.91 -15.87 -26.27
N ASN C 616 -30.69 -16.69 -25.58
CA ASN C 616 -31.88 -17.23 -26.20
C ASN C 616 -32.88 -16.11 -26.42
N CYS C 617 -33.44 -16.07 -27.62
CA CYS C 617 -34.13 -14.87 -28.07
C CYS C 617 -35.50 -14.71 -27.44
N THR C 618 -35.81 -15.49 -26.41
CA THR C 618 -37.11 -15.43 -25.74
C THR C 618 -37.00 -14.67 -24.41
N GLU C 619 -35.77 -14.33 -24.04
CA GLU C 619 -35.54 -13.67 -22.75
C GLU C 619 -34.78 -12.36 -22.95
N VAL C 620 -35.04 -11.69 -24.06
CA VAL C 620 -34.31 -10.47 -24.41
C VAL C 620 -34.80 -9.28 -23.58
N PRO C 621 -36.11 -8.98 -23.52
CA PRO C 621 -36.45 -7.81 -22.71
C PRO C 621 -36.90 -8.19 -21.31
N SER C 640 -42.39 -7.14 -35.64
CA SER C 640 -40.95 -6.89 -35.81
C SER C 640 -40.20 -8.15 -36.22
N ASN C 641 -38.87 -8.05 -36.26
CA ASN C 641 -38.02 -9.13 -36.74
C ASN C 641 -37.15 -9.62 -35.59
N VAL C 642 -37.50 -10.77 -35.05
CA VAL C 642 -36.63 -11.48 -34.13
C VAL C 642 -36.19 -12.76 -34.82
N PHE C 643 -34.88 -12.97 -34.87
CA PHE C 643 -34.30 -14.05 -35.64
C PHE C 643 -33.24 -14.69 -34.76
N GLN C 644 -33.27 -16.00 -34.67
CA GLN C 644 -32.35 -16.74 -33.81
C GLN C 644 -31.18 -17.25 -34.61
N THR C 645 -29.98 -17.04 -34.09
CA THR C 645 -28.75 -17.42 -34.74
C THR C 645 -27.96 -18.31 -33.78
N ARG C 646 -27.03 -19.07 -34.33
CA ARG C 646 -26.06 -19.77 -33.52
C ARG C 646 -25.15 -18.79 -32.76
N ALA C 647 -25.21 -17.51 -33.08
CA ALA C 647 -24.38 -16.49 -32.43
C ALA C 647 -25.18 -15.59 -31.49
N GLY C 648 -26.48 -15.82 -31.34
CA GLY C 648 -27.30 -15.01 -30.48
C GLY C 648 -28.62 -14.64 -31.13
N CYS C 649 -29.29 -13.68 -30.50
CA CYS C 649 -30.59 -13.23 -31.01
C CYS C 649 -30.45 -11.88 -31.70
N LEU C 650 -30.89 -11.83 -32.95
CA LEU C 650 -30.78 -10.66 -33.80
C LEU C 650 -32.14 -9.97 -33.90
N ILE C 651 -32.17 -8.66 -33.67
CA ILE C 651 -33.40 -7.88 -33.71
C ILE C 651 -33.21 -6.72 -34.65
N GLY C 652 -34.15 -6.55 -35.57
CA GLY C 652 -34.13 -5.43 -36.49
C GLY C 652 -33.63 -5.72 -37.87
N ALA C 653 -33.41 -6.99 -38.21
CA ALA C 653 -33.03 -7.42 -39.55
C ALA C 653 -33.95 -8.56 -39.94
N GLU C 654 -34.31 -8.61 -41.21
CA GLU C 654 -35.13 -9.70 -41.72
C GLU C 654 -34.27 -10.76 -42.37
N HIS C 655 -34.69 -12.01 -42.21
CA HIS C 655 -33.98 -13.15 -42.76
C HIS C 655 -34.48 -13.47 -44.15
N VAL C 656 -33.58 -13.49 -45.13
CA VAL C 656 -33.92 -13.82 -46.50
C VAL C 656 -33.35 -15.19 -46.84
N ASN C 657 -33.72 -15.69 -48.02
CA ASN C 657 -33.30 -17.02 -48.46
C ASN C 657 -32.22 -16.98 -49.53
N ASN C 658 -31.95 -15.82 -50.10
CA ASN C 658 -30.86 -15.64 -51.05
C ASN C 658 -29.52 -15.85 -50.35
N SER C 659 -28.43 -15.78 -51.11
CA SER C 659 -27.11 -15.83 -50.51
C SER C 659 -26.18 -14.92 -51.30
N TYR C 660 -25.56 -13.98 -50.63
CA TYR C 660 -24.70 -12.99 -51.24
C TYR C 660 -23.29 -13.16 -50.72
N GLU C 661 -22.39 -12.31 -51.18
CA GLU C 661 -21.07 -12.20 -50.60
C GLU C 661 -21.16 -11.49 -49.26
N CYS C 662 -20.30 -11.88 -48.33
CA CYS C 662 -20.45 -11.39 -46.97
C CYS C 662 -20.15 -9.89 -46.91
N ASP C 663 -20.94 -9.19 -46.12
CA ASP C 663 -20.82 -7.74 -46.00
C ASP C 663 -20.39 -7.33 -44.60
N ILE C 664 -21.23 -7.64 -43.63
CA ILE C 664 -20.96 -7.39 -42.22
C ILE C 664 -21.04 -8.74 -41.54
N PRO C 665 -19.97 -9.23 -40.95
CA PRO C 665 -19.98 -10.60 -40.43
C PRO C 665 -20.66 -10.71 -39.08
N ILE C 666 -21.70 -11.51 -38.99
CA ILE C 666 -22.36 -11.78 -37.73
C ILE C 666 -21.72 -12.97 -37.03
N GLY C 667 -21.65 -14.10 -37.71
CA GLY C 667 -20.98 -15.25 -37.15
C GLY C 667 -21.68 -16.54 -37.54
N ALA C 668 -20.96 -17.65 -37.38
CA ALA C 668 -21.46 -18.99 -37.69
C ALA C 668 -22.05 -19.06 -39.09
N GLY C 669 -21.43 -18.37 -40.04
CA GLY C 669 -21.87 -18.39 -41.40
C GLY C 669 -22.89 -17.33 -41.78
N ILE C 670 -23.32 -16.49 -40.86
CA ILE C 670 -24.36 -15.50 -41.10
C ILE C 670 -23.71 -14.13 -41.27
N CYS C 671 -24.13 -13.42 -42.31
CA CYS C 671 -23.77 -12.02 -42.50
C CYS C 671 -25.00 -11.14 -42.65
N ALA C 672 -24.80 -9.82 -42.61
CA ALA C 672 -25.88 -8.86 -42.71
C ALA C 672 -25.51 -7.82 -43.75
N SER C 673 -26.54 -7.19 -44.32
CA SER C 673 -26.30 -6.12 -45.28
C SER C 673 -27.48 -5.16 -45.26
N TYR C 674 -27.27 -3.97 -45.80
CA TYR C 674 -28.31 -2.96 -45.93
C TYR C 674 -28.82 -2.97 -47.36
N GLN C 675 -29.71 -3.89 -47.68
CA GLN C 675 -30.04 -4.04 -49.09
C GLN C 675 -31.51 -4.02 -49.40
N THR C 676 -32.27 -4.83 -48.69
CA THR C 676 -33.62 -5.19 -49.10
C THR C 676 -34.65 -4.83 -48.05
N GLN C 690 -33.07 -0.34 -48.26
CA GLN C 690 -33.79 0.56 -47.36
C GLN C 690 -33.92 -0.02 -45.96
N SER C 691 -33.20 -1.11 -45.70
CA SER C 691 -33.25 -1.75 -44.40
C SER C 691 -32.05 -2.66 -44.16
N ILE C 692 -32.21 -3.61 -43.24
CA ILE C 692 -31.15 -4.55 -42.91
C ILE C 692 -31.69 -5.97 -43.02
N ILE C 693 -30.81 -6.91 -43.36
CA ILE C 693 -31.22 -8.30 -43.51
C ILE C 693 -30.08 -9.27 -43.23
N ALA C 694 -30.42 -10.53 -42.98
CA ALA C 694 -29.42 -11.56 -42.70
C ALA C 694 -29.50 -12.67 -43.75
N TYR C 695 -28.44 -13.47 -43.83
CA TYR C 695 -28.39 -14.56 -44.80
C TYR C 695 -27.10 -15.35 -44.64
N THR C 696 -27.05 -16.54 -45.23
CA THR C 696 -25.86 -17.37 -45.16
C THR C 696 -24.98 -17.07 -46.35
N MET C 697 -23.99 -16.20 -46.16
CA MET C 697 -23.09 -15.85 -47.25
C MET C 697 -22.84 -16.99 -48.25
N SER C 698 -22.56 -16.61 -49.49
CA SER C 698 -22.26 -17.56 -50.56
C SER C 698 -20.77 -17.61 -50.78
N LEU C 699 -20.28 -18.81 -51.08
CA LEU C 699 -18.86 -18.98 -51.32
C LEU C 699 -18.46 -18.62 -52.75
N GLY C 700 -19.38 -18.78 -53.69
CA GLY C 700 -19.10 -18.44 -55.07
C GLY C 700 -20.07 -19.18 -55.97
N ALA C 701 -19.93 -18.91 -57.26
CA ALA C 701 -20.78 -19.54 -58.24
C ALA C 701 -20.30 -20.96 -58.53
N GLU C 702 -21.25 -21.85 -58.80
CA GLU C 702 -20.89 -23.24 -59.02
C GLU C 702 -20.45 -23.48 -60.45
N ASN C 703 -19.72 -24.57 -60.65
CA ASN C 703 -19.02 -24.81 -61.89
C ASN C 703 -18.68 -26.29 -61.99
N SER C 704 -19.25 -26.97 -62.97
CA SER C 704 -18.81 -28.30 -63.32
C SER C 704 -17.90 -28.19 -64.53
N VAL C 705 -16.77 -28.87 -64.46
CA VAL C 705 -15.81 -28.89 -65.54
C VAL C 705 -16.12 -30.09 -66.42
N ALA C 706 -16.10 -29.88 -67.73
CA ALA C 706 -16.49 -30.92 -68.67
C ALA C 706 -15.37 -31.96 -68.80
N TYR C 707 -15.11 -32.64 -67.70
CA TYR C 707 -14.06 -33.64 -67.68
C TYR C 707 -14.50 -34.90 -68.41
N SER C 708 -13.64 -35.38 -69.30
CA SER C 708 -13.70 -36.74 -69.82
C SER C 708 -12.27 -37.20 -70.09
N ASN C 709 -12.13 -38.43 -70.52
CA ASN C 709 -10.80 -39.01 -70.64
C ASN C 709 -10.19 -38.84 -72.03
N ASN C 710 -10.79 -38.09 -72.95
CA ASN C 710 -10.08 -37.73 -74.15
C ASN C 710 -10.42 -36.33 -74.61
N SER C 711 -10.77 -35.44 -73.70
CA SER C 711 -11.10 -34.06 -74.02
C SER C 711 -10.09 -33.12 -73.41
N ILE C 712 -9.75 -32.06 -74.15
CA ILE C 712 -8.81 -31.06 -73.67
C ILE C 712 -9.26 -29.69 -74.11
N ALA C 713 -9.00 -28.69 -73.28
CA ALA C 713 -9.32 -27.30 -73.59
C ALA C 713 -8.03 -26.51 -73.75
N ILE C 714 -7.89 -25.84 -74.89
CA ILE C 714 -6.67 -25.11 -75.21
C ILE C 714 -7.00 -23.67 -75.56
N PRO C 715 -6.32 -22.69 -74.98
CA PRO C 715 -6.68 -21.30 -75.22
C PRO C 715 -6.17 -20.77 -76.54
N THR C 716 -6.95 -19.88 -77.13
CA THR C 716 -6.65 -19.33 -78.43
C THR C 716 -6.25 -17.87 -78.39
N ASN C 717 -6.25 -17.24 -77.21
CA ASN C 717 -5.93 -15.84 -77.09
C ASN C 717 -5.37 -15.62 -75.69
N PHE C 718 -5.03 -14.38 -75.37
CA PHE C 718 -4.53 -14.09 -74.03
C PHE C 718 -4.86 -12.64 -73.70
N THR C 719 -4.73 -12.31 -72.43
CA THR C 719 -4.76 -10.94 -71.97
C THR C 719 -3.50 -10.65 -71.18
N ILE C 720 -3.06 -9.39 -71.23
CA ILE C 720 -2.03 -8.87 -70.34
C ILE C 720 -2.73 -8.22 -69.16
N SER C 721 -2.38 -8.64 -67.96
CA SER C 721 -2.97 -8.12 -66.75
C SER C 721 -1.92 -7.38 -65.93
N VAL C 722 -2.32 -6.28 -65.31
CA VAL C 722 -1.47 -5.54 -64.36
C VAL C 722 -2.26 -5.35 -63.08
N THR C 723 -1.69 -5.78 -61.96
CA THR C 723 -2.34 -5.62 -60.67
C THR C 723 -1.36 -5.07 -59.65
N THR C 724 -1.90 -4.48 -58.59
CA THR C 724 -1.09 -3.85 -57.57
C THR C 724 -1.01 -4.67 -56.29
N GLU C 725 0.05 -4.45 -55.54
CA GLU C 725 0.23 -5.09 -54.24
C GLU C 725 0.93 -4.10 -53.32
N ILE C 726 0.40 -3.90 -52.14
CA ILE C 726 0.84 -2.84 -51.25
C ILE C 726 1.40 -3.45 -49.97
N LEU C 727 2.55 -2.94 -49.51
CA LEU C 727 3.21 -3.52 -48.34
C LEU C 727 3.80 -2.46 -47.43
N PRO C 728 3.50 -2.49 -46.14
CA PRO C 728 4.16 -1.59 -45.20
C PRO C 728 5.61 -1.99 -44.91
N VAL C 729 6.48 -1.00 -44.98
CA VAL C 729 7.90 -1.22 -44.77
C VAL C 729 8.38 -0.69 -43.44
N SER C 730 7.77 0.37 -42.93
CA SER C 730 8.38 1.17 -41.89
C SER C 730 7.28 1.77 -41.02
N MET C 731 7.65 2.21 -39.83
CA MET C 731 6.71 2.99 -39.04
C MET C 731 7.40 4.21 -38.43
N THR C 732 6.65 5.00 -37.69
CA THR C 732 7.14 6.26 -37.15
C THR C 732 8.09 6.02 -35.98
N LYS C 733 9.25 6.67 -36.04
CA LYS C 733 10.23 6.57 -34.97
C LYS C 733 9.89 7.57 -33.88
N THR C 734 9.60 7.08 -32.69
CA THR C 734 9.22 7.94 -31.58
C THR C 734 10.09 7.60 -30.38
N SER C 735 10.38 8.61 -29.59
CA SER C 735 11.05 8.40 -28.32
C SER C 735 10.27 9.10 -27.23
N VAL C 736 10.37 8.55 -26.03
CA VAL C 736 9.78 9.17 -24.84
C VAL C 736 10.88 9.24 -23.81
N ASP C 737 11.09 10.42 -23.24
CA ASP C 737 11.90 10.50 -22.03
C ASP C 737 11.09 9.98 -20.86
N CYS C 738 11.54 8.88 -20.28
CA CYS C 738 10.78 8.25 -19.21
C CYS C 738 10.67 9.16 -17.99
N THR C 739 11.69 9.98 -17.73
CA THR C 739 11.65 10.81 -16.53
C THR C 739 10.72 11.99 -16.70
N MET C 740 10.74 12.63 -17.86
CA MET C 740 9.89 13.78 -18.07
C MET C 740 8.42 13.39 -18.24
N TYR C 741 8.14 12.17 -18.67
CA TYR C 741 6.76 11.71 -18.74
C TYR C 741 6.18 11.54 -17.33
N ILE C 742 6.94 10.92 -16.45
CA ILE C 742 6.43 10.55 -15.14
C ILE C 742 6.45 11.75 -14.20
N CYS C 743 7.57 12.46 -14.14
CA CYS C 743 7.72 13.56 -13.20
C CYS C 743 7.50 14.91 -13.86
N GLY C 744 8.16 15.15 -14.99
CA GLY C 744 7.96 16.37 -15.72
C GLY C 744 8.51 17.60 -15.06
N ASP C 745 9.83 17.69 -14.90
CA ASP C 745 10.47 18.85 -14.30
C ASP C 745 10.01 19.04 -12.86
N SER C 746 10.29 18.05 -12.01
CA SER C 746 10.05 18.14 -10.59
C SER C 746 11.06 17.29 -9.85
N THR C 747 11.90 17.91 -9.04
CA THR C 747 12.96 17.18 -8.35
C THR C 747 12.44 16.30 -7.23
N GLU C 748 11.34 16.67 -6.59
CA GLU C 748 10.78 15.81 -5.55
C GLU C 748 10.39 14.46 -6.13
N CYS C 749 9.83 14.45 -7.34
CA CYS C 749 9.41 13.21 -7.97
C CYS C 749 10.61 12.43 -8.49
N SER C 750 11.62 13.14 -8.98
CA SER C 750 12.76 12.50 -9.62
C SER C 750 13.57 11.66 -8.65
N ASN C 751 13.74 12.11 -7.42
CA ASN C 751 14.52 11.36 -6.45
C ASN C 751 13.77 10.14 -5.94
N LEU C 752 12.44 10.22 -5.88
CA LEU C 752 11.64 9.05 -5.59
C LEU C 752 11.62 8.06 -6.73
N LEU C 753 11.76 8.53 -7.96
CA LEU C 753 11.83 7.62 -9.10
C LEU C 753 13.12 6.83 -9.12
N LEU C 754 14.15 7.30 -8.42
CA LEU C 754 15.41 6.58 -8.36
C LEU C 754 15.34 5.30 -7.53
N GLN C 755 14.27 5.10 -6.80
CA GLN C 755 14.13 3.93 -5.95
C GLN C 755 13.62 2.72 -6.68
N TYR C 756 13.40 2.82 -7.99
CA TYR C 756 12.95 1.70 -8.79
C TYR C 756 14.05 1.15 -9.67
N GLY C 757 15.20 1.79 -9.70
CA GLY C 757 16.33 1.24 -10.41
C GLY C 757 16.38 1.66 -11.86
N SER C 758 16.51 0.69 -12.74
CA SER C 758 16.79 0.93 -14.16
C SER C 758 15.57 0.72 -15.03
N PHE C 759 14.39 1.14 -14.59
CA PHE C 759 13.19 0.99 -15.42
C PHE C 759 13.22 1.94 -16.61
N CYS C 760 13.65 3.19 -16.39
CA CYS C 760 13.62 4.15 -17.49
C CYS C 760 14.76 3.92 -18.47
N THR C 761 15.89 3.44 -17.98
CA THR C 761 16.98 3.07 -18.89
C THR C 761 16.55 1.92 -19.79
N GLN C 762 15.86 0.94 -19.22
CA GLN C 762 15.32 -0.16 -19.99
C GLN C 762 14.32 0.32 -21.03
N LEU C 763 13.41 1.21 -20.63
CA LEU C 763 12.40 1.68 -21.56
C LEU C 763 13.01 2.46 -22.71
N ASN C 764 13.96 3.35 -22.44
CA ASN C 764 14.59 4.08 -23.53
C ASN C 764 15.39 3.14 -24.42
N ARG C 765 16.07 2.15 -23.86
CA ARG C 765 16.79 1.19 -24.67
C ARG C 765 15.88 0.37 -25.56
N ALA C 766 14.70 -0.01 -25.07
CA ALA C 766 13.75 -0.73 -25.91
C ALA C 766 13.24 0.14 -27.04
N LEU C 767 12.88 1.39 -26.76
CA LEU C 767 12.32 2.25 -27.78
C LEU C 767 13.35 2.68 -28.82
N THR C 768 14.61 2.76 -28.46
CA THR C 768 15.65 3.18 -29.40
C THR C 768 16.02 2.05 -30.36
N GLY C 769 16.00 0.82 -29.89
CA GLY C 769 16.29 -0.31 -30.73
C GLY C 769 15.28 -0.55 -31.82
N ILE C 770 14.04 -0.12 -31.63
CA ILE C 770 13.04 -0.24 -32.68
C ILE C 770 12.98 0.98 -33.56
N ALA C 771 13.64 2.07 -33.18
CA ALA C 771 13.86 3.18 -34.09
C ALA C 771 15.04 2.93 -35.00
N VAL C 772 16.02 2.18 -34.52
CA VAL C 772 17.12 1.80 -35.39
C VAL C 772 16.69 0.75 -36.42
N GLU C 773 15.79 -0.15 -36.03
CA GLU C 773 15.31 -1.19 -36.94
C GLU C 773 14.53 -0.61 -38.12
N GLN C 774 13.94 0.57 -37.96
CA GLN C 774 13.11 1.11 -39.03
C GLN C 774 13.94 1.59 -40.21
N ASP C 775 15.14 2.09 -39.97
CA ASP C 775 15.99 2.49 -41.08
C ASP C 775 16.59 1.30 -41.81
N LYS C 776 16.92 0.25 -41.07
CA LYS C 776 17.31 -1.03 -41.64
C LYS C 776 16.22 -1.62 -42.51
N ASN C 777 14.96 -1.48 -42.08
CA ASN C 777 13.82 -1.97 -42.85
C ASN C 777 13.79 -1.36 -44.25
N THR C 778 14.01 -0.06 -44.39
CA THR C 778 13.87 0.53 -45.72
C THR C 778 15.17 0.47 -46.50
N GLN C 779 16.31 0.39 -45.83
CA GLN C 779 17.54 0.03 -46.53
C GLN C 779 17.46 -1.35 -47.16
N GLU C 780 16.82 -2.31 -46.51
CA GLU C 780 16.75 -3.65 -47.05
C GLU C 780 15.78 -3.79 -48.21
N VAL C 781 14.80 -2.89 -48.34
CA VAL C 781 13.87 -2.95 -49.46
C VAL C 781 14.37 -2.13 -50.64
N PHE C 782 14.87 -0.93 -50.40
CA PHE C 782 15.06 -0.03 -51.54
C PHE C 782 16.49 0.01 -52.08
N ALA C 783 17.50 -0.08 -51.22
CA ALA C 783 18.88 0.00 -51.66
C ALA C 783 19.39 -1.37 -52.08
N GLN C 784 18.75 -1.90 -53.12
CA GLN C 784 19.07 -3.21 -53.69
C GLN C 784 19.80 -3.07 -55.01
N VAL C 785 20.30 -1.88 -55.31
CA VAL C 785 20.93 -1.59 -56.58
C VAL C 785 22.21 -0.83 -56.32
N LYS C 786 23.25 -1.16 -57.06
CA LYS C 786 24.57 -0.57 -56.84
C LYS C 786 24.73 0.78 -57.51
N GLN C 787 24.31 0.90 -58.76
CA GLN C 787 24.40 2.13 -59.53
C GLN C 787 23.04 2.79 -59.61
N ILE C 788 23.05 4.08 -59.90
CA ILE C 788 21.84 4.81 -60.21
C ILE C 788 21.70 4.83 -61.72
N TYR C 789 20.91 3.93 -62.26
CA TYR C 789 20.70 3.83 -63.69
C TYR C 789 19.69 4.88 -64.16
N LYS C 790 19.91 5.37 -65.38
CA LYS C 790 19.03 6.33 -66.04
C LYS C 790 18.51 5.75 -67.35
N THR C 791 17.30 6.15 -67.71
CA THR C 791 16.76 5.79 -69.01
C THR C 791 17.28 6.74 -70.08
N PRO C 792 17.30 6.32 -71.34
CA PRO C 792 17.72 7.21 -72.41
C PRO C 792 16.69 8.30 -72.64
N PRO C 793 17.07 9.40 -73.29
CA PRO C 793 16.08 10.41 -73.64
C PRO C 793 15.10 9.93 -74.70
N ILE C 794 15.54 9.08 -75.63
CA ILE C 794 14.69 8.56 -76.69
C ILE C 794 14.12 7.23 -76.23
N LYS C 795 12.81 7.21 -75.99
CA LYS C 795 12.15 6.08 -75.35
C LYS C 795 11.49 5.15 -76.37
N ASP C 796 12.31 4.42 -77.10
CA ASP C 796 11.85 3.46 -78.09
C ASP C 796 11.78 2.08 -77.45
N PHE C 797 10.60 1.67 -77.02
CA PHE C 797 10.44 0.42 -76.29
C PHE C 797 9.46 -0.52 -76.98
N GLY C 798 9.53 -0.62 -78.29
CA GLY C 798 8.68 -1.52 -79.02
C GLY C 798 7.22 -1.18 -79.01
N GLY C 799 6.86 0.01 -78.56
CA GLY C 799 5.48 0.42 -78.45
C GLY C 799 4.97 0.55 -77.04
N PHE C 800 5.69 0.01 -76.06
CA PHE C 800 5.26 0.04 -74.67
C PHE C 800 5.51 1.41 -74.08
N ASN C 801 4.50 1.96 -73.42
CA ASN C 801 4.52 3.33 -72.91
C ASN C 801 4.63 3.29 -71.39
N PHE C 802 5.75 3.74 -70.85
CA PHE C 802 6.06 3.67 -69.43
C PHE C 802 6.01 5.03 -68.75
N SER C 803 5.25 5.98 -69.29
CA SER C 803 5.43 7.36 -68.87
C SER C 803 4.75 7.70 -67.55
N GLN C 804 3.72 6.96 -67.16
CA GLN C 804 3.04 7.21 -65.90
C GLN C 804 3.78 6.64 -64.70
N ILE C 805 4.80 5.80 -64.92
CA ILE C 805 5.58 5.24 -63.83
C ILE C 805 7.03 5.69 -63.85
N LEU C 806 7.41 6.49 -64.78
CA LEU C 806 8.75 7.06 -64.85
C LEU C 806 8.77 8.41 -64.16
N PRO C 807 9.92 8.83 -63.64
CA PRO C 807 9.96 10.12 -62.95
C PRO C 807 9.56 11.25 -63.87
N ASP C 808 8.88 12.23 -63.31
CA ASP C 808 8.48 13.44 -64.04
C ASP C 808 9.30 14.61 -63.51
N PRO C 809 10.35 14.94 -64.23
CA PRO C 809 11.29 16.01 -63.86
C PRO C 809 10.72 17.42 -63.84
N SER C 810 9.63 17.63 -63.13
CA SER C 810 9.08 18.99 -63.06
C SER C 810 7.93 19.07 -62.06
N LYS C 811 8.08 18.37 -60.93
CA LYS C 811 7.07 18.36 -59.90
C LYS C 811 7.69 18.22 -58.51
N PRO C 812 6.89 17.84 -57.52
CA PRO C 812 7.44 17.67 -56.16
C PRO C 812 8.67 16.77 -56.19
N SER C 813 9.86 17.36 -56.15
CA SER C 813 11.10 16.59 -56.18
C SER C 813 11.29 15.90 -57.53
N LYS C 814 10.68 14.72 -57.69
CA LYS C 814 10.77 13.96 -58.93
C LYS C 814 10.14 12.58 -58.78
N ARG C 815 8.81 12.54 -58.75
CA ARG C 815 8.09 11.31 -58.61
C ARG C 815 7.34 11.03 -59.89
N SER C 816 7.03 9.77 -60.12
CA SER C 816 6.19 9.43 -61.24
C SER C 816 4.79 10.01 -61.00
N PRO C 817 3.95 9.87 -62.03
CA PRO C 817 2.57 10.31 -61.94
C PRO C 817 1.79 9.41 -60.99
N ILE C 818 2.17 8.14 -60.90
CA ILE C 818 1.50 7.20 -60.00
C ILE C 818 1.91 7.42 -58.56
N GLU C 819 3.16 7.80 -58.31
CA GLU C 819 3.61 8.00 -56.93
C GLU C 819 2.95 9.22 -56.31
N ASP C 820 2.57 10.20 -57.11
CA ASP C 820 1.88 11.38 -56.57
C ASP C 820 0.47 11.07 -56.10
N LEU C 821 -0.29 10.28 -56.84
CA LEU C 821 -1.56 9.82 -56.31
C LEU C 821 -1.40 9.07 -55.01
N LEU C 822 -0.35 8.27 -54.87
CA LEU C 822 -0.17 7.50 -53.66
C LEU C 822 0.23 8.36 -52.49
N PHE C 823 1.00 9.42 -52.73
CA PHE C 823 1.36 10.31 -51.64
C PHE C 823 0.28 11.32 -51.33
N ASN C 824 -0.71 11.48 -52.20
CA ASN C 824 -1.90 12.24 -51.86
C ASN C 824 -3.02 11.40 -51.28
N LYS C 825 -2.96 10.09 -51.42
CA LYS C 825 -4.03 9.24 -50.90
C LYS C 825 -3.90 8.99 -49.41
N VAL C 826 -2.69 8.86 -48.89
CA VAL C 826 -2.48 8.62 -47.47
C VAL C 826 -2.29 9.93 -46.71
N LYS C 854 5.08 17.09 -29.76
CA LYS C 854 6.06 17.46 -28.74
C LYS C 854 5.36 18.06 -27.55
N PHE C 855 5.00 17.23 -26.57
CA PHE C 855 4.29 17.76 -25.43
C PHE C 855 5.04 17.59 -24.12
N ASN C 856 5.31 16.34 -23.73
CA ASN C 856 6.02 16.11 -22.49
C ASN C 856 6.80 14.79 -22.61
N GLY C 857 8.02 14.89 -23.09
CA GLY C 857 8.87 13.74 -23.31
C GLY C 857 8.75 13.12 -24.69
N LEU C 858 7.71 13.43 -25.43
CA LEU C 858 7.41 12.71 -26.67
C LEU C 858 8.05 13.39 -27.86
N THR C 859 8.78 12.61 -28.66
CA THR C 859 9.46 13.15 -29.81
C THR C 859 9.49 12.18 -30.97
N VAL C 860 9.41 12.73 -32.18
CA VAL C 860 9.44 11.96 -33.41
C VAL C 860 10.76 12.26 -34.11
N LEU C 861 11.53 11.22 -34.38
CA LEU C 861 12.77 11.35 -35.13
C LEU C 861 12.51 11.21 -36.63
N PRO C 862 13.24 11.93 -37.47
CA PRO C 862 13.02 11.81 -38.90
C PRO C 862 13.71 10.57 -39.45
N PRO C 863 13.13 9.91 -40.44
CA PRO C 863 13.84 8.83 -41.12
C PRO C 863 15.13 9.33 -41.75
N LEU C 864 16.09 8.43 -41.89
CA LEU C 864 17.38 8.78 -42.44
C LEU C 864 17.30 9.10 -43.92
N LEU C 865 16.67 8.25 -44.70
CA LEU C 865 16.45 8.53 -46.11
C LEU C 865 15.22 9.40 -46.26
N THR C 866 15.36 10.50 -47.00
CA THR C 866 14.22 11.31 -47.35
C THR C 866 13.39 10.61 -48.40
N ASP C 867 12.20 11.13 -48.65
CA ASP C 867 11.34 10.56 -49.67
C ASP C 867 11.84 10.88 -51.07
N GLU C 868 12.55 11.97 -51.23
CA GLU C 868 13.23 12.25 -52.48
C GLU C 868 14.31 11.22 -52.77
N MET C 869 14.91 10.62 -51.73
CA MET C 869 15.92 9.62 -51.94
C MET C 869 15.33 8.25 -52.26
N ILE C 870 14.19 7.93 -51.65
CA ILE C 870 13.51 6.68 -51.97
C ILE C 870 12.93 6.72 -53.36
N ALA C 871 12.41 7.87 -53.80
CA ALA C 871 11.97 7.97 -55.19
C ALA C 871 13.12 7.74 -56.16
N GLN C 872 14.30 8.23 -55.82
CA GLN C 872 15.46 8.06 -56.68
C GLN C 872 16.00 6.63 -56.68
N TYR C 873 15.81 5.88 -55.60
CA TYR C 873 16.12 4.44 -55.65
C TYR C 873 15.14 3.69 -56.53
N THR C 874 13.84 3.92 -56.35
CA THR C 874 12.90 3.20 -57.19
C THR C 874 12.98 3.61 -58.65
N SER C 875 13.46 4.80 -58.97
CA SER C 875 13.61 5.12 -60.38
C SER C 875 14.80 4.43 -61.04
N ALA C 876 15.86 4.17 -60.30
CA ALA C 876 16.98 3.39 -60.82
C ALA C 876 16.68 1.91 -60.92
N LEU C 877 15.85 1.37 -60.03
CA LEU C 877 15.39 -0.01 -60.22
C LEU C 877 14.55 -0.17 -61.48
N LEU C 878 13.66 0.78 -61.75
CA LEU C 878 12.86 0.80 -62.94
C LEU C 878 13.67 0.97 -64.20
N ALA C 879 14.60 1.90 -64.21
CA ALA C 879 15.47 2.06 -65.37
C ALA C 879 16.35 0.84 -65.59
N GLY C 880 16.79 0.16 -64.54
CA GLY C 880 17.53 -1.05 -64.73
C GLY C 880 16.72 -2.18 -65.32
N THR C 881 15.46 -2.31 -64.95
CA THR C 881 14.71 -3.43 -65.50
C THR C 881 14.21 -3.19 -66.91
N ILE C 882 14.09 -1.95 -67.36
CA ILE C 882 13.53 -1.65 -68.67
C ILE C 882 14.60 -1.70 -69.76
N THR C 883 15.84 -1.42 -69.42
CA THR C 883 16.89 -1.40 -70.43
C THR C 883 17.71 -2.67 -70.43
N SER C 884 17.71 -3.39 -69.32
CA SER C 884 18.68 -4.44 -69.07
C SER C 884 18.08 -5.77 -68.72
N GLY C 885 16.77 -5.88 -68.63
CA GLY C 885 16.19 -7.15 -68.26
C GLY C 885 16.50 -7.52 -66.83
N TRP C 886 17.01 -8.74 -66.65
CA TRP C 886 17.32 -9.28 -65.34
C TRP C 886 18.82 -9.41 -65.12
N THR C 887 19.63 -8.69 -65.88
CA THR C 887 21.06 -8.84 -65.78
C THR C 887 21.71 -7.90 -64.78
N PHE C 888 21.11 -6.76 -64.52
CA PHE C 888 21.69 -5.84 -63.54
C PHE C 888 21.56 -6.37 -62.13
N GLY C 889 20.71 -7.37 -61.91
CA GLY C 889 20.59 -7.96 -60.59
C GLY C 889 21.47 -9.17 -60.39
N ALA C 890 22.36 -9.45 -61.33
CA ALA C 890 23.24 -10.61 -61.24
C ALA C 890 24.65 -10.24 -61.65
N GLY C 891 24.92 -8.96 -61.79
CA GLY C 891 26.20 -8.48 -62.25
C GLY C 891 26.10 -7.11 -62.86
N PRO C 892 26.69 -6.94 -64.02
CA PRO C 892 26.68 -5.66 -64.74
C PRO C 892 25.48 -5.60 -65.68
N ALA C 893 24.85 -4.43 -65.78
CA ALA C 893 23.70 -4.26 -66.63
C ALA C 893 24.11 -4.41 -68.09
N LEU C 894 23.49 -5.34 -68.80
CA LEU C 894 23.72 -5.55 -70.22
C LEU C 894 22.47 -5.17 -70.98
N GLN C 895 22.61 -4.27 -71.94
CA GLN C 895 21.45 -3.78 -72.67
C GLN C 895 20.92 -4.85 -73.62
N ILE C 896 19.62 -4.79 -73.86
CA ILE C 896 18.90 -5.67 -74.78
C ILE C 896 17.67 -4.88 -75.21
N PRO C 897 17.19 -4.99 -76.44
CA PRO C 897 15.96 -4.27 -76.80
C PRO C 897 14.75 -4.85 -76.09
N PHE C 898 13.75 -4.00 -75.86
CA PHE C 898 12.71 -4.36 -74.90
C PHE C 898 11.77 -5.44 -75.44
N PRO C 899 11.52 -5.42 -76.75
CA PRO C 899 10.68 -6.45 -77.37
C PRO C 899 11.37 -7.82 -77.20
N MET C 900 12.69 -7.83 -77.36
CA MET C 900 13.46 -9.06 -77.22
C MET C 900 13.54 -9.54 -75.78
N GLN C 901 13.43 -8.63 -74.81
CA GLN C 901 13.33 -9.02 -73.41
C GLN C 901 11.96 -9.61 -73.11
N MET C 902 10.93 -9.02 -73.69
CA MET C 902 9.59 -9.56 -73.59
C MET C 902 9.48 -10.94 -74.21
N ALA C 903 10.23 -11.22 -75.25
CA ALA C 903 10.20 -12.55 -75.84
C ALA C 903 10.88 -13.59 -74.95
N TYR C 904 12.02 -13.26 -74.36
CA TYR C 904 12.61 -14.12 -73.34
C TYR C 904 11.63 -14.43 -72.24
N ARG C 905 10.92 -13.42 -71.78
CA ARG C 905 9.98 -13.63 -70.72
C ARG C 905 8.78 -14.48 -71.13
N PHE C 906 8.31 -14.37 -72.36
CA PHE C 906 7.31 -15.31 -72.87
C PHE C 906 7.85 -16.73 -72.92
N ASN C 907 9.10 -16.91 -73.32
CA ASN C 907 9.71 -18.23 -73.23
C ASN C 907 9.71 -18.77 -71.81
N GLY C 908 9.94 -17.91 -70.82
CA GLY C 908 9.99 -18.34 -69.44
C GLY C 908 8.67 -18.81 -68.86
N ILE C 909 7.56 -18.63 -69.57
CA ILE C 909 6.30 -19.20 -69.12
C ILE C 909 5.77 -20.27 -70.04
N GLY C 910 6.52 -20.66 -71.06
CA GLY C 910 6.13 -21.76 -71.91
C GLY C 910 5.50 -21.43 -73.24
N VAL C 911 5.60 -20.20 -73.70
CA VAL C 911 5.06 -19.78 -74.98
C VAL C 911 6.23 -19.48 -75.90
N THR C 912 6.14 -19.91 -77.15
CA THR C 912 7.23 -19.60 -78.08
C THR C 912 7.24 -18.11 -78.39
N GLN C 913 8.37 -17.63 -78.85
CA GLN C 913 8.56 -16.20 -78.93
C GLN C 913 8.01 -15.60 -80.21
N ASN C 914 7.79 -16.41 -81.24
CA ASN C 914 7.03 -15.95 -82.38
C ASN C 914 5.63 -15.49 -82.00
N VAL C 915 5.04 -16.04 -80.93
CA VAL C 915 3.74 -15.57 -80.46
C VAL C 915 3.83 -14.15 -79.94
N LEU C 916 4.99 -13.73 -79.44
CA LEU C 916 5.14 -12.33 -79.07
C LEU C 916 5.41 -11.46 -80.29
N TYR C 917 6.34 -11.88 -81.13
CA TYR C 917 6.70 -11.02 -82.26
C TYR C 917 5.59 -10.85 -83.26
N GLU C 918 4.68 -11.81 -83.38
CA GLU C 918 3.57 -11.69 -84.31
C GLU C 918 2.36 -11.01 -83.71
N ASN C 919 2.44 -10.54 -82.48
CA ASN C 919 1.33 -9.89 -81.78
C ASN C 919 1.79 -8.63 -81.07
N GLN C 920 3.04 -8.23 -81.30
CA GLN C 920 3.66 -7.12 -80.57
C GLN C 920 2.73 -5.93 -80.38
N LYS C 921 2.04 -5.49 -81.42
CA LYS C 921 1.23 -4.28 -81.30
C LYS C 921 0.02 -4.49 -80.41
N LEU C 922 -0.63 -5.64 -80.50
CA LEU C 922 -1.74 -5.92 -79.63
C LEU C 922 -1.29 -6.06 -78.18
N ILE C 923 -0.17 -6.73 -77.96
CA ILE C 923 0.34 -6.92 -76.62
C ILE C 923 0.70 -5.58 -75.99
N ALA C 924 1.26 -4.67 -76.76
CA ALA C 924 1.60 -3.35 -76.23
C ALA C 924 0.35 -2.51 -75.98
N ASN C 925 -0.64 -2.55 -76.88
CA ASN C 925 -1.91 -1.91 -76.61
C ASN C 925 -2.54 -2.41 -75.32
N GLN C 926 -2.51 -3.71 -75.08
CA GLN C 926 -3.11 -4.26 -73.87
C GLN C 926 -2.38 -3.83 -72.62
N PHE C 927 -1.05 -3.82 -72.66
CA PHE C 927 -0.28 -3.33 -71.52
C PHE C 927 -0.59 -1.87 -71.25
N ASN C 928 -0.73 -1.06 -72.30
CA ASN C 928 -0.97 0.37 -72.10
C ASN C 928 -2.35 0.64 -71.52
N SER C 929 -3.37 -0.06 -72.00
CA SER C 929 -4.69 0.08 -71.38
C SER C 929 -4.69 -0.40 -69.94
N ALA C 930 -3.97 -1.48 -69.65
CA ALA C 930 -3.94 -1.98 -68.29
C ALA C 930 -3.25 -1.00 -67.34
N ILE C 931 -2.21 -0.32 -67.80
CA ILE C 931 -1.55 0.66 -66.95
C ILE C 931 -2.41 1.91 -66.80
N GLY C 932 -3.14 2.28 -67.85
CA GLY C 932 -4.02 3.42 -67.75
C GLY C 932 -5.24 3.19 -66.88
N LYS C 933 -5.59 1.93 -66.65
CA LYS C 933 -6.67 1.61 -65.73
C LYS C 933 -6.27 1.68 -64.26
N ILE C 934 -4.99 1.62 -63.95
CA ILE C 934 -4.54 1.64 -62.55
C ILE C 934 -4.64 3.04 -61.98
N GLN C 935 -4.21 4.03 -62.74
CA GLN C 935 -4.29 5.40 -62.28
C GLN C 935 -5.71 5.90 -62.22
N ASP C 936 -6.62 5.28 -62.98
CA ASP C 936 -8.02 5.64 -62.87
C ASP C 936 -8.62 5.13 -61.57
N SER C 937 -8.27 3.91 -61.19
CA SER C 937 -8.72 3.40 -59.91
C SER C 937 -8.02 4.10 -58.74
N LEU C 938 -6.84 4.69 -58.98
CA LEU C 938 -6.16 5.38 -57.90
C LEU C 938 -6.63 6.82 -57.73
N SER C 939 -6.88 7.54 -58.81
CA SER C 939 -7.40 8.89 -58.70
C SER C 939 -8.91 8.92 -58.85
N ALA C 944 -8.17 1.19 -51.00
CA ALA C 944 -6.91 1.04 -51.71
C ALA C 944 -5.72 0.95 -50.76
N LEU C 945 -5.38 2.07 -50.14
CA LEU C 945 -4.20 2.19 -49.30
C LEU C 945 -4.52 2.00 -47.82
N GLY C 946 -5.54 1.23 -47.49
CA GLY C 946 -5.89 0.99 -46.11
C GLY C 946 -4.88 0.19 -45.33
N LYS C 947 -4.06 -0.62 -45.98
CA LYS C 947 -3.04 -1.33 -45.21
C LYS C 947 -2.17 -0.28 -44.53
N LEU C 948 -1.58 0.58 -45.35
CA LEU C 948 -0.71 1.67 -44.88
C LEU C 948 -1.45 2.58 -43.91
N GLN C 949 -2.70 2.87 -44.22
CA GLN C 949 -3.53 3.72 -43.37
C GLN C 949 -3.73 3.06 -42.02
N ASP C 950 -4.08 1.78 -42.02
CA ASP C 950 -4.28 1.06 -40.77
C ASP C 950 -3.02 1.18 -39.95
N VAL C 951 -1.87 1.01 -40.61
CA VAL C 951 -0.60 1.11 -39.90
C VAL C 951 -0.45 2.48 -39.24
N VAL C 952 -0.54 3.54 -40.04
CA VAL C 952 -0.42 4.90 -39.54
C VAL C 952 -1.43 5.26 -38.46
N ASN C 953 -2.53 4.51 -38.39
CA ASN C 953 -3.57 4.78 -37.41
C ASN C 953 -3.34 4.04 -36.10
N GLN C 954 -2.84 2.82 -36.17
CA GLN C 954 -2.60 2.04 -34.96
C GLN C 954 -1.59 2.69 -34.02
N ASN C 955 -0.71 3.51 -34.56
CA ASN C 955 0.31 4.19 -33.78
C ASN C 955 -0.21 5.49 -33.17
N ALA C 956 -1.00 6.26 -33.90
CA ALA C 956 -1.58 7.46 -33.30
C ALA C 956 -2.53 7.11 -32.16
N GLN C 957 -3.27 6.01 -32.30
CA GLN C 957 -4.19 5.60 -31.26
C GLN C 957 -3.47 5.13 -30.02
N ALA C 958 -2.25 4.63 -30.15
CA ALA C 958 -1.49 4.29 -28.95
C ALA C 958 -0.88 5.52 -28.28
N LEU C 959 -0.33 6.45 -29.07
CA LEU C 959 0.22 7.66 -28.46
C LEU C 959 -0.83 8.50 -27.79
N ASN C 960 -2.05 8.51 -28.31
CA ASN C 960 -3.11 9.28 -27.68
C ASN C 960 -3.48 8.72 -26.31
N THR C 961 -3.55 7.40 -26.18
CA THR C 961 -3.82 6.78 -24.90
C THR C 961 -2.72 7.05 -23.90
N LEU C 962 -1.47 7.02 -24.36
CA LEU C 962 -0.37 7.34 -23.45
C LEU C 962 -0.46 8.77 -22.96
N VAL C 963 -0.74 9.72 -23.84
CA VAL C 963 -0.92 11.10 -23.41
C VAL C 963 -2.08 11.22 -22.43
N LYS C 964 -3.20 10.58 -22.71
CA LYS C 964 -4.39 10.81 -21.92
C LYS C 964 -4.33 10.13 -20.55
N GLN C 965 -3.49 9.13 -20.36
CA GLN C 965 -3.36 8.56 -19.03
C GLN C 965 -2.66 9.50 -18.05
N LEU C 966 -2.19 10.66 -18.50
CA LEU C 966 -1.56 11.62 -17.61
C LEU C 966 -2.56 12.45 -16.83
N SER C 967 -3.83 12.07 -16.83
CA SER C 967 -4.86 12.84 -16.14
C SER C 967 -5.71 11.94 -15.28
N SER C 968 -5.21 10.77 -14.92
CA SER C 968 -5.81 9.90 -13.93
C SER C 968 -5.12 10.10 -12.59
N ASN C 969 -5.89 9.97 -11.51
CA ASN C 969 -5.36 10.09 -10.16
C ASN C 969 -4.69 8.84 -9.68
N PHE C 970 -5.09 7.68 -10.17
CA PHE C 970 -4.63 6.39 -9.68
C PHE C 970 -4.80 6.30 -8.17
N GLY C 971 -5.82 6.97 -7.65
CA GLY C 971 -6.09 6.94 -6.23
C GLY C 971 -5.38 7.98 -5.40
N ALA C 972 -4.98 9.09 -5.99
CA ALA C 972 -4.36 10.20 -5.27
C ALA C 972 -5.39 11.32 -5.18
N ILE C 973 -4.99 12.44 -4.59
CA ILE C 973 -5.90 13.55 -4.41
C ILE C 973 -6.01 14.40 -5.66
N SER C 974 -4.93 14.58 -6.41
CA SER C 974 -4.94 15.37 -7.62
C SER C 974 -4.27 14.57 -8.70
N SER C 975 -4.54 14.95 -9.94
CA SER C 975 -3.85 14.38 -11.09
C SER C 975 -2.61 15.17 -11.46
N VAL C 976 -2.52 16.42 -11.03
CA VAL C 976 -1.38 17.28 -11.33
C VAL C 976 -0.46 17.30 -10.13
N LEU C 977 0.83 17.08 -10.38
CA LEU C 977 1.82 16.97 -9.32
C LEU C 977 2.08 18.28 -8.59
N ASN C 978 1.94 19.41 -9.27
CA ASN C 978 2.16 20.70 -8.63
C ASN C 978 1.09 21.03 -7.61
N ASP C 979 -0.11 20.50 -7.76
CA ASP C 979 -1.16 20.73 -6.78
C ASP C 979 -1.07 19.77 -5.60
N ILE C 980 -0.22 18.76 -5.69
CA ILE C 980 0.14 18.01 -4.50
C ILE C 980 1.33 18.68 -3.82
N LEU C 981 2.27 19.17 -4.61
CA LEU C 981 3.43 19.84 -4.04
C LEU C 981 3.10 21.16 -3.39
N SER C 982 2.09 21.88 -3.90
CA SER C 982 1.83 23.23 -3.40
C SER C 982 1.08 23.21 -2.08
N ARG C 983 0.15 22.29 -1.89
CA ARG C 983 -0.66 22.26 -0.69
C ARG C 983 -0.41 21.01 0.14
N LEU C 984 0.81 20.50 0.15
CA LEU C 984 1.20 19.42 1.04
C LEU C 984 2.68 19.54 1.33
N ASP C 985 3.09 18.98 2.45
CA ASP C 985 4.47 19.01 2.90
C ASP C 985 5.11 17.64 2.71
N PRO C 986 6.45 17.58 2.63
CA PRO C 986 7.12 16.39 2.07
C PRO C 986 6.62 15.06 2.60
N PRO C 987 6.40 14.90 3.93
CA PRO C 987 5.99 13.58 4.42
C PRO C 987 4.70 13.05 3.82
N GLU C 988 3.73 13.94 3.56
CA GLU C 988 2.46 13.49 2.99
C GLU C 988 2.35 13.77 1.50
N ALA C 989 3.21 14.64 0.96
CA ALA C 989 3.33 14.73 -0.48
C ALA C 989 3.86 13.43 -1.06
N GLU C 990 4.72 12.75 -0.33
CA GLU C 990 5.39 11.56 -0.82
C GLU C 990 4.43 10.42 -1.05
N VAL C 991 3.49 10.20 -0.13
CA VAL C 991 2.55 9.09 -0.25
C VAL C 991 1.62 9.27 -1.44
N GLN C 992 1.23 10.50 -1.75
CA GLN C 992 0.44 10.79 -2.94
C GLN C 992 1.26 10.76 -4.22
N ILE C 993 2.52 11.16 -4.17
CA ILE C 993 3.35 11.14 -5.36
C ILE C 993 3.66 9.71 -5.76
N ASP C 994 3.76 8.81 -4.79
CA ASP C 994 4.08 7.43 -5.13
C ASP C 994 2.99 6.73 -5.92
N ARG C 995 1.72 7.04 -5.68
CA ARG C 995 0.66 6.44 -6.48
C ARG C 995 0.67 6.92 -7.91
N LEU C 996 0.98 8.20 -8.13
CA LEU C 996 1.12 8.71 -9.48
C LEU C 996 2.30 8.06 -10.18
N ILE C 997 3.42 7.90 -9.48
CA ILE C 997 4.57 7.22 -10.08
C ILE C 997 4.22 5.81 -10.47
N THR C 998 3.57 5.08 -9.57
CA THR C 998 3.15 3.71 -9.88
C THR C 998 2.23 3.62 -11.09
N GLY C 999 1.22 4.49 -11.19
CA GLY C 999 0.33 4.42 -12.33
C GLY C 999 0.98 4.80 -13.64
N ARG C 1000 1.78 5.85 -13.64
CA ARG C 1000 2.40 6.31 -14.88
C ARG C 1000 3.47 5.35 -15.38
N LEU C 1001 4.23 4.73 -14.47
CA LEU C 1001 5.16 3.69 -14.89
C LEU C 1001 4.49 2.54 -15.62
N GLN C 1002 3.37 2.07 -15.09
CA GLN C 1002 2.63 0.99 -15.74
C GLN C 1002 2.07 1.41 -17.09
N SER C 1003 1.53 2.62 -17.19
CA SER C 1003 1.13 3.13 -18.50
C SER C 1003 2.26 3.04 -19.51
N LEU C 1004 3.43 3.57 -19.15
CA LEU C 1004 4.57 3.60 -20.05
C LEU C 1004 5.03 2.20 -20.45
N GLN C 1005 5.04 1.26 -19.51
CA GLN C 1005 5.43 -0.10 -19.82
C GLN C 1005 4.47 -0.78 -20.77
N THR C 1006 3.17 -0.54 -20.62
CA THR C 1006 2.23 -1.10 -21.58
C THR C 1006 2.45 -0.55 -22.97
N TYR C 1007 2.72 0.75 -23.08
CA TYR C 1007 3.00 1.34 -24.38
C TYR C 1007 4.24 0.69 -25.02
N VAL C 1008 5.30 0.53 -24.26
CA VAL C 1008 6.52 -0.02 -24.85
C VAL C 1008 6.38 -1.49 -25.24
N THR C 1009 5.68 -2.29 -24.45
CA THR C 1009 5.48 -3.68 -24.84
C THR C 1009 4.66 -3.80 -26.11
N GLN C 1010 3.62 -2.98 -26.24
CA GLN C 1010 2.82 -3.10 -27.44
C GLN C 1010 3.51 -2.48 -28.65
N GLN C 1011 4.46 -1.58 -28.49
CA GLN C 1011 5.29 -1.19 -29.61
C GLN C 1011 6.25 -2.27 -30.02
N LEU C 1012 6.80 -3.02 -29.07
CA LEU C 1012 7.72 -4.10 -29.45
C LEU C 1012 7.00 -5.21 -30.19
N ILE C 1013 5.74 -5.47 -29.87
CA ILE C 1013 5.03 -6.53 -30.57
C ILE C 1013 4.64 -6.11 -31.98
N ARG C 1014 4.43 -4.82 -32.18
CA ARG C 1014 4.04 -4.27 -33.48
C ARG C 1014 5.23 -4.04 -34.41
N ALA C 1015 6.38 -3.69 -33.87
CA ALA C 1015 7.57 -3.61 -34.68
C ALA C 1015 7.98 -4.96 -35.25
N ALA C 1016 7.73 -6.05 -34.56
CA ALA C 1016 8.03 -7.37 -35.07
C ALA C 1016 7.11 -7.78 -36.19
N GLU C 1017 5.92 -7.23 -36.25
CA GLU C 1017 5.02 -7.47 -37.35
C GLU C 1017 5.40 -6.63 -38.56
N ILE C 1018 5.89 -5.43 -38.33
CA ILE C 1018 6.38 -4.61 -39.42
C ILE C 1018 7.65 -5.18 -40.03
N ARG C 1019 8.49 -5.84 -39.23
CA ARG C 1019 9.70 -6.44 -39.75
C ARG C 1019 9.41 -7.63 -40.66
N ALA C 1020 8.42 -8.44 -40.34
CA ALA C 1020 8.05 -9.54 -41.21
C ALA C 1020 7.56 -9.03 -42.57
N SER C 1021 6.76 -7.97 -42.57
CA SER C 1021 6.31 -7.34 -43.78
C SER C 1021 7.44 -6.78 -44.63
N ALA C 1022 8.39 -6.09 -44.01
CA ALA C 1022 9.55 -5.58 -44.73
C ALA C 1022 10.48 -6.67 -45.24
N ASN C 1023 10.59 -7.79 -44.55
CA ASN C 1023 11.33 -8.91 -45.11
C ASN C 1023 10.64 -9.52 -46.31
N LEU C 1024 9.32 -9.66 -46.25
CA LEU C 1024 8.58 -10.12 -47.41
C LEU C 1024 8.69 -9.17 -48.58
N ALA C 1025 8.70 -7.86 -48.33
CA ALA C 1025 8.82 -6.91 -49.43
C ALA C 1025 10.22 -6.90 -50.02
N ALA C 1026 11.25 -7.09 -49.20
CA ALA C 1026 12.58 -7.31 -49.75
C ALA C 1026 12.65 -8.55 -50.62
N THR C 1027 12.01 -9.64 -50.21
CA THR C 1027 12.06 -10.85 -51.00
C THR C 1027 11.31 -10.71 -52.31
N LYS C 1028 10.18 -9.99 -52.33
CA LYS C 1028 9.49 -9.67 -53.56
C LYS C 1028 10.26 -8.74 -54.46
N MET C 1029 10.97 -7.77 -53.92
CA MET C 1029 11.82 -6.94 -54.74
C MET C 1029 12.91 -7.73 -55.43
N SER C 1030 13.51 -8.71 -54.75
CA SER C 1030 14.55 -9.51 -55.38
C SER C 1030 13.98 -10.49 -56.40
N GLU C 1031 12.84 -11.09 -56.09
CA GLU C 1031 12.35 -12.19 -56.90
C GLU C 1031 11.32 -11.81 -57.94
N CYS C 1032 10.73 -10.62 -57.82
CA CYS C 1032 9.72 -10.17 -58.77
C CYS C 1032 10.16 -8.99 -59.64
N VAL C 1033 11.09 -8.17 -59.15
CA VAL C 1033 11.53 -7.01 -59.92
C VAL C 1033 12.89 -7.29 -60.55
N LEU C 1034 13.76 -8.01 -59.86
CA LEU C 1034 15.08 -8.33 -60.39
C LEU C 1034 15.13 -9.71 -61.03
N GLY C 1035 13.99 -10.36 -61.20
CA GLY C 1035 13.94 -11.61 -61.91
C GLY C 1035 12.53 -11.93 -62.35
N GLN C 1036 12.37 -13.11 -62.92
CA GLN C 1036 11.07 -13.67 -63.25
C GLN C 1036 10.83 -14.90 -62.37
N SER C 1037 9.70 -14.93 -61.70
CA SER C 1037 9.44 -15.97 -60.72
C SER C 1037 8.54 -17.06 -61.30
N LYS C 1038 8.73 -18.28 -60.82
CA LYS C 1038 7.86 -19.40 -61.12
C LYS C 1038 6.97 -19.80 -59.95
N ARG C 1039 7.17 -19.22 -58.78
CA ARG C 1039 6.31 -19.51 -57.63
C ARG C 1039 4.90 -19.02 -57.88
N VAL C 1040 3.92 -19.92 -57.79
CA VAL C 1040 2.54 -19.57 -58.13
C VAL C 1040 2.00 -18.58 -57.12
N ASP C 1041 1.40 -17.51 -57.63
CA ASP C 1041 0.77 -16.47 -56.81
C ASP C 1041 1.72 -15.56 -56.04
N PHE C 1042 3.02 -15.77 -56.17
CA PHE C 1042 3.97 -14.93 -55.46
C PHE C 1042 4.02 -13.51 -56.02
N CYS C 1043 3.91 -13.40 -57.33
CA CYS C 1043 3.95 -12.10 -58.00
C CYS C 1043 2.69 -11.83 -58.81
N GLY C 1044 1.53 -11.89 -58.18
CA GLY C 1044 0.27 -11.65 -58.85
C GLY C 1044 -0.41 -12.92 -59.33
N LYS C 1045 -1.65 -12.79 -59.82
CA LYS C 1045 -2.42 -13.94 -60.31
C LYS C 1045 -2.23 -14.12 -61.81
N GLY C 1046 -1.66 -15.26 -62.20
CA GLY C 1046 -1.40 -15.57 -63.59
C GLY C 1046 0.07 -15.88 -63.73
N TYR C 1047 0.55 -16.08 -64.95
CA TYR C 1047 1.97 -16.35 -65.18
C TYR C 1047 2.76 -15.06 -65.16
N HIS C 1048 3.61 -14.91 -64.14
CA HIS C 1048 4.38 -13.69 -63.96
C HIS C 1048 5.21 -13.37 -65.19
N LEU C 1049 5.11 -12.14 -65.68
CA LEU C 1049 6.03 -11.63 -66.68
C LEU C 1049 7.01 -10.64 -66.08
N MET C 1050 6.55 -9.57 -65.46
CA MET C 1050 7.51 -8.66 -64.83
C MET C 1050 6.80 -7.84 -63.76
N SER C 1051 7.59 -7.09 -62.99
CA SER C 1051 7.07 -6.26 -61.91
C SER C 1051 7.83 -4.95 -61.88
N PHE C 1052 7.15 -3.89 -61.45
CA PHE C 1052 7.72 -2.55 -61.29
C PHE C 1052 7.43 -2.03 -59.89
N PRO C 1053 8.43 -1.49 -59.19
CA PRO C 1053 8.20 -0.89 -57.87
C PRO C 1053 7.83 0.59 -57.91
N GLN C 1054 7.07 1.01 -56.91
CA GLN C 1054 6.71 2.40 -56.69
C GLN C 1054 6.77 2.67 -55.20
N SER C 1055 7.18 3.88 -54.84
CA SER C 1055 7.27 4.18 -53.42
C SER C 1055 5.96 4.77 -52.91
N ALA C 1056 5.67 4.48 -51.66
CA ALA C 1056 4.48 4.95 -50.97
C ALA C 1056 4.93 5.59 -49.68
N PRO C 1057 4.03 6.26 -48.95
CA PRO C 1057 4.45 6.97 -47.73
C PRO C 1057 5.21 6.17 -46.69
N HIS C 1058 4.82 4.95 -46.35
CA HIS C 1058 5.65 4.13 -45.47
C HIS C 1058 5.72 2.71 -45.99
N GLY C 1059 5.74 2.55 -47.29
CA GLY C 1059 5.59 1.25 -47.88
C GLY C 1059 6.02 1.23 -49.30
N VAL C 1060 5.53 0.25 -50.03
CA VAL C 1060 5.91 0.05 -51.42
C VAL C 1060 4.74 -0.57 -52.14
N VAL C 1061 4.54 -0.17 -53.39
CA VAL C 1061 3.53 -0.73 -54.26
C VAL C 1061 4.21 -1.44 -55.41
N PHE C 1062 3.91 -2.72 -55.59
CA PHE C 1062 4.39 -3.47 -56.74
C PHE C 1062 3.29 -3.53 -57.79
N LEU C 1063 3.65 -3.21 -59.03
CA LEU C 1063 2.81 -3.39 -60.21
C LEU C 1063 3.26 -4.67 -60.90
N HIS C 1064 2.43 -5.69 -60.86
CA HIS C 1064 2.73 -7.00 -61.42
C HIS C 1064 2.08 -7.13 -62.80
N VAL C 1065 2.87 -7.45 -63.81
CA VAL C 1065 2.41 -7.76 -65.15
C VAL C 1065 2.44 -9.27 -65.34
N THR C 1066 1.27 -9.83 -65.63
CA THR C 1066 1.08 -11.26 -65.81
C THR C 1066 0.38 -11.54 -67.14
N TYR C 1067 0.49 -12.79 -67.55
CA TYR C 1067 -0.12 -13.32 -68.75
C TYR C 1067 -1.31 -14.17 -68.34
N VAL C 1068 -2.47 -13.95 -68.93
CA VAL C 1068 -3.67 -14.69 -68.56
C VAL C 1068 -4.27 -15.30 -69.82
N PRO C 1069 -4.31 -16.61 -69.96
CA PRO C 1069 -4.86 -17.20 -71.18
C PRO C 1069 -6.37 -17.04 -71.31
N ALA C 1070 -6.85 -16.99 -72.55
CA ALA C 1070 -8.22 -16.58 -72.85
C ALA C 1070 -8.78 -17.34 -74.05
N GLN C 1071 -10.10 -17.47 -74.07
CA GLN C 1071 -10.88 -17.98 -75.20
C GLN C 1071 -10.47 -19.41 -75.58
N GLU C 1072 -10.71 -20.31 -74.65
CA GLU C 1072 -10.34 -21.71 -74.81
C GLU C 1072 -11.32 -22.44 -75.72
N LYS C 1073 -10.82 -23.40 -76.47
CA LYS C 1073 -11.63 -24.26 -77.30
C LYS C 1073 -11.44 -25.72 -76.89
N ASN C 1074 -12.42 -26.54 -77.26
CA ASN C 1074 -12.47 -27.97 -77.02
C ASN C 1074 -11.78 -28.75 -78.13
N PHE C 1075 -11.09 -29.83 -77.76
CA PHE C 1075 -10.47 -30.72 -78.73
C PHE C 1075 -10.45 -32.13 -78.16
N THR C 1076 -10.17 -33.08 -79.03
CA THR C 1076 -9.93 -34.48 -78.68
C THR C 1076 -8.44 -34.72 -78.57
N THR C 1077 -8.01 -35.48 -77.56
CA THR C 1077 -6.60 -35.74 -77.31
C THR C 1077 -6.30 -37.22 -77.39
N ALA C 1078 -5.02 -37.53 -77.47
CA ALA C 1078 -4.49 -38.88 -77.39
C ALA C 1078 -3.12 -38.81 -76.75
N PRO C 1079 -2.77 -39.81 -75.94
CA PRO C 1079 -1.41 -39.84 -75.37
C PRO C 1079 -0.31 -40.03 -76.39
N ALA C 1080 -0.52 -40.91 -77.37
CA ALA C 1080 0.52 -41.28 -78.32
C ALA C 1080 -0.14 -41.55 -79.66
N ILE C 1081 0.68 -41.54 -80.71
CA ILE C 1081 0.24 -41.91 -82.05
C ILE C 1081 0.84 -43.27 -82.35
N CYS C 1082 0.13 -44.10 -83.10
CA CYS C 1082 0.70 -45.36 -83.57
C CYS C 1082 0.93 -45.30 -85.07
N HIS C 1083 2.15 -45.60 -85.48
CA HIS C 1083 2.50 -45.59 -86.89
C HIS C 1083 3.60 -46.62 -87.12
N ASP C 1084 3.38 -47.52 -88.08
CA ASP C 1084 4.35 -48.58 -88.40
C ASP C 1084 4.65 -49.46 -87.20
N GLY C 1085 3.65 -49.72 -86.38
CA GLY C 1085 3.89 -50.49 -85.18
C GLY C 1085 4.78 -49.80 -84.16
N LYS C 1086 4.81 -48.48 -84.15
CA LYS C 1086 5.63 -47.73 -83.21
C LYS C 1086 4.77 -46.69 -82.51
N ALA C 1087 5.13 -46.39 -81.26
CA ALA C 1087 4.44 -45.38 -80.47
C ALA C 1087 5.21 -44.07 -80.53
N HIS C 1088 4.53 -42.99 -80.84
CA HIS C 1088 5.13 -41.68 -81.02
C HIS C 1088 4.56 -40.74 -79.96
N PHE C 1089 5.43 -40.01 -79.32
CA PHE C 1089 5.10 -39.05 -78.29
C PHE C 1089 5.54 -37.67 -78.72
N PRO C 1090 4.83 -36.63 -78.33
CA PRO C 1090 5.26 -35.28 -78.69
C PRO C 1090 6.49 -34.83 -77.92
N ARG C 1091 7.34 -34.07 -78.61
CA ARG C 1091 8.52 -33.54 -77.94
C ARG C 1091 8.15 -32.46 -76.94
N GLU C 1092 7.33 -31.50 -77.35
CA GLU C 1092 6.85 -30.47 -76.43
C GLU C 1092 5.48 -30.01 -76.93
N GLY C 1093 4.42 -30.58 -76.39
CA GLY C 1093 3.09 -30.20 -76.83
C GLY C 1093 2.11 -31.32 -76.57
N VAL C 1094 1.00 -31.24 -77.27
CA VAL C 1094 -0.05 -32.24 -77.18
C VAL C 1094 -0.55 -32.53 -78.58
N PHE C 1095 -0.98 -33.76 -78.78
CA PHE C 1095 -1.72 -34.16 -79.96
C PHE C 1095 -3.17 -33.75 -79.81
N VAL C 1096 -3.72 -33.03 -80.78
CA VAL C 1096 -5.10 -32.60 -80.73
C VAL C 1096 -5.78 -32.91 -82.06
N SER C 1097 -7.08 -33.10 -82.01
CA SER C 1097 -7.86 -33.35 -83.22
C SER C 1097 -8.95 -32.30 -83.35
N ASN C 1098 -9.11 -31.75 -84.55
CA ASN C 1098 -10.22 -30.84 -84.79
C ASN C 1098 -11.49 -31.56 -85.19
N GLY C 1099 -11.53 -32.87 -85.07
CA GLY C 1099 -12.62 -33.68 -85.55
C GLY C 1099 -12.24 -34.64 -86.64
N THR C 1100 -11.30 -34.29 -87.51
CA THR C 1100 -10.95 -35.15 -88.63
C THR C 1100 -9.45 -35.29 -88.80
N HIS C 1101 -8.68 -34.34 -88.29
CA HIS C 1101 -7.24 -34.28 -88.51
C HIS C 1101 -6.51 -34.14 -87.20
N TRP C 1102 -5.30 -34.68 -87.13
CA TRP C 1102 -4.48 -34.67 -85.93
C TRP C 1102 -3.30 -33.71 -86.10
N PHE C 1103 -3.04 -32.92 -85.06
CA PHE C 1103 -1.99 -31.93 -85.04
C PHE C 1103 -1.23 -32.03 -83.75
N VAL C 1104 -0.08 -31.37 -83.69
CA VAL C 1104 0.62 -31.10 -82.43
C VAL C 1104 0.49 -29.62 -82.18
N THR C 1105 0.31 -29.24 -80.93
CA THR C 1105 0.26 -27.85 -80.54
C THR C 1105 1.02 -27.67 -79.24
N GLN C 1106 1.52 -26.46 -79.02
CA GLN C 1106 2.03 -26.12 -77.71
C GLN C 1106 0.88 -25.93 -76.73
N ARG C 1107 1.15 -26.18 -75.46
CA ARG C 1107 0.07 -26.42 -74.51
C ARG C 1107 -0.65 -25.16 -74.05
N ASN C 1108 -0.09 -23.98 -74.24
CA ASN C 1108 -0.68 -22.76 -73.70
C ASN C 1108 -1.27 -21.86 -74.77
N PHE C 1109 -0.99 -22.10 -76.03
CA PHE C 1109 -1.47 -21.28 -77.12
C PHE C 1109 -1.80 -22.24 -78.24
N TYR C 1110 -2.95 -22.07 -78.88
CA TYR C 1110 -3.34 -22.98 -79.94
C TYR C 1110 -2.65 -22.57 -81.23
N GLU C 1111 -1.82 -23.45 -81.73
CA GLU C 1111 -1.04 -23.20 -82.95
C GLU C 1111 -0.73 -24.53 -83.60
N PRO C 1112 -1.68 -25.09 -84.35
CA PRO C 1112 -1.56 -26.48 -84.80
C PRO C 1112 -0.57 -26.69 -85.92
N GLN C 1113 0.17 -27.79 -85.84
CA GLN C 1113 1.15 -28.15 -86.84
C GLN C 1113 1.04 -29.62 -87.19
N ILE C 1114 1.66 -29.99 -88.31
CA ILE C 1114 1.65 -31.36 -88.76
C ILE C 1114 2.52 -32.22 -87.85
N ILE C 1115 2.12 -33.47 -87.67
CA ILE C 1115 2.89 -34.43 -86.89
C ILE C 1115 3.96 -35.03 -87.79
N THR C 1116 5.21 -34.72 -87.52
CA THR C 1116 6.34 -35.23 -88.28
C THR C 1116 7.32 -35.92 -87.35
N THR C 1117 8.38 -36.45 -87.92
CA THR C 1117 9.42 -37.09 -87.14
C THR C 1117 10.37 -36.09 -86.49
N ASP C 1118 10.10 -34.80 -86.63
CA ASP C 1118 10.90 -33.75 -86.02
C ASP C 1118 10.27 -33.15 -84.79
N ASN C 1119 8.97 -33.34 -84.56
CA ASN C 1119 8.37 -32.87 -83.33
C ASN C 1119 7.89 -34.02 -82.45
N THR C 1120 8.23 -35.26 -82.79
CA THR C 1120 7.87 -36.42 -81.98
C THR C 1120 9.14 -37.22 -81.68
N PHE C 1121 9.02 -38.19 -80.78
CA PHE C 1121 10.02 -39.21 -80.59
C PHE C 1121 9.33 -40.56 -80.42
N VAL C 1122 10.08 -41.63 -80.58
CA VAL C 1122 9.54 -42.98 -80.58
C VAL C 1122 9.96 -43.71 -79.32
N SER C 1123 9.06 -44.52 -78.77
CA SER C 1123 9.43 -45.42 -77.69
C SER C 1123 8.44 -46.58 -77.65
N GLY C 1124 8.85 -47.73 -78.17
CA GLY C 1124 8.13 -48.97 -77.98
C GLY C 1124 7.16 -49.31 -79.09
N ASN C 1125 6.24 -50.20 -78.76
CA ASN C 1125 5.13 -50.62 -79.60
C ASN C 1125 3.87 -49.87 -79.23
N CYS C 1126 2.88 -49.92 -80.12
CA CYS C 1126 1.58 -49.33 -79.82
C CYS C 1126 0.63 -50.40 -79.28
N ASP C 1127 1.06 -51.06 -78.21
CA ASP C 1127 0.21 -52.07 -77.60
C ASP C 1127 0.32 -52.07 -76.07
N VAL C 1128 0.96 -51.06 -75.50
CA VAL C 1128 1.18 -51.02 -74.06
C VAL C 1128 0.54 -49.79 -73.45
N VAL C 1129 0.46 -48.71 -74.21
CA VAL C 1129 -0.05 -47.45 -73.70
C VAL C 1129 -1.55 -47.40 -73.91
N ILE C 1130 -2.27 -46.88 -72.93
CA ILE C 1130 -3.73 -46.91 -72.90
C ILE C 1130 -4.25 -45.65 -73.59
N GLY C 1131 -4.75 -45.81 -74.81
CA GLY C 1131 -5.32 -44.70 -75.54
C GLY C 1131 -4.61 -44.28 -76.81
N ILE C 1132 -3.67 -45.09 -77.32
CA ILE C 1132 -3.03 -44.80 -78.61
C ILE C 1132 -4.11 -44.68 -79.68
N VAL C 1133 -3.89 -43.77 -80.62
CA VAL C 1133 -4.70 -43.69 -81.83
C VAL C 1133 -3.80 -43.87 -83.03
N ASN C 1134 -4.42 -44.33 -84.11
CA ASN C 1134 -3.71 -44.57 -85.37
C ASN C 1134 -3.70 -43.37 -86.29
N ASN C 1135 -2.52 -42.95 -86.70
CA ASN C 1135 -2.38 -41.83 -87.60
C ASN C 1135 -1.00 -41.90 -88.21
N THR C 1136 -0.72 -41.04 -89.16
CA THR C 1136 0.52 -41.10 -89.92
C THR C 1136 1.48 -40.02 -89.46
N VAL C 1137 2.74 -40.38 -89.36
CA VAL C 1137 3.80 -39.46 -88.96
C VAL C 1137 4.64 -39.19 -90.18
N TYR C 1138 4.57 -37.97 -90.68
CA TYR C 1138 5.16 -37.63 -91.96
C TYR C 1138 6.65 -37.44 -91.81
N ASP C 1139 7.43 -38.10 -92.66
CA ASP C 1139 8.87 -37.94 -92.70
C ASP C 1139 9.25 -36.98 -93.81
N PRO C 1140 9.93 -35.88 -93.54
CA PRO C 1140 10.25 -34.91 -94.60
C PRO C 1140 11.30 -35.39 -95.61
N LEU C 1141 12.25 -36.17 -95.10
CA LEU C 1141 13.38 -36.59 -95.91
C LEU C 1141 12.96 -37.37 -97.14
N GLN C 1142 11.91 -38.16 -97.04
CA GLN C 1142 11.57 -39.03 -98.16
C GLN C 1142 11.10 -38.21 -99.36
N PRO C 1143 10.10 -37.34 -99.22
CA PRO C 1143 9.80 -36.46 -100.35
C PRO C 1143 10.91 -35.48 -100.65
N GLU C 1144 11.88 -35.31 -99.74
CA GLU C 1144 13.05 -34.52 -100.09
C GLU C 1144 13.88 -35.21 -101.17
N LEU C 1145 14.40 -36.39 -100.85
CA LEU C 1145 15.25 -37.11 -101.78
C LEU C 1145 14.46 -37.96 -102.78
N ASP C 1146 13.14 -38.00 -102.67
CA ASP C 1146 12.29 -38.81 -103.53
C ASP C 1146 12.70 -40.29 -103.46
N GLN D 18 -9.19 -70.07 58.28
CA GLN D 18 -8.33 -68.95 58.60
C GLN D 18 -9.13 -67.67 58.83
N VAL D 19 -10.12 -67.44 57.96
CA VAL D 19 -11.00 -66.30 58.17
C VAL D 19 -11.89 -66.55 59.39
N GLN D 20 -12.39 -65.46 59.96
CA GLN D 20 -12.98 -65.53 61.29
C GLN D 20 -13.95 -64.40 61.47
N LEU D 21 -15.15 -64.72 61.94
CA LEU D 21 -16.16 -63.74 62.32
C LEU D 21 -16.59 -64.05 63.75
N GLN D 22 -16.27 -63.18 64.68
CA GLN D 22 -16.61 -63.37 66.08
C GLN D 22 -17.75 -62.44 66.43
N GLN D 23 -18.84 -62.99 66.92
CA GLN D 23 -19.98 -62.19 67.32
C GLN D 23 -19.86 -61.85 68.81
N SER D 24 -20.92 -61.31 69.40
CA SER D 24 -20.80 -60.77 70.75
C SER D 24 -22.15 -60.80 71.45
N GLY D 25 -22.21 -61.46 72.59
CA GLY D 25 -23.28 -61.24 73.54
C GLY D 25 -24.35 -62.32 73.50
N ALA D 26 -25.14 -62.34 74.56
CA ALA D 26 -26.33 -63.18 74.68
C ALA D 26 -27.46 -62.36 75.29
N GLU D 27 -27.69 -61.18 74.70
CA GLU D 27 -28.48 -60.10 75.32
C GLU D 27 -29.91 -60.52 75.66
N VAL D 28 -30.41 -59.95 76.76
CA VAL D 28 -31.79 -60.14 77.19
C VAL D 28 -32.41 -58.76 77.32
N LYS D 29 -33.48 -58.52 76.56
CA LYS D 29 -34.12 -57.21 76.54
C LYS D 29 -35.58 -57.34 76.92
N LYS D 30 -36.23 -56.21 77.13
CA LYS D 30 -37.64 -56.07 77.42
C LYS D 30 -38.39 -55.66 76.16
N PRO D 31 -39.70 -55.93 76.07
CA PRO D 31 -40.46 -55.50 74.90
C PRO D 31 -40.55 -53.98 74.79
N GLY D 32 -39.97 -53.44 73.71
CA GLY D 32 -39.93 -52.02 73.46
C GLY D 32 -38.54 -51.43 73.38
N ALA D 33 -37.53 -52.14 73.89
CA ALA D 33 -36.17 -51.62 73.88
C ALA D 33 -35.52 -51.83 72.52
N SER D 34 -34.24 -51.48 72.40
CA SER D 34 -33.50 -51.62 71.16
C SER D 34 -32.22 -52.39 71.44
N VAL D 35 -31.78 -53.16 70.45
CA VAL D 35 -30.63 -54.04 70.63
C VAL D 35 -29.61 -53.76 69.53
N LYS D 36 -28.33 -53.88 69.88
CA LYS D 36 -27.23 -53.67 68.95
C LYS D 36 -26.27 -54.85 69.03
N VAL D 37 -26.07 -55.52 67.90
CA VAL D 37 -25.22 -56.71 67.82
C VAL D 37 -24.00 -56.34 66.99
N SER D 38 -22.83 -56.82 67.43
CA SER D 38 -21.57 -56.53 66.76
C SER D 38 -20.93 -57.82 66.26
N CYS D 39 -20.17 -57.69 65.18
CA CYS D 39 -19.56 -58.81 64.49
C CYS D 39 -18.19 -58.37 64.02
N LYS D 40 -17.13 -58.94 64.59
CA LYS D 40 -15.76 -58.51 64.33
C LYS D 40 -15.06 -59.52 63.44
N ALA D 41 -14.45 -59.03 62.36
CA ALA D 41 -13.81 -59.87 61.37
C ALA D 41 -12.31 -59.89 61.56
N SER D 42 -11.70 -61.02 61.20
CA SER D 42 -10.25 -61.14 61.25
C SER D 42 -9.82 -62.24 60.28
N GLY D 43 -8.71 -62.03 59.61
CA GLY D 43 -8.16 -63.00 58.69
C GLY D 43 -8.21 -62.59 57.24
N TYR D 44 -8.86 -61.48 56.92
CA TYR D 44 -8.97 -61.04 55.54
C TYR D 44 -9.09 -59.52 55.54
N THR D 45 -9.02 -58.94 54.35
CA THR D 45 -9.18 -57.50 54.18
C THR D 45 -10.64 -57.14 54.33
N PHE D 46 -10.97 -56.45 55.42
CA PHE D 46 -12.38 -56.17 55.74
C PHE D 46 -12.97 -55.13 54.79
N SER D 47 -12.14 -54.27 54.22
CA SER D 47 -12.64 -53.14 53.46
C SER D 47 -13.13 -53.51 52.06
N ARG D 48 -12.91 -54.74 51.61
CA ARG D 48 -13.24 -55.12 50.24
C ARG D 48 -14.28 -56.22 50.19
N TYR D 49 -15.17 -56.28 51.17
CA TYR D 49 -16.22 -57.29 51.21
C TYR D 49 -17.48 -56.64 51.76
N GLY D 50 -18.46 -57.47 52.10
CA GLY D 50 -19.69 -56.99 52.69
C GLY D 50 -20.16 -57.92 53.78
N ILE D 51 -21.11 -57.44 54.57
CA ILE D 51 -21.65 -58.19 55.69
C ILE D 51 -23.16 -58.27 55.53
N SER D 52 -23.71 -59.48 55.62
CA SER D 52 -25.16 -59.65 55.60
C SER D 52 -25.61 -60.33 56.89
N TRP D 53 -26.84 -60.03 57.29
CA TRP D 53 -27.38 -60.47 58.57
C TRP D 53 -28.57 -61.38 58.32
N VAL D 54 -28.61 -62.50 59.04
CA VAL D 54 -29.62 -63.53 58.83
C VAL D 54 -30.21 -63.92 60.18
N ARG D 55 -31.53 -63.90 60.29
CA ARG D 55 -32.23 -64.23 61.52
C ARG D 55 -32.69 -65.68 61.50
N GLN D 56 -32.82 -66.28 62.68
CA GLN D 56 -33.42 -67.61 62.77
C GLN D 56 -34.16 -67.72 64.09
N ALA D 57 -35.49 -67.76 64.02
CA ALA D 57 -36.30 -67.98 65.21
C ALA D 57 -36.09 -69.41 65.71
N PRO D 58 -36.23 -69.65 67.04
CA PRO D 58 -35.96 -70.99 67.57
C PRO D 58 -36.97 -72.04 67.11
N GLY D 59 -36.51 -72.97 66.29
CA GLY D 59 -37.36 -73.98 65.70
C GLY D 59 -37.96 -73.60 64.35
N GLN D 60 -37.50 -72.53 63.73
CA GLN D 60 -38.01 -72.08 62.44
C GLN D 60 -36.88 -72.03 61.43
N GLY D 61 -37.19 -71.49 60.25
CA GLY D 61 -36.21 -71.37 59.18
C GLY D 61 -35.50 -70.05 59.19
N LEU D 62 -34.61 -69.88 58.24
CA LEU D 62 -33.80 -68.67 58.15
C LEU D 62 -34.57 -67.54 57.48
N GLU D 63 -34.29 -66.32 57.93
CA GLU D 63 -34.83 -65.11 57.31
C GLU D 63 -33.69 -64.19 56.96
N TRP D 64 -33.79 -63.52 55.82
CA TRP D 64 -32.80 -62.55 55.41
C TRP D 64 -33.18 -61.19 55.94
N MET D 65 -32.26 -60.55 56.66
CA MET D 65 -32.49 -59.23 57.21
C MET D 65 -31.96 -58.12 56.30
N GLY D 66 -30.70 -58.20 55.90
CA GLY D 66 -30.17 -57.19 55.00
C GLY D 66 -28.68 -57.36 54.79
N TRP D 67 -28.10 -56.36 54.13
CA TRP D 67 -26.75 -56.43 53.60
C TRP D 67 -26.14 -55.02 53.60
N ILE D 68 -24.85 -54.94 53.89
CA ILE D 68 -24.08 -53.70 53.79
C ILE D 68 -22.76 -53.98 53.10
N SER D 69 -22.30 -53.02 52.32
CA SER D 69 -20.98 -53.08 51.73
C SER D 69 -20.02 -52.28 52.59
N ALA D 70 -18.83 -52.84 52.83
CA ALA D 70 -17.88 -52.20 53.73
C ALA D 70 -17.10 -51.08 53.06
N TYR D 71 -17.32 -50.81 51.78
CA TYR D 71 -16.58 -49.75 51.11
C TYR D 71 -17.11 -48.38 51.52
N LYS D 72 -18.37 -48.10 51.19
CA LYS D 72 -18.97 -46.82 51.59
C LYS D 72 -20.47 -47.02 51.81
N GLY D 73 -20.84 -47.32 53.06
CA GLY D 73 -22.24 -47.43 53.47
C GLY D 73 -23.01 -48.48 52.71
N ASN D 74 -23.91 -48.04 51.82
CA ASN D 74 -24.52 -48.84 50.76
C ASN D 74 -25.33 -50.02 51.34
N THR D 75 -26.41 -49.67 52.02
CA THR D 75 -27.24 -50.69 52.64
C THR D 75 -28.21 -51.29 51.64
N ASN D 76 -28.86 -52.37 52.07
CA ASN D 76 -29.95 -53.01 51.33
C ASN D 76 -30.73 -53.82 52.35
N TYR D 77 -31.95 -53.39 52.66
CA TYR D 77 -32.75 -54.05 53.67
C TYR D 77 -33.90 -54.81 53.04
N ALA D 78 -34.40 -55.81 53.76
CA ALA D 78 -35.63 -56.46 53.34
C ALA D 78 -36.81 -55.58 53.71
N GLN D 79 -37.92 -55.78 53.01
CA GLN D 79 -39.09 -54.93 53.21
C GLN D 79 -39.83 -55.26 54.51
N LYS D 80 -39.57 -56.43 55.10
CA LYS D 80 -40.17 -56.73 56.39
C LYS D 80 -39.50 -55.93 57.51
N PHE D 81 -38.19 -55.69 57.39
CA PHE D 81 -37.43 -54.96 58.38
C PHE D 81 -37.11 -53.54 57.94
N GLN D 82 -37.77 -53.04 56.90
CA GLN D 82 -37.51 -51.71 56.40
C GLN D 82 -38.03 -50.67 57.37
N GLY D 83 -37.15 -49.81 57.86
CA GLY D 83 -37.51 -48.79 58.81
C GLY D 83 -37.21 -49.13 60.26
N ARG D 84 -36.78 -50.35 60.54
CA ARG D 84 -36.47 -50.78 61.90
C ARG D 84 -35.00 -51.09 62.14
N VAL D 85 -34.30 -51.62 61.14
CA VAL D 85 -32.90 -52.00 61.31
C VAL D 85 -32.01 -50.90 60.76
N THR D 86 -30.86 -50.72 61.41
CA THR D 86 -29.78 -49.91 60.87
C THR D 86 -28.49 -50.69 61.00
N MET D 87 -27.78 -50.87 59.88
CA MET D 87 -26.52 -51.58 59.87
C MET D 87 -25.40 -50.61 59.52
N THR D 88 -24.34 -50.62 60.33
CA THR D 88 -23.18 -49.78 60.10
C THR D 88 -21.93 -50.64 60.10
N THR D 89 -20.84 -50.08 59.58
CA THR D 89 -19.53 -50.69 59.65
C THR D 89 -18.58 -49.77 60.38
N ASP D 90 -17.40 -50.31 60.67
CA ASP D 90 -16.30 -49.50 61.21
C ASP D 90 -15.03 -50.21 60.74
N THR D 91 -14.43 -49.69 59.67
CA THR D 91 -13.28 -50.33 59.06
C THR D 91 -11.98 -50.06 59.79
N SER D 92 -11.96 -49.09 60.71
CA SER D 92 -10.76 -48.86 61.50
C SER D 92 -10.55 -49.99 62.51
N THR D 93 -11.62 -50.40 63.19
CA THR D 93 -11.59 -51.57 64.06
C THR D 93 -12.14 -52.81 63.36
N SER D 94 -12.67 -52.64 62.14
CA SER D 94 -13.14 -53.72 61.26
C SER D 94 -14.25 -54.56 61.90
N THR D 95 -15.26 -53.87 62.42
CA THR D 95 -16.44 -54.53 62.95
C THR D 95 -17.68 -54.07 62.19
N ALA D 96 -18.77 -54.79 62.39
CA ALA D 96 -20.05 -54.44 61.81
C ALA D 96 -21.11 -54.49 62.88
N TYR D 97 -22.02 -53.52 62.86
CA TYR D 97 -23.08 -53.41 63.86
C TYR D 97 -24.43 -53.48 63.18
N MET D 98 -25.38 -54.10 63.86
CA MET D 98 -26.77 -54.09 63.44
C MET D 98 -27.63 -53.71 64.64
N GLU D 99 -28.51 -52.73 64.47
CA GLU D 99 -29.37 -52.26 65.54
C GLU D 99 -30.82 -52.45 65.14
N LEU D 100 -31.56 -53.19 65.96
CA LEU D 100 -33.00 -53.32 65.85
C LEU D 100 -33.67 -52.44 66.90
N ARG D 101 -34.77 -51.80 66.50
CA ARG D 101 -35.53 -50.94 67.38
C ARG D 101 -36.95 -51.46 67.51
N SER D 102 -37.59 -51.06 68.62
CA SER D 102 -38.97 -51.41 68.97
C SER D 102 -39.17 -52.92 69.01
N LEU D 103 -38.43 -53.57 69.89
CA LEU D 103 -38.45 -55.02 69.99
C LEU D 103 -39.77 -55.51 70.57
N ARG D 104 -40.15 -56.71 70.15
CA ARG D 104 -41.33 -57.37 70.70
C ARG D 104 -41.07 -58.87 70.67
N SER D 105 -41.94 -59.62 71.35
CA SER D 105 -41.90 -61.06 71.23
C SER D 105 -42.30 -61.46 69.83
N ASP D 106 -41.46 -62.31 69.24
CA ASP D 106 -41.55 -62.73 67.87
C ASP D 106 -40.16 -62.36 67.30
N ASP D 107 -39.41 -61.53 68.05
CA ASP D 107 -38.09 -61.13 67.62
C ASP D 107 -36.99 -61.83 68.40
N THR D 108 -37.34 -62.65 69.38
CA THR D 108 -36.36 -63.50 70.05
C THR D 108 -35.89 -64.59 69.10
N ALA D 109 -34.59 -64.62 68.83
CA ALA D 109 -34.05 -65.44 67.75
C ALA D 109 -32.54 -65.55 67.93
N VAL D 110 -31.88 -66.15 66.93
CA VAL D 110 -30.44 -66.16 66.82
C VAL D 110 -30.07 -65.36 65.58
N TYR D 111 -29.10 -64.46 65.74
CA TYR D 111 -28.73 -63.52 64.69
C TYR D 111 -27.34 -63.86 64.19
N TYR D 112 -27.21 -64.05 62.88
CA TYR D 112 -26.00 -64.52 62.23
C TYR D 112 -25.43 -63.45 61.32
N CYS D 113 -24.11 -63.48 61.21
CA CYS D 113 -23.30 -62.51 60.47
C CYS D 113 -22.52 -63.29 59.43
N ALA D 114 -22.76 -63.02 58.15
CA ALA D 114 -22.08 -63.74 57.09
C ALA D 114 -21.34 -62.76 56.20
N ARG D 115 -20.23 -63.22 55.62
CA ARG D 115 -19.41 -62.41 54.74
C ARG D 115 -19.89 -62.58 53.30
N SER D 116 -20.57 -61.58 52.80
CA SER D 116 -21.12 -61.48 51.46
C SER D 116 -20.15 -60.69 50.58
N PRO D 117 -20.33 -60.70 49.26
CA PRO D 117 -19.42 -59.92 48.40
C PRO D 117 -19.68 -58.43 48.52
N PRO D 118 -18.77 -57.59 48.02
CA PRO D 118 -19.03 -56.14 48.03
C PRO D 118 -20.11 -55.71 47.07
N ASP D 119 -20.55 -56.57 46.15
CA ASP D 119 -21.70 -56.31 45.31
C ASP D 119 -22.45 -57.62 45.09
N PHE D 120 -23.51 -57.54 44.30
CA PHE D 120 -24.30 -58.65 43.75
C PHE D 120 -24.96 -59.61 44.74
N LEU D 121 -24.83 -59.40 46.06
CA LEU D 121 -25.81 -59.86 47.06
C LEU D 121 -25.97 -61.38 47.12
N GLY D 122 -24.87 -62.11 47.19
CA GLY D 122 -24.95 -63.56 47.30
C GLY D 122 -24.02 -64.05 48.39
N TRP D 123 -23.62 -65.33 48.34
CA TRP D 123 -22.39 -65.85 48.95
C TRP D 123 -22.33 -65.63 50.47
N PHE D 124 -23.17 -66.37 51.18
CA PHE D 124 -23.16 -66.34 52.64
C PHE D 124 -22.19 -67.40 53.17
N ASP D 125 -20.88 -67.13 53.02
CA ASP D 125 -19.97 -68.26 53.27
C ASP D 125 -19.60 -68.61 54.72
N PRO D 126 -18.93 -67.73 55.53
CA PRO D 126 -18.27 -68.26 56.74
C PRO D 126 -19.13 -68.35 58.00
N TRP D 127 -20.15 -67.50 58.17
CA TRP D 127 -21.21 -67.66 59.19
C TRP D 127 -20.66 -67.66 60.62
N GLY D 128 -20.30 -66.46 61.11
CA GLY D 128 -20.05 -66.26 62.52
C GLY D 128 -21.11 -66.81 63.45
N GLN D 129 -20.73 -67.20 64.68
CA GLN D 129 -21.46 -68.20 65.46
C GLN D 129 -22.86 -67.77 65.92
N GLY D 130 -23.22 -66.51 65.80
CA GLY D 130 -24.59 -66.11 66.07
C GLY D 130 -24.86 -65.77 67.52
N THR D 131 -25.64 -64.72 67.77
CA THR D 131 -26.00 -64.35 69.13
C THR D 131 -27.48 -64.59 69.35
N LEU D 132 -27.81 -65.11 70.53
CA LEU D 132 -29.19 -65.35 70.91
C LEU D 132 -29.73 -64.09 71.59
N VAL D 133 -30.75 -63.48 71.00
CA VAL D 133 -31.41 -62.32 71.58
C VAL D 133 -32.78 -62.76 72.06
N THR D 134 -33.02 -62.65 73.36
CA THR D 134 -34.24 -63.09 74.00
C THR D 134 -34.96 -61.89 74.57
N VAL D 135 -36.20 -61.67 74.15
CA VAL D 135 -37.03 -60.61 74.70
C VAL D 135 -38.12 -61.30 75.52
N SER D 136 -38.68 -60.56 76.49
CA SER D 136 -39.73 -61.10 77.34
C SER D 136 -39.74 -60.40 78.70
N SER D 137 -40.57 -60.92 79.61
CA SER D 137 -40.68 -60.34 80.94
C SER D 137 -41.87 -60.92 81.69
N ALA D 138 -41.62 -61.96 82.49
CA ALA D 138 -42.68 -62.60 83.26
C ALA D 138 -42.30 -62.71 84.73
N SER D 139 -40.99 -62.77 85.00
CA SER D 139 -40.50 -62.87 86.37
C SER D 139 -40.66 -64.29 86.92
N THR D 140 -41.84 -64.57 87.45
CA THR D 140 -42.14 -65.89 88.00
C THR D 140 -43.61 -66.04 88.31
N LYS D 141 -44.11 -67.28 88.22
CA LYS D 141 -45.51 -67.56 88.49
C LYS D 141 -45.70 -69.05 88.74
N GLY D 142 -46.74 -69.36 89.52
CA GLY D 142 -47.04 -70.72 89.88
C GLY D 142 -47.92 -71.41 88.87
N PRO D 143 -47.91 -72.73 88.87
CA PRO D 143 -48.66 -73.46 87.86
C PRO D 143 -50.14 -73.59 88.21
N SER D 144 -50.97 -73.65 87.18
CA SER D 144 -52.39 -73.97 87.32
C SER D 144 -52.61 -75.40 86.83
N VAL D 145 -53.27 -76.22 87.64
CA VAL D 145 -53.38 -77.65 87.38
C VAL D 145 -54.83 -78.01 87.12
N PHE D 146 -55.04 -78.86 86.12
CA PHE D 146 -56.31 -79.52 85.84
C PHE D 146 -56.08 -81.01 85.67
N PRO D 147 -57.03 -81.86 86.06
CA PRO D 147 -56.93 -83.29 85.74
C PRO D 147 -57.63 -83.61 84.44
N LEU D 148 -56.93 -84.28 83.51
CA LEU D 148 -57.52 -84.76 82.28
C LEU D 148 -57.99 -86.19 82.53
N ALA D 149 -59.29 -86.34 82.66
CA ALA D 149 -59.99 -87.54 83.07
C ALA D 149 -59.80 -88.67 82.06
N PRO D 150 -59.78 -89.91 82.51
CA PRO D 150 -59.85 -91.03 81.57
C PRO D 150 -61.24 -91.11 80.96
N SER D 151 -61.28 -91.32 79.65
CA SER D 151 -62.55 -91.32 78.93
C SER D 151 -62.55 -92.43 77.89
N SER D 152 -63.76 -92.77 77.43
CA SER D 152 -63.88 -93.77 76.37
C SER D 152 -63.23 -93.30 75.07
N LYS D 153 -63.19 -91.99 74.84
CA LYS D 153 -62.45 -91.47 73.70
C LYS D 153 -60.95 -91.66 73.86
N SER D 154 -60.48 -91.79 75.10
CA SER D 154 -59.11 -92.22 75.36
C SER D 154 -59.01 -93.72 75.59
N THR D 155 -60.13 -94.37 75.91
CA THR D 155 -60.11 -95.81 76.16
C THR D 155 -60.09 -96.58 74.84
N SER D 156 -59.32 -97.68 74.82
CA SER D 156 -59.26 -98.57 73.66
C SER D 156 -58.92 -99.98 74.16
N GLY D 157 -59.95 -100.83 74.23
CA GLY D 157 -59.71 -102.22 74.57
C GLY D 157 -59.31 -102.38 76.03
N GLY D 158 -58.07 -102.81 76.24
CA GLY D 158 -57.62 -103.18 77.57
C GLY D 158 -57.13 -102.04 78.43
N THR D 159 -56.82 -100.89 77.83
CA THR D 159 -56.20 -99.79 78.56
C THR D 159 -56.93 -98.47 78.28
N ALA D 160 -56.74 -97.52 79.19
CA ALA D 160 -57.28 -96.17 79.06
C ALA D 160 -56.30 -95.21 79.74
N ALA D 161 -56.20 -94.00 79.19
CA ALA D 161 -55.19 -93.04 79.60
C ALA D 161 -55.83 -91.88 80.38
N LEU D 162 -55.11 -91.41 81.40
CA LEU D 162 -55.50 -90.25 82.20
C LEU D 162 -54.26 -89.46 82.56
N GLY D 163 -54.44 -88.18 82.87
CA GLY D 163 -53.27 -87.37 83.14
C GLY D 163 -53.58 -86.08 83.85
N CYS D 164 -52.57 -85.21 83.90
CA CYS D 164 -52.66 -83.92 84.58
C CYS D 164 -52.02 -82.85 83.71
N LEU D 165 -52.73 -81.74 83.55
CA LEU D 165 -52.29 -80.61 82.76
C LEU D 165 -51.85 -79.51 83.71
N VAL D 166 -50.57 -79.16 83.67
CA VAL D 166 -49.99 -78.14 84.53
C VAL D 166 -49.50 -77.03 83.62
N LYS D 167 -50.11 -75.86 83.71
CA LYS D 167 -49.90 -74.81 82.72
C LYS D 167 -49.58 -73.48 83.37
N ASP D 168 -49.21 -72.51 82.51
CA ASP D 168 -48.97 -71.12 82.88
C ASP D 168 -48.02 -70.95 84.06
N TYR D 169 -46.76 -71.28 83.87
CA TYR D 169 -45.73 -70.98 84.85
C TYR D 169 -44.47 -70.50 84.14
N PHE D 170 -43.78 -69.52 84.72
CA PHE D 170 -42.49 -69.11 84.16
C PHE D 170 -41.32 -69.96 84.62
N PRO D 171 -41.15 -70.25 85.92
CA PRO D 171 -39.88 -70.80 86.39
C PRO D 171 -39.67 -72.24 85.94
N GLU D 172 -39.04 -72.39 84.77
CA GLU D 172 -38.93 -73.58 83.92
C GLU D 172 -38.90 -74.91 84.67
N PRO D 173 -38.02 -75.11 85.66
CA PRO D 173 -38.00 -76.44 86.29
C PRO D 173 -39.24 -76.69 87.15
N VAL D 174 -40.09 -77.59 86.68
CA VAL D 174 -41.32 -77.99 87.38
C VAL D 174 -41.44 -79.49 87.24
N THR D 175 -42.04 -80.15 88.23
CA THR D 175 -42.14 -81.60 88.13
C THR D 175 -43.53 -82.04 88.53
N VAL D 176 -44.00 -83.10 87.86
CA VAL D 176 -45.25 -83.76 88.19
C VAL D 176 -44.97 -85.25 88.27
N SER D 177 -45.28 -85.84 89.42
CA SER D 177 -45.14 -87.27 89.62
C SER D 177 -46.52 -87.89 89.71
N TRP D 178 -46.57 -89.22 89.62
CA TRP D 178 -47.81 -89.95 89.75
C TRP D 178 -47.79 -90.79 91.02
N ASN D 179 -48.71 -90.48 91.93
CA ASN D 179 -48.87 -91.22 93.17
C ASN D 179 -47.57 -91.23 93.97
N SER D 180 -47.04 -90.03 94.21
CA SER D 180 -45.84 -89.83 95.03
C SER D 180 -44.64 -90.61 94.49
N GLY D 181 -44.64 -90.87 93.18
CA GLY D 181 -43.57 -91.63 92.56
C GLY D 181 -43.83 -93.11 92.43
N ALA D 182 -45.06 -93.57 92.63
CA ALA D 182 -45.35 -95.00 92.58
C ALA D 182 -45.40 -95.56 91.17
N LEU D 183 -46.23 -94.99 90.29
CA LEU D 183 -46.44 -95.55 88.95
C LEU D 183 -45.31 -95.09 88.04
N THR D 184 -44.61 -96.05 87.44
CA THR D 184 -43.56 -95.76 86.48
C THR D 184 -43.93 -96.36 85.13
N SER D 185 -45.02 -97.10 85.07
CA SER D 185 -45.51 -97.70 83.84
C SER D 185 -46.49 -96.76 83.14
N GLY D 186 -46.17 -96.42 81.90
CA GLY D 186 -47.03 -95.55 81.11
C GLY D 186 -46.94 -94.08 81.44
N VAL D 187 -46.33 -93.72 82.57
CA VAL D 187 -46.18 -92.33 82.96
C VAL D 187 -45.20 -91.66 82.00
N HIS D 188 -45.69 -90.67 81.26
CA HIS D 188 -44.86 -89.92 80.32
C HIS D 188 -45.17 -88.42 80.36
N THR D 189 -44.21 -87.63 80.83
CA THR D 189 -44.37 -86.19 80.91
C THR D 189 -43.83 -85.59 79.62
N PHE D 190 -44.64 -84.80 78.97
CA PHE D 190 -44.24 -84.27 77.68
C PHE D 190 -43.48 -82.96 77.84
N PRO D 191 -42.61 -82.63 76.91
CA PRO D 191 -41.84 -81.39 77.03
C PRO D 191 -42.75 -80.19 77.19
N ALA D 192 -42.37 -79.29 78.10
CA ALA D 192 -43.15 -78.10 78.31
C ALA D 192 -43.16 -77.25 77.05
N VAL D 193 -44.24 -76.53 76.86
CA VAL D 193 -44.39 -75.67 75.71
C VAL D 193 -44.41 -74.22 76.17
N LEU D 194 -43.77 -73.37 75.38
CA LEU D 194 -43.67 -71.95 75.69
C LEU D 194 -44.67 -71.19 74.83
N GLN D 195 -45.66 -70.59 75.48
CA GLN D 195 -46.74 -69.90 74.79
C GLN D 195 -46.30 -68.51 74.36
N SER D 196 -47.20 -67.84 73.62
CA SER D 196 -46.95 -66.44 73.28
C SER D 196 -47.04 -65.55 74.50
N SER D 197 -47.84 -65.94 75.49
CA SER D 197 -47.94 -65.18 76.73
C SER D 197 -46.60 -65.11 77.46
N GLY D 198 -45.65 -65.97 77.11
CA GLY D 198 -44.37 -66.01 77.79
C GLY D 198 -44.27 -67.04 78.88
N LEU D 199 -45.34 -67.76 79.18
CA LEU D 199 -45.35 -68.74 80.25
C LEU D 199 -45.35 -70.15 79.68
N TYR D 200 -44.79 -71.08 80.44
CA TYR D 200 -44.70 -72.45 80.00
C TYR D 200 -45.98 -73.21 80.33
N SER D 201 -46.09 -74.40 79.74
CA SER D 201 -47.21 -75.29 80.00
C SER D 201 -46.82 -76.69 79.56
N LEU D 202 -47.36 -77.69 80.27
CA LEU D 202 -47.10 -79.07 79.90
C LEU D 202 -48.24 -79.93 80.42
N SER D 203 -48.22 -81.20 80.01
CA SER D 203 -49.22 -82.19 80.41
C SER D 203 -48.55 -83.57 80.48
N SER D 204 -48.77 -84.28 81.60
CA SER D 204 -48.19 -85.59 81.79
C SER D 204 -49.31 -86.61 81.85
N VAL D 205 -49.18 -87.69 81.07
CA VAL D 205 -50.25 -88.66 80.92
C VAL D 205 -49.71 -90.06 81.18
N VAL D 206 -50.58 -90.93 81.68
CA VAL D 206 -50.25 -92.32 81.96
C VAL D 206 -51.45 -93.18 81.60
N THR D 207 -51.16 -94.33 80.99
CA THR D 207 -52.19 -95.30 80.66
C THR D 207 -52.27 -96.37 81.75
N VAL D 208 -53.45 -96.92 81.94
CA VAL D 208 -53.74 -97.85 83.03
C VAL D 208 -54.90 -98.72 82.56
N PRO D 209 -54.93 -100.02 82.90
CA PRO D 209 -55.98 -100.90 82.37
C PRO D 209 -57.38 -100.32 82.52
N SER D 210 -58.18 -100.49 81.46
CA SER D 210 -59.51 -99.88 81.44
C SER D 210 -60.42 -100.51 82.48
N SER D 211 -60.08 -101.70 82.97
CA SER D 211 -60.82 -102.26 84.11
C SER D 211 -60.55 -101.45 85.38
N SER D 212 -59.49 -100.64 85.38
CA SER D 212 -59.06 -99.88 86.53
C SER D 212 -59.24 -98.37 86.37
N LEU D 213 -60.37 -97.94 85.81
CA LEU D 213 -60.58 -96.50 85.60
C LEU D 213 -60.51 -95.72 86.90
N GLY D 214 -61.43 -95.98 87.83
CA GLY D 214 -61.41 -95.27 89.09
C GLY D 214 -60.89 -96.11 90.24
N THR D 215 -60.62 -97.39 89.99
CA THR D 215 -60.42 -98.36 91.05
C THR D 215 -59.30 -97.97 92.02
N GLN D 216 -58.11 -97.70 91.51
CA GLN D 216 -56.97 -97.45 92.38
C GLN D 216 -56.69 -95.94 92.45
N THR D 217 -55.60 -95.58 93.12
CA THR D 217 -55.24 -94.18 93.32
C THR D 217 -54.39 -93.69 92.15
N TYR D 218 -54.77 -92.57 91.58
CA TYR D 218 -53.99 -91.90 90.55
C TYR D 218 -53.98 -90.41 90.87
N ILE D 219 -53.03 -89.98 91.71
CA ILE D 219 -52.95 -88.59 92.13
C ILE D 219 -51.62 -88.04 91.64
N CYS D 220 -51.70 -86.99 90.83
CA CYS D 220 -50.51 -86.31 90.34
C CYS D 220 -50.03 -85.30 91.38
N ASN D 221 -48.75 -85.41 91.70
CA ASN D 221 -48.08 -84.58 92.70
C ASN D 221 -47.30 -83.53 91.92
N VAL D 222 -47.76 -82.28 92.00
CA VAL D 222 -47.16 -81.17 91.29
C VAL D 222 -46.28 -80.41 92.26
N ASN D 223 -45.00 -80.29 91.93
CA ASN D 223 -44.05 -79.52 92.73
C ASN D 223 -43.31 -78.52 91.84
N HIS D 224 -43.29 -77.28 92.31
CA HIS D 224 -42.65 -76.15 91.63
C HIS D 224 -41.52 -75.67 92.55
N LYS D 225 -40.28 -75.96 92.17
CA LYS D 225 -39.12 -75.77 93.03
C LYS D 225 -38.64 -74.32 93.14
N PRO D 226 -38.64 -73.51 92.07
CA PRO D 226 -38.31 -72.10 92.28
C PRO D 226 -39.29 -71.40 93.20
N SER D 227 -40.59 -71.64 93.02
CA SER D 227 -41.57 -71.30 94.04
C SER D 227 -41.61 -72.44 95.05
N ASN D 228 -42.64 -72.48 95.88
CA ASN D 228 -42.83 -73.57 96.82
C ASN D 228 -44.22 -74.18 96.71
N THR D 229 -44.64 -74.46 95.48
CA THR D 229 -45.95 -75.02 95.22
C THR D 229 -45.92 -76.54 95.24
N LYS D 230 -46.85 -77.13 95.98
CA LYS D 230 -46.99 -78.58 96.10
C LYS D 230 -48.48 -78.89 96.20
N VAL D 231 -49.03 -79.51 95.18
CA VAL D 231 -50.46 -79.82 95.13
C VAL D 231 -50.66 -81.21 94.54
N ASP D 232 -51.56 -81.99 95.16
CA ASP D 232 -51.91 -83.32 94.68
C ASP D 232 -53.32 -83.27 94.09
N LYS D 233 -53.45 -83.71 92.84
CA LYS D 233 -54.73 -83.69 92.12
C LYS D 233 -55.11 -85.10 91.69
N LYS D 234 -56.31 -85.53 92.03
CA LYS D 234 -56.82 -86.85 91.66
C LYS D 234 -57.52 -86.77 90.30
N VAL D 235 -57.29 -87.78 89.47
CA VAL D 235 -57.91 -87.88 88.15
C VAL D 235 -58.89 -89.04 88.17
N GLU D 236 -60.14 -88.77 87.84
CA GLU D 236 -61.21 -89.75 87.85
C GLU D 236 -61.95 -89.69 86.53
N PRO D 237 -62.60 -90.78 86.12
CA PRO D 237 -63.37 -90.76 84.87
C PRO D 237 -64.40 -89.64 84.85
N LYS D 238 -64.78 -89.24 83.64
CA LYS D 238 -65.71 -88.13 83.48
C LYS D 238 -67.07 -88.48 84.06
N SER D 239 -67.71 -87.46 84.62
CA SER D 239 -69.00 -87.61 85.30
C SER D 239 -70.07 -88.24 84.41
N LEU E 17 -43.28 -61.71 46.47
CA LEU E 17 -42.38 -62.75 46.94
C LEU E 17 -42.56 -64.08 46.20
N PRO E 18 -41.45 -64.61 45.67
CA PRO E 18 -41.50 -65.85 44.89
C PRO E 18 -41.47 -67.13 45.72
N VAL E 19 -41.88 -67.05 46.99
CA VAL E 19 -41.47 -67.89 48.14
C VAL E 19 -41.32 -69.37 47.84
N LEU E 20 -40.18 -69.92 48.23
CA LEU E 20 -39.78 -71.25 47.81
C LEU E 20 -40.40 -72.30 48.72
N THR E 21 -41.06 -73.28 48.13
CA THR E 21 -41.70 -74.35 48.88
C THR E 21 -40.79 -75.57 48.89
N GLN E 22 -40.55 -76.12 50.07
CA GLN E 22 -39.58 -77.15 50.24
C GLN E 22 -40.08 -78.16 51.27
N PRO E 23 -39.94 -79.46 51.02
CA PRO E 23 -40.58 -80.47 51.89
C PRO E 23 -39.91 -80.56 53.24
N PRO E 24 -40.69 -80.84 54.30
CA PRO E 24 -40.13 -80.74 55.65
C PRO E 24 -39.23 -81.90 56.06
N SER E 25 -39.35 -83.08 55.46
CA SER E 25 -38.53 -84.20 55.89
C SER E 25 -38.30 -85.16 54.73
N VAL E 26 -37.08 -85.67 54.64
CA VAL E 26 -36.68 -86.66 53.65
C VAL E 26 -35.93 -87.78 54.38
N SER E 27 -36.42 -89.00 54.27
CA SER E 27 -35.87 -90.15 54.98
C SER E 27 -35.13 -91.05 54.01
N VAL E 28 -33.87 -91.38 54.34
CA VAL E 28 -32.98 -92.14 53.47
C VAL E 28 -32.17 -93.11 54.33
N SER E 29 -32.20 -94.42 53.93
CA SER E 29 -31.44 -95.51 54.53
C SER E 29 -29.95 -95.35 54.21
N PRO E 30 -29.04 -95.80 55.10
CA PRO E 30 -27.61 -95.55 54.89
C PRO E 30 -27.01 -96.29 53.70
N GLY E 31 -26.60 -95.53 52.70
CA GLY E 31 -26.04 -96.08 51.49
C GLY E 31 -26.83 -95.78 50.22
N GLN E 32 -27.80 -94.89 50.27
CA GLN E 32 -28.62 -94.55 49.11
C GLN E 32 -28.39 -93.10 48.75
N THR E 33 -29.14 -92.62 47.76
CA THR E 33 -29.05 -91.24 47.30
C THR E 33 -30.26 -90.46 47.78
N ALA E 34 -30.01 -89.29 48.35
CA ALA E 34 -31.04 -88.38 48.80
C ALA E 34 -31.22 -87.25 47.79
N SER E 35 -32.47 -86.82 47.63
CA SER E 35 -32.82 -85.81 46.65
C SER E 35 -33.76 -84.81 47.29
N ILE E 36 -33.31 -83.57 47.43
CA ILE E 36 -34.07 -82.50 48.07
C ILE E 36 -34.46 -81.49 47.01
N THR E 37 -35.75 -81.16 46.94
CA THR E 37 -36.30 -80.37 45.87
C THR E 37 -36.84 -79.05 46.41
N CYS E 38 -36.24 -77.95 45.98
CA CYS E 38 -36.67 -76.60 46.35
C CYS E 38 -37.44 -76.06 45.15
N SER E 39 -38.75 -76.07 45.23
CA SER E 39 -39.60 -75.65 44.12
C SER E 39 -40.29 -74.34 44.47
N GLY E 40 -40.00 -73.31 43.70
CA GLY E 40 -40.68 -72.04 43.84
C GLY E 40 -40.97 -71.51 42.46
N ASP E 41 -41.71 -70.40 42.41
CA ASP E 41 -42.16 -69.90 41.13
C ASP E 41 -41.03 -69.14 40.44
N LYS E 42 -41.00 -69.25 39.11
CA LYS E 42 -39.96 -68.62 38.31
C LYS E 42 -38.70 -69.47 38.44
N LEU E 43 -37.88 -69.11 39.41
CA LEU E 43 -36.63 -69.83 39.72
C LEU E 43 -35.73 -70.26 38.55
N GLY E 44 -35.85 -69.63 37.39
CA GLY E 44 -34.98 -69.99 36.29
C GLY E 44 -34.09 -68.82 35.95
N ASP E 45 -34.54 -67.64 36.36
CA ASP E 45 -33.79 -66.41 36.19
C ASP E 45 -33.04 -66.04 37.47
N LYS E 46 -33.04 -66.92 38.46
CA LYS E 46 -32.37 -66.70 39.72
C LYS E 46 -31.33 -67.79 39.94
N PHE E 47 -30.20 -67.39 40.50
CA PHE E 47 -29.22 -68.37 40.99
C PHE E 47 -29.70 -68.92 42.31
N THR E 48 -29.34 -70.18 42.58
CA THR E 48 -29.73 -70.84 43.82
C THR E 48 -28.51 -71.40 44.54
N CYS E 49 -28.40 -71.11 45.83
CA CYS E 49 -27.39 -71.67 46.71
C CYS E 49 -28.04 -72.68 47.64
N TRP E 50 -27.22 -73.58 48.17
CA TRP E 50 -27.64 -74.60 49.11
C TRP E 50 -26.73 -74.57 50.32
N TYR E 51 -27.34 -74.53 51.51
CA TYR E 51 -26.64 -74.40 52.78
C TYR E 51 -27.00 -75.57 53.68
N GLN E 52 -26.05 -75.98 54.51
CA GLN E 52 -26.21 -77.11 55.41
C GLN E 52 -25.97 -76.67 56.84
N GLN E 53 -26.92 -76.95 57.73
CA GLN E 53 -26.82 -76.57 59.13
C GLN E 53 -27.06 -77.78 60.02
N LYS E 54 -26.02 -78.23 60.68
CA LYS E 54 -26.12 -79.29 61.67
C LYS E 54 -26.75 -78.73 62.95
N PRO E 55 -27.40 -79.57 63.77
CA PRO E 55 -28.09 -79.06 64.96
C PRO E 55 -27.13 -78.51 66.00
N GLY E 56 -27.30 -77.24 66.34
CA GLY E 56 -26.48 -76.59 67.33
C GLY E 56 -25.28 -75.84 66.77
N GLN E 57 -25.22 -75.62 65.46
CA GLN E 57 -24.09 -74.96 64.83
C GLN E 57 -24.59 -73.91 63.85
N SER E 58 -23.67 -73.20 63.26
CA SER E 58 -23.89 -72.21 62.21
C SER E 58 -23.90 -72.89 60.85
N PRO E 59 -24.63 -72.37 59.87
CA PRO E 59 -24.74 -73.05 58.58
C PRO E 59 -23.45 -73.02 57.77
N VAL E 60 -23.37 -73.95 56.84
CA VAL E 60 -22.19 -74.16 55.99
C VAL E 60 -22.67 -74.22 54.55
N GLN E 61 -22.10 -73.39 53.69
CA GLN E 61 -22.49 -73.37 52.29
C GLN E 61 -21.94 -74.57 51.55
N VAL E 62 -22.82 -75.31 50.86
CA VAL E 62 -22.39 -76.50 50.14
C VAL E 62 -22.53 -76.39 48.63
N ILE E 63 -23.40 -75.53 48.11
CA ILE E 63 -23.50 -75.31 46.66
C ILE E 63 -23.70 -73.82 46.44
N TYR E 64 -22.84 -73.16 45.65
CA TYR E 64 -23.14 -71.75 45.49
C TYR E 64 -23.92 -71.39 44.24
N GLN E 65 -23.39 -71.53 43.04
CA GLN E 65 -24.12 -70.97 41.90
C GLN E 65 -24.45 -72.09 40.93
N ASP E 66 -25.56 -72.80 41.21
CA ASP E 66 -26.22 -73.67 40.24
C ASP E 66 -25.32 -74.76 39.68
N THR E 67 -25.05 -75.80 40.49
CA THR E 67 -24.16 -76.98 40.33
C THR E 67 -22.71 -76.69 40.70
N HIS E 68 -22.38 -75.56 41.30
CA HIS E 68 -21.00 -75.27 41.65
C HIS E 68 -20.77 -75.56 43.13
N ARG E 69 -19.69 -76.27 43.44
CA ARG E 69 -19.44 -76.73 44.79
C ARG E 69 -18.07 -76.27 45.25
N PRO E 70 -17.95 -75.71 46.46
CA PRO E 70 -16.66 -75.21 46.93
C PRO E 70 -15.74 -76.34 47.35
N SER E 71 -14.49 -75.97 47.62
CA SER E 71 -13.51 -76.93 48.06
C SER E 71 -13.70 -77.24 49.54
N GLY E 72 -13.50 -78.50 49.90
CA GLY E 72 -13.75 -78.98 51.24
C GLY E 72 -15.05 -79.74 51.38
N ILE E 73 -16.01 -79.50 50.49
CA ILE E 73 -17.26 -80.25 50.45
C ILE E 73 -17.00 -81.50 49.64
N PRO E 74 -17.30 -82.70 50.15
CA PRO E 74 -16.89 -83.92 49.46
C PRO E 74 -17.68 -84.18 48.19
N GLU E 75 -17.12 -85.06 47.36
CA GLU E 75 -17.65 -85.32 46.01
C GLU E 75 -18.86 -86.26 46.07
N ARG E 76 -19.90 -85.82 46.76
CA ARG E 76 -21.20 -86.45 46.64
C ARG E 76 -22.34 -85.46 46.59
N PHE E 77 -22.11 -84.20 46.93
CA PHE E 77 -23.13 -83.17 46.83
C PHE E 77 -23.12 -82.62 45.41
N SER E 78 -24.27 -82.65 44.75
CA SER E 78 -24.38 -82.10 43.41
C SER E 78 -25.69 -81.34 43.29
N GLY E 79 -25.59 -80.12 42.79
CA GLY E 79 -26.77 -79.32 42.59
C GLY E 79 -27.34 -79.47 41.21
N SER E 80 -28.50 -78.85 41.00
CA SER E 80 -29.13 -78.76 39.69
C SER E 80 -30.21 -77.69 39.76
N ASN E 81 -30.44 -77.03 38.63
CA ASN E 81 -31.46 -76.00 38.55
C ASN E 81 -31.92 -75.90 37.10
N SER E 82 -33.19 -76.24 36.86
CA SER E 82 -33.76 -76.20 35.52
C SER E 82 -35.27 -76.14 35.65
N GLY E 83 -35.87 -75.10 35.08
CA GLY E 83 -37.32 -74.98 35.08
C GLY E 83 -37.86 -74.20 36.26
N ASN E 84 -38.61 -74.88 37.13
CA ASN E 84 -39.16 -74.25 38.33
C ASN E 84 -38.73 -74.96 39.60
N THR E 85 -37.81 -75.92 39.52
CA THR E 85 -37.31 -76.62 40.70
C THR E 85 -35.79 -76.58 40.70
N ALA E 86 -35.21 -76.48 41.89
CA ALA E 86 -33.81 -76.74 42.12
C ALA E 86 -33.68 -78.03 42.92
N THR E 87 -32.55 -78.71 42.76
CA THR E 87 -32.40 -80.03 43.34
C THR E 87 -31.00 -80.21 43.92
N LEU E 88 -30.93 -80.63 45.16
CA LEU E 88 -29.68 -81.09 45.77
C LEU E 88 -29.70 -82.61 45.82
N THR E 89 -28.58 -83.22 45.44
CA THR E 89 -28.48 -84.68 45.38
C THR E 89 -27.24 -85.11 46.13
N ILE E 90 -27.43 -86.00 47.10
CA ILE E 90 -26.34 -86.62 47.85
C ILE E 90 -26.30 -88.09 47.44
N SER E 91 -25.12 -88.56 47.06
CA SER E 91 -24.95 -89.93 46.59
C SER E 91 -24.14 -90.72 47.60
N GLY E 92 -24.70 -91.84 48.07
CA GLY E 92 -24.03 -92.63 49.10
C GLY E 92 -24.11 -91.94 50.44
N THR E 93 -25.32 -91.81 50.97
CA THR E 93 -25.56 -91.01 52.17
C THR E 93 -24.99 -91.69 53.39
N GLN E 94 -24.01 -91.06 54.03
CA GLN E 94 -23.45 -91.56 55.26
C GLN E 94 -24.26 -91.05 56.45
N ALA E 95 -23.80 -91.37 57.65
CA ALA E 95 -24.48 -90.89 58.84
C ALA E 95 -24.04 -89.47 59.22
N VAL E 96 -22.95 -88.98 58.64
CA VAL E 96 -22.51 -87.63 58.93
C VAL E 96 -23.28 -86.61 58.09
N ASP E 97 -23.94 -87.04 57.03
CA ASP E 97 -24.76 -86.14 56.22
C ASP E 97 -26.20 -86.14 56.74
N GLU E 98 -26.36 -85.69 57.98
CA GLU E 98 -27.66 -85.62 58.61
C GLU E 98 -27.77 -84.25 59.27
N ALA E 99 -28.52 -83.36 58.64
CA ALA E 99 -28.60 -81.96 59.06
C ALA E 99 -29.85 -81.35 58.45
N ASP E 100 -29.95 -80.03 58.52
CA ASP E 100 -30.97 -79.28 57.82
C ASP E 100 -30.36 -78.67 56.56
N TYR E 101 -31.14 -78.63 55.49
CA TYR E 101 -30.64 -78.14 54.21
C TYR E 101 -31.56 -77.04 53.73
N TYR E 102 -31.00 -75.86 53.48
CA TYR E 102 -31.76 -74.69 53.08
C TYR E 102 -31.42 -74.31 51.65
N CYS E 103 -32.45 -73.91 50.92
CA CYS E 103 -32.35 -73.42 49.56
C CYS E 103 -32.50 -71.91 49.56
N GLN E 104 -31.68 -71.23 48.76
CA GLN E 104 -31.67 -69.78 48.76
C GLN E 104 -31.58 -69.26 47.34
N ALA E 105 -32.40 -68.27 47.02
CA ALA E 105 -32.44 -67.68 45.68
C ALA E 105 -32.21 -66.19 45.76
N TRP E 106 -31.29 -65.68 44.95
CA TRP E 106 -30.99 -64.26 44.94
C TRP E 106 -31.11 -63.68 43.54
N ASP E 107 -31.40 -62.40 43.48
CA ASP E 107 -31.42 -61.65 42.23
C ASP E 107 -30.82 -60.28 42.54
N SER E 108 -31.06 -59.31 41.66
CA SER E 108 -30.46 -57.99 41.81
C SER E 108 -30.98 -57.22 43.02
N SER E 109 -32.15 -57.56 43.54
CA SER E 109 -32.80 -56.78 44.56
C SER E 109 -32.83 -57.44 45.93
N THR E 110 -33.32 -58.68 46.03
CA THR E 110 -33.54 -59.30 47.33
C THR E 110 -32.94 -60.70 47.36
N VAL E 111 -33.12 -61.37 48.51
CA VAL E 111 -32.65 -62.73 48.76
C VAL E 111 -33.77 -63.46 49.50
N ILE E 112 -34.16 -64.63 48.99
CA ILE E 112 -35.20 -65.45 49.63
C ILE E 112 -34.54 -66.73 50.14
N PHE E 113 -34.86 -67.10 51.37
CA PHE E 113 -34.51 -68.40 51.93
C PHE E 113 -35.74 -69.28 51.96
N GLY E 114 -35.55 -70.57 51.70
CA GLY E 114 -36.64 -71.53 51.76
C GLY E 114 -36.85 -72.04 53.17
N GLY E 115 -37.76 -73.01 53.28
CA GLY E 115 -37.95 -73.71 54.53
C GLY E 115 -36.88 -74.76 54.76
N GLY E 116 -36.98 -75.43 55.87
CA GLY E 116 -36.01 -76.46 56.19
C GLY E 116 -36.29 -77.78 55.51
N THR E 117 -35.34 -78.70 55.63
CA THR E 117 -35.54 -80.10 55.24
C THR E 117 -34.63 -80.93 56.12
N LYS E 118 -35.21 -81.60 57.10
CA LYS E 118 -34.42 -82.44 57.99
C LYS E 118 -34.20 -83.80 57.34
N LEU E 119 -32.95 -84.09 56.98
CA LEU E 119 -32.59 -85.36 56.37
C LEU E 119 -32.26 -86.37 57.46
N THR E 120 -32.68 -87.61 57.29
CA THR E 120 -32.44 -88.61 58.31
C THR E 120 -31.95 -89.95 57.77
N VAL E 121 -30.81 -90.38 58.28
CA VAL E 121 -30.24 -91.65 57.86
C VAL E 121 -30.90 -92.74 58.69
N LEU E 122 -32.05 -93.20 58.23
CA LEU E 122 -32.83 -94.24 58.90
C LEU E 122 -31.99 -95.29 59.61
N GLY E 123 -31.85 -95.14 60.92
CA GLY E 123 -31.09 -96.08 61.72
C GLY E 123 -32.01 -97.07 62.41
N GLN E 124 -33.26 -97.12 61.95
CA GLN E 124 -34.24 -98.02 62.52
C GLN E 124 -35.43 -98.23 61.58
N PRO E 125 -36.46 -98.90 62.09
CA PRO E 125 -37.67 -99.19 61.32
C PRO E 125 -38.76 -98.12 61.51
N LYS E 126 -39.28 -97.58 60.42
CA LYS E 126 -40.32 -96.56 60.50
C LYS E 126 -41.38 -96.94 61.53
N ALA E 127 -41.44 -96.18 62.62
CA ALA E 127 -42.40 -96.45 63.68
C ALA E 127 -43.68 -95.70 63.37
N ALA E 128 -44.70 -95.99 64.17
CA ALA E 128 -46.02 -95.42 63.97
C ALA E 128 -46.27 -94.35 65.02
N PRO E 129 -46.60 -93.14 64.64
CA PRO E 129 -46.85 -92.12 65.66
C PRO E 129 -48.10 -92.41 66.46
N SER E 130 -47.92 -92.88 67.67
CA SER E 130 -49.06 -93.09 68.55
C SER E 130 -49.63 -91.74 68.98
N VAL E 131 -50.92 -91.55 68.72
CA VAL E 131 -51.60 -90.29 68.98
C VAL E 131 -52.58 -90.49 70.13
N THR E 132 -52.77 -89.45 70.93
CA THR E 132 -53.71 -89.50 72.05
C THR E 132 -54.28 -88.11 72.24
N LEU E 133 -55.60 -88.01 72.33
CA LEU E 133 -56.28 -86.71 72.36
C LEU E 133 -57.13 -86.63 73.62
N PHE E 134 -57.15 -85.46 74.23
CA PHE E 134 -57.89 -85.19 75.45
C PHE E 134 -58.70 -83.90 75.33
N PRO E 135 -59.95 -83.91 75.76
CA PRO E 135 -60.75 -82.69 75.75
C PRO E 135 -60.56 -81.91 77.04
N PRO E 136 -61.01 -80.65 77.08
CA PRO E 136 -60.85 -79.86 78.32
C PRO E 136 -61.57 -80.51 79.49
N SER E 137 -60.86 -80.63 80.61
CA SER E 137 -61.41 -81.23 81.81
C SER E 137 -62.62 -80.44 82.30
N SER E 138 -63.26 -80.95 83.34
CA SER E 138 -64.44 -80.28 83.90
C SER E 138 -64.07 -79.01 84.66
N GLU E 139 -63.05 -79.07 85.51
CA GLU E 139 -62.64 -77.89 86.26
C GLU E 139 -62.26 -76.76 85.32
N GLU E 140 -61.65 -77.09 84.18
CA GLU E 140 -61.32 -76.05 83.21
C GLU E 140 -62.58 -75.47 82.58
N LEU E 141 -63.60 -76.30 82.35
CA LEU E 141 -64.88 -75.79 81.90
C LEU E 141 -65.46 -74.81 82.90
N GLN E 142 -65.41 -75.15 84.19
CA GLN E 142 -65.84 -74.21 85.21
C GLN E 142 -64.92 -73.00 85.30
N ALA E 143 -63.69 -73.12 84.79
CA ALA E 143 -62.72 -72.03 84.82
C ALA E 143 -62.85 -71.08 83.65
N ASN E 144 -63.96 -71.17 82.91
CA ASN E 144 -64.27 -70.23 81.83
C ASN E 144 -63.26 -70.31 80.69
N LYS E 145 -62.65 -71.48 80.52
CA LYS E 145 -61.71 -71.69 79.43
C LYS E 145 -61.73 -73.16 79.03
N ALA E 146 -60.97 -73.47 77.98
CA ALA E 146 -60.99 -74.80 77.39
C ALA E 146 -59.71 -75.01 76.60
N THR E 147 -59.13 -76.20 76.69
CA THR E 147 -57.92 -76.53 75.96
C THR E 147 -57.97 -77.98 75.52
N LEU E 148 -57.79 -78.21 74.24
CA LEU E 148 -57.64 -79.54 73.68
C LEU E 148 -56.17 -79.92 73.70
N VAL E 149 -55.89 -81.20 73.98
CA VAL E 149 -54.54 -81.69 74.21
C VAL E 149 -54.26 -82.84 73.26
N CYS E 150 -53.33 -82.67 72.34
CA CYS E 150 -52.97 -83.70 71.37
C CYS E 150 -51.53 -84.10 71.61
N LEU E 151 -51.31 -85.35 72.00
CA LEU E 151 -49.99 -85.88 72.29
C LEU E 151 -49.59 -86.87 71.22
N ILE E 152 -48.35 -86.78 70.76
CA ILE E 152 -47.80 -87.69 69.76
C ILE E 152 -46.56 -88.32 70.36
N SER E 153 -46.37 -89.61 70.11
CA SER E 153 -45.22 -90.28 70.71
C SER E 153 -44.76 -91.44 69.84
N ASP E 154 -43.49 -91.80 70.00
CA ASP E 154 -42.90 -92.98 69.39
C ASP E 154 -43.03 -92.99 67.88
N PHE E 155 -42.39 -92.04 67.19
CA PHE E 155 -42.54 -91.94 65.74
C PHE E 155 -41.20 -91.74 65.06
N TYR E 156 -40.24 -92.63 65.33
CA TYR E 156 -38.81 -92.41 65.23
C TYR E 156 -38.35 -91.40 64.18
N PRO E 157 -38.75 -91.48 62.92
CA PRO E 157 -38.41 -90.38 62.00
C PRO E 157 -39.27 -89.16 62.31
N GLY E 158 -38.61 -88.05 62.63
CA GLY E 158 -39.28 -86.96 63.33
C GLY E 158 -40.03 -85.91 62.56
N ALA E 159 -40.34 -86.14 61.28
CA ALA E 159 -40.96 -85.09 60.47
C ALA E 159 -42.48 -85.05 60.61
N VAL E 160 -42.98 -84.98 61.84
CA VAL E 160 -44.42 -84.97 62.06
C VAL E 160 -44.96 -83.57 61.78
N THR E 161 -46.21 -83.49 61.33
CA THR E 161 -46.95 -82.24 61.36
C THR E 161 -48.40 -82.51 61.76
N VAL E 162 -49.10 -81.46 62.17
CA VAL E 162 -50.40 -81.58 62.82
C VAL E 162 -51.39 -80.62 62.17
N ALA E 163 -52.66 -81.02 62.12
CA ALA E 163 -53.75 -80.15 61.72
C ALA E 163 -54.96 -80.38 62.62
N TRP E 164 -55.67 -79.31 62.94
CA TRP E 164 -56.77 -79.34 63.88
C TRP E 164 -58.10 -79.11 63.17
N LYS E 165 -59.13 -79.81 63.65
CA LYS E 165 -60.42 -79.87 62.97
C LYS E 165 -61.55 -79.56 63.94
N ALA E 166 -62.37 -78.58 63.56
CA ALA E 166 -63.72 -78.42 64.09
C ALA E 166 -64.64 -79.25 63.21
N ASP E 167 -65.91 -79.38 63.61
CA ASP E 167 -66.78 -80.48 63.18
C ASP E 167 -66.51 -80.96 61.76
N SER E 168 -66.31 -80.04 60.82
CA SER E 168 -65.95 -80.39 59.46
C SER E 168 -64.82 -79.54 58.89
N SER E 169 -64.49 -78.44 59.52
CA SER E 169 -63.52 -77.57 58.87
C SER E 169 -62.17 -77.60 59.59
N PRO E 170 -61.10 -77.21 58.92
CA PRO E 170 -59.83 -77.03 59.62
C PRO E 170 -59.80 -75.69 60.34
N VAL E 171 -58.99 -75.64 61.40
CA VAL E 171 -58.82 -74.42 62.19
C VAL E 171 -57.34 -74.09 62.27
N LYS E 172 -57.01 -72.80 62.33
CA LYS E 172 -55.62 -72.36 62.40
C LYS E 172 -55.38 -71.28 63.45
N ALA E 173 -56.21 -71.18 64.47
CA ALA E 173 -56.06 -70.17 65.52
C ALA E 173 -56.19 -70.81 66.88
N GLY E 174 -55.29 -70.44 67.80
CA GLY E 174 -55.30 -70.97 69.15
C GLY E 174 -54.56 -72.26 69.35
N VAL E 175 -53.68 -72.64 68.43
CA VAL E 175 -52.97 -73.91 68.52
C VAL E 175 -51.49 -73.66 68.68
N GLU E 176 -50.86 -74.42 69.57
CA GLU E 176 -49.42 -74.36 69.81
C GLU E 176 -48.84 -75.76 69.64
N THR E 177 -47.68 -75.85 69.01
CA THR E 177 -47.10 -77.14 68.66
C THR E 177 -45.65 -77.21 69.10
N THR E 178 -45.35 -78.19 69.94
CA THR E 178 -43.97 -78.42 70.36
C THR E 178 -43.15 -78.95 69.20
N THR E 179 -41.88 -78.60 69.18
CA THR E 179 -40.96 -79.26 68.27
C THR E 179 -40.70 -80.67 68.79
N PRO E 180 -40.41 -81.62 67.92
CA PRO E 180 -40.18 -82.99 68.37
C PRO E 180 -38.98 -83.09 69.31
N SER E 181 -39.13 -83.90 70.34
CA SER E 181 -38.10 -84.09 71.34
C SER E 181 -37.76 -85.56 71.46
N LYS E 182 -36.46 -85.85 71.59
CA LYS E 182 -36.01 -87.23 71.65
C LYS E 182 -36.18 -87.81 73.05
N GLN E 183 -36.70 -89.03 73.10
CA GLN E 183 -36.90 -89.73 74.36
C GLN E 183 -35.68 -90.58 74.68
N SER E 184 -35.82 -91.47 75.66
CA SER E 184 -34.75 -92.40 75.99
C SER E 184 -34.55 -93.44 74.90
N ASN E 185 -35.63 -94.03 74.41
CA ASN E 185 -35.57 -95.02 73.34
C ASN E 185 -35.15 -94.42 72.01
N ASN E 186 -34.74 -93.15 72.01
CA ASN E 186 -34.17 -92.50 70.83
C ASN E 186 -35.20 -92.39 69.71
N LYS E 187 -36.48 -92.45 70.06
CA LYS E 187 -37.50 -91.92 69.17
C LYS E 187 -38.04 -90.61 69.74
N TYR E 188 -39.05 -90.06 69.09
CA TYR E 188 -39.46 -88.70 69.35
C TYR E 188 -40.84 -88.63 69.99
N ALA E 189 -41.19 -87.42 70.42
CA ALA E 189 -42.47 -87.13 71.05
C ALA E 189 -42.77 -85.65 70.81
N ALA E 190 -44.05 -85.33 70.79
CA ALA E 190 -44.47 -83.95 70.54
C ALA E 190 -45.84 -83.74 71.16
N SER E 191 -46.28 -82.49 71.18
CA SER E 191 -47.53 -82.13 71.80
C SER E 191 -48.06 -80.85 71.17
N SER E 192 -49.38 -80.71 71.17
CA SER E 192 -50.04 -79.53 70.66
C SER E 192 -51.27 -79.21 71.50
N TYR E 193 -51.55 -77.93 71.63
CA TYR E 193 -52.61 -77.42 72.49
C TYR E 193 -53.54 -76.56 71.66
N LEU E 194 -54.83 -76.64 71.95
CA LEU E 194 -55.84 -75.86 71.26
C LEU E 194 -56.59 -75.03 72.29
N SER E 195 -56.62 -73.72 72.09
CA SER E 195 -57.30 -72.80 72.99
C SER E 195 -58.73 -72.58 72.52
N LEU E 196 -59.69 -72.65 73.45
CA LEU E 196 -61.10 -72.54 73.13
C LEU E 196 -61.83 -71.92 74.30
N THR E 197 -62.79 -71.07 73.99
CA THR E 197 -63.76 -70.73 75.02
C THR E 197 -64.81 -71.82 75.13
N PRO E 198 -65.25 -72.15 76.35
CA PRO E 198 -66.18 -73.28 76.51
C PRO E 198 -67.44 -73.17 75.67
N GLU E 199 -67.89 -71.95 75.36
CA GLU E 199 -69.04 -71.80 74.49
C GLU E 199 -68.71 -72.25 73.07
N GLN E 200 -67.48 -72.03 72.62
CA GLN E 200 -67.05 -72.61 71.36
C GLN E 200 -66.82 -74.11 71.50
N TRP E 201 -66.44 -74.56 72.68
CA TRP E 201 -66.27 -75.99 72.92
C TRP E 201 -67.58 -76.74 72.72
N LYS E 202 -68.68 -76.20 73.24
CA LYS E 202 -69.98 -76.81 73.01
C LYS E 202 -70.64 -76.36 71.72
N SER E 203 -70.12 -75.30 71.10
CA SER E 203 -70.64 -74.85 69.80
C SER E 203 -70.52 -75.95 68.76
N HIS E 204 -69.30 -76.40 68.49
CA HIS E 204 -69.10 -77.46 67.52
C HIS E 204 -69.25 -78.83 68.18
N ARG E 205 -69.87 -79.76 67.44
CA ARG E 205 -70.24 -81.03 68.03
C ARG E 205 -69.04 -81.93 68.29
N SER E 206 -67.93 -81.72 67.58
CA SER E 206 -66.76 -82.53 67.85
C SER E 206 -65.55 -81.90 67.18
N TYR E 207 -64.38 -82.13 67.77
CA TYR E 207 -63.11 -81.70 67.21
C TYR E 207 -62.21 -82.91 67.02
N SER E 208 -61.10 -82.68 66.31
CA SER E 208 -60.14 -83.75 66.11
C SER E 208 -58.76 -83.19 65.87
N CYS E 209 -57.76 -84.02 66.18
CA CYS E 209 -56.36 -83.73 65.90
C CYS E 209 -55.87 -84.80 64.92
N GLN E 210 -55.34 -84.35 63.78
CA GLN E 210 -54.76 -85.26 62.81
C GLN E 210 -53.26 -84.98 62.73
N VAL E 211 -52.48 -86.03 62.49
CA VAL E 211 -51.03 -85.91 62.37
C VAL E 211 -50.64 -86.62 61.07
N THR E 212 -49.77 -85.98 60.30
CA THR E 212 -49.24 -86.56 59.09
C THR E 212 -47.74 -86.79 59.25
N HIS E 213 -47.28 -87.89 58.69
CA HIS E 213 -45.95 -88.42 58.97
C HIS E 213 -45.58 -89.34 57.81
N GLU E 214 -44.61 -88.93 57.00
CA GLU E 214 -44.17 -89.69 55.83
C GLU E 214 -45.32 -90.02 54.89
N GLY E 215 -46.15 -89.04 54.56
CA GLY E 215 -47.30 -89.29 53.72
C GLY E 215 -48.45 -89.88 54.49
N SER E 216 -48.17 -90.88 55.31
CA SER E 216 -49.19 -91.50 56.15
C SER E 216 -49.82 -90.48 57.06
N THR E 217 -51.01 -90.79 57.55
CA THR E 217 -51.77 -89.92 58.43
C THR E 217 -52.55 -90.75 59.41
N VAL E 218 -52.60 -90.31 60.67
CA VAL E 218 -53.52 -90.87 61.65
C VAL E 218 -54.17 -89.72 62.37
N GLU E 219 -55.46 -89.86 62.64
CA GLU E 219 -56.24 -88.80 63.28
C GLU E 219 -57.03 -89.41 64.44
N LYS E 220 -57.20 -88.63 65.50
CA LYS E 220 -58.13 -88.98 66.57
C LYS E 220 -59.13 -87.86 66.74
N THR E 221 -60.27 -88.18 67.35
CA THR E 221 -61.41 -87.28 67.41
C THR E 221 -62.10 -87.41 68.75
N VAL E 222 -62.60 -86.29 69.28
CA VAL E 222 -63.39 -86.29 70.51
C VAL E 222 -64.56 -85.33 70.32
N ALA E 223 -65.71 -85.73 70.89
CA ALA E 223 -66.91 -84.92 70.87
C ALA E 223 -67.23 -84.49 72.29
N PRO E 224 -67.69 -83.25 72.47
CA PRO E 224 -68.12 -82.82 73.80
C PRO E 224 -69.22 -83.72 74.35
N THR E 225 -68.88 -84.45 75.41
CA THR E 225 -69.79 -85.36 76.12
C THR E 225 -70.63 -86.22 75.18
N GLN F 18 65.13 55.21 28.95
CA GLN F 18 63.71 55.52 29.10
C GLN F 18 63.04 54.55 30.07
N VAL F 19 63.38 53.26 29.96
CA VAL F 19 62.87 52.29 30.91
C VAL F 19 63.53 52.50 32.26
N GLN F 20 62.86 52.03 33.32
CA GLN F 20 63.22 52.45 34.66
C GLN F 20 62.76 51.39 35.64
N LEU F 21 63.67 50.99 36.53
CA LEU F 21 63.36 50.09 37.65
C LEU F 21 63.84 50.77 38.92
N GLN F 22 62.90 51.17 39.78
CA GLN F 22 63.23 51.84 41.03
C GLN F 22 63.04 50.86 42.17
N GLN F 23 64.08 50.64 42.95
CA GLN F 23 63.99 49.76 44.09
C GLN F 23 63.63 50.57 45.33
N SER F 24 63.72 49.96 46.51
CA SER F 24 63.18 50.60 47.70
C SER F 24 63.90 50.10 48.94
N GLY F 25 64.49 51.01 49.69
CA GLY F 25 64.86 50.74 51.07
C GLY F 25 66.33 50.45 51.25
N ALA F 26 66.76 50.55 52.49
CA ALA F 26 68.10 50.16 52.94
C ALA F 26 67.97 49.40 54.25
N GLU F 27 67.11 48.38 54.26
CA GLU F 27 66.59 47.75 55.47
C GLU F 27 67.69 47.14 56.34
N VAL F 28 67.47 47.20 57.65
CA VAL F 28 68.35 46.59 58.65
C VAL F 28 67.50 45.65 59.49
N LYS F 29 67.85 44.37 59.48
CA LYS F 29 67.08 43.35 60.19
C LYS F 29 67.96 42.62 61.19
N LYS F 30 67.33 41.82 62.03
CA LYS F 30 67.96 40.97 63.02
C LYS F 30 68.00 39.53 62.51
N PRO F 31 68.92 38.70 63.02
CA PRO F 31 68.97 37.30 62.57
C PRO F 31 67.72 36.54 62.98
N GLY F 32 66.98 36.07 61.99
CA GLY F 32 65.75 35.33 62.19
C GLY F 32 64.53 35.99 61.60
N ALA F 33 64.58 37.27 61.29
CA ALA F 33 63.42 37.99 60.76
C ALA F 33 63.28 37.71 59.27
N SER F 34 62.32 38.37 58.63
CA SER F 34 62.05 38.21 57.21
C SER F 34 62.03 39.59 56.55
N VAL F 35 62.47 39.64 55.30
CA VAL F 35 62.61 40.91 54.60
C VAL F 35 61.85 40.84 53.28
N LYS F 36 61.28 41.97 52.87
CA LYS F 36 60.52 42.09 51.63
C LYS F 36 61.03 43.30 50.87
N VAL F 37 61.51 43.06 49.65
CA VAL F 37 62.07 44.10 48.78
C VAL F 37 61.13 44.30 47.61
N SER F 38 60.91 45.56 47.24
CA SER F 38 60.01 45.91 46.15
C SER F 38 60.78 46.60 45.04
N CYS F 39 60.27 46.44 43.81
CA CYS F 39 60.93 46.93 42.61
C CYS F 39 59.84 47.40 41.66
N LYS F 40 59.75 48.71 41.42
CA LYS F 40 58.67 49.31 40.66
C LYS F 40 59.18 49.69 39.27
N ALA F 41 58.45 49.27 38.24
CA ALA F 41 58.85 49.48 36.86
C ALA F 41 58.06 50.64 36.25
N SER F 42 58.71 51.34 35.31
CA SER F 42 58.06 52.40 34.58
C SER F 42 58.77 52.59 33.25
N GLY F 43 58.01 52.88 32.21
CA GLY F 43 58.56 53.13 30.90
C GLY F 43 58.25 52.06 29.87
N TYR F 44 57.65 50.96 30.27
CA TYR F 44 57.34 49.88 29.35
C TYR F 44 56.12 49.13 29.87
N THR F 45 55.60 48.24 29.04
CA THR F 45 54.46 47.42 29.42
C THR F 45 54.92 46.35 30.39
N PHE F 46 54.50 46.46 31.66
CA PHE F 46 54.99 45.57 32.69
C PHE F 46 54.43 44.16 32.55
N SER F 47 53.26 44.02 31.93
CA SER F 47 52.57 42.74 31.90
C SER F 47 53.16 41.75 30.92
N ARG F 48 54.09 42.17 30.06
CA ARG F 48 54.60 41.30 29.00
C ARG F 48 56.09 41.02 29.15
N TYR F 49 56.59 41.02 30.38
CA TYR F 49 58.00 40.75 30.64
C TYR F 49 58.10 39.93 31.91
N GLY F 50 59.33 39.82 32.43
CA GLY F 50 59.55 39.11 33.67
C GLY F 50 60.59 39.83 34.51
N ILE F 51 60.66 39.44 35.78
CA ILE F 51 61.58 40.06 36.73
C ILE F 51 62.44 38.96 37.34
N SER F 52 63.75 39.15 37.33
CA SER F 52 64.66 38.23 37.99
C SER F 52 65.47 38.96 39.05
N TRP F 53 65.85 38.23 40.09
CA TRP F 53 66.49 38.79 41.26
C TRP F 53 67.89 38.23 41.38
N VAL F 54 68.87 39.11 41.65
CA VAL F 54 70.28 38.73 41.68
C VAL F 54 70.91 39.29 42.95
N ARG F 55 71.57 38.44 43.71
CA ARG F 55 72.21 38.83 44.97
C ARG F 55 73.68 39.11 44.74
N GLN F 56 74.25 39.98 45.57
CA GLN F 56 75.70 40.20 45.55
C GLN F 56 76.17 40.51 46.96
N ALA F 57 76.91 39.58 47.56
CA ALA F 57 77.50 39.81 48.86
C ALA F 57 78.60 40.86 48.74
N PRO F 58 78.87 41.65 49.80
CA PRO F 58 79.87 42.72 49.69
C PRO F 58 81.29 42.21 49.51
N GLY F 59 81.85 42.44 48.34
CA GLY F 59 83.16 41.93 47.98
C GLY F 59 83.17 40.59 47.31
N GLN F 60 82.02 40.08 46.90
CA GLN F 60 81.92 38.77 46.25
C GLN F 60 81.28 38.93 44.88
N GLY F 61 81.01 37.79 44.24
CA GLY F 61 80.41 37.78 42.92
C GLY F 61 78.89 37.71 42.98
N LEU F 62 78.30 37.69 41.80
CA LEU F 62 76.85 37.68 41.69
C LEU F 62 76.30 36.27 41.88
N GLU F 63 75.11 36.20 42.45
CA GLU F 63 74.37 34.95 42.60
C GLU F 63 72.98 35.13 42.02
N TRP F 64 72.49 34.09 41.36
CA TRP F 64 71.14 34.12 40.81
C TRP F 64 70.17 33.58 41.85
N MET F 65 69.14 34.37 42.16
CA MET F 65 68.13 33.96 43.12
C MET F 65 66.92 33.32 42.46
N GLY F 66 66.33 33.97 41.47
CA GLY F 66 65.21 33.38 40.78
C GLY F 66 64.57 34.35 39.80
N TRP F 67 63.41 33.93 39.28
CA TRP F 67 62.77 34.58 38.15
C TRP F 67 61.26 34.38 38.26
N ILE F 68 60.51 35.41 37.87
CA ILE F 68 59.05 35.33 37.79
C ILE F 68 58.60 35.96 36.48
N SER F 69 57.55 35.40 35.90
CA SER F 69 56.91 35.98 34.73
C SER F 69 55.72 36.81 35.19
N ALA F 70 55.57 38.00 34.61
CA ALA F 70 54.52 38.91 35.05
C ALA F 70 53.16 38.58 34.46
N TYR F 71 53.06 37.55 33.61
CA TYR F 71 51.78 37.21 33.02
C TYR F 71 50.88 36.50 34.03
N LYS F 72 51.31 35.32 34.49
CA LYS F 72 50.53 34.60 35.50
C LYS F 72 51.49 33.78 36.38
N GLY F 73 51.92 34.39 37.48
CA GLY F 73 52.74 33.72 38.47
C GLY F 73 54.06 33.20 37.95
N ASN F 74 54.15 31.88 37.81
CA ASN F 74 55.17 31.18 37.03
C ASN F 74 56.59 31.47 37.53
N THR F 75 56.86 30.98 38.73
CA THR F 75 58.15 31.22 39.36
C THR F 75 59.19 30.21 38.86
N ASN F 76 60.44 30.49 39.20
CA ASN F 76 61.56 29.58 38.96
C ASN F 76 62.65 29.98 39.93
N TYR F 77 62.93 29.15 40.93
CA TYR F 77 63.89 29.48 41.97
C TYR F 77 65.15 28.65 41.80
N ALA F 78 66.26 29.16 42.32
CA ALA F 78 67.46 28.35 42.41
C ALA F 78 67.32 27.37 43.58
N GLN F 79 68.09 26.28 43.50
CA GLN F 79 67.98 25.25 44.52
C GLN F 79 68.63 25.64 45.84
N LYS F 80 69.48 26.67 45.83
CA LYS F 80 70.04 27.16 47.09
C LYS F 80 69.01 27.93 47.89
N PHE F 81 68.12 28.65 47.21
CA PHE F 81 67.08 29.44 47.85
C PHE F 81 65.72 28.78 47.77
N GLN F 82 65.65 27.51 47.40
CA GLN F 82 64.37 26.81 47.26
C GLN F 82 63.76 26.59 48.64
N GLY F 83 62.56 27.12 48.85
CA GLY F 83 61.86 26.99 50.11
C GLY F 83 61.98 28.19 51.02
N ARG F 84 62.80 29.18 50.65
CA ARG F 84 62.99 30.37 51.48
C ARG F 84 62.48 31.64 50.82
N VAL F 85 62.57 31.77 49.51
CA VAL F 85 62.16 32.99 48.83
C VAL F 85 60.76 32.81 48.27
N THR F 86 60.00 33.90 48.27
CA THR F 86 58.75 33.98 47.53
C THR F 86 58.72 35.27 46.75
N MET F 87 58.52 35.18 45.44
CA MET F 87 58.46 36.34 44.56
C MET F 87 57.06 36.49 44.02
N THR F 88 56.51 37.68 44.13
CA THR F 88 55.18 37.98 43.61
C THR F 88 55.26 39.21 42.72
N THR F 89 54.21 39.41 41.93
CA THR F 89 54.04 40.62 41.13
C THR F 89 52.75 41.31 41.51
N ASP F 90 52.59 42.52 40.99
CA ASP F 90 51.32 43.24 41.12
C ASP F 90 51.25 44.14 39.89
N THR F 91 50.52 43.70 38.87
CA THR F 91 50.46 44.39 37.61
C THR F 91 49.54 45.60 37.63
N SER F 92 48.70 45.74 38.65
CA SER F 92 47.87 46.94 38.75
C SER F 92 48.70 48.15 39.12
N THR F 93 49.60 48.00 40.08
CA THR F 93 50.58 49.02 40.41
C THR F 93 51.94 48.77 39.76
N SER F 94 52.07 47.62 39.09
CA SER F 94 53.25 47.25 38.29
C SER F 94 54.53 47.22 39.12
N THR F 95 54.48 46.54 40.25
CA THR F 95 55.65 46.32 41.08
C THR F 95 55.92 44.84 41.23
N ALA F 96 57.10 44.51 41.72
CA ALA F 96 57.48 43.14 42.00
C ALA F 96 58.07 43.06 43.40
N TYR F 97 57.72 42.02 44.13
CA TYR F 97 58.17 41.83 45.50
C TYR F 97 58.95 40.53 45.62
N MET F 98 59.97 40.54 46.46
CA MET F 98 60.70 39.34 46.83
C MET F 98 60.82 39.29 48.34
N GLU F 99 60.44 38.18 48.93
CA GLU F 99 60.49 38.01 50.38
C GLU F 99 61.41 36.86 50.74
N LEU F 100 62.42 37.16 51.54
CA LEU F 100 63.29 36.16 52.16
C LEU F 100 62.88 35.94 53.60
N ARG F 101 62.92 34.69 54.02
CA ARG F 101 62.58 34.30 55.38
C ARG F 101 63.76 33.63 56.05
N SER F 102 63.75 33.67 57.38
CA SER F 102 64.76 33.09 58.26
C SER F 102 66.16 33.61 57.94
N LEU F 103 66.31 34.92 58.08
CA LEU F 103 67.55 35.59 57.73
C LEU F 103 68.66 35.23 58.72
N ARG F 104 69.89 35.24 58.22
CA ARG F 104 71.06 35.04 59.04
C ARG F 104 72.21 35.85 58.45
N SER F 105 73.29 35.97 59.21
CA SER F 105 74.50 36.55 58.65
C SER F 105 75.06 35.62 57.60
N ASP F 106 75.34 36.21 56.44
CA ASP F 106 75.76 35.53 55.25
C ASP F 106 74.73 35.98 54.21
N ASP F 107 73.63 36.57 54.69
CA ASP F 107 72.59 37.07 53.79
C ASP F 107 72.60 38.58 53.65
N THR F 108 73.48 39.27 54.37
CA THR F 108 73.68 40.69 54.16
C THR F 108 74.36 40.94 52.83
N ALA F 109 73.71 41.68 51.95
CA ALA F 109 74.13 41.75 50.55
C ALA F 109 73.44 42.94 49.90
N VAL F 110 73.62 43.06 48.59
CA VAL F 110 72.86 44.00 47.76
C VAL F 110 72.00 43.18 46.81
N TYR F 111 70.73 43.54 46.72
CA TYR F 111 69.74 42.78 45.97
C TYR F 111 69.30 43.59 44.76
N TYR F 112 69.42 42.99 43.58
CA TYR F 112 69.18 43.64 42.30
C TYR F 112 67.98 43.04 41.61
N CYS F 113 67.31 43.88 40.83
CA CYS F 113 66.08 43.59 40.13
C CYS F 113 66.34 43.85 38.65
N ALA F 114 66.25 42.82 37.83
CA ALA F 114 66.51 42.96 36.40
C ALA F 114 65.30 42.53 35.60
N ARG F 115 65.12 43.15 34.44
CA ARG F 115 64.00 42.83 33.56
C ARG F 115 64.42 41.74 32.59
N SER F 116 63.92 40.55 32.83
CA SER F 116 64.13 39.34 32.05
C SER F 116 62.96 39.14 31.09
N PRO F 117 63.07 38.25 30.10
CA PRO F 117 61.96 38.02 29.19
C PRO F 117 60.82 37.29 29.86
N PRO F 118 59.62 37.25 29.26
CA PRO F 118 58.53 36.46 29.83
C PRO F 118 58.74 34.97 29.73
N ASP F 119 59.71 34.50 28.96
CA ASP F 119 60.10 33.10 28.93
C ASP F 119 61.61 33.02 28.74
N PHE F 120 62.11 31.80 28.67
CA PHE F 120 63.46 31.41 28.27
C PHE F 120 64.62 31.95 29.13
N LEU F 121 64.36 32.73 30.18
CA LEU F 121 65.25 32.84 31.35
C LEU F 121 66.64 33.41 31.02
N GLY F 122 66.68 34.52 30.30
CA GLY F 122 67.95 35.16 30.00
C GLY F 122 67.88 36.65 30.26
N TRP F 123 68.76 37.44 29.62
CA TRP F 123 68.56 38.86 29.34
C TRP F 123 68.32 39.71 30.60
N PHE F 124 69.38 39.87 31.38
CA PHE F 124 69.33 40.72 32.58
C PHE F 124 69.72 42.15 32.18
N ASP F 125 68.80 42.85 31.49
CA ASP F 125 69.29 44.10 30.89
C ASP F 125 69.37 45.35 31.76
N PRO F 126 68.26 45.92 32.35
CA PRO F 126 68.36 47.31 32.84
C PRO F 126 68.88 47.50 34.26
N TRP F 127 68.69 46.54 35.18
CA TRP F 127 69.36 46.48 36.48
C TRP F 127 69.07 47.70 37.36
N GLY F 128 67.86 47.71 37.93
CA GLY F 128 67.53 48.64 39.02
C GLY F 128 68.56 48.70 40.14
N GLN F 129 68.67 49.83 40.82
CA GLN F 129 69.91 50.22 41.52
C GLN F 129 70.27 49.35 42.72
N GLY F 130 69.38 48.48 43.19
CA GLY F 130 69.75 47.54 44.22
C GLY F 130 69.60 48.07 45.62
N THR F 131 69.11 47.23 46.54
CA THR F 131 68.97 47.61 47.94
C THR F 131 69.95 46.84 48.79
N LEU F 132 70.56 47.53 49.75
CA LEU F 132 71.48 46.90 50.68
C LEU F 132 70.69 46.40 51.88
N VAL F 133 70.71 45.10 52.10
CA VAL F 133 70.06 44.49 53.26
C VAL F 133 71.15 44.01 54.20
N THR F 134 71.16 44.57 55.42
CA THR F 134 72.18 44.30 56.42
C THR F 134 71.52 43.63 57.61
N VAL F 135 71.99 42.43 57.95
CA VAL F 135 71.53 41.73 59.14
C VAL F 135 72.68 41.77 60.15
N SER F 136 72.33 41.63 61.42
CA SER F 136 73.34 41.65 62.49
C SER F 136 72.72 42.09 63.81
N SER F 137 73.57 42.26 64.81
CA SER F 137 73.12 42.68 66.14
C SER F 137 74.23 42.53 67.17
N ALA F 138 74.96 43.62 67.40
CA ALA F 138 76.05 43.62 68.37
C ALA F 138 75.97 44.82 69.29
N SER F 139 75.35 45.89 68.82
CA SER F 139 75.20 47.12 69.61
C SER F 139 76.51 47.89 69.66
N THR F 140 77.29 47.65 70.71
CA THR F 140 78.57 48.33 70.88
C THR F 140 79.48 47.56 71.83
N LYS F 141 80.79 47.70 71.63
CA LYS F 141 81.76 47.02 72.47
C LYS F 141 83.13 47.67 72.33
N GLY F 142 83.93 47.55 73.38
CA GLY F 142 85.24 48.15 73.42
C GLY F 142 86.29 47.24 72.83
N PRO F 143 87.42 47.81 72.42
CA PRO F 143 88.45 47.01 71.76
C PRO F 143 89.32 46.27 72.75
N SER F 144 89.82 45.12 72.33
CA SER F 144 90.84 44.37 73.06
C SER F 144 92.17 44.53 72.34
N VAL F 145 93.20 44.91 73.08
CA VAL F 145 94.48 45.30 72.49
C VAL F 145 95.56 44.30 72.90
N PHE F 146 96.40 43.93 71.95
CA PHE F 146 97.63 43.19 72.16
C PHE F 146 98.79 43.89 71.46
N PRO F 147 100.01 43.82 72.00
CA PRO F 147 101.16 44.32 71.26
C PRO F 147 101.82 43.21 70.46
N LEU F 148 102.02 43.44 69.16
CA LEU F 148 102.77 42.51 68.31
C LEU F 148 104.22 42.95 68.32
N ALA F 149 105.03 42.21 69.04
CA ALA F 149 106.42 42.48 69.36
C ALA F 149 107.28 42.50 68.10
N PRO F 150 108.33 43.32 68.08
CA PRO F 150 109.33 43.19 67.02
C PRO F 150 110.13 41.91 67.20
N SER F 151 110.35 41.20 66.10
CA SER F 151 111.02 39.91 66.16
C SER F 151 111.97 39.78 65.00
N SER F 152 112.90 38.82 65.12
CA SER F 152 113.82 38.54 64.03
C SER F 152 113.10 38.02 62.79
N LYS F 153 111.95 37.35 62.97
CA LYS F 153 111.13 36.96 61.84
C LYS F 153 110.52 38.17 61.15
N SER F 154 110.37 39.27 61.87
CA SER F 154 110.01 40.55 61.27
C SER F 154 111.23 41.40 60.94
N THR F 155 112.37 41.11 61.57
CA THR F 155 113.59 41.88 61.33
C THR F 155 114.24 41.45 60.02
N SER F 156 114.78 42.43 59.28
CA SER F 156 115.52 42.18 58.05
C SER F 156 116.53 43.31 57.86
N GLY F 157 117.79 43.02 58.17
CA GLY F 157 118.85 43.97 57.91
C GLY F 157 118.76 45.17 58.84
N GLY F 158 118.47 46.34 58.25
CA GLY F 158 118.54 47.59 58.98
C GLY F 158 117.29 47.94 59.78
N THR F 159 116.17 47.29 59.49
CA THR F 159 114.90 47.67 60.09
C THR F 159 114.16 46.45 60.63
N ALA F 160 113.24 46.70 61.57
CA ALA F 160 112.36 45.68 62.14
C ALA F 160 111.04 46.33 62.47
N ALA F 161 109.96 45.56 62.36
CA ALA F 161 108.61 46.09 62.47
C ALA F 161 107.96 45.62 63.77
N LEU F 162 107.17 46.51 64.37
CA LEU F 162 106.38 46.21 65.57
C LEU F 162 105.04 46.93 65.47
N GLY F 163 104.05 46.44 66.19
CA GLY F 163 102.74 47.04 66.07
C GLY F 163 101.79 46.71 67.20
N CYS F 164 100.53 47.06 66.98
CA CYS F 164 99.48 46.84 67.97
C CYS F 164 98.23 46.31 67.27
N LEU F 165 97.67 45.25 67.83
CA LEU F 165 96.47 44.59 67.31
C LEU F 165 95.30 44.99 68.20
N VAL F 166 94.34 45.70 67.62
CA VAL F 166 93.15 46.15 68.33
C VAL F 166 91.96 45.48 67.68
N LYS F 167 91.28 44.61 68.42
CA LYS F 167 90.29 43.72 67.83
C LYS F 167 88.98 43.76 68.59
N ASP F 168 87.97 43.09 68.01
CA ASP F 168 86.65 42.88 68.61
C ASP F 168 86.01 44.15 69.14
N TYR F 169 85.62 45.04 68.23
CA TYR F 169 84.82 46.19 68.59
C TYR F 169 83.76 46.44 67.53
N PHE F 170 82.56 46.82 67.95
CA PHE F 170 81.53 47.20 66.98
C PHE F 170 81.63 48.64 66.49
N PRO F 171 81.78 49.64 67.38
CA PRO F 171 81.59 51.03 66.94
C PRO F 171 82.71 51.53 66.04
N GLU F 172 82.52 51.34 64.74
CA GLU F 172 83.47 51.42 63.64
C GLU F 172 84.58 52.46 63.82
N PRO F 173 84.29 53.73 64.10
CA PRO F 173 85.39 54.68 64.22
C PRO F 173 86.24 54.44 65.45
N VAL F 174 87.47 53.97 65.24
CA VAL F 174 88.43 53.71 66.30
C VAL F 174 89.79 54.19 65.80
N THR F 175 90.67 54.63 66.70
CA THR F 175 91.94 55.15 66.22
C THR F 175 93.04 54.60 67.12
N VAL F 176 94.19 54.35 66.50
CA VAL F 176 95.41 53.97 67.19
C VAL F 176 96.54 54.85 66.68
N SER F 177 97.19 55.56 67.58
CA SER F 177 98.33 56.38 67.23
C SER F 177 99.59 55.76 67.82
N TRP F 178 100.74 56.25 67.37
CA TRP F 178 102.01 55.78 67.88
C TRP F 178 102.70 56.91 68.65
N ASN F 179 102.92 56.68 69.93
CA ASN F 179 103.62 57.62 70.80
C ASN F 179 102.94 58.99 70.78
N SER F 180 101.64 58.98 71.08
CA SER F 180 100.82 60.19 71.19
C SER F 180 100.87 61.03 69.91
N GLY F 181 101.10 60.37 68.77
CA GLY F 181 101.19 61.08 67.51
C GLY F 181 102.59 61.46 67.08
N ALA F 182 103.62 60.92 67.72
CA ALA F 182 104.99 61.30 67.40
C ALA F 182 105.52 60.68 66.12
N LEU F 183 105.47 59.36 65.99
CA LEU F 183 106.06 58.66 64.85
C LEU F 183 105.10 58.70 63.68
N THR F 184 105.56 59.24 62.55
CA THR F 184 104.76 59.28 61.33
C THR F 184 105.46 58.48 60.24
N SER F 185 106.68 58.01 60.53
CA SER F 185 107.46 57.22 59.59
C SER F 185 107.18 55.73 59.81
N GLY F 186 106.74 55.07 58.75
CA GLY F 186 106.45 53.64 58.80
C GLY F 186 105.15 53.27 59.47
N VAL F 187 104.52 54.20 60.19
CA VAL F 187 103.24 53.93 60.85
C VAL F 187 102.17 53.75 59.78
N HIS F 188 101.59 52.56 59.73
CA HIS F 188 100.52 52.25 58.78
C HIS F 188 99.41 51.41 59.41
N THR F 189 98.23 52.01 59.55
CA THR F 189 97.08 51.33 60.14
C THR F 189 96.31 50.68 59.00
N PHE F 190 96.06 49.41 59.12
CA PHE F 190 95.42 48.70 58.04
C PHE F 190 93.91 48.75 58.18
N PRO F 191 93.17 48.66 57.08
CA PRO F 191 91.71 48.73 57.17
C PRO F 191 91.18 47.68 58.12
N ALA F 192 90.20 48.09 58.92
CA ALA F 192 89.59 47.17 59.86
C ALA F 192 88.88 46.06 59.11
N VAL F 193 88.84 44.89 59.72
CA VAL F 193 88.19 43.74 59.11
C VAL F 193 86.97 43.38 59.93
N LEU F 194 85.91 42.98 59.23
CA LEU F 194 84.65 42.63 59.85
C LEU F 194 84.54 41.10 59.90
N GLN F 195 84.53 40.56 61.11
CA GLN F 195 84.53 39.12 61.30
C GLN F 195 83.12 38.56 61.16
N SER F 196 83.02 37.23 61.21
CA SER F 196 81.71 36.60 61.23
C SER F 196 80.98 36.87 62.54
N SER F 197 81.73 37.08 63.62
CA SER F 197 81.11 37.42 64.90
C SER F 197 80.34 38.72 64.84
N GLY F 198 80.59 39.54 63.83
CA GLY F 198 79.95 40.84 63.70
C GLY F 198 80.76 41.99 64.23
N LEU F 199 81.93 41.73 64.80
CA LEU F 199 82.76 42.79 65.37
C LEU F 199 83.96 43.06 64.49
N TYR F 200 84.45 44.29 64.53
CA TYR F 200 85.57 44.68 63.72
C TYR F 200 86.89 44.32 64.39
N SER F 201 87.97 44.40 63.62
CA SER F 201 89.31 44.18 64.12
C SER F 201 90.30 44.79 63.16
N LEU F 202 91.42 45.25 63.69
CA LEU F 202 92.49 45.82 62.85
C LEU F 202 93.80 45.70 63.59
N SER F 203 94.87 46.02 62.86
CA SER F 203 96.23 46.00 63.38
C SER F 203 97.06 47.09 62.69
N SER F 204 97.76 47.89 63.49
CA SER F 204 98.58 48.97 62.95
C SER F 204 100.03 48.68 63.26
N VAL F 205 100.88 48.78 62.24
CA VAL F 205 102.28 48.37 62.37
C VAL F 205 103.18 49.49 61.87
N VAL F 206 104.38 49.57 62.46
CA VAL F 206 105.38 50.55 62.10
C VAL F 206 106.75 49.89 62.15
N THR F 207 107.59 50.22 61.17
CA THR F 207 108.96 49.74 61.12
C THR F 207 109.89 50.78 61.73
N VAL F 208 110.99 50.32 62.30
CA VAL F 208 111.91 51.16 63.06
C VAL F 208 113.27 50.47 62.99
N PRO F 209 114.39 51.20 62.90
CA PRO F 209 115.69 50.55 62.74
C PRO F 209 115.92 49.43 63.73
N SER F 210 116.49 48.32 63.23
CA SER F 210 116.68 47.15 64.06
C SER F 210 117.69 47.40 65.18
N SER F 211 118.52 48.44 65.05
CA SER F 211 119.36 48.84 66.17
C SER F 211 118.53 49.41 67.30
N SER F 212 117.29 49.80 67.01
CA SER F 212 116.40 50.45 67.96
C SER F 212 115.21 49.58 68.37
N LEU F 213 115.43 48.28 68.61
CA LEU F 213 114.34 47.40 68.99
C LEU F 213 113.61 47.89 70.24
N GLY F 214 114.31 47.91 71.38
CA GLY F 214 113.69 48.36 72.61
C GLY F 214 114.12 49.76 73.02
N THR F 215 115.06 50.35 72.29
CA THR F 215 115.78 51.52 72.76
C THR F 215 114.86 52.69 73.10
N GLN F 216 114.00 53.10 72.16
CA GLN F 216 113.17 54.28 72.37
C GLN F 216 111.75 53.86 72.74
N THR F 217 110.87 54.85 72.84
CA THR F 217 109.48 54.61 73.23
C THR F 217 108.62 54.31 72.01
N TYR F 218 107.87 53.22 72.08
CA TYR F 218 106.90 52.87 71.06
C TYR F 218 105.64 52.42 71.77
N ILE F 219 104.76 53.37 72.08
CA ILE F 219 103.53 53.09 72.80
C ILE F 219 102.36 53.47 71.91
N CYS F 220 101.51 52.49 71.62
CA CYS F 220 100.32 52.72 70.82
C CYS F 220 99.21 53.23 71.72
N ASN F 221 98.61 54.34 71.31
CA ASN F 221 97.56 55.04 72.03
C ASN F 221 96.25 54.67 71.32
N VAL F 222 95.44 53.87 72.00
CA VAL F 222 94.19 53.37 71.46
C VAL F 222 93.06 54.22 72.03
N ASN F 223 92.29 54.86 71.15
CA ASN F 223 91.13 55.64 71.54
C ASN F 223 89.91 55.20 70.76
N HIS F 224 88.82 54.96 71.49
CA HIS F 224 87.53 54.52 70.96
C HIS F 224 86.54 55.62 71.28
N LYS F 225 86.13 56.37 70.26
CA LYS F 225 85.35 57.59 70.43
C LYS F 225 83.86 57.36 70.72
N PRO F 226 83.19 56.40 70.09
CA PRO F 226 81.81 56.13 70.52
C PRO F 226 81.72 55.69 71.98
N SER F 227 82.61 54.81 72.42
CA SER F 227 82.82 54.59 73.83
C SER F 227 83.80 55.64 74.33
N ASN F 228 84.38 55.44 75.51
CA ASN F 228 85.39 56.34 76.04
C ASN F 228 86.64 55.58 76.46
N THR F 229 87.11 54.69 75.59
CA THR F 229 88.28 53.87 75.88
C THR F 229 89.56 54.56 75.41
N LYS F 230 90.53 54.61 76.31
CA LYS F 230 91.84 55.21 76.03
C LYS F 230 92.88 54.39 76.78
N VAL F 231 93.72 53.66 76.04
CA VAL F 231 94.73 52.79 76.63
C VAL F 231 96.03 52.90 75.84
N ASP F 232 97.15 52.99 76.55
CA ASP F 232 98.47 53.03 75.93
C ASP F 232 99.17 51.70 76.19
N LYS F 233 99.63 51.06 75.11
CA LYS F 233 100.29 49.77 75.19
C LYS F 233 101.69 49.85 74.60
N LYS F 234 102.69 49.39 75.35
CA LYS F 234 104.08 49.40 74.90
C LYS F 234 104.39 48.10 74.19
N VAL F 235 105.14 48.20 73.09
CA VAL F 235 105.56 47.04 72.32
C VAL F 235 107.07 46.88 72.47
N GLU F 236 107.49 45.71 72.92
CA GLU F 236 108.89 45.40 73.17
C GLU F 236 109.24 44.08 72.50
N PRO F 237 110.52 43.88 72.17
CA PRO F 237 110.91 42.60 71.55
C PRO F 237 110.50 41.41 72.40
N LYS F 238 110.37 40.27 71.73
CA LYS F 238 109.91 39.06 72.39
C LYS F 238 110.92 38.61 73.45
N SER F 239 110.39 38.06 74.53
CA SER F 239 111.19 37.65 75.69
C SER F 239 112.29 36.65 75.32
N LEU G 17 76.01 21.32 39.14
CA LEU G 17 76.42 22.65 38.75
C LEU G 17 77.65 22.66 37.83
N PRO G 18 77.53 23.34 36.69
CA PRO G 18 78.61 23.39 35.70
C PRO G 18 79.68 24.44 35.97
N VAL G 19 79.82 24.87 37.23
CA VAL G 19 80.30 26.18 37.70
C VAL G 19 81.49 26.75 36.92
N LEU G 20 81.35 28.01 36.51
CA LEU G 20 82.28 28.60 35.57
C LEU G 20 83.49 29.16 36.30
N THR G 21 84.68 28.78 35.86
CA THR G 21 85.92 29.24 36.46
C THR G 21 86.47 30.39 35.64
N GLN G 22 86.81 31.49 36.32
CA GLN G 22 87.17 32.70 35.65
C GLN G 22 88.29 33.39 36.43
N PRO G 23 89.32 33.89 35.77
CA PRO G 23 90.50 34.40 36.48
C PRO G 23 90.22 35.69 37.22
N PRO G 24 90.85 35.90 38.37
CA PRO G 24 90.48 37.04 39.22
C PRO G 24 90.98 38.39 38.74
N SER G 25 92.05 38.46 37.95
CA SER G 25 92.57 39.76 37.55
C SER G 25 93.28 39.66 36.22
N VAL G 26 93.07 40.66 35.37
CA VAL G 26 93.72 40.77 34.07
C VAL G 26 94.26 42.19 33.94
N SER G 27 95.57 42.31 33.73
CA SER G 27 96.24 43.61 33.68
C SER G 27 96.63 43.93 32.24
N VAL G 28 96.24 45.12 31.78
CA VAL G 28 96.43 45.55 30.40
C VAL G 28 96.82 47.03 30.39
N SER G 29 97.97 47.33 29.68
CA SER G 29 98.48 48.67 29.46
C SER G 29 97.58 49.43 28.50
N PRO G 30 97.47 50.78 28.63
CA PRO G 30 96.51 51.53 27.81
C PRO G 30 96.84 51.56 26.32
N GLY G 31 95.98 50.92 25.53
CA GLY G 31 96.16 50.82 24.11
C GLY G 31 96.35 49.42 23.57
N GLN G 32 96.09 48.40 24.36
CA GLN G 32 96.25 47.01 23.95
C GLN G 32 94.89 46.32 23.97
N THR G 33 94.89 45.02 23.69
CA THR G 33 93.67 44.23 23.70
C THR G 33 93.63 43.34 24.92
N ALA G 34 92.50 43.35 25.62
CA ALA G 34 92.25 42.52 26.78
C ALA G 34 91.40 41.32 26.39
N SER G 35 91.70 40.19 27.02
CA SER G 35 91.03 38.93 26.71
C SER G 35 90.67 38.23 28.01
N ILE G 36 89.37 38.09 28.27
CA ILE G 36 88.86 37.50 29.50
C ILE G 36 88.20 36.17 29.15
N THR G 37 88.61 35.11 29.83
CA THR G 37 88.23 33.74 29.48
C THR G 37 87.39 33.13 30.59
N CYS G 38 86.14 32.82 30.27
CA CYS G 38 85.22 32.16 31.19
C CYS G 38 85.17 30.70 30.78
N SER G 39 85.87 29.85 31.51
CA SER G 39 85.97 28.43 31.17
C SER G 39 85.21 27.60 32.19
N GLY G 40 84.19 26.91 31.73
CA GLY G 40 83.46 25.98 32.57
C GLY G 40 83.18 24.74 31.77
N ASP G 41 82.63 23.73 32.44
CA ASP G 41 82.45 22.46 31.77
C ASP G 41 81.21 22.49 30.87
N LYS G 42 81.30 21.79 29.75
CA LYS G 42 80.23 21.75 28.77
C LYS G 42 80.28 23.06 27.98
N LEU G 43 79.54 24.04 28.46
CA LEU G 43 79.49 25.38 27.86
C LEU G 43 79.39 25.50 26.34
N GLY G 44 78.93 24.46 25.65
CA GLY G 44 78.80 24.57 24.21
C GLY G 44 77.34 24.48 23.85
N ASP G 45 76.57 23.90 24.75
CA ASP G 45 75.13 23.80 24.62
C ASP G 45 74.41 24.89 25.37
N LYS G 46 75.15 25.86 25.91
CA LYS G 46 74.60 26.97 26.65
C LYS G 46 74.97 28.27 25.99
N PHE G 47 74.04 29.21 25.98
CA PHE G 47 74.35 30.57 25.59
C PHE G 47 75.06 31.28 26.74
N THR G 48 75.94 32.22 26.39
CA THR G 48 76.69 32.97 27.39
C THR G 48 76.52 34.46 27.18
N CYS G 49 76.21 35.17 28.25
CA CYS G 49 76.14 36.62 28.30
C CYS G 49 77.34 37.16 29.07
N TRP G 50 77.66 38.41 28.81
CA TRP G 50 78.76 39.11 29.48
C TRP G 50 78.23 40.43 30.00
N TYR G 51 78.51 40.71 31.28
CA TYR G 51 78.02 41.88 32.00
C TYR G 51 79.19 42.67 32.56
N GLN G 52 79.04 43.99 32.62
CA GLN G 52 80.07 44.89 33.09
C GLN G 52 79.55 45.69 34.27
N GLN G 53 80.29 45.69 35.37
CA GLN G 53 79.90 46.42 36.57
C GLN G 53 81.05 47.30 37.04
N LYS G 54 80.88 48.61 36.92
CA LYS G 54 81.83 49.56 37.46
C LYS G 54 81.67 49.64 38.97
N PRO G 55 82.71 50.04 39.71
CA PRO G 55 82.63 50.05 41.17
C PRO G 55 81.64 51.09 41.69
N GLY G 56 80.66 50.62 42.45
CA GLY G 56 79.66 51.49 43.02
C GLY G 56 78.40 51.66 42.19
N GLN G 57 78.19 50.84 41.17
CA GLN G 57 77.04 50.96 40.29
C GLN G 57 76.42 49.58 40.07
N SER G 58 75.33 49.56 39.33
CA SER G 58 74.62 48.37 38.89
C SER G 58 75.23 47.86 37.59
N PRO G 59 75.17 46.56 37.33
CA PRO G 59 75.82 46.02 36.13
C PRO G 59 75.12 46.42 34.85
N VAL G 60 75.88 46.32 33.77
CA VAL G 60 75.44 46.71 32.43
C VAL G 60 75.77 45.56 31.48
N GLN G 61 74.76 45.09 30.75
CA GLN G 61 74.96 43.98 29.83
C GLN G 61 75.71 44.45 28.58
N VAL G 62 76.81 43.77 28.24
CA VAL G 62 77.60 44.14 27.08
C VAL G 62 77.59 43.11 25.97
N ILE G 63 77.32 41.84 26.25
CA ILE G 63 77.20 40.83 25.19
C ILE G 63 76.04 39.91 25.57
N TYR G 64 75.04 39.75 24.70
CA TYR G 64 73.99 38.85 25.13
C TYR G 64 74.11 37.42 24.63
N GLN G 65 73.97 37.14 23.35
CA GLN G 65 73.88 35.72 22.97
C GLN G 65 75.01 35.41 22.02
N ASP G 66 76.20 35.12 22.58
CA ASP G 66 77.29 34.47 21.87
C ASP G 66 77.75 35.23 20.63
N THR G 67 78.49 36.34 20.83
CA THR G 67 79.02 37.36 19.91
C THR G 67 78.02 38.45 19.56
N HIS G 68 76.88 38.54 20.22
CA HIS G 68 75.90 39.57 19.90
C HIS G 68 76.02 40.71 20.88
N ARG G 69 76.06 41.94 20.37
CA ARG G 69 76.30 43.11 21.19
C ARG G 69 75.18 44.13 21.02
N PRO G 70 74.64 44.67 22.11
CA PRO G 70 73.52 45.62 21.98
C PRO G 70 74.00 46.98 21.52
N SER G 71 73.03 47.84 21.22
CA SER G 71 73.32 49.19 20.79
C SER G 71 73.68 50.05 22.00
N GLY G 72 74.64 50.95 21.80
CA GLY G 72 75.17 51.77 22.86
C GLY G 72 76.50 51.29 23.41
N ILE G 73 76.80 50.01 23.24
CA ILE G 73 78.10 49.45 23.62
C ILE G 73 79.04 49.68 22.44
N PRO G 74 80.21 50.29 22.65
CA PRO G 74 81.05 50.70 21.52
C PRO G 74 81.68 49.52 20.81
N GLU G 75 82.15 49.78 19.59
CA GLU G 75 82.66 48.74 18.70
C GLU G 75 84.09 48.35 19.06
N ARG G 76 84.25 47.86 20.28
CA ARG G 76 85.47 47.17 20.65
C ARG G 76 85.24 45.93 21.48
N PHE G 77 84.03 45.74 22.02
CA PHE G 77 83.69 44.55 22.76
C PHE G 77 83.24 43.48 21.77
N SER G 78 83.88 42.32 21.82
CA SER G 78 83.48 41.22 20.96
C SER G 78 83.51 39.93 21.75
N GLY G 79 82.43 39.17 21.67
CA GLY G 79 82.37 37.90 22.35
C GLY G 79 82.81 36.77 21.47
N SER G 80 82.89 35.58 22.07
CA SER G 80 83.17 34.34 21.36
C SER G 80 82.82 33.18 22.28
N ASN G 81 82.38 32.09 21.68
CA ASN G 81 82.04 30.88 22.44
C ASN G 81 82.22 29.68 21.54
N SER G 82 83.18 28.82 21.88
CA SER G 82 83.44 27.62 21.09
C SER G 82 84.19 26.63 21.97
N GLY G 83 83.63 25.44 22.14
CA GLY G 83 84.29 24.40 22.90
C GLY G 83 83.90 24.37 24.36
N ASN G 84 84.86 24.67 25.24
CA ASN G 84 84.60 24.74 26.68
C ASN G 84 84.96 26.08 27.28
N THR G 85 85.29 27.08 26.46
CA THR G 85 85.62 28.41 26.94
C THR G 85 84.79 29.43 26.20
N ALA G 86 84.39 30.49 26.89
CA ALA G 86 83.87 31.70 26.28
C ALA G 86 84.89 32.81 26.47
N THR G 87 84.89 33.78 25.58
CA THR G 87 85.93 34.80 25.58
C THR G 87 85.34 36.16 25.28
N LEU G 88 85.65 37.13 26.13
CA LEU G 88 85.38 38.54 25.85
C LEU G 88 86.67 39.21 25.44
N THR G 89 86.62 40.02 24.38
CA THR G 89 87.80 40.67 23.84
C THR G 89 87.51 42.15 23.69
N ILE G 90 88.36 42.98 24.30
CA ILE G 90 88.31 44.42 24.16
C ILE G 90 89.54 44.85 23.37
N SER G 91 89.33 45.63 22.32
CA SER G 91 90.41 46.06 21.45
C SER G 91 90.65 47.55 21.63
N GLY G 92 91.89 47.93 21.94
CA GLY G 92 92.20 49.31 22.20
C GLY G 92 91.64 49.76 23.53
N THR G 93 92.16 49.18 24.61
CA THR G 93 91.60 49.38 25.94
C THR G 93 91.87 50.79 26.44
N GLN G 94 90.81 51.55 26.65
CA GLN G 94 90.92 52.89 27.21
C GLN G 94 90.91 52.81 28.73
N ALA G 95 90.93 53.97 29.38
CA ALA G 95 90.85 54.00 30.83
C ALA G 95 89.43 53.91 31.34
N VAL G 96 88.44 54.11 30.47
CA VAL G 96 87.05 54.01 30.88
C VAL G 96 86.59 52.55 30.91
N ASP G 97 87.32 51.66 30.26
CA ASP G 97 87.00 50.23 30.28
C ASP G 97 87.74 49.53 31.43
N GLU G 98 87.43 49.97 32.65
CA GLU G 98 88.06 49.42 33.84
C GLU G 98 86.93 49.15 34.85
N ALA G 99 86.57 47.88 34.98
CA ALA G 99 85.41 47.47 35.78
C ALA G 99 85.57 46.00 36.10
N ASP G 100 84.49 45.40 36.61
CA ASP G 100 84.39 43.96 36.79
C ASP G 100 83.57 43.39 35.64
N TYR G 101 83.95 42.20 35.18
CA TYR G 101 83.29 41.58 34.05
C TYR G 101 82.83 40.19 34.45
N TYR G 102 81.55 39.93 34.32
CA TYR G 102 80.95 38.67 34.74
C TYR G 102 80.45 37.90 33.53
N CYS G 103 80.67 36.60 33.58
CA CYS G 103 80.21 35.64 32.58
C CYS G 103 79.00 34.89 33.10
N GLN G 104 78.00 34.70 32.25
CA GLN G 104 76.76 34.08 32.69
C GLN G 104 76.29 33.08 31.66
N ALA G 105 75.87 31.91 32.10
CA ALA G 105 75.42 30.84 31.22
C ALA G 105 74.02 30.40 31.62
N TRP G 106 73.11 30.34 30.65
CA TRP G 106 71.75 29.93 30.92
C TRP G 106 71.33 28.78 30.01
N ASP G 107 70.38 28.00 30.51
CA ASP G 107 69.77 26.93 29.74
C ASP G 107 68.29 26.93 30.09
N SER G 108 67.59 25.83 29.80
CA SER G 108 66.16 25.76 30.01
C SER G 108 65.76 25.78 31.49
N SER G 109 66.67 25.44 32.39
CA SER G 109 66.33 25.26 33.79
C SER G 109 66.90 26.32 34.72
N THR G 110 68.20 26.58 34.67
CA THR G 110 68.85 27.46 35.64
C THR G 110 69.71 28.50 34.94
N VAL G 111 70.37 29.33 35.76
CA VAL G 111 71.28 30.38 35.32
C VAL G 111 72.48 30.37 36.24
N ILE G 112 73.68 30.31 35.69
CA ILE G 112 74.92 30.32 36.47
C ILE G 112 75.66 31.61 36.17
N PHE G 113 76.13 32.28 37.21
CA PHE G 113 77.04 33.41 37.09
C PHE G 113 78.44 32.96 37.47
N GLY G 114 79.44 33.49 36.78
CA GLY G 114 80.82 33.19 37.10
C GLY G 114 81.37 34.09 38.19
N GLY G 115 82.66 33.96 38.44
CA GLY G 115 83.35 34.86 39.34
C GLY G 115 83.67 36.17 38.66
N GLY G 116 84.30 37.05 39.41
CA GLY G 116 84.65 38.34 38.86
C GLY G 116 85.93 38.31 38.06
N THR G 117 86.22 39.43 37.39
CA THR G 117 87.52 39.66 36.76
C THR G 117 87.73 41.17 36.76
N LYS G 118 88.60 41.64 37.65
CA LYS G 118 88.90 43.06 37.72
C LYS G 118 89.94 43.41 36.65
N LEU G 119 89.54 44.18 35.66
CA LEU G 119 90.44 44.62 34.60
C LEU G 119 91.11 45.92 35.01
N THR G 120 92.39 46.05 34.71
CA THR G 120 93.11 47.26 35.11
C THR G 120 93.98 47.84 34.02
N VAL G 121 93.76 49.11 33.72
CA VAL G 121 94.53 49.81 32.72
C VAL G 121 95.81 50.32 33.39
N LEU G 122 96.81 49.44 33.46
CA LEU G 122 98.10 49.74 34.08
C LEU G 122 98.55 51.19 33.90
N GLY G 123 98.33 51.99 34.94
CA GLY G 123 98.72 53.38 34.92
C GLY G 123 100.04 53.58 35.64
N GLN G 124 100.74 52.48 35.88
CA GLN G 124 102.03 52.53 36.57
C GLN G 124 102.83 51.26 36.35
N PRO G 125 103.94 51.14 37.08
CA PRO G 125 104.83 49.98 36.98
C PRO G 125 104.49 48.89 38.01
N LYS G 126 104.31 47.65 37.56
CA LYS G 126 103.99 46.55 38.45
C LYS G 126 104.86 46.60 39.70
N ALA G 127 104.24 46.87 40.84
CA ALA G 127 104.94 46.95 42.10
C ALA G 127 104.99 45.57 42.73
N ALA G 128 105.76 45.46 43.80
CA ALA G 128 105.97 44.19 44.48
C ALA G 128 105.18 44.19 45.78
N PRO G 129 104.34 43.22 46.01
CA PRO G 129 103.58 43.20 47.26
C PRO G 129 104.47 42.94 48.45
N SER G 130 104.77 43.98 49.20
CA SER G 130 105.54 43.81 50.43
C SER G 130 104.69 43.09 51.46
N VAL G 131 105.20 41.97 51.96
CA VAL G 131 104.49 41.12 52.90
C VAL G 131 105.17 41.22 54.26
N THR G 132 104.37 41.11 55.32
CA THR G 132 104.89 41.14 56.68
C THR G 132 104.00 40.26 57.55
N LEU G 133 104.61 39.37 58.31
CA LEU G 133 103.87 38.37 59.07
C LEU G 133 104.23 38.50 60.55
N PHE G 134 103.23 38.33 61.41
CA PHE G 134 103.39 38.43 62.85
C PHE G 134 102.72 37.25 63.54
N PRO G 135 103.38 36.64 64.52
CA PRO G 135 102.75 35.57 65.29
C PRO G 135 101.97 36.12 66.46
N PRO G 136 101.14 35.30 67.11
CA PRO G 136 100.38 35.80 68.27
C PRO G 136 101.30 36.27 69.39
N SER G 137 101.01 37.47 69.90
CA SER G 137 101.81 38.05 70.96
C SER G 137 101.77 37.17 72.20
N SER G 138 102.52 37.57 73.23
CA SER G 138 102.56 36.80 74.47
C SER G 138 101.29 36.96 75.29
N GLU G 139 100.79 38.19 75.43
CA GLU G 139 99.56 38.40 76.19
C GLU G 139 98.40 37.61 75.59
N GLU G 140 98.38 37.50 74.26
CA GLU G 140 97.34 36.71 73.61
C GLU G 140 97.50 35.23 73.92
N LEU G 141 98.75 34.76 73.99
CA LEU G 141 99.00 33.39 74.42
C LEU G 141 98.45 33.16 75.83
N GLN G 142 98.70 34.10 76.74
CA GLN G 142 98.11 34.02 78.07
C GLN G 142 96.61 34.17 78.04
N ALA G 143 96.07 34.77 76.98
CA ALA G 143 94.63 34.99 76.84
C ALA G 143 93.91 33.79 76.25
N ASN G 144 94.56 32.64 76.18
CA ASN G 144 93.95 31.38 75.75
C ASN G 144 93.49 31.44 74.30
N LYS G 145 94.17 32.26 73.49
CA LYS G 145 93.86 32.36 72.07
C LYS G 145 95.13 32.74 71.31
N ALA G 146 95.00 32.77 69.99
CA ALA G 146 96.15 32.98 69.12
C ALA G 146 95.67 33.48 67.77
N THR G 147 96.37 34.45 67.20
CA THR G 147 96.02 34.99 65.89
C THR G 147 97.29 35.33 65.13
N LEU G 148 97.40 34.78 63.92
CA LEU G 148 98.46 35.14 63.00
C LEU G 148 98.01 36.32 62.16
N VAL G 149 98.95 37.22 61.86
CA VAL G 149 98.65 38.49 61.20
C VAL G 149 99.51 38.62 59.96
N CYS G 150 98.87 38.64 58.79
CA CYS G 150 99.58 38.76 57.51
C CYS G 150 99.17 40.06 56.85
N LEU G 151 100.11 40.97 56.68
CA LEU G 151 99.86 42.28 56.10
C LEU G 151 100.51 42.35 54.73
N ILE G 152 99.78 42.89 53.75
CA ILE G 152 100.27 43.06 52.39
C ILE G 152 100.16 44.53 52.06
N SER G 153 101.15 45.07 51.36
CA SER G 153 101.12 46.50 51.08
C SER G 153 101.87 46.81 49.79
N ASP G 154 101.50 47.93 49.18
CA ASP G 154 102.20 48.48 48.02
C ASP G 154 102.29 47.50 46.86
N PHE G 155 101.16 47.12 46.28
CA PHE G 155 101.17 46.13 45.22
C PHE G 155 100.30 46.57 44.04
N TYR G 156 100.55 47.76 43.51
CA TYR G 156 99.61 48.60 42.77
C TYR G 156 98.52 47.85 42.00
N PRO G 157 98.81 46.87 41.14
CA PRO G 157 97.71 46.09 40.57
C PRO G 157 97.12 45.16 41.62
N GLY G 158 95.82 45.33 41.88
CA GLY G 158 95.24 44.81 43.11
C GLY G 158 94.75 43.38 43.18
N ALA G 159 95.11 42.53 42.24
CA ALA G 159 94.57 41.17 42.21
C ALA G 159 95.31 40.20 43.11
N VAL G 160 95.52 40.55 44.38
CA VAL G 160 96.26 39.68 45.28
C VAL G 160 95.35 38.56 45.77
N THR G 161 95.94 37.40 46.05
CA THR G 161 95.26 36.36 46.82
C THR G 161 96.24 35.73 47.79
N VAL G 162 95.72 35.03 48.80
CA VAL G 162 96.50 34.59 49.94
C VAL G 162 96.21 33.11 50.21
N ALA G 163 97.21 32.38 50.69
CA ALA G 163 97.05 31.03 51.18
C ALA G 163 97.88 30.83 52.45
N TRP G 164 97.33 30.06 53.39
CA TRP G 164 97.94 29.88 54.70
C TRP G 164 98.44 28.45 54.86
N LYS G 165 99.57 28.32 55.56
CA LYS G 165 100.31 27.08 55.64
C LYS G 165 100.62 26.73 57.08
N ALA G 166 100.22 25.52 57.49
CA ALA G 166 100.79 24.85 58.65
C ALA G 166 101.98 24.04 58.16
N ASP G 167 102.77 23.46 59.08
CA ASP G 167 104.16 23.09 58.83
C ASP G 167 104.43 22.65 57.40
N SER G 168 103.56 21.84 56.83
CA SER G 168 103.68 21.44 55.43
C SER G 168 102.37 21.52 54.67
N SER G 169 101.26 21.64 55.33
CA SER G 169 100.01 21.55 54.58
C SER G 169 99.33 22.90 54.48
N PRO G 170 98.44 23.08 53.51
CA PRO G 170 97.60 24.27 53.49
C PRO G 170 96.45 24.15 54.47
N VAL G 171 95.96 25.30 54.92
CA VAL G 171 94.84 25.36 55.85
C VAL G 171 93.78 26.28 55.26
N LYS G 172 92.50 25.99 55.54
CA LYS G 172 91.40 26.79 55.02
C LYS G 172 90.34 27.12 56.07
N ALA G 173 90.69 27.11 57.36
CA ALA G 173 89.73 27.39 58.42
C ALA G 173 90.33 28.38 59.40
N GLY G 174 89.54 29.38 59.80
CA GLY G 174 89.98 30.38 60.74
C GLY G 174 90.69 31.57 60.14
N VAL G 175 90.56 31.79 58.84
CA VAL G 175 91.28 32.87 58.16
C VAL G 175 90.27 33.89 57.62
N GLU G 176 90.59 35.17 57.79
CA GLU G 176 89.77 36.27 57.28
C GLU G 176 90.66 37.16 56.44
N THR G 177 90.14 37.64 55.31
CA THR G 177 90.94 38.36 54.33
C THR G 177 90.23 39.65 53.94
N THR G 178 90.90 40.77 54.17
CA THR G 178 90.37 42.06 53.75
C THR G 178 90.40 42.17 52.23
N THR G 179 89.44 42.88 51.68
CA THR G 179 89.52 43.26 50.28
C THR G 179 90.58 44.35 50.14
N PRO G 180 91.25 44.45 49.00
CA PRO G 180 92.29 45.46 48.85
C PRO G 180 91.74 46.86 48.97
N SER G 181 92.49 47.72 49.63
CA SER G 181 92.10 49.10 49.87
C SER G 181 93.17 50.04 49.34
N LYS G 182 92.73 51.12 48.72
CA LYS G 182 93.67 52.05 48.12
C LYS G 182 94.25 53.01 49.15
N GLN G 183 95.55 53.21 49.09
CA GLN G 183 96.24 54.12 49.99
C GLN G 183 96.32 55.51 49.38
N SER G 184 97.15 56.37 49.98
CA SER G 184 97.38 57.70 49.43
C SER G 184 98.16 57.64 48.13
N ASN G 185 99.24 56.86 48.09
CA ASN G 185 100.06 56.71 46.90
C ASN G 185 99.34 55.95 45.80
N ASN G 186 98.05 55.68 45.97
CA ASN G 186 97.21 55.09 44.93
C ASN G 186 97.66 53.70 44.58
N LYS G 187 98.38 53.05 45.48
CA LYS G 187 98.47 51.60 45.44
C LYS G 187 97.63 51.01 46.57
N TYR G 188 97.70 49.69 46.71
CA TYR G 188 96.76 48.97 47.54
C TYR G 188 97.42 48.39 48.78
N ALA G 189 96.57 47.88 49.67
CA ALA G 189 96.98 47.24 50.91
C ALA G 189 95.90 46.26 51.32
N ALA G 190 96.28 45.22 52.04
CA ALA G 190 95.34 44.21 52.47
C ALA G 190 95.87 43.53 53.73
N SER G 191 95.03 42.71 54.34
CA SER G 191 95.38 42.06 55.59
C SER G 191 94.58 40.78 55.74
N SER G 192 95.14 39.82 56.45
CA SER G 192 94.48 38.56 56.72
C SER G 192 94.86 38.09 58.12
N TYR G 193 93.92 37.41 58.75
CA TYR G 193 94.03 36.97 60.13
C TYR G 193 93.79 35.47 60.19
N LEU G 194 94.53 34.80 61.05
CA LEU G 194 94.41 33.36 61.24
C LEU G 194 94.08 33.10 62.71
N SER G 195 92.99 32.40 62.95
CA SER G 195 92.56 32.07 64.30
C SER G 195 93.12 30.71 64.71
N LEU G 196 93.68 30.64 65.92
CA LEU G 196 94.32 29.44 66.42
C LEU G 196 94.17 29.36 67.92
N THR G 197 93.96 28.14 68.41
CA THR G 197 94.16 27.94 69.83
C THR G 197 95.64 27.75 70.12
N PRO G 198 96.14 28.31 71.23
CA PRO G 198 97.60 28.26 71.49
C PRO G 198 98.16 26.85 71.48
N GLU G 199 97.36 25.84 71.83
CA GLU G 199 97.85 24.47 71.75
C GLU G 199 98.07 24.05 70.30
N GLN G 200 97.25 24.54 69.37
CA GLN G 200 97.53 24.34 67.96
C GLN G 200 98.68 25.23 67.50
N TRP G 201 98.85 26.38 68.14
CA TRP G 201 99.98 27.24 67.81
C TRP G 201 101.30 26.55 68.09
N LYS G 202 101.41 25.86 69.22
CA LYS G 202 102.62 25.11 69.51
C LYS G 202 102.59 23.70 68.94
N SER G 203 101.43 23.24 68.48
CA SER G 203 101.34 21.93 67.85
C SER G 203 102.21 21.87 66.61
N HIS G 204 101.96 22.73 65.64
CA HIS G 204 102.76 22.77 64.42
C HIS G 204 104.00 23.63 64.63
N ARG G 205 105.11 23.17 64.05
CA ARG G 205 106.40 23.81 64.34
C ARG G 205 106.54 25.17 63.67
N SER G 206 105.78 25.42 62.60
CA SER G 206 105.85 26.74 61.98
C SER G 206 104.68 26.90 61.02
N TYR G 207 104.26 28.15 60.84
CA TYR G 207 103.24 28.50 59.88
C TYR G 207 103.79 29.52 58.90
N SER G 208 103.03 29.77 57.84
CA SER G 208 103.44 30.78 56.86
C SER G 208 102.23 31.34 56.15
N CYS G 209 102.41 32.56 55.64
CA CYS G 209 101.43 33.23 54.79
C CYS G 209 102.09 33.44 53.42
N GLN G 210 101.44 32.95 52.37
CA GLN G 210 101.92 33.16 51.02
C GLN G 210 100.90 34.02 50.28
N VAL G 211 101.37 34.86 49.38
CA VAL G 211 100.52 35.74 48.58
C VAL G 211 100.93 35.55 47.13
N THR G 212 99.94 35.41 46.26
CA THR G 212 100.18 35.31 44.83
C THR G 212 99.57 36.53 44.15
N HIS G 213 100.28 37.00 43.12
CA HIS G 213 100.02 38.30 42.52
C HIS G 213 100.63 38.27 41.12
N GLU G 214 99.78 38.28 40.10
CA GLU G 214 100.21 38.22 38.70
C GLU G 214 101.10 37.01 38.41
N GLY G 215 100.69 35.83 38.87
CA GLY G 215 101.52 34.66 38.68
C GLY G 215 102.63 34.58 39.71
N SER G 216 103.32 35.69 39.94
CA SER G 216 104.38 35.75 40.93
C SER G 216 103.82 35.41 42.31
N THR G 217 104.72 35.01 43.21
CA THR G 217 104.35 34.63 44.56
C THR G 217 105.47 35.03 45.51
N VAL G 218 105.10 35.54 46.67
CA VAL G 218 106.05 35.74 47.75
C VAL G 218 105.41 35.22 49.03
N GLU G 219 106.20 34.55 49.85
CA GLU G 219 105.72 33.95 51.08
C GLU G 219 106.63 34.34 52.23
N LYS G 220 106.06 34.51 53.41
CA LYS G 220 106.82 34.66 54.64
C LYS G 220 106.39 33.60 55.63
N THR G 221 107.26 33.31 56.59
CA THR G 221 107.08 32.18 57.49
C THR G 221 107.55 32.55 58.89
N VAL G 222 106.85 32.04 59.90
CA VAL G 222 107.26 32.22 61.29
C VAL G 222 107.07 30.89 62.02
N ALA G 223 107.99 30.61 62.94
CA ALA G 223 107.93 29.43 63.77
C ALA G 223 107.72 29.86 65.21
N PRO G 224 106.91 29.13 65.97
CA PRO G 224 106.76 29.43 67.40
C PRO G 224 108.09 29.38 68.13
N THR G 225 108.53 30.55 68.58
CA THR G 225 109.77 30.73 69.34
C THR G 225 110.95 29.97 68.74
N GLN H 18 -78.49 48.47 -0.30
CA GLN H 18 -78.26 47.45 0.72
C GLN H 18 -77.12 47.85 1.65
N VAL H 19 -76.06 48.41 1.08
CA VAL H 19 -74.97 48.92 1.91
C VAL H 19 -75.43 50.17 2.64
N GLN H 20 -74.76 50.47 3.74
CA GLN H 20 -75.30 51.44 4.68
C GLN H 20 -74.16 52.04 5.49
N LEU H 21 -74.13 53.37 5.57
CA LEU H 21 -73.20 54.10 6.43
C LEU H 21 -74.02 55.03 7.30
N GLN H 22 -74.06 54.77 8.60
CA GLN H 22 -74.82 55.58 9.54
C GLN H 22 -73.86 56.44 10.34
N GLN H 23 -74.05 57.75 10.30
CA GLN H 23 -73.21 58.65 11.05
C GLN H 23 -73.85 58.91 12.41
N SER H 24 -73.33 59.89 13.15
CA SER H 24 -73.74 60.05 14.54
C SER H 24 -73.56 61.49 14.98
N GLY H 25 -74.63 62.11 15.43
CA GLY H 25 -74.53 63.30 16.24
C GLY H 25 -74.81 64.58 15.46
N ALA H 26 -75.08 65.63 16.21
CA ALA H 26 -75.22 66.99 15.71
C ALA H 26 -74.49 67.95 16.64
N GLU H 27 -73.22 67.62 16.92
CA GLU H 27 -72.46 68.19 18.04
C GLU H 27 -72.32 69.71 17.95
N VAL H 28 -72.30 70.34 19.12
CA VAL H 28 -72.08 71.77 19.26
C VAL H 28 -70.89 71.96 20.20
N LYS H 29 -69.84 72.60 19.71
CA LYS H 29 -68.62 72.78 20.49
C LYS H 29 -68.29 74.26 20.61
N LYS H 30 -67.31 74.55 21.45
CA LYS H 30 -66.76 75.87 21.68
C LYS H 30 -65.44 76.02 20.94
N PRO H 31 -65.02 77.25 20.62
CA PRO H 31 -63.73 77.44 19.94
C PRO H 31 -62.56 77.01 20.81
N GLY H 32 -61.83 75.99 20.36
CA GLY H 32 -60.70 75.45 21.07
C GLY H 32 -60.85 73.99 21.47
N ALA H 33 -62.06 73.45 21.47
CA ALA H 33 -62.28 72.07 21.88
C ALA H 33 -61.95 71.13 20.73
N SER H 34 -62.20 69.84 20.93
CA SER H 34 -61.94 68.81 19.93
C SER H 34 -63.20 67.99 19.74
N VAL H 35 -63.40 67.50 18.51
CA VAL H 35 -64.62 66.80 18.16
C VAL H 35 -64.25 65.45 17.54
N LYS H 36 -65.09 64.45 17.81
CA LYS H 36 -64.90 63.10 17.29
C LYS H 36 -66.20 62.63 16.67
N VAL H 37 -66.15 62.29 15.38
CA VAL H 37 -67.30 61.86 14.61
C VAL H 37 -67.13 60.38 14.27
N SER H 38 -68.22 59.62 14.38
CA SER H 38 -68.19 58.19 14.13
C SER H 38 -69.10 57.85 12.95
N CYS H 39 -68.75 56.78 12.25
CA CYS H 39 -69.44 56.35 11.04
C CYS H 39 -69.45 54.83 11.03
N LYS H 40 -70.63 54.23 11.17
CA LYS H 40 -70.78 52.79 11.33
C LYS H 40 -71.30 52.19 10.03
N ALA H 41 -70.62 51.15 9.56
CA ALA H 41 -70.95 50.51 8.30
C ALA H 41 -71.73 49.23 8.52
N SER H 42 -72.60 48.91 7.57
CA SER H 42 -73.34 47.66 7.60
C SER H 42 -73.77 47.31 6.19
N GLY H 43 -73.74 46.02 5.87
CA GLY H 43 -74.16 45.53 4.58
C GLY H 43 -73.04 44.98 3.72
N TYR H 44 -71.79 45.14 4.14
CA TYR H 44 -70.66 44.66 3.35
C TYR H 44 -69.53 44.31 4.31
N THR H 45 -68.50 43.69 3.76
CA THR H 45 -67.32 43.33 4.54
C THR H 45 -66.50 44.60 4.81
N PHE H 46 -66.48 45.04 6.06
CA PHE H 46 -65.83 46.31 6.40
C PHE H 46 -64.32 46.22 6.29
N SER H 47 -63.75 45.04 6.46
CA SER H 47 -62.30 44.90 6.55
C SER H 47 -61.59 45.02 5.22
N ARG H 48 -62.30 45.04 4.09
CA ARG H 48 -61.68 45.01 2.78
C ARG H 48 -61.97 46.27 1.98
N TYR H 49 -62.17 47.40 2.65
CA TYR H 49 -62.45 48.65 1.98
C TYR H 49 -61.74 49.77 2.73
N GLY H 50 -62.10 51.01 2.42
CA GLY H 50 -61.54 52.15 3.11
C GLY H 50 -62.61 53.21 3.33
N ILE H 51 -62.29 54.17 4.18
CA ILE H 51 -63.20 55.24 4.54
C ILE H 51 -62.52 56.57 4.27
N SER H 52 -63.18 57.46 3.55
CA SER H 52 -62.67 58.80 3.35
C SER H 52 -63.67 59.82 3.86
N TRP H 53 -63.14 60.96 4.30
CA TRP H 53 -63.92 61.99 4.97
C TRP H 53 -63.92 63.25 4.14
N VAL H 54 -65.09 63.86 3.96
CA VAL H 54 -65.26 65.02 3.10
C VAL H 54 -66.03 66.10 3.86
N ARG H 55 -65.50 67.31 3.88
CA ARG H 55 -66.10 68.42 4.57
C ARG H 55 -66.93 69.27 3.61
N GLN H 56 -67.95 69.94 4.13
CA GLN H 56 -68.69 70.91 3.31
C GLN H 56 -69.17 72.04 4.21
N ALA H 57 -68.58 73.21 4.06
CA ALA H 57 -69.04 74.39 4.79
C ALA H 57 -70.43 74.80 4.28
N PRO H 58 -71.27 75.42 5.14
CA PRO H 58 -72.63 75.75 4.70
C PRO H 58 -72.68 76.83 3.63
N GLY H 59 -73.10 76.43 2.43
CA GLY H 59 -73.10 77.32 1.29
C GLY H 59 -71.85 77.32 0.46
N GLN H 60 -70.94 76.38 0.69
CA GLN H 60 -69.68 76.29 -0.04
C GLN H 60 -69.57 74.93 -0.72
N GLY H 61 -68.40 74.68 -1.31
CA GLY H 61 -68.16 73.42 -2.01
C GLY H 61 -67.53 72.39 -1.10
N LEU H 62 -67.27 71.22 -1.68
CA LEU H 62 -66.73 70.10 -0.94
C LEU H 62 -65.22 70.24 -0.78
N GLU H 63 -64.71 69.76 0.36
CA GLU H 63 -63.28 69.69 0.62
C GLU H 63 -62.92 68.26 1.00
N TRP H 64 -61.77 67.80 0.54
CA TRP H 64 -61.29 66.48 0.90
C TRP H 64 -60.45 66.58 2.16
N MET H 65 -60.80 65.78 3.17
CA MET H 65 -60.06 65.77 4.42
C MET H 65 -59.00 64.67 4.45
N GLY H 66 -59.38 63.44 4.17
CA GLY H 66 -58.41 62.37 4.15
C GLY H 66 -59.06 61.02 3.96
N TRP H 67 -58.23 59.99 4.13
CA TRP H 67 -58.58 58.62 3.76
C TRP H 67 -57.84 57.65 4.67
N ILE H 68 -58.51 56.55 5.02
CA ILE H 68 -57.91 55.46 5.78
C ILE H 68 -58.30 54.13 5.16
N SER H 69 -57.38 53.18 5.20
CA SER H 69 -57.67 51.83 4.78
C SER H 69 -58.00 50.99 6.00
N ALA H 70 -59.04 50.17 5.90
CA ALA H 70 -59.50 49.41 7.05
C ALA H 70 -58.69 48.15 7.30
N TYR H 71 -57.69 47.87 6.46
CA TYR H 71 -56.89 46.67 6.68
C TYR H 71 -55.90 46.86 7.83
N LYS H 72 -54.98 47.81 7.69
CA LYS H 72 -54.03 48.08 8.77
C LYS H 72 -53.64 49.56 8.72
N GLY H 73 -54.38 50.37 9.47
CA GLY H 73 -54.07 51.78 9.63
C GLY H 73 -54.08 52.57 8.34
N ASN H 74 -52.88 52.96 7.89
CA ASN H 74 -52.59 53.41 6.52
C ASN H 74 -53.40 54.67 6.17
N THR H 75 -53.06 55.76 6.85
CA THR H 75 -53.76 57.02 6.64
C THR H 75 -53.21 57.76 5.43
N ASN H 76 -53.93 58.79 5.03
CA ASN H 76 -53.51 59.73 3.99
C ASN H 76 -54.30 61.00 4.22
N TYR H 77 -53.64 62.07 4.65
CA TYR H 77 -54.31 63.31 4.97
C TYR H 77 -54.01 64.38 3.93
N ALA H 78 -54.90 65.35 3.82
CA ALA H 78 -54.59 66.52 3.03
C ALA H 78 -53.64 67.43 3.80
N GLN H 79 -52.92 68.27 3.06
CA GLN H 79 -51.93 69.13 3.70
C GLN H 79 -52.55 70.30 4.44
N LYS H 80 -53.82 70.61 4.17
CA LYS H 80 -54.50 71.66 4.93
C LYS H 80 -54.84 71.16 6.33
N PHE H 81 -55.17 69.88 6.47
CA PHE H 81 -55.53 69.28 7.74
C PHE H 81 -54.41 68.44 8.32
N GLN H 82 -53.20 68.54 7.81
CA GLN H 82 -52.09 67.74 8.28
C GLN H 82 -51.66 68.21 9.66
N GLY H 83 -51.71 67.31 10.64
CA GLY H 83 -51.35 67.63 12.01
C GLY H 83 -52.52 67.92 12.91
N ARG H 84 -53.74 67.99 12.37
CA ARG H 84 -54.92 68.28 13.17
C ARG H 84 -55.91 67.13 13.23
N VAL H 85 -56.05 66.34 12.18
CA VAL H 85 -57.02 65.25 12.15
C VAL H 85 -56.32 63.94 12.48
N THR H 86 -57.05 63.07 13.16
CA THR H 86 -56.65 61.68 13.32
C THR H 86 -57.84 60.80 13.00
N MET H 87 -57.66 59.86 12.07
CA MET H 87 -58.70 58.94 11.67
C MET H 87 -58.31 57.53 12.08
N THR H 88 -59.23 56.84 12.76
CA THR H 88 -59.00 55.46 13.19
C THR H 88 -60.16 54.60 12.72
N THR H 89 -59.95 53.29 12.74
CA THR H 89 -60.99 52.32 12.47
C THR H 89 -61.16 51.42 13.68
N ASP H 90 -62.22 50.61 13.63
CA ASP H 90 -62.42 49.56 14.62
C ASP H 90 -63.21 48.48 13.89
N THR H 91 -62.51 47.45 13.43
CA THR H 91 -63.13 46.41 12.62
C THR H 91 -63.92 45.40 13.43
N SER H 92 -63.75 45.37 14.76
CA SER H 92 -64.55 44.48 15.58
C SER H 92 -65.99 44.95 15.65
N THR H 93 -66.19 46.25 15.85
CA THR H 93 -67.51 46.85 15.77
C THR H 93 -67.77 47.50 14.41
N SER H 94 -66.75 47.54 13.55
CA SER H 94 -66.83 48.01 12.17
C SER H 94 -67.29 49.45 12.07
N THR H 95 -66.65 50.33 12.83
CA THR H 95 -66.89 51.76 12.76
C THR H 95 -65.61 52.48 12.40
N ALA H 96 -65.75 53.75 12.03
CA ALA H 96 -64.63 54.61 11.72
C ALA H 96 -64.79 55.92 12.47
N TYR H 97 -63.70 56.43 13.01
CA TYR H 97 -63.71 57.66 13.78
C TYR H 97 -62.79 58.69 13.14
N MET H 98 -63.19 59.94 13.21
CA MET H 98 -62.35 61.07 12.81
C MET H 98 -62.37 62.10 13.93
N GLU H 99 -61.20 62.53 14.36
CA GLU H 99 -61.08 63.50 15.44
C GLU H 99 -60.36 64.74 14.92
N LEU H 100 -61.03 65.88 15.04
CA LEU H 100 -60.43 67.20 14.80
C LEU H 100 -60.09 67.86 16.12
N ARG H 101 -58.94 68.52 16.16
CA ARG H 101 -58.48 69.23 17.34
C ARG H 101 -58.31 70.71 17.03
N SER H 102 -58.36 71.50 18.09
CA SER H 102 -58.20 72.96 18.06
C SER H 102 -59.20 73.62 17.11
N LEU H 103 -60.47 73.42 17.43
CA LEU H 103 -61.55 73.92 16.59
C LEU H 103 -61.64 75.43 16.64
N ARG H 104 -62.09 76.01 15.54
CA ARG H 104 -62.36 77.44 15.46
C ARG H 104 -63.53 77.66 14.51
N SER H 105 -64.06 78.87 14.51
CA SER H 105 -65.02 79.24 13.49
C SER H 105 -64.35 79.27 12.14
N ASP H 106 -64.99 78.59 11.20
CA ASP H 106 -64.50 78.36 9.87
C ASP H 106 -64.52 76.83 9.75
N ASP H 107 -64.68 76.14 10.89
CA ASP H 107 -64.73 74.69 10.89
C ASP H 107 -66.15 74.16 11.12
N THR H 108 -67.13 75.04 11.32
CA THR H 108 -68.51 74.63 11.36
C THR H 108 -68.97 74.23 9.96
N ALA H 109 -69.41 72.98 9.82
CA ALA H 109 -69.62 72.40 8.49
C ALA H 109 -70.46 71.14 8.64
N VAL H 110 -70.61 70.42 7.54
CA VAL H 110 -71.20 69.08 7.53
C VAL H 110 -70.11 68.12 7.10
N TYR H 111 -69.97 67.03 7.84
CA TYR H 111 -68.89 66.07 7.66
C TYR H 111 -69.46 64.77 7.14
N TYR H 112 -68.92 64.29 6.02
CA TYR H 112 -69.42 63.15 5.30
C TYR H 112 -68.41 62.02 5.31
N CYS H 113 -68.94 60.81 5.29
CA CYS H 113 -68.20 59.55 5.38
C CYS H 113 -68.52 58.75 4.12
N ALA H 114 -67.52 58.48 3.29
CA ALA H 114 -67.73 57.75 2.06
C ALA H 114 -66.86 56.50 2.04
N ARG H 115 -67.36 55.46 1.37
CA ARG H 115 -66.65 54.20 1.26
C ARG H 115 -65.77 54.23 0.01
N SER H 116 -64.48 54.37 0.23
CA SER H 116 -63.42 54.40 -0.77
C SER H 116 -62.80 53.01 -0.90
N PRO H 117 -62.00 52.76 -1.93
CA PRO H 117 -61.37 51.44 -2.04
C PRO H 117 -60.27 51.26 -1.02
N PRO H 118 -59.79 50.03 -0.82
CA PRO H 118 -58.65 49.82 0.09
C PRO H 118 -57.34 50.36 -0.43
N ASP H 119 -57.26 50.72 -1.70
CA ASP H 119 -56.10 51.41 -2.26
C ASP H 119 -56.58 52.41 -3.31
N PHE H 120 -55.63 53.09 -3.91
CA PHE H 120 -55.77 53.95 -5.09
C PHE H 120 -56.70 55.16 -4.98
N LEU H 121 -57.35 55.39 -3.82
CA LEU H 121 -57.80 56.73 -3.40
C LEU H 121 -58.84 57.36 -4.34
N GLY H 122 -59.87 56.61 -4.69
CA GLY H 122 -60.93 57.16 -5.52
C GLY H 122 -62.30 56.82 -4.95
N TRP H 123 -63.34 56.83 -5.78
CA TRP H 123 -64.60 56.09 -5.57
C TRP H 123 -65.29 56.44 -4.26
N PHE H 124 -65.85 57.65 -4.22
CA PHE H 124 -66.64 58.09 -3.07
C PHE H 124 -68.11 57.69 -3.29
N ASP H 125 -68.41 56.41 -3.15
CA ASP H 125 -69.74 56.01 -3.63
C ASP H 125 -70.96 56.25 -2.71
N PRO H 126 -71.07 55.63 -1.48
CA PRO H 126 -72.40 55.59 -0.86
C PRO H 126 -72.79 56.78 0.01
N TRP H 127 -71.84 57.51 0.63
CA TRP H 127 -72.06 58.82 1.25
C TRP H 127 -73.09 58.79 2.37
N GLY H 128 -72.67 58.25 3.52
CA GLY H 128 -73.41 58.41 4.77
C GLY H 128 -73.85 59.84 5.07
N GLN H 129 -74.97 60.01 5.78
CA GLN H 129 -75.80 61.21 5.71
C GLN H 129 -75.14 62.48 6.25
N GLY H 130 -74.01 62.39 6.94
CA GLY H 130 -73.29 63.58 7.33
C GLY H 130 -73.73 64.19 8.63
N THR H 131 -72.79 64.65 9.45
CA THR H 131 -73.12 65.29 10.72
C THR H 131 -72.77 66.76 10.66
N LEU H 132 -73.65 67.60 11.20
CA LEU H 132 -73.42 69.03 11.27
C LEU H 132 -72.68 69.34 12.56
N VAL H 133 -71.47 69.89 12.42
CA VAL H 133 -70.68 70.31 13.57
C VAL H 133 -70.66 71.83 13.59
N THR H 134 -71.19 72.42 14.65
CA THR H 134 -71.34 73.86 14.79
C THR H 134 -70.48 74.32 15.95
N VAL H 135 -69.56 75.23 15.68
CA VAL H 135 -68.74 75.84 16.73
C VAL H 135 -69.21 77.28 16.87
N SER H 136 -68.99 77.87 18.04
CA SER H 136 -69.38 79.25 18.30
C SER H 136 -69.58 79.50 19.80
N SER H 137 -70.07 80.68 20.14
CA SER H 137 -70.31 81.04 21.52
C SER H 137 -70.61 82.54 21.66
N ALA H 138 -71.88 82.89 21.65
CA ALA H 138 -72.29 84.28 21.78
C ALA H 138 -73.40 84.44 22.82
N SER H 139 -74.15 83.36 23.04
CA SER H 139 -75.24 83.38 24.01
C SER H 139 -76.46 84.13 23.47
N THR H 140 -76.53 85.42 23.78
CA THR H 140 -77.65 86.26 23.33
C THR H 140 -77.27 87.73 23.38
N LYS H 141 -77.88 88.52 22.50
CA LYS H 141 -77.62 89.94 22.44
C LYS H 141 -78.73 90.65 21.67
N GLY H 142 -78.94 91.92 22.02
CA GLY H 142 -79.97 92.72 21.42
C GLY H 142 -79.51 93.40 20.15
N PRO H 143 -80.45 93.79 19.31
CA PRO H 143 -80.08 94.37 18.02
C PRO H 143 -79.73 95.84 18.12
N SER H 144 -78.84 96.28 17.25
CA SER H 144 -78.54 97.70 17.07
C SER H 144 -79.17 98.17 15.77
N VAL H 145 -79.91 99.27 15.83
CA VAL H 145 -80.74 99.71 14.72
C VAL H 145 -80.22 101.05 14.20
N PHE H 146 -80.18 101.19 12.88
CA PHE H 146 -79.94 102.43 12.17
C PHE H 146 -81.01 102.62 11.10
N PRO H 147 -81.41 103.86 10.81
CA PRO H 147 -82.30 104.09 9.66
C PRO H 147 -81.48 104.41 8.41
N LEU H 148 -81.76 103.68 7.32
CA LEU H 148 -81.17 103.97 6.02
C LEU H 148 -82.11 104.90 5.29
N ALA H 149 -81.73 106.16 5.21
CA ALA H 149 -82.51 107.28 4.73
C ALA H 149 -82.82 107.13 3.24
N PRO H 150 -83.97 107.63 2.80
CA PRO H 150 -84.21 107.74 1.35
C PRO H 150 -83.32 108.81 0.76
N SER H 151 -82.72 108.50 -0.39
CA SER H 151 -81.78 109.41 -1.01
C SER H 151 -81.98 109.41 -2.52
N SER H 152 -81.45 110.45 -3.16
CA SER H 152 -81.52 110.54 -4.61
C SER H 152 -80.75 109.40 -5.28
N LYS H 153 -79.71 108.88 -4.62
CA LYS H 153 -79.02 107.70 -5.12
C LYS H 153 -79.91 106.46 -5.04
N SER H 154 -80.89 106.47 -4.15
CA SER H 154 -81.94 105.46 -4.13
C SER H 154 -83.17 105.89 -4.91
N THR H 155 -83.33 107.20 -5.14
CA THR H 155 -84.50 107.69 -5.86
C THR H 155 -84.33 107.49 -7.37
N SER H 156 -85.42 107.13 -8.04
CA SER H 156 -85.44 106.98 -9.50
C SER H 156 -86.87 107.26 -9.98
N GLY H 157 -87.06 108.45 -10.53
CA GLY H 157 -88.34 108.78 -11.13
C GLY H 157 -89.44 108.93 -10.09
N GLY H 158 -90.40 108.00 -10.13
CA GLY H 158 -91.60 108.14 -9.32
C GLY H 158 -91.47 107.62 -7.90
N THR H 159 -90.46 106.81 -7.60
CA THR H 159 -90.35 106.16 -6.32
C THR H 159 -88.94 106.32 -5.73
N ALA H 160 -88.85 106.16 -4.42
CA ALA H 160 -87.58 106.18 -3.69
C ALA H 160 -87.71 105.22 -2.51
N ALA H 161 -86.58 104.60 -2.15
CA ALA H 161 -86.57 103.54 -1.16
C ALA H 161 -85.91 104.00 0.13
N LEU H 162 -86.45 103.54 1.27
CA LEU H 162 -85.90 103.80 2.59
C LEU H 162 -86.07 102.55 3.45
N GLY H 163 -85.26 102.42 4.48
CA GLY H 163 -85.33 101.21 5.27
C GLY H 163 -84.69 101.32 6.63
N CYS H 164 -84.53 100.17 7.27
CA CYS H 164 -83.96 100.08 8.62
C CYS H 164 -83.00 98.90 8.66
N LEU H 165 -81.81 99.16 9.20
CA LEU H 165 -80.75 98.17 9.34
C LEU H 165 -80.69 97.73 10.80
N VAL H 166 -80.99 96.47 11.06
CA VAL H 166 -80.99 95.92 12.41
C VAL H 166 -79.91 94.84 12.44
N LYS H 167 -78.86 95.07 13.22
CA LYS H 167 -77.65 94.26 13.13
C LYS H 167 -77.21 93.75 14.50
N ASP H 168 -76.21 92.86 14.48
CA ASP H 168 -75.54 92.34 15.66
C ASP H 168 -76.48 91.82 16.73
N TYR H 169 -77.16 90.72 16.44
CA TYR H 169 -77.94 90.01 17.45
C TYR H 169 -77.76 88.52 17.28
N PHE H 170 -77.68 87.79 18.38
CA PHE H 170 -77.64 86.33 18.30
C PHE H 170 -79.01 85.67 18.18
N PRO H 171 -80.00 86.03 19.01
CA PRO H 171 -81.20 85.19 19.08
C PRO H 171 -82.08 85.31 17.84
N GLU H 172 -81.81 84.42 16.88
CA GLU H 172 -82.23 84.40 15.49
C GLU H 172 -83.61 85.02 15.22
N PRO H 173 -84.68 84.60 15.89
CA PRO H 173 -85.98 85.19 15.55
C PRO H 173 -86.09 86.64 15.97
N VAL H 174 -86.11 87.54 14.98
CA VAL H 174 -86.23 88.98 15.20
C VAL H 174 -87.17 89.51 14.13
N THR H 175 -87.92 90.57 14.43
CA THR H 175 -88.86 91.05 13.44
C THR H 175 -88.78 92.57 13.37
N VAL H 176 -88.96 93.10 12.16
CA VAL H 176 -89.07 94.52 11.92
C VAL H 176 -90.29 94.75 11.06
N SER H 177 -91.21 95.57 11.55
CA SER H 177 -92.40 95.94 10.80
C SER H 177 -92.29 97.40 10.39
N TRP H 178 -93.15 97.81 9.48
CA TRP H 178 -93.21 99.20 9.04
C TRP H 178 -94.53 99.83 9.49
N ASN H 179 -94.40 100.86 10.33
CA ASN H 179 -95.55 101.63 10.81
C ASN H 179 -96.56 100.70 11.48
N SER H 180 -96.07 99.95 12.47
CA SER H 180 -96.90 99.07 13.29
C SER H 180 -97.68 98.06 12.45
N GLY H 181 -97.14 97.72 11.28
CA GLY H 181 -97.81 96.79 10.39
C GLY H 181 -98.68 97.42 9.33
N ALA H 182 -98.57 98.74 9.11
CA ALA H 182 -99.43 99.42 8.16
C ALA H 182 -99.03 99.19 6.71
N LEU H 183 -97.78 99.47 6.34
CA LEU H 183 -97.34 99.41 4.95
C LEU H 183 -97.00 97.96 4.60
N THR H 184 -97.66 97.44 3.57
CA THR H 184 -97.39 96.10 3.07
C THR H 184 -96.89 96.17 1.63
N SER H 185 -96.91 97.37 1.05
CA SER H 185 -96.44 97.59 -0.30
C SER H 185 -94.97 97.97 -0.30
N GLY H 186 -94.17 97.19 -1.02
CA GLY H 186 -92.74 97.44 -1.12
C GLY H 186 -91.92 97.02 0.07
N VAL H 187 -92.56 96.73 1.19
CA VAL H 187 -91.85 96.29 2.40
C VAL H 187 -91.27 94.91 2.15
N HIS H 188 -89.95 94.81 2.18
CA HIS H 188 -89.26 93.54 1.98
C HIS H 188 -88.08 93.37 2.94
N THR H 189 -88.19 92.42 3.86
CA THR H 189 -87.14 92.15 4.83
C THR H 189 -86.24 91.08 4.24
N PHE H 190 -84.96 91.36 4.20
CA PHE H 190 -84.05 90.43 3.57
C PHE H 190 -83.55 89.41 4.57
N PRO H 191 -83.17 88.21 4.11
CA PRO H 191 -82.70 87.20 5.04
C PRO H 191 -81.53 87.70 5.87
N ALA H 192 -81.57 87.37 7.16
CA ALA H 192 -80.50 87.77 8.04
C ALA H 192 -79.19 87.13 7.61
N VAL H 193 -78.10 87.82 7.86
CA VAL H 193 -76.79 87.33 7.51
C VAL H 193 -76.01 87.05 8.78
N LEU H 194 -75.24 85.97 8.75
CA LEU H 194 -74.45 85.55 9.90
C LEU H 194 -73.00 85.95 9.67
N GLN H 195 -72.50 86.86 10.49
CA GLN H 195 -71.17 87.39 10.33
C GLN H 195 -70.13 86.45 10.91
N SER H 196 -68.86 86.81 10.72
CA SER H 196 -67.78 86.06 11.35
C SER H 196 -67.79 86.26 12.86
N SER H 197 -68.26 87.41 13.32
CA SER H 197 -68.36 87.65 14.76
C SER H 197 -69.30 86.67 15.44
N GLY H 198 -70.13 85.96 14.69
CA GLY H 198 -71.09 85.05 15.25
C GLY H 198 -72.47 85.61 15.45
N LEU H 199 -72.67 86.89 15.16
CA LEU H 199 -73.97 87.53 15.36
C LEU H 199 -74.65 87.79 14.03
N TYR H 200 -75.98 87.80 14.05
CA TYR H 200 -76.74 87.99 12.84
C TYR H 200 -76.91 89.48 12.54
N SER H 201 -77.38 89.76 11.33
CA SER H 201 -77.68 91.11 10.90
C SER H 201 -78.60 91.04 9.69
N LEU H 202 -79.46 92.05 9.56
CA LEU H 202 -80.35 92.13 8.42
C LEU H 202 -80.76 93.58 8.20
N SER H 203 -81.43 93.81 7.08
CA SER H 203 -81.92 95.13 6.70
C SER H 203 -83.23 94.98 5.92
N SER H 204 -84.25 95.75 6.31
CA SER H 204 -85.55 95.68 5.66
C SER H 204 -85.82 97.01 4.99
N VAL H 205 -86.21 96.97 3.72
CA VAL H 205 -86.35 98.19 2.93
C VAL H 205 -87.72 98.20 2.26
N VAL H 206 -88.24 99.41 2.05
CA VAL H 206 -89.52 99.62 1.40
C VAL H 206 -89.41 100.84 0.50
N THR H 207 -90.01 100.76 -0.68
CA THR H 207 -90.07 101.86 -1.62
C THR H 207 -91.40 102.60 -1.46
N VAL H 208 -91.39 103.89 -1.73
CA VAL H 208 -92.52 104.78 -1.50
C VAL H 208 -92.38 105.94 -2.49
N PRO H 209 -93.46 106.47 -3.04
CA PRO H 209 -93.35 107.51 -4.07
C PRO H 209 -92.41 108.63 -3.67
N SER H 210 -91.58 109.06 -4.64
CA SER H 210 -90.57 110.07 -4.35
C SER H 210 -91.19 111.42 -4.01
N SER H 211 -92.46 111.62 -4.36
CA SER H 211 -93.16 112.81 -3.88
C SER H 211 -93.40 112.73 -2.38
N SER H 212 -93.29 111.54 -1.80
CA SER H 212 -93.59 111.29 -0.40
C SER H 212 -92.34 110.94 0.41
N LEU H 213 -91.23 111.64 0.19
CA LEU H 213 -90.00 111.34 0.93
C LEU H 213 -90.21 111.44 2.44
N GLY H 214 -90.50 112.64 2.93
CA GLY H 214 -90.69 112.82 4.36
C GLY H 214 -92.16 112.97 4.74
N THR H 215 -93.04 113.03 3.75
CA THR H 215 -94.42 113.49 3.96
C THR H 215 -95.16 112.68 5.01
N GLN H 216 -95.20 111.36 4.87
CA GLN H 216 -95.99 110.54 5.77
C GLN H 216 -95.09 109.86 6.79
N THR H 217 -95.69 108.97 7.60
CA THR H 217 -94.95 108.29 8.66
C THR H 217 -94.34 107.00 8.13
N TYR H 218 -93.05 106.82 8.38
CA TYR H 218 -92.36 105.58 8.06
C TYR H 218 -91.48 105.24 9.25
N ILE H 219 -92.04 104.52 10.22
CA ILE H 219 -91.33 104.16 11.43
C ILE H 219 -91.24 102.64 11.48
N CYS H 220 -90.01 102.13 11.54
CA CYS H 220 -89.78 100.70 11.66
C CYS H 220 -89.84 100.30 13.11
N ASN H 221 -90.66 99.28 13.38
CA ASN H 221 -90.92 98.74 14.71
C ASN H 221 -90.08 97.48 14.83
N VAL H 222 -89.04 97.54 15.66
CA VAL H 222 -88.11 96.45 15.85
C VAL H 222 -88.50 95.73 17.13
N ASN H 223 -88.78 94.43 17.02
CA ASN H 223 -89.09 93.60 18.18
C ASN H 223 -88.21 92.36 18.18
N HIS H 224 -87.60 92.10 19.33
CA HIS H 224 -86.71 90.98 19.56
C HIS H 224 -87.36 90.12 20.64
N LYS H 225 -87.90 88.97 20.23
CA LYS H 225 -88.74 88.14 21.08
C LYS H 225 -87.98 87.31 22.12
N PRO H 226 -86.83 86.71 21.81
CA PRO H 226 -86.07 86.05 22.89
C PRO H 226 -85.67 87.02 23.98
N SER H 227 -85.18 88.20 23.62
CA SER H 227 -85.06 89.30 24.57
C SER H 227 -86.41 90.01 24.62
N ASN H 228 -86.45 91.21 25.17
CA ASN H 228 -87.67 92.01 25.19
C ASN H 228 -87.43 93.41 24.63
N THR H 229 -86.77 93.48 23.48
CA THR H 229 -86.44 94.74 22.85
C THR H 229 -87.56 95.18 21.90
N LYS H 230 -87.98 96.43 22.05
CA LYS H 230 -89.01 97.03 21.21
C LYS H 230 -88.64 98.50 21.00
N VAL H 231 -88.27 98.86 19.78
CA VAL H 231 -87.84 100.22 19.47
C VAL H 231 -88.42 100.64 18.12
N ASP H 232 -88.92 101.87 18.04
CA ASP H 232 -89.44 102.44 16.80
C ASP H 232 -88.47 103.50 16.30
N LYS H 233 -88.03 103.36 15.06
CA LYS H 233 -87.07 104.27 14.45
C LYS H 233 -87.67 104.90 13.19
N LYS H 234 -87.62 106.23 13.11
CA LYS H 234 -88.14 106.95 11.96
C LYS H 234 -87.04 107.12 10.92
N VAL H 235 -87.38 106.96 9.65
CA VAL H 235 -86.45 107.13 8.55
C VAL H 235 -86.86 108.36 7.76
N GLU H 236 -85.94 109.30 7.61
CA GLU H 236 -86.19 110.57 6.93
C GLU H 236 -85.08 110.79 5.91
N PRO H 237 -85.35 111.58 4.86
CA PRO H 237 -84.31 111.87 3.86
C PRO H 237 -83.06 112.45 4.50
N LYS H 238 -81.94 112.28 3.82
CA LYS H 238 -80.66 112.73 4.33
C LYS H 238 -80.63 114.24 4.47
N SER H 239 -79.93 114.69 5.52
CA SER H 239 -79.86 116.11 5.87
C SER H 239 -79.35 116.96 4.72
N LEU I 17 -51.18 72.80 -6.06
CA LEU I 17 -52.57 72.46 -6.30
C LEU I 17 -53.02 72.79 -7.73
N PRO I 18 -53.59 71.78 -8.40
CA PRO I 18 -54.02 71.95 -9.81
C PRO I 18 -55.40 72.58 -9.97
N VAL I 19 -55.87 73.33 -8.97
CA VAL I 19 -57.27 73.58 -8.59
C VAL I 19 -58.23 73.79 -9.76
N LEU I 20 -59.34 73.06 -9.74
CA LEU I 20 -60.22 72.97 -10.89
C LEU I 20 -61.20 74.14 -10.89
N THR I 21 -61.28 74.84 -12.00
CA THR I 21 -62.18 75.98 -12.14
C THR I 21 -63.44 75.53 -12.86
N GLN I 22 -64.59 75.87 -12.29
CA GLN I 22 -65.85 75.35 -12.75
C GLN I 22 -66.90 76.43 -12.63
N PRO I 23 -67.75 76.63 -13.64
CA PRO I 23 -68.67 77.78 -13.65
C PRO I 23 -69.78 77.64 -12.63
N PRO I 24 -70.22 78.75 -12.04
CA PRO I 24 -71.15 78.67 -10.91
C PRO I 24 -72.58 78.33 -11.28
N SER I 25 -73.03 78.60 -12.49
CA SER I 25 -74.43 78.35 -12.82
C SER I 25 -74.58 78.06 -14.32
N VAL I 26 -75.42 77.08 -14.64
CA VAL I 26 -75.75 76.72 -16.01
C VAL I 26 -77.26 76.61 -16.11
N SER I 27 -77.86 77.39 -17.01
CA SER I 27 -79.31 77.46 -17.16
C SER I 27 -79.74 76.77 -18.43
N VAL I 28 -80.69 75.84 -18.31
CA VAL I 28 -81.15 74.99 -19.41
C VAL I 28 -82.66 74.82 -19.31
N SER I 29 -83.36 75.13 -20.47
CA SER I 29 -84.79 74.97 -20.65
C SER I 29 -85.16 73.48 -20.71
N PRO I 30 -86.36 73.09 -20.25
CA PRO I 30 -86.69 71.66 -20.17
C PRO I 30 -86.81 70.97 -21.52
N GLY I 31 -85.91 70.04 -21.78
CA GLY I 31 -85.87 69.32 -23.03
C GLY I 31 -84.62 69.54 -23.87
N GLN I 32 -83.57 70.15 -23.32
CA GLN I 32 -82.34 70.42 -24.04
C GLN I 32 -81.21 69.66 -23.39
N THR I 33 -80.00 69.88 -23.89
CA THR I 33 -78.80 69.23 -23.36
C THR I 33 -77.98 70.23 -22.57
N ALA I 34 -77.59 69.82 -21.37
CA ALA I 34 -76.73 70.62 -20.49
C ALA I 34 -75.30 70.12 -20.57
N SER I 35 -74.36 71.06 -20.50
CA SER I 35 -72.94 70.76 -20.63
C SER I 35 -72.18 71.51 -19.55
N ILE I 36 -71.57 70.77 -18.63
CA ILE I 36 -70.84 71.33 -17.50
C ILE I 36 -69.36 71.04 -17.69
N THR I 37 -68.54 72.07 -17.62
CA THR I 37 -67.13 71.99 -17.97
C THR I 37 -66.26 72.25 -16.75
N CYS I 38 -65.51 71.24 -16.35
CA CYS I 38 -64.57 71.33 -15.23
C CYS I 38 -63.18 71.48 -15.85
N SER I 39 -62.66 72.69 -15.87
CA SER I 39 -61.39 72.97 -16.50
C SER I 39 -60.34 73.30 -15.45
N GLY I 40 -59.31 72.48 -15.37
CA GLY I 40 -58.19 72.76 -14.49
C GLY I 40 -56.93 72.42 -15.24
N ASP I 41 -55.80 72.73 -14.62
CA ASP I 41 -54.53 72.57 -15.31
C ASP I 41 -54.09 71.11 -15.29
N LYS I 42 -53.45 70.70 -16.38
CA LYS I 42 -53.02 69.31 -16.53
C LYS I 42 -54.24 68.48 -16.90
N LEU I 43 -54.89 67.94 -15.88
CA LEU I 43 -56.10 67.14 -16.03
C LEU I 43 -56.15 66.09 -17.14
N GLY I 44 -55.01 65.64 -17.64
CA GLY I 44 -55.04 64.61 -18.67
C GLY I 44 -54.41 63.36 -18.13
N ASP I 45 -53.60 63.54 -17.10
CA ASP I 45 -52.97 62.43 -16.40
C ASP I 45 -53.73 62.05 -15.15
N LYS I 46 -54.91 62.63 -14.94
CA LYS I 46 -55.74 62.36 -13.78
C LYS I 46 -57.09 61.83 -14.25
N PHE I 47 -57.62 60.87 -13.50
CA PHE I 47 -58.98 60.44 -13.69
C PHE I 47 -59.93 61.46 -13.05
N THR I 48 -61.11 61.60 -13.62
CA THR I 48 -62.10 62.55 -13.11
C THR I 48 -63.42 61.84 -12.84
N CYS I 49 -63.98 62.07 -11.66
CA CYS I 49 -65.30 61.62 -11.27
C CYS I 49 -66.25 62.81 -11.24
N TRP I 50 -67.54 62.51 -11.36
CA TRP I 50 -68.60 63.50 -11.31
C TRP I 50 -69.64 63.05 -10.31
N TYR I 51 -70.01 63.95 -9.40
CA TYR I 51 -70.93 63.70 -8.29
C TYR I 51 -72.10 64.67 -8.37
N GLN I 52 -73.27 64.20 -7.93
CA GLN I 52 -74.50 64.98 -7.97
C GLN I 52 -75.08 65.08 -6.57
N GLN I 53 -75.35 66.30 -6.13
CA GLN I 53 -75.91 66.55 -4.79
C GLN I 53 -77.15 67.41 -4.90
N LYS I 54 -78.30 66.83 -4.61
CA LYS I 54 -79.55 67.55 -4.53
C LYS I 54 -79.58 68.35 -3.23
N PRO I 55 -80.35 69.44 -3.17
CA PRO I 55 -80.35 70.29 -1.97
C PRO I 55 -80.95 69.59 -0.76
N GLY I 56 -80.16 69.48 0.30
CA GLY I 56 -80.61 68.84 1.52
C GLY I 56 -80.29 67.37 1.64
N GLN I 57 -79.43 66.83 0.78
CA GLN I 57 -79.11 65.41 0.78
C GLN I 57 -77.60 65.24 0.66
N SER I 58 -77.17 64.00 0.71
CA SER I 58 -75.79 63.56 0.52
C SER I 58 -75.53 63.34 -0.97
N PRO I 59 -74.29 63.53 -1.43
CA PRO I 59 -74.02 63.43 -2.87
C PRO I 59 -74.11 62.01 -3.39
N VAL I 60 -74.29 61.92 -4.70
CA VAL I 60 -74.47 60.66 -5.41
C VAL I 60 -73.51 60.65 -6.59
N GLN I 61 -72.70 59.61 -6.69
CA GLN I 61 -71.73 59.51 -7.78
C GLN I 61 -72.41 59.15 -9.08
N VAL I 62 -72.18 59.93 -10.13
CA VAL I 62 -72.82 59.68 -11.41
C VAL I 62 -71.83 59.29 -12.51
N ILE I 63 -70.55 59.65 -12.41
CA ILE I 63 -69.56 59.22 -13.40
C ILE I 63 -68.28 58.88 -12.63
N TYR I 64 -67.76 57.65 -12.79
CA TYR I 64 -66.54 57.43 -12.02
C TYR I 64 -65.25 57.64 -12.80
N GLN I 65 -64.91 56.82 -13.78
CA GLN I 65 -63.57 56.95 -14.34
C GLN I 65 -63.68 57.27 -15.82
N ASP I 66 -63.86 58.56 -16.12
CA ASP I 66 -63.65 59.12 -17.45
C ASP I 66 -64.51 58.46 -18.53
N THR I 67 -65.81 58.78 -18.55
CA THR I 67 -66.95 58.30 -19.36
C THR I 67 -67.58 57.02 -18.83
N HIS I 68 -67.25 56.57 -17.63
CA HIS I 68 -67.85 55.36 -17.08
C HIS I 68 -68.96 55.71 -16.12
N ARG I 69 -70.11 55.06 -16.28
CA ARG I 69 -71.30 55.39 -15.51
C ARG I 69 -71.83 54.17 -14.78
N PRO I 70 -72.14 54.29 -13.48
CA PRO I 70 -72.60 53.12 -12.74
C PRO I 70 -74.05 52.77 -13.08
N SER I 71 -74.47 51.62 -12.55
CA SER I 71 -75.84 51.17 -12.77
C SER I 71 -76.78 51.91 -11.84
N GLY I 72 -77.97 52.23 -12.35
CA GLY I 72 -78.94 53.02 -11.64
C GLY I 72 -78.99 54.47 -12.09
N ILE I 73 -77.92 54.97 -12.68
CA ILE I 73 -77.89 56.31 -13.26
C ILE I 73 -78.43 56.19 -14.67
N PRO I 74 -79.43 56.99 -15.05
CA PRO I 74 -80.10 56.78 -16.33
C PRO I 74 -79.23 57.16 -17.53
N GLU I 75 -79.64 56.67 -18.70
CA GLU I 75 -78.85 56.79 -19.92
C GLU I 75 -79.01 58.17 -20.56
N ARG I 76 -78.63 59.19 -19.80
CA ARG I 76 -78.46 60.51 -20.36
C ARG I 76 -77.24 61.22 -19.84
N PHE I 77 -76.62 60.74 -18.76
CA PHE I 77 -75.38 61.31 -18.24
C PHE I 77 -74.22 60.69 -18.99
N SER I 78 -73.37 61.53 -19.58
CA SER I 78 -72.20 61.03 -20.27
C SER I 78 -71.02 61.92 -19.95
N GLY I 79 -69.92 61.32 -19.56
CA GLY I 79 -68.72 62.07 -19.27
C GLY I 79 -67.82 62.19 -20.47
N SER I 80 -66.76 62.98 -20.30
CA SER I 80 -65.70 63.11 -21.28
C SER I 80 -64.50 63.76 -20.61
N ASN I 81 -63.32 63.40 -21.08
CA ASN I 81 -62.09 63.99 -20.55
C ASN I 81 -61.02 63.92 -21.62
N SER I 82 -60.58 65.09 -22.11
CA SER I 82 -59.55 65.15 -23.14
C SER I 82 -58.92 66.53 -23.09
N GLY I 83 -57.61 66.58 -22.90
CA GLY I 83 -56.90 67.84 -22.91
C GLY I 83 -56.75 68.47 -21.55
N ASN I 84 -57.40 69.62 -21.35
CA ASN I 84 -57.37 70.30 -20.05
C ASN I 84 -58.77 70.54 -19.49
N THR I 85 -59.81 69.97 -20.10
CA THR I 85 -61.17 70.12 -19.64
C THR I 85 -61.81 68.75 -19.51
N ALA I 86 -62.65 68.57 -18.50
CA ALA I 86 -63.57 67.45 -18.41
C ALA I 86 -64.98 67.99 -18.60
N THR I 87 -65.88 67.13 -19.09
CA THR I 87 -67.19 67.59 -19.48
C THR I 87 -68.24 66.56 -19.07
N LEU I 88 -69.27 67.03 -18.38
CA LEU I 88 -70.48 66.23 -18.12
C LEU I 88 -71.57 66.72 -19.05
N THR I 89 -72.29 65.78 -19.66
CA THR I 89 -73.32 66.12 -20.63
C THR I 89 -74.59 65.37 -20.26
N ILE I 90 -75.68 66.13 -20.08
CA ILE I 90 -77.00 65.56 -19.85
C ILE I 90 -77.84 65.84 -21.09
N SER I 91 -78.48 64.80 -21.62
CA SER I 91 -79.27 64.93 -22.84
C SER I 91 -80.74 64.76 -22.50
N GLY I 92 -81.55 65.73 -22.89
CA GLY I 92 -82.96 65.71 -22.56
C GLY I 92 -83.18 66.01 -21.09
N THR I 93 -82.86 67.22 -20.68
CA THR I 93 -82.85 67.57 -19.27
C THR I 93 -84.27 67.66 -18.72
N GLN I 94 -84.59 66.79 -17.78
CA GLN I 94 -85.88 66.82 -17.11
C GLN I 94 -85.81 67.78 -15.92
N ALA I 95 -86.91 67.85 -15.17
CA ALA I 95 -86.93 68.68 -13.97
C ALA I 95 -86.32 67.99 -12.77
N VAL I 96 -86.13 66.67 -12.84
CA VAL I 96 -85.53 65.95 -11.73
C VAL I 96 -84.00 66.07 -11.77
N ASP I 97 -83.43 66.46 -12.91
CA ASP I 97 -81.99 66.67 -13.01
C ASP I 97 -81.64 68.12 -12.68
N GLU I 98 -81.94 68.52 -11.45
CA GLU I 98 -81.68 69.88 -11.00
C GLU I 98 -81.02 69.76 -9.62
N ALA I 99 -79.71 69.97 -9.58
CA ALA I 99 -78.92 69.75 -8.38
C ALA I 99 -77.61 70.49 -8.54
N ASP I 100 -76.66 70.21 -7.64
CA ASP I 100 -75.29 70.68 -7.78
C ASP I 100 -74.44 69.55 -8.32
N TYR I 101 -73.47 69.88 -9.17
CA TYR I 101 -72.63 68.89 -9.81
C TYR I 101 -71.18 69.23 -9.54
N TYR I 102 -70.46 68.28 -8.94
CA TYR I 102 -69.08 68.49 -8.55
C TYR I 102 -68.16 67.61 -9.38
N CYS I 103 -67.03 68.19 -9.75
CA CYS I 103 -65.96 67.52 -10.49
C CYS I 103 -64.82 67.19 -9.53
N GLN I 104 -64.26 65.99 -9.67
CA GLN I 104 -63.23 65.55 -8.74
C GLN I 104 -62.11 64.86 -9.51
N ALA I 105 -60.88 65.18 -9.17
CA ALA I 105 -59.71 64.62 -9.83
C ALA I 105 -58.78 63.98 -8.81
N TRP I 106 -58.37 62.75 -9.05
CA TRP I 106 -57.49 62.04 -8.13
C TRP I 106 -56.26 61.54 -8.86
N ASP I 107 -55.19 61.38 -8.11
CA ASP I 107 -53.96 60.78 -8.58
C ASP I 107 -53.42 59.91 -7.45
N SER I 108 -52.14 59.57 -7.51
CA SER I 108 -51.54 58.67 -6.54
C SER I 108 -51.44 59.29 -5.15
N SER I 109 -51.46 60.61 -5.03
CA SER I 109 -51.18 61.28 -3.77
C SER I 109 -52.40 61.96 -3.15
N THR I 110 -53.12 62.79 -3.88
CA THR I 110 -54.19 63.60 -3.30
C THR I 110 -55.47 63.48 -4.13
N VAL I 111 -56.48 64.22 -3.68
CA VAL I 111 -57.80 64.29 -4.32
C VAL I 111 -58.24 65.75 -4.28
N ILE I 112 -58.63 66.30 -5.43
CA ILE I 112 -59.10 67.68 -5.54
C ILE I 112 -60.58 67.64 -5.91
N PHE I 113 -61.39 68.43 -5.22
CA PHE I 113 -62.77 68.67 -5.60
C PHE I 113 -62.88 70.07 -6.20
N GLY I 114 -63.73 70.21 -7.22
CA GLY I 114 -63.97 71.49 -7.83
C GLY I 114 -65.03 72.29 -7.09
N GLY I 115 -65.37 73.43 -7.67
CA GLY I 115 -66.48 74.22 -7.17
C GLY I 115 -67.81 73.64 -7.60
N GLY I 116 -68.87 74.29 -7.17
CA GLY I 116 -70.20 73.83 -7.53
C GLY I 116 -70.63 74.28 -8.90
N THR I 117 -71.77 73.73 -9.34
CA THR I 117 -72.45 74.20 -10.54
C THR I 117 -73.93 73.93 -10.34
N LYS I 118 -74.71 74.96 -10.04
CA LYS I 118 -76.14 74.79 -9.85
C LYS I 118 -76.83 74.79 -11.20
N LEU I 119 -77.39 73.64 -11.59
CA LEU I 119 -78.12 73.52 -12.85
C LEU I 119 -79.57 73.87 -12.63
N THR I 120 -80.17 74.58 -13.58
CA THR I 120 -81.55 74.98 -13.41
C THR I 120 -82.41 74.77 -14.64
N VAL I 121 -83.51 74.04 -14.47
CA VAL I 121 -84.43 73.78 -15.55
C VAL I 121 -85.37 74.97 -15.65
N LEU I 122 -84.93 76.00 -16.37
CA LEU I 122 -85.70 77.22 -16.56
C LEU I 122 -87.21 77.02 -16.64
N GLY I 123 -87.88 77.26 -15.52
CA GLY I 123 -89.32 77.11 -15.46
C GLY I 123 -90.01 78.45 -15.61
N GLN I 124 -89.25 79.44 -16.07
CA GLN I 124 -89.78 80.79 -16.26
C GLN I 124 -88.89 81.63 -17.18
N PRO I 125 -89.20 82.90 -17.28
CA PRO I 125 -88.45 83.85 -18.12
C PRO I 125 -87.33 84.56 -17.37
N LYS I 126 -86.11 84.51 -17.89
CA LYS I 126 -84.98 85.17 -17.25
C LYS I 126 -85.37 86.56 -16.75
N ALA I 127 -85.40 86.73 -15.44
CA ALA I 127 -85.76 88.00 -14.84
C ALA I 127 -84.49 88.84 -14.68
N ALA I 128 -84.69 90.10 -14.31
CA ALA I 128 -83.60 91.03 -14.17
C ALA I 128 -83.32 91.27 -12.70
N PRO I 129 -82.11 91.10 -12.24
CA PRO I 129 -81.84 91.31 -10.82
C PRO I 129 -81.93 92.79 -10.47
N SER I 130 -83.03 93.16 -9.82
CA SER I 130 -83.17 94.52 -9.34
C SER I 130 -82.19 94.77 -8.20
N VAL I 131 -81.35 95.78 -8.34
CA VAL I 131 -80.30 96.09 -7.38
C VAL I 131 -80.66 97.39 -6.69
N THR I 132 -80.29 97.51 -5.42
CA THR I 132 -80.52 98.72 -4.64
C THR I 132 -79.40 98.88 -3.63
N LEU I 133 -78.80 100.07 -3.59
CA LEU I 133 -77.61 100.29 -2.77
C LEU I 133 -77.87 101.43 -1.81
N PHE I 134 -77.37 101.28 -0.59
CA PHE I 134 -77.52 102.27 0.47
C PHE I 134 -76.20 102.55 1.15
N PRO I 135 -75.89 103.82 1.41
CA PRO I 135 -74.67 104.16 2.13
C PRO I 135 -74.92 104.16 3.63
N PRO I 136 -73.86 104.20 4.44
CA PRO I 136 -74.05 104.22 5.89
C PRO I 136 -74.84 105.43 6.34
N SER I 137 -75.85 105.18 7.17
CA SER I 137 -76.70 106.25 7.68
C SER I 137 -75.89 107.25 8.48
N SER I 138 -76.54 108.31 8.94
CA SER I 138 -75.87 109.34 9.72
C SER I 138 -75.55 108.88 11.13
N GLU I 139 -76.51 108.24 11.81
CA GLU I 139 -76.26 107.75 13.16
C GLU I 139 -75.10 106.77 13.18
N GLU I 140 -74.97 105.97 12.13
CA GLU I 140 -73.83 105.04 12.06
C GLU I 140 -72.54 105.80 11.87
N LEU I 141 -72.56 106.89 11.11
CA LEU I 141 -71.37 107.75 11.00
C LEU I 141 -70.98 108.28 12.37
N GLN I 142 -71.96 108.76 13.14
CA GLN I 142 -71.68 109.18 14.51
C GLN I 142 -71.26 108.01 15.39
N ALA I 143 -71.60 106.79 15.00
CA ALA I 143 -71.28 105.59 15.77
C ALA I 143 -69.89 105.06 15.47
N ASN I 144 -69.05 105.84 14.77
CA ASN I 144 -67.66 105.49 14.52
C ASN I 144 -67.53 104.24 13.66
N LYS I 145 -68.53 104.00 12.82
CA LYS I 145 -68.49 102.87 11.90
C LYS I 145 -69.30 103.20 10.65
N ALA I 146 -69.26 102.28 9.69
CA ALA I 146 -69.88 102.52 8.39
C ALA I 146 -70.14 101.18 7.71
N THR I 147 -71.29 101.05 7.08
CA THR I 147 -71.65 99.83 6.37
C THR I 147 -72.42 100.17 5.12
N LEU I 148 -71.95 99.66 3.98
CA LEU I 148 -72.65 99.76 2.72
C LEU I 148 -73.58 98.56 2.58
N VAL I 149 -74.76 98.79 1.99
CA VAL I 149 -75.81 97.79 1.94
C VAL I 149 -76.23 97.60 0.49
N CYS I 150 -76.01 96.41 -0.05
CA CYS I 150 -76.35 96.09 -1.43
C CYS I 150 -77.40 94.99 -1.43
N LEU I 151 -78.60 95.30 -1.90
CA LEU I 151 -79.72 94.36 -1.94
C LEU I 151 -80.00 93.96 -3.37
N ILE I 152 -80.22 92.68 -3.60
CA ILE I 152 -80.54 92.13 -4.90
C ILE I 152 -81.86 91.42 -4.78
N SER I 153 -82.73 91.54 -5.78
CA SER I 153 -84.03 90.92 -5.68
C SER I 153 -84.58 90.57 -7.05
N ASP I 154 -85.48 89.59 -7.08
CA ASP I 154 -86.23 89.22 -8.27
C ASP I 154 -85.34 88.87 -9.45
N PHE I 155 -84.57 87.79 -9.34
CA PHE I 155 -83.63 87.42 -10.39
C PHE I 155 -83.70 85.95 -10.72
N TYR I 156 -84.90 85.44 -11.01
CA TYR I 156 -85.31 84.04 -10.87
C TYR I 156 -84.20 83.00 -11.00
N PRO I 157 -83.39 82.98 -12.05
CA PRO I 157 -82.25 82.05 -12.04
C PRO I 157 -81.18 82.55 -11.08
N GLY I 158 -80.86 81.73 -10.09
CA GLY I 158 -80.18 82.22 -8.90
C GLY I 158 -78.67 82.33 -8.87
N ALA I 159 -78.00 82.26 -10.01
CA ALA I 159 -76.54 82.26 -10.01
C ALA I 159 -75.92 83.64 -9.96
N VAL I 160 -76.35 84.47 -9.00
CA VAL I 160 -75.82 85.83 -8.91
C VAL I 160 -74.45 85.81 -8.26
N THR I 161 -73.59 86.76 -8.63
CA THR I 161 -72.39 87.06 -7.86
C THR I 161 -72.18 88.56 -7.80
N VAL I 162 -71.35 89.00 -6.87
CA VAL I 162 -71.24 90.42 -6.52
C VAL I 162 -69.76 90.80 -6.46
N ALA I 163 -69.47 92.05 -6.82
CA ALA I 163 -68.16 92.64 -6.65
C ALA I 163 -68.29 94.09 -6.17
N TRP I 164 -67.39 94.50 -5.29
CA TRP I 164 -67.46 95.80 -4.65
C TRP I 164 -66.33 96.70 -5.13
N LYS I 165 -66.63 97.99 -5.26
CA LYS I 165 -65.74 98.94 -5.90
C LYS I 165 -65.56 100.18 -5.02
N ALA I 166 -64.31 100.50 -4.73
CA ALA I 166 -63.90 101.83 -4.30
C ALA I 166 -63.59 102.62 -5.56
N ASP I 167 -63.36 103.94 -5.41
CA ASP I 167 -63.52 104.91 -6.50
C ASP I 167 -63.19 104.35 -7.88
N SER I 168 -62.11 103.60 -7.99
CA SER I 168 -61.76 102.95 -9.25
C SER I 168 -61.34 101.50 -9.09
N SER I 169 -61.05 101.07 -7.89
CA SER I 169 -60.49 99.73 -7.78
C SER I 169 -61.50 98.76 -7.16
N PRO I 170 -61.31 97.47 -7.36
CA PRO I 170 -62.13 96.49 -6.63
C PRO I 170 -61.59 96.29 -5.23
N VAL I 171 -62.48 95.88 -4.34
CA VAL I 171 -62.14 95.61 -2.94
C VAL I 171 -62.59 94.20 -2.59
N LYS I 172 -61.86 93.54 -1.69
CA LYS I 172 -62.18 92.18 -1.28
C LYS I 172 -62.10 91.96 0.22
N ALA I 173 -62.24 93.02 1.03
CA ALA I 173 -62.17 92.89 2.48
C ALA I 173 -63.33 93.65 3.12
N GLY I 174 -63.96 93.02 4.11
CA GLY I 174 -65.07 93.62 4.82
C GLY I 174 -66.42 93.41 4.19
N VAL I 175 -66.56 92.44 3.30
CA VAL I 175 -67.82 92.22 2.59
C VAL I 175 -68.38 90.85 2.97
N GLU I 176 -69.69 90.81 3.20
CA GLU I 176 -70.40 89.57 3.52
C GLU I 176 -71.56 89.42 2.53
N THR I 177 -71.78 88.20 2.05
CA THR I 177 -72.74 87.96 0.99
C THR I 177 -73.67 86.82 1.37
N THR I 178 -74.97 87.12 1.42
CA THR I 178 -75.96 86.08 1.67
C THR I 178 -76.06 85.14 0.49
N THR I 179 -76.35 83.88 0.77
CA THR I 179 -76.72 82.96 -0.29
C THR I 179 -78.12 83.33 -0.79
N PRO I 180 -78.45 83.07 -2.04
CA PRO I 180 -79.77 83.44 -2.54
C PRO I 180 -80.87 82.68 -1.82
N SER I 181 -81.95 83.39 -1.55
CA SER I 181 -83.08 82.84 -0.83
C SER I 181 -84.35 83.02 -1.66
N LYS I 182 -85.18 81.98 -1.66
CA LYS I 182 -86.40 82.01 -2.48
C LYS I 182 -87.51 82.78 -1.78
N GLN I 183 -88.19 83.63 -2.54
CA GLN I 183 -89.28 84.43 -2.03
C GLN I 183 -90.60 83.69 -2.25
N SER I 184 -91.72 84.41 -2.07
CA SER I 184 -93.03 83.83 -2.34
C SER I 184 -93.24 83.62 -3.84
N ASN I 185 -92.91 84.61 -4.65
CA ASN I 185 -93.06 84.52 -6.10
C ASN I 185 -92.08 83.54 -6.71
N ASN I 186 -91.35 82.78 -5.89
CA ASN I 186 -90.49 81.70 -6.34
C ASN I 186 -89.35 82.23 -7.20
N LYS I 187 -89.02 83.51 -7.05
CA LYS I 187 -87.71 83.97 -7.45
C LYS I 187 -86.87 84.25 -6.21
N TYR I 188 -85.67 84.78 -6.43
CA TYR I 188 -84.66 84.83 -5.38
C TYR I 188 -84.38 86.25 -4.92
N ALA I 189 -83.60 86.33 -3.84
CA ALA I 189 -83.18 87.59 -3.25
C ALA I 189 -81.88 87.34 -2.52
N ALA I 190 -81.07 88.38 -2.39
CA ALA I 190 -79.78 88.27 -1.74
C ALA I 190 -79.37 89.63 -1.21
N SER I 191 -78.30 89.64 -0.41
CA SER I 191 -77.85 90.87 0.21
C SER I 191 -76.36 90.76 0.51
N SER I 192 -75.69 91.90 0.53
CA SER I 192 -74.27 91.97 0.85
C SER I 192 -73.99 93.25 1.62
N TYR I 193 -73.01 93.15 2.52
CA TYR I 193 -72.67 94.22 3.44
C TYR I 193 -71.19 94.52 3.29
N LEU I 194 -70.85 95.80 3.40
CA LEU I 194 -69.47 96.26 3.30
C LEU I 194 -69.13 97.00 4.58
N SER I 195 -68.08 96.57 5.25
CA SER I 195 -67.62 97.19 6.49
C SER I 195 -66.59 98.26 6.18
N LEU I 196 -66.74 99.43 6.79
CA LEU I 196 -65.86 100.57 6.55
C LEU I 196 -65.75 101.41 7.79
N THR I 197 -64.57 101.92 8.04
CA THR I 197 -64.47 103.01 8.99
C THR I 197 -64.85 104.33 8.32
N PRO I 198 -65.56 105.21 9.03
CA PRO I 198 -66.06 106.44 8.38
C PRO I 198 -64.95 107.27 7.72
N GLU I 199 -63.73 107.20 8.25
CA GLU I 199 -62.64 107.91 7.60
C GLU I 199 -62.31 107.31 6.25
N GLN I 200 -62.45 105.99 6.10
CA GLN I 200 -62.35 105.38 4.78
C GLN I 200 -63.58 105.66 3.95
N TRP I 201 -64.73 105.84 4.61
CA TRP I 201 -65.94 106.20 3.89
C TRP I 201 -65.79 107.53 3.19
N LYS I 202 -65.22 108.52 3.86
CA LYS I 202 -64.96 109.81 3.21
C LYS I 202 -63.63 109.85 2.48
N SER I 203 -62.77 108.86 2.70
CA SER I 203 -61.51 108.79 1.96
C SER I 203 -61.76 108.68 0.46
N HIS I 204 -62.47 107.64 0.04
CA HIS I 204 -62.77 107.46 -1.37
C HIS I 204 -64.03 108.22 -1.74
N ARG I 205 -64.02 108.81 -2.94
CA ARG I 205 -65.09 109.73 -3.31
C ARG I 205 -66.40 109.01 -3.62
N SER I 206 -66.33 107.73 -3.96
CA SER I 206 -67.57 107.00 -4.20
C SER I 206 -67.28 105.51 -4.24
N TYR I 207 -68.29 104.72 -3.87
CA TYR I 207 -68.23 103.27 -3.95
C TYR I 207 -69.37 102.76 -4.82
N SER I 208 -69.30 101.48 -5.15
CA SER I 208 -70.36 100.88 -5.93
C SER I 208 -70.43 99.38 -5.68
N CYS I 209 -71.63 98.84 -5.90
CA CYS I 209 -71.87 97.40 -5.87
C CYS I 209 -72.30 96.97 -7.26
N GLN I 210 -71.58 96.00 -7.82
CA GLN I 210 -71.94 95.44 -9.12
C GLN I 210 -72.35 93.99 -8.92
N VAL I 211 -73.30 93.52 -9.72
CA VAL I 211 -73.78 92.16 -9.65
C VAL I 211 -73.74 91.61 -11.07
N THR I 212 -73.24 90.39 -11.21
CA THR I 212 -73.21 89.69 -12.49
C THR I 212 -74.11 88.48 -12.42
N HIS I 213 -74.79 88.21 -13.52
CA HIS I 213 -75.90 87.26 -13.56
C HIS I 213 -76.07 86.85 -15.02
N GLU I 214 -75.75 85.59 -15.33
CA GLU I 214 -75.84 85.06 -16.69
C GLU I 214 -75.05 85.90 -17.69
N GLY I 215 -73.81 86.23 -17.37
CA GLY I 215 -73.02 87.07 -18.25
C GLY I 215 -73.37 88.53 -18.09
N SER I 216 -74.65 88.84 -18.08
CA SER I 216 -75.12 90.21 -17.89
C SER I 216 -74.62 90.76 -16.56
N THR I 217 -74.60 92.09 -16.47
CA THR I 217 -74.12 92.77 -15.28
C THR I 217 -74.92 94.04 -15.10
N VAL I 218 -75.28 94.34 -13.85
CA VAL I 218 -75.82 95.65 -13.50
C VAL I 218 -75.12 96.13 -12.25
N GLU I 219 -74.80 97.42 -12.21
CA GLU I 219 -74.08 98.00 -11.09
C GLU I 219 -74.80 99.26 -10.63
N LYS I 220 -74.76 99.52 -9.33
CA LYS I 220 -75.20 100.79 -8.78
C LYS I 220 -74.06 101.41 -7.99
N THR I 221 -74.13 102.72 -7.79
CA THR I 221 -73.03 103.50 -7.25
C THR I 221 -73.56 104.59 -6.33
N VAL I 222 -72.84 104.86 -5.25
CA VAL I 222 -73.17 105.96 -4.35
C VAL I 222 -71.89 106.67 -3.96
N ALA I 223 -71.98 107.99 -3.83
CA ALA I 223 -70.87 108.81 -3.41
C ALA I 223 -71.22 109.43 -2.06
N PRO I 224 -70.23 109.53 -1.16
CA PRO I 224 -70.48 110.21 0.12
C PRO I 224 -70.94 111.64 -0.10
N THR I 225 -72.20 111.89 0.27
CA THR I 225 -72.84 113.20 0.19
C THR I 225 -72.56 113.93 -1.13
#